data_8GZH
#
_entry.id   8GZH
#
_cell.length_a   1.00
_cell.length_b   1.00
_cell.length_c   1.00
_cell.angle_alpha   90.00
_cell.angle_beta   90.00
_cell.angle_gamma   90.00
#
_symmetry.space_group_name_H-M   'P 1'
#
loop_
_entity.id
_entity.type
_entity.pdbx_description
1 polymer 'DNA-directed RNA polymerase subunit alpha'
2 polymer 'DNA-directed RNA polymerase subunit beta'
3 polymer 'DNA-directed RNA polymerase subunit gamma'
4 polymer 'DNA-directed RNA polymerase subunit omega'
5 polymer 'RNA polymerase sigma factor SigA'
6 polymer "DNA-directed RNA polymerase subunit beta'"
7 polymer 'Nontemplate strand DNA'
8 polymer 'Template strand DNA'
9 polymer "RNA (5'-R(*CP*CP*GP*A)-3')"
10 non-polymer 'MAGNESIUM ION'
11 non-polymer 'ZINC ION'
12 non-polymer "CYTIDINE-5'-TRIPHOSPHATE"
#
loop_
_entity_poly.entity_id
_entity_poly.type
_entity_poly.pdbx_seq_one_letter_code
_entity_poly.pdbx_strand_id
1 'polypeptide(L)'
;MGSSHHHHHHSQDPMAQFQIECVESSTRKNQQQYSKFSLEPLDRGQGTTVGNALRRVLLSNLPGAAVTAIRIAGVNHEFA
TILGVREDVLEIMLNMKELVLKSYTDQPQIGRLTAIGPGTVTAAQFEVPSEVEVIDPNQYIATLAEGAKLEMEFRVERGV
GYRVIERGKDENSSLDFLQIDSVFMPVTKVNYTVEDIRADGMSPKDRLILDIWTNGSIQPREALSEASDIIANLFIPLKD
LNELEAAHSDYQDEVNPESQIPIEELQLSVRAYNCLKRAQINSVADLLEYSQEDLLEIKNFGLKSAEEVIEALQKRLGIT
LPHEKAKA
;
A,B
2 'polypeptide(L)'
;MAMTNLATTMLPDLIEIQHASFHWFLEEGLIEELNSFSPISDYTGKLELHFLGKDYKLKQPKYDVDESKRRDASYSVQMY
VPTRLINKETGEIKEQEVFIGDLPLMTERGTFIINGAERVIVNQIVRSPGVYYKKELDKNGRRTYSASLIPNRGAWLKFE
TDKNGLVYVRIDKTRKLSAQVLLKAIGLSDNEILDSLSHPEFYQKTLDKEGNPTEEEALVELYKKLRPGEPPTVSGGQQL
LESRFFDPKRYDLGRVGRYKLNKKLRLNEADTTRVLTPQDILAAINYLINLEFDVGTTDDIDHLGNRRVRSVGELLQNQI
RVGLNRLERIIRERMTVSESDALTPASLVNPKPLVAAIKEFFGSSQLSQFMDQTNPLAELTHKRRISALGPGGLTRERAG
FAVRDIHPSHHGRICPVETPEGPNAGLIGSLATCARVNDYGFIETPYFRVESGRVRKDLDPVYLTADEEDDMRVAPGDIP
TDEEGNIIGESVPIRYRQEFSTTSPEQVDYVAVSPVQIISVATSMIPFLEHDDANRALMGSNMQRQAVPLLRPERPLVGT
GLEAQAARDSGMVIVSRTHGIVTYVDATEIRVQPHSPDNPAEKGEEIVYPIQKYQRSNQDTCLNQRPLVYAGEDVVPGQV
LADGSATEGGELALGQNILVAYMPWEGYNYEDAILISERLVYDDVYTSIHIEKFEIEARQTKLGPEEITREIPNVGEDAL
RNLDEHGIIRIGAWVESGDILVGKVTPKGEADQPPEEKLLRAIFGEKARDVRDNSLRVPNGEKGRVVDVRVFTREKGDEL
PPGANMVVRIYVAQKRKIQVGDKMAGRHGNKGIISRILPIEDMPYLPDGRPIDIALNPLGVPSRMNVGQVFECLLGWAGE
NLGVRFKITPFDEMYGEEASRDTVHGLLEEASQRPNKDWVFNENHPGKIQVFDGRTGEPFDRPITVGQAYMLKLVHLVDD
KIHARSTGPYSLVTQQPLGGKAQQGGQRFGEMEVWALEAYGAAYILQELLTVKSDDMQGRNEALNAIVKGKSIPRPGTPE
SFKVLMRELQSLGLDIAAHKVQLSEDGESADAEVDLMIDSQRRAPNRPTYESLHTEEDLEEEEV
;
C
3 'polypeptide(L)'
;MKAQSEPRFDYVKIAIASPERIRQWGERTLPNGTVVGEVTKPETINYRTLKPEMDGLFCEKIFGPSKDWECWCGKYKRVR
HRGIVCERCGVEVTESRVRRHRMGYIKLAAPVTHVWYLKGIPSYLSILLDMALRDVEQIVYFNAYVVLNPGNASNLQYKQ
LLTEDQWVEIEDQIYAEDSELEGIEVGIGAEAVQRLLAELQLEEVAEKLREEILASKGQKRAKLIKRLRVIDNFIATHSQ
AEWMTLDVIPVIPPDLRPMVQLDGGRFATSDLNDLYRRVINRNNRLARLQEILAPEIIVRNEKRMLQEAVDALIDNGRRG
RTVVGANNRALKSLSDIIEGKQGRFRQNLLGKRVDYSGRSVIVVGPNLKIYQCGLPREMAIELFQPFVIHRLIKLGIVNN
IKAAKKLILKGDPQIWSVLEEVITGHPVMLNRAPTLHRLGIQAFEPILVEGRAIQLHPLVCPAFNADFDGDQMAVHVPLS
LEAQCEARLLMLACHNVLSPATGKPIVAPSQDMVLGCYYLTAENPNAQKGAGRYFAGIEDALRAYDHGQVDLHSQIWIRH
LDEDVVTEKPDTEVIKTEDLGDGTVMKYYRERKIREGVDGEIITQYIQTTPGRIIYNKTIAEALVF
;
D
4 'polypeptide(L)' MTKRSNLDSNHIIYRSEELLGAASNRYNITVRVAKRAKENRSEDFDSIDDPNMKPAIRAIIEMSDELTRPEIISDN E
5 'polypeptide(L)'
;GAMGMTQTKEPLTKAESAELEQEIELSQYINTDDIDDDDIDVEDLEQEVAATEGKEKKVRKIRKDAVKKKPYTEDSIRIY
LQEIGRIRLLRAEEEIELARQIADLLELELIRDNLTLQLERQPSELEWGKQVWKLETAKQRLVGDKKKEPKKKDIDSYLA
NPDNELSLENEWSQQPNKNFAAFRRRLFLDRRAKDKMVQSNLRLVVSIAKKYMNRGLSFQDLIQEGSLGLIRAAEKFDHE
KGYKFSTYATWWIRQAITRAIADQSRTIRLPVHLYETISRIKKTTKLLSQEMRRKPTEEEIAEKMEMTIEKLRFIAKSAQ
LPISLETPIGKEEDSRLGDFIEADGETPEDEVSKNLLREDLENVLDTLSPRERDVLRLRYGLDDGRMKTLEEIGQIFNVT
RERIRQIEAKALRKLRHPNRNSILKEYIR
;
F
6 'polypeptide(L)'
;GSGSGSMTFYNYTIDKGRLKKLIALAYRRYGSARCSQLADELKELGFRFATKAGVSISVDDLTIPPEKKQMLEAAEKEIR
TTEERYARGEITEVERFQKVIDTWNGTSEELKDQVVVNFRKTDPLNSVYMMAFSGARGNMSQVRQLVGMRGLMADPQGEI
IDLPIKTNFREGLTVTEYVISSYGARKGLVDTALRTADSGYLTRRLVDVSQDVIVREQDCGTERSLRVTAMTDGDQVKIS
LADRLFGRLLAKDVVGPDGEIIAKRNDEIDEALANRIAAVTDEVYVRSPLTCEAARSVCQNCYGWSLAHGHKVDLGEAVG
IIAAQSIGEPGTQLTMRTFHTGGVFTGEVARQEKAPEDGTVKWGKGLSTRKVRTRHGEDAEQVEIAGDLIWKGEGKKAAT
QTYSLTPGSLLFVQDGQTVTAGQLMTEISLSKTQRSTERATKDVAGDLAGEVLFDRLVPEEKTDRQGNTTRIAQRGGLVW
ILSGEVYNLPPGAEPVVKNDEQVEVGSIMAETKLVTNDGGVVRLVSNREIEIITASVLLDQAQVKLESSGGREQYVIYTA
DKQRFLLKAAPGTKVQNHSIVAELIDDRYRTTTGGMIRYAGVEVAKGGRKQGYEVTKGGTLLWIPEETHEINKDISLLIV
EDGQYVEAGTEVVKDIFCQSSGIVEVVQKNDILREIIIKPGDFYQDVDPGSVKIESGQLLQPGQDVFPGVTVSTLSQAEW
IESPEGNGLLLRPVEEYKVFDEPAAPSQGSQNEEGGRQIELRSVQRLFYKDGDRVKSVEGAPLLSTQLVLEIYGSGNEGI
SHLSADIELQDDEEEDCQRLQLVILESLVLRRDQESDPLGGASKTRLLVQDGDQIPPGAVVARTEIQCKEAGTVRGIKEG
QESIRRVLLERAADRLVVDLPSAPEVKPGQLLVAGQELVPGVKLEESGKVLEINGKGDNYQLVLRRARPYRVSPGAVLHI
EDGDLVQRGDNLVLLVFERAKTGDIVQGLPRIEELLEARKPKEACVLARAPGVCQVEYLEDESVDIKVVEDDGTVSEYPL
LPGQNAMVTDGQRIDVGHALTDGYNNPHEILDVFFSYYVDKDGCYQAALRGLQAAQKFLVNEVQTVYQSQGVDISDKHIE
VIVRQMTAKVRIDDGGDTTMLPGELVELRQVEQVNEAMGITGSAPARYTPVLLGITKASLNTDSFISAASFQETTRVLTE
AAIEGKSDWLRGLKENVIIGRLIPAGTGFSSHEEVLGLIETQDDIQGYMIEPIELPTTKKKASATKVKTKKVEADDDLLD
DTRARAYAGTQLSQDDEEFEETYDTDEDDFDMDDDDDFGDDED
;
Z
7 'polydeoxyribonucleotide'
;(DG)(DC)(DT)(DT)(DG)(DA)(DC)(DA)(DA)(DG)(DG)(DC)(DC)(DC)(DG)(DT)(DC)(DC)(DG)(DT)
(DT)(DA)(DT)(DG)(DG)(DT)(DA)(DT)(DA)(DA)(DT)(DG)(DG)(DA)(DG)(DG)(DC)(DT)(DG)(DT)
(DC)(DA)(DC)(DG)(DG)(DA)(DT)(DG)(DC)(DA)(DG)(DG)(DT)(DG)(DG)(DC)(DT)(DG)(DG)(DT)
(DT)(DC)(DT)(DC)(DG)(DC)(DG)
;
1
8 'polydeoxyribonucleotide'
;(DC)(DG)(DC)(DG)(DA)(DG)(DA)(DA)(DC)(DC)(DA)(DG)(DC)(DC)(DA)(DC)(DC)(DT)(DG)(DC)
(DA)(DT)(DC)(DC)(DG)(DT)(DG)(DA)(DG)(DT)(DC)(DG)(DG)(DA)(DG)(DG)(DT)(DA)(DA)(DT)
(DA)(DA)(DC)(DC)(DA)(DT)(DA)(DA)(DC)(DG)(DG)(DA)(DC)(DG)(DG)(DG)(DC)(DC)(DT)(DT)
(DG)(DT)(DC)(DA)(DA)(DG)(DC)
;
2
9 'polyribonucleotide' CCGA 3
#
# COMPACT_ATOMS: atom_id res chain seq x y z
N PHE A 18 42.94 57.47 -21.80
CA PHE A 18 42.09 56.63 -20.99
C PHE A 18 41.68 57.36 -19.71
N GLN A 19 40.44 57.84 -19.68
CA GLN A 19 39.95 58.65 -18.57
C GLN A 19 38.60 58.11 -18.10
N ILE A 20 38.39 58.18 -16.79
CA ILE A 20 37.07 57.89 -16.23
C ILE A 20 36.25 59.18 -16.18
N GLU A 21 34.93 59.03 -16.16
CA GLU A 21 34.04 60.18 -16.21
C GLU A 21 32.68 59.77 -15.65
N CYS A 22 32.21 60.50 -14.64
CA CYS A 22 30.93 60.23 -14.01
C CYS A 22 29.83 60.96 -14.78
N VAL A 23 28.83 60.20 -15.24
CA VAL A 23 27.81 60.74 -16.14
C VAL A 23 26.59 61.20 -15.35
N GLU A 24 25.92 60.27 -14.67
CA GLU A 24 24.67 60.53 -13.98
C GLU A 24 24.73 59.90 -12.60
N SER A 25 24.47 60.72 -11.57
CA SER A 25 24.54 60.27 -10.17
C SER A 25 23.29 60.76 -9.43
N SER A 26 22.22 59.97 -9.48
CA SER A 26 21.00 60.26 -8.76
C SER A 26 20.97 59.48 -7.45
N THR A 27 20.27 60.04 -6.45
CA THR A 27 20.20 59.45 -5.13
C THR A 27 18.76 59.37 -4.65
N ARG A 28 18.49 58.41 -3.79
CA ARG A 28 17.26 58.34 -3.01
C ARG A 28 17.47 59.15 -1.73
N LYS A 29 16.62 58.93 -0.71
CA LYS A 29 16.71 59.64 0.57
C LYS A 29 18.09 59.47 1.23
N ASN A 30 18.45 58.25 1.62
CA ASN A 30 19.82 57.78 1.69
C ASN A 30 19.93 56.37 1.15
N GLN A 31 18.79 55.75 0.78
CA GLN A 31 18.69 54.31 0.61
C GLN A 31 19.49 53.81 -0.58
N GLN A 32 19.47 54.54 -1.69
CA GLN A 32 20.24 54.16 -2.86
C GLN A 32 21.04 55.35 -3.34
N GLN A 33 22.31 55.11 -3.64
CA GLN A 33 23.17 56.08 -4.30
C GLN A 33 23.62 55.48 -5.62
N TYR A 34 22.98 55.91 -6.70
CA TYR A 34 23.29 55.43 -8.03
C TYR A 34 24.34 56.33 -8.69
N SER A 35 25.19 55.72 -9.51
CA SER A 35 26.16 56.48 -10.29
C SER A 35 26.51 55.71 -11.56
N LYS A 36 26.77 56.45 -12.63
CA LYS A 36 27.13 55.88 -13.91
C LYS A 36 28.48 56.46 -14.34
N PHE A 37 29.49 55.59 -14.44
CA PHE A 37 30.84 55.99 -14.80
C PHE A 37 31.16 55.48 -16.19
N SER A 38 31.92 56.27 -16.95
CA SER A 38 32.27 55.93 -18.32
C SER A 38 33.79 55.76 -18.45
N LEU A 39 34.20 54.72 -19.17
CA LEU A 39 35.61 54.39 -19.35
C LEU A 39 35.91 54.25 -20.83
N GLU A 40 36.82 55.09 -21.33
CA GLU A 40 37.18 55.05 -22.75
C GLU A 40 38.57 55.67 -22.89
N PRO A 41 39.40 55.16 -23.81
CA PRO A 41 39.19 53.96 -24.62
C PRO A 41 39.89 52.72 -24.07
N LEU A 42 39.42 51.55 -24.51
CA LEU A 42 40.02 50.27 -24.16
C LEU A 42 40.12 49.44 -25.43
N ASP A 43 40.75 48.28 -25.32
CA ASP A 43 40.78 47.36 -26.46
C ASP A 43 39.48 46.57 -26.52
N ARG A 44 39.48 45.54 -27.37
CA ARG A 44 38.22 44.89 -27.74
C ARG A 44 37.69 43.98 -26.63
N GLY A 45 38.53 43.13 -26.06
CA GLY A 45 38.08 42.27 -24.99
C GLY A 45 38.32 42.88 -23.62
N GLN A 46 39.12 43.96 -23.59
CA GLN A 46 39.57 44.52 -22.32
C GLN A 46 38.45 45.20 -21.58
N GLY A 47 37.43 45.69 -22.30
CA GLY A 47 36.26 46.25 -21.65
C GLY A 47 35.50 45.20 -20.86
N THR A 48 35.36 44.00 -21.43
CA THR A 48 34.69 42.91 -20.74
C THR A 48 35.52 42.39 -19.58
N THR A 49 36.86 42.33 -19.74
CA THR A 49 37.72 41.91 -18.63
C THR A 49 37.62 42.88 -17.45
N VAL A 50 37.76 44.18 -17.71
CA VAL A 50 37.70 45.19 -16.67
C VAL A 50 36.31 45.22 -16.03
N GLY A 51 35.26 45.11 -16.85
CA GLY A 51 33.91 45.16 -16.32
C GLY A 51 33.56 43.97 -15.44
N ASN A 52 33.94 42.76 -15.86
CA ASN A 52 33.60 41.58 -15.08
C ASN A 52 34.44 41.49 -13.81
N ALA A 53 35.72 41.88 -13.87
CA ALA A 53 36.54 41.89 -12.66
C ALA A 53 36.04 42.92 -11.67
N LEU A 54 35.65 44.11 -12.15
CA LEU A 54 35.09 45.14 -11.28
C LEU A 54 33.76 44.71 -10.68
N ARG A 55 32.92 44.03 -11.46
CA ARG A 55 31.62 43.59 -10.96
C ARG A 55 31.78 42.52 -9.89
N ARG A 56 32.66 41.53 -10.12
CA ARG A 56 32.86 40.46 -9.15
C ARG A 56 33.49 40.98 -7.86
N VAL A 57 34.46 41.88 -7.95
CA VAL A 57 35.10 42.42 -6.75
C VAL A 57 34.14 43.35 -6.00
N LEU A 58 33.38 44.17 -6.73
CA LEU A 58 32.44 45.09 -6.10
C LEU A 58 31.27 44.36 -5.45
N LEU A 59 30.91 43.19 -5.96
CA LEU A 59 29.82 42.43 -5.35
C LEU A 59 30.28 41.48 -4.26
N SER A 60 31.55 41.08 -4.24
CA SER A 60 32.00 40.07 -3.29
C SER A 60 32.95 40.59 -2.21
N ASN A 61 33.91 41.44 -2.55
CA ASN A 61 35.05 41.72 -1.69
C ASN A 61 35.11 43.16 -1.20
N LEU A 62 33.97 43.72 -0.78
CA LEU A 62 34.00 45.05 -0.18
C LEU A 62 33.54 44.99 1.27
N PRO A 63 34.28 45.63 2.19
CA PRO A 63 33.91 45.55 3.61
C PRO A 63 32.94 46.65 4.02
N GLY A 64 32.06 46.31 4.96
CA GLY A 64 31.11 47.26 5.49
C GLY A 64 30.79 46.93 6.94
N ALA A 65 29.94 47.76 7.53
CA ALA A 65 29.53 47.60 8.92
C ALA A 65 28.09 47.10 9.01
N ALA A 66 27.83 46.34 10.07
CA ALA A 66 26.49 45.80 10.31
C ALA A 66 26.33 45.46 11.78
N VAL A 67 25.07 45.27 12.17
CA VAL A 67 24.76 44.85 13.54
C VAL A 67 24.98 43.35 13.67
N THR A 68 25.73 42.95 14.70
CA THR A 68 26.04 41.54 14.90
C THR A 68 25.39 40.91 16.13
N ALA A 69 24.91 41.70 17.09
CA ALA A 69 24.26 41.14 18.27
C ALA A 69 23.27 42.14 18.84
N ILE A 70 22.35 41.62 19.66
CA ILE A 70 21.29 42.39 20.30
C ILE A 70 21.09 41.87 21.71
N ARG A 71 21.03 42.78 22.68
CA ARG A 71 20.63 42.46 24.04
C ARG A 71 19.44 43.33 24.42
N ILE A 72 18.35 42.70 24.83
CA ILE A 72 17.15 43.39 25.30
C ILE A 72 16.97 43.05 26.78
N ALA A 73 16.60 44.05 27.57
CA ALA A 73 16.41 43.84 29.00
C ALA A 73 15.11 43.07 29.24
N GLY A 74 15.20 41.94 29.94
CA GLY A 74 14.06 41.11 30.17
C GLY A 74 13.80 40.05 29.12
N VAL A 75 14.71 39.89 28.17
CA VAL A 75 14.56 38.93 27.07
C VAL A 75 15.75 37.98 27.10
N ASN A 76 15.47 36.68 27.15
CA ASN A 76 16.50 35.66 27.24
C ASN A 76 16.76 34.97 25.91
N HIS A 77 15.72 34.60 25.17
CA HIS A 77 15.85 33.90 23.91
C HIS A 77 15.15 34.68 22.80
N GLU A 78 15.29 34.19 21.57
CA GLU A 78 14.78 34.87 20.39
C GLU A 78 13.30 34.62 20.14
N PHE A 79 12.65 33.80 20.95
CA PHE A 79 11.25 33.43 20.75
C PHE A 79 10.39 33.95 21.89
N ALA A 80 10.72 35.13 22.39
CA ALA A 80 10.02 35.76 23.50
C ALA A 80 9.23 36.97 23.01
N THR A 81 8.55 37.64 23.94
CA THR A 81 7.76 38.82 23.62
C THR A 81 8.01 39.89 24.67
N ILE A 82 7.77 41.13 24.28
CA ILE A 82 7.81 42.29 25.17
C ILE A 82 6.41 42.89 25.19
N LEU A 83 5.91 43.19 26.39
CA LEU A 83 4.56 43.72 26.53
C LEU A 83 4.50 45.15 26.01
N GLY A 84 3.60 45.40 25.06
CA GLY A 84 3.42 46.71 24.48
C GLY A 84 4.11 46.92 23.15
N VAL A 85 4.91 45.95 22.69
CA VAL A 85 5.57 46.03 21.41
C VAL A 85 4.81 45.14 20.43
N ARG A 86 4.55 45.67 19.24
CA ARG A 86 3.81 44.91 18.23
C ARG A 86 4.62 43.76 17.68
N GLU A 87 5.95 43.90 17.63
CA GLU A 87 6.84 42.88 17.11
C GLU A 87 7.43 42.06 18.23
N ASP A 88 7.72 40.80 17.93
CA ASP A 88 8.44 39.95 18.86
C ASP A 88 9.94 40.17 18.69
N VAL A 89 10.75 39.31 19.33
CA VAL A 89 12.19 39.50 19.27
C VAL A 89 12.75 39.09 17.91
N LEU A 90 12.09 38.15 17.23
CA LEU A 90 12.57 37.71 15.92
C LEU A 90 12.37 38.79 14.86
N GLU A 91 11.22 39.47 14.86
CA GLU A 91 11.02 40.55 13.89
C GLU A 91 11.84 41.78 14.23
N ILE A 92 12.14 42.00 15.51
CA ILE A 92 13.06 43.07 15.89
C ILE A 92 14.47 42.76 15.40
N MET A 93 14.90 41.51 15.52
CA MET A 93 16.22 41.12 15.02
C MET A 93 16.30 41.16 13.51
N LEU A 94 15.18 40.88 12.83
CA LEU A 94 15.16 41.00 11.37
C LEU A 94 15.14 42.46 10.94
N ASN A 95 14.52 43.35 11.73
CA ASN A 95 14.55 44.78 11.41
C ASN A 95 15.92 45.38 11.66
N MET A 96 16.63 44.93 12.70
CA MET A 96 17.98 45.39 12.96
C MET A 96 19.00 44.74 12.05
N LYS A 97 18.67 43.61 11.45
CA LYS A 97 19.52 43.00 10.42
C LYS A 97 19.57 43.88 9.17
N GLU A 98 18.51 44.62 8.88
CA GLU A 98 18.43 45.46 7.70
C GLU A 98 18.91 46.89 7.96
N LEU A 99 19.61 47.13 9.08
CA LEU A 99 20.05 48.46 9.42
C LEU A 99 21.29 48.84 8.63
N VAL A 100 21.35 50.08 8.17
CA VAL A 100 22.45 50.58 7.36
C VAL A 100 23.29 51.52 8.21
N LEU A 101 24.54 51.12 8.47
CA LEU A 101 25.44 51.87 9.32
C LEU A 101 26.78 52.04 8.60
N LYS A 102 27.62 52.91 9.17
CA LYS A 102 28.98 53.09 8.72
C LYS A 102 29.88 53.19 9.94
N SER A 103 30.90 52.34 10.01
CA SER A 103 31.83 52.30 11.12
C SER A 103 33.20 52.74 10.64
N TYR A 104 33.76 53.76 11.28
CA TYR A 104 35.07 54.29 10.92
C TYR A 104 36.23 53.57 11.60
N THR A 105 35.95 52.69 12.55
CA THR A 105 36.97 51.94 13.25
C THR A 105 36.86 50.45 12.94
N ASP A 106 37.93 49.72 13.26
CA ASP A 106 37.97 48.28 13.08
C ASP A 106 37.80 47.52 14.39
N GLN A 107 37.10 48.12 15.37
CA GLN A 107 36.82 47.56 16.67
C GLN A 107 35.32 47.42 16.89
N PRO A 108 34.88 46.43 17.65
CA PRO A 108 33.43 46.27 17.90
C PRO A 108 32.90 47.35 18.83
N GLN A 109 31.90 48.09 18.35
CA GLN A 109 31.30 49.18 19.09
C GLN A 109 29.96 48.75 19.68
N ILE A 110 29.37 49.64 20.48
CA ILE A 110 28.15 49.35 21.23
C ILE A 110 27.19 50.52 21.05
N GLY A 111 25.99 50.23 20.54
CA GLY A 111 24.94 51.23 20.47
C GLY A 111 23.83 50.94 21.47
N ARG A 112 23.05 51.96 21.84
CA ARG A 112 22.01 51.81 22.85
C ARG A 112 20.71 52.46 22.37
N LEU A 113 19.63 52.18 23.09
CA LEU A 113 18.33 52.74 22.76
C LEU A 113 17.46 52.75 24.01
N THR A 114 16.82 53.89 24.27
CA THR A 114 15.77 54.02 25.28
C THR A 114 14.52 54.54 24.60
N ALA A 115 13.41 53.81 24.71
CA ALA A 115 12.18 54.16 24.03
C ALA A 115 11.00 53.96 24.97
N ILE A 116 10.08 54.92 24.96
CA ILE A 116 8.88 54.90 25.81
C ILE A 116 7.68 55.13 24.92
N GLY A 117 6.77 54.17 24.89
CA GLY A 117 5.60 54.26 24.05
C GLY A 117 4.57 55.22 24.60
N PRO A 118 3.58 55.56 23.76
CA PRO A 118 3.34 55.10 22.39
C PRO A 118 4.11 55.87 21.33
N GLY A 119 4.21 55.29 20.14
CA GLY A 119 4.90 55.92 19.04
C GLY A 119 5.53 54.87 18.15
N THR A 120 6.22 55.38 17.13
CA THR A 120 6.99 54.56 16.21
C THR A 120 8.46 54.77 16.49
N VAL A 121 9.16 53.69 16.85
CA VAL A 121 10.59 53.75 17.11
C VAL A 121 11.33 53.61 15.78
N THR A 122 12.18 54.58 15.46
CA THR A 122 12.96 54.57 14.24
C THR A 122 14.45 54.55 14.58
N ALA A 123 15.28 54.66 13.54
CA ALA A 123 16.73 54.64 13.70
C ALA A 123 17.29 55.96 14.18
N ALA A 124 16.50 57.03 14.18
CA ALA A 124 16.98 58.32 14.66
C ALA A 124 17.10 58.36 16.17
N GLN A 125 16.42 57.47 16.89
CA GLN A 125 16.44 57.45 18.34
C GLN A 125 17.63 56.67 18.91
N PHE A 126 18.52 56.18 18.07
CA PHE A 126 19.66 55.40 18.53
C PHE A 126 20.75 56.33 19.05
N GLU A 127 21.12 56.16 20.32
CA GLU A 127 22.30 56.81 20.88
C GLU A 127 23.51 55.98 20.49
N VAL A 128 24.33 56.52 19.60
CA VAL A 128 25.46 55.79 19.03
C VAL A 128 26.74 56.51 19.44
N PRO A 129 27.88 55.80 19.46
CA PRO A 129 29.17 56.47 19.71
C PRO A 129 29.66 57.29 18.53
N SER A 130 30.89 57.81 18.64
CA SER A 130 31.42 58.71 17.63
C SER A 130 31.81 57.98 16.34
N GLU A 131 32.33 56.76 16.45
CA GLU A 131 32.83 56.05 15.28
C GLU A 131 31.73 55.42 14.44
N VAL A 132 30.57 55.15 15.02
CA VAL A 132 29.45 54.55 14.32
C VAL A 132 28.39 55.62 14.12
N GLU A 133 27.99 55.85 12.86
CA GLU A 133 26.92 56.78 12.57
C GLU A 133 25.91 56.14 11.64
N VAL A 134 24.64 56.45 11.85
CA VAL A 134 23.54 55.80 11.15
C VAL A 134 23.27 56.51 9.83
N ILE A 135 23.17 55.75 8.75
CA ILE A 135 22.98 56.32 7.43
C ILE A 135 21.54 56.78 7.24
N ASP A 136 20.60 55.86 7.41
CA ASP A 136 19.19 56.18 7.23
C ASP A 136 18.54 56.37 8.59
N PRO A 137 18.11 57.58 8.96
CA PRO A 137 17.47 57.79 10.26
C PRO A 137 15.96 57.58 10.28
N ASN A 138 15.32 57.39 9.13
CA ASN A 138 13.90 57.13 9.04
C ASN A 138 13.59 55.65 8.93
N GLN A 139 14.54 54.79 9.26
CA GLN A 139 14.38 53.36 9.09
C GLN A 139 13.60 52.78 10.26
N TYR A 140 12.63 51.92 9.96
CA TYR A 140 11.69 51.42 10.95
C TYR A 140 12.33 50.38 11.85
N ILE A 141 11.96 50.39 13.14
CA ILE A 141 12.47 49.41 14.09
C ILE A 141 11.31 48.63 14.72
N ALA A 142 10.42 49.34 15.41
CA ALA A 142 9.31 48.69 16.12
C ALA A 142 8.21 49.71 16.36
N THR A 143 7.06 49.21 16.78
CA THR A 143 5.93 50.04 17.19
C THR A 143 5.61 49.74 18.65
N LEU A 144 5.40 50.79 19.44
CA LEU A 144 5.20 50.67 20.88
C LEU A 144 3.82 51.16 21.25
N ALA A 145 3.17 50.45 22.17
CA ALA A 145 1.84 50.79 22.64
C ALA A 145 1.93 51.77 23.79
N GLU A 146 0.79 52.04 24.46
CA GLU A 146 0.68 53.19 25.35
C GLU A 146 1.46 53.01 26.64
N GLY A 147 1.63 51.78 27.12
CA GLY A 147 2.36 51.57 28.36
C GLY A 147 3.60 50.70 28.19
N ALA A 148 4.36 50.94 27.12
CA ALA A 148 5.46 50.10 26.74
C ALA A 148 6.80 50.75 27.08
N LYS A 149 7.84 49.93 27.17
CA LYS A 149 9.19 50.41 27.45
C LYS A 149 10.17 49.44 26.78
N LEU A 150 10.83 49.90 25.73
CA LEU A 150 11.80 49.09 24.99
C LEU A 150 13.19 49.69 25.21
N GLU A 151 14.03 48.95 25.92
CA GLU A 151 15.41 49.36 26.17
C GLU A 151 16.33 48.23 25.70
N MET A 152 17.03 48.47 24.59
CA MET A 152 17.88 47.46 23.98
C MET A 152 19.27 48.03 23.76
N GLU A 153 20.17 47.17 23.30
CA GLU A 153 21.57 47.52 23.14
C GLU A 153 22.20 46.57 22.12
N PHE A 154 22.85 47.13 21.11
CA PHE A 154 23.36 46.33 19.99
C PHE A 154 24.86 46.51 19.82
N ARG A 155 25.44 45.64 19.01
CA ARG A 155 26.86 45.60 18.70
C ARG A 155 27.07 45.83 17.21
N VAL A 156 28.08 46.64 16.87
CA VAL A 156 28.41 46.97 15.49
C VAL A 156 29.84 46.52 15.21
N GLU A 157 30.01 45.72 14.16
CA GLU A 157 31.32 45.21 13.77
C GLU A 157 31.51 45.46 12.27
N ARG A 158 32.68 45.08 11.77
CA ARG A 158 33.01 45.17 10.36
C ARG A 158 33.39 43.79 9.83
N GLY A 159 33.05 43.54 8.57
CA GLY A 159 33.34 42.24 7.98
C GLY A 159 33.22 42.32 6.47
N VAL A 160 33.47 41.18 5.83
CA VAL A 160 33.41 41.06 4.38
C VAL A 160 32.47 39.90 4.05
N GLY A 161 31.44 40.17 3.25
CA GLY A 161 30.56 39.13 2.80
C GLY A 161 29.44 38.82 3.77
N TYR A 162 29.16 37.54 3.97
CA TYR A 162 28.08 37.09 4.83
C TYR A 162 28.68 36.33 6.01
N ARG A 163 28.26 36.69 7.22
CA ARG A 163 28.78 36.08 8.45
C ARG A 163 27.79 35.06 8.97
N VAL A 164 28.24 33.83 9.13
CA VAL A 164 27.45 32.78 9.76
C VAL A 164 27.74 32.79 11.25
N ILE A 165 26.74 32.44 12.06
CA ILE A 165 26.88 32.51 13.50
C ILE A 165 27.78 31.37 13.98
N GLU A 166 28.54 31.64 15.04
CA GLU A 166 29.26 30.60 15.78
C GLU A 166 28.28 29.75 16.60
N ARG A 167 28.85 28.88 17.44
CA ARG A 167 28.26 27.69 18.11
C ARG A 167 26.85 27.95 18.63
N GLY A 168 26.57 29.11 19.19
CA GLY A 168 25.21 29.45 19.59
C GLY A 168 24.62 30.63 18.85
N LEU A 175 26.88 38.51 27.83
CA LEU A 175 25.83 37.78 28.52
C LEU A 175 24.48 38.21 27.98
N ASP A 176 23.69 37.21 27.56
CA ASP A 176 22.36 37.39 26.97
C ASP A 176 22.39 38.29 25.72
N PHE A 177 23.32 38.00 24.83
CA PHE A 177 23.39 38.65 23.52
C PHE A 177 22.85 37.71 22.45
N LEU A 178 21.86 38.17 21.70
CA LEU A 178 21.24 37.39 20.64
C LEU A 178 21.94 37.71 19.33
N GLN A 179 22.56 36.69 18.74
CA GLN A 179 23.44 36.90 17.60
C GLN A 179 22.65 36.97 16.30
N ILE A 180 23.17 37.77 15.36
CA ILE A 180 22.56 37.98 14.06
C ILE A 180 23.56 37.55 12.99
N ASP A 181 23.09 36.74 12.04
CA ASP A 181 23.88 36.39 10.86
C ASP A 181 23.89 37.58 9.89
N SER A 182 24.79 38.51 10.14
CA SER A 182 24.81 39.79 9.44
C SER A 182 25.42 39.65 8.05
N VAL A 183 25.03 40.57 7.18
CA VAL A 183 25.53 40.65 5.81
C VAL A 183 26.27 41.98 5.66
N PHE A 184 27.45 41.93 5.05
CA PHE A 184 28.35 43.07 4.98
C PHE A 184 28.60 43.53 3.55
N MET A 185 27.56 43.64 2.74
CA MET A 185 27.74 44.13 1.37
C MET A 185 27.12 45.52 1.21
N PRO A 186 27.93 46.56 1.02
CA PRO A 186 27.37 47.90 0.84
C PRO A 186 26.94 48.18 -0.59
N VAL A 187 27.57 47.54 -1.56
CA VAL A 187 27.18 47.65 -2.96
C VAL A 187 26.12 46.59 -3.25
N THR A 188 24.98 47.03 -3.76
CA THR A 188 23.83 46.14 -3.95
C THR A 188 23.69 45.61 -5.36
N LYS A 189 24.07 46.39 -6.38
CA LYS A 189 23.92 45.95 -7.76
C LYS A 189 24.98 46.61 -8.62
N VAL A 190 25.63 45.83 -9.49
CA VAL A 190 26.57 46.33 -10.49
C VAL A 190 26.07 45.88 -11.86
N ASN A 191 26.05 46.81 -12.82
CA ASN A 191 25.73 46.48 -14.19
C ASN A 191 26.70 47.22 -15.11
N TYR A 192 27.03 46.60 -16.23
CA TYR A 192 27.89 47.23 -17.21
C TYR A 192 27.55 46.75 -18.62
N THR A 193 27.70 47.64 -19.59
CA THR A 193 27.68 47.28 -21.01
C THR A 193 28.94 47.83 -21.66
N VAL A 194 29.29 47.25 -22.80
CA VAL A 194 30.44 47.68 -23.59
C VAL A 194 29.94 48.14 -24.95
N GLU A 195 30.31 49.36 -25.35
CA GLU A 195 29.97 49.91 -26.64
C GLU A 195 31.21 50.03 -27.51
N ASP A 196 30.99 50.10 -28.82
CA ASP A 196 32.07 50.15 -29.79
C ASP A 196 32.18 51.54 -30.40
N ILE A 197 33.40 51.89 -30.81
CA ILE A 197 33.69 53.15 -31.50
C ILE A 197 34.20 52.80 -32.89
N ARG A 198 33.39 53.08 -33.91
CA ARG A 198 33.70 52.71 -35.29
C ARG A 198 33.76 53.96 -36.15
N ALA A 199 34.92 54.16 -36.80
CA ALA A 199 35.16 55.31 -37.67
C ALA A 199 36.18 54.87 -38.71
N ASP A 200 36.83 55.85 -39.35
CA ASP A 200 38.04 55.59 -40.14
C ASP A 200 39.29 55.59 -39.24
N GLY A 201 39.21 54.79 -38.19
CA GLY A 201 40.07 54.82 -37.02
C GLY A 201 40.62 53.47 -36.64
N MET A 202 41.13 52.71 -37.62
CA MET A 202 41.44 51.28 -37.56
C MET A 202 42.23 50.82 -36.33
N SER A 203 42.15 49.52 -36.03
CA SER A 203 42.29 48.91 -34.69
C SER A 203 41.31 49.62 -33.76
N PRO A 204 40.02 49.30 -33.86
CA PRO A 204 38.99 50.05 -33.12
C PRO A 204 39.05 49.78 -31.62
N LYS A 205 38.33 50.62 -30.88
CA LYS A 205 38.38 50.64 -29.43
C LYS A 205 36.99 50.41 -28.86
N ASP A 206 36.93 50.26 -27.53
CA ASP A 206 35.69 50.00 -26.82
C ASP A 206 35.49 51.00 -25.70
N ARG A 207 34.23 51.16 -25.29
CA ARG A 207 33.84 52.07 -24.23
C ARG A 207 33.05 51.31 -23.18
N LEU A 208 33.47 51.41 -21.93
CA LEU A 208 32.83 50.72 -20.82
C LEU A 208 32.05 51.73 -19.99
N ILE A 209 30.75 51.49 -19.82
CA ILE A 209 29.93 52.26 -18.90
C ILE A 209 29.52 51.34 -17.75
N LEU A 210 29.56 51.87 -16.53
CA LEU A 210 29.45 51.07 -15.32
C LEU A 210 28.42 51.69 -14.39
N ASP A 211 27.42 50.90 -13.99
CA ASP A 211 26.35 51.36 -13.11
C ASP A 211 26.54 50.74 -11.73
N ILE A 212 26.67 51.57 -10.71
CA ILE A 212 26.94 51.13 -9.34
C ILE A 212 25.85 51.66 -8.42
N TRP A 213 25.20 50.75 -7.71
CA TRP A 213 24.17 51.08 -6.73
C TRP A 213 24.66 50.68 -5.35
N THR A 214 24.60 51.60 -4.38
CA THR A 214 25.01 51.31 -3.02
C THR A 214 23.84 51.52 -2.07
N ASN A 215 24.06 51.14 -0.80
CA ASN A 215 23.02 51.31 0.20
C ASN A 215 23.09 52.67 0.89
N GLY A 216 24.13 53.46 0.64
CA GLY A 216 24.30 54.76 1.23
C GLY A 216 25.49 54.89 2.15
N SER A 217 25.97 53.79 2.72
CA SER A 217 27.11 53.84 3.62
C SER A 217 28.43 54.08 2.91
N ILE A 218 28.49 53.82 1.61
CA ILE A 218 29.67 54.12 0.81
C ILE A 218 29.20 54.78 -0.48
N GLN A 219 29.99 55.71 -0.97
CA GLN A 219 29.71 56.32 -2.26
C GLN A 219 30.20 55.40 -3.38
N PRO A 220 29.59 55.48 -4.58
CA PRO A 220 30.05 54.62 -5.68
C PRO A 220 31.45 54.92 -6.18
N ARG A 221 31.92 56.17 -6.05
CA ARG A 221 33.28 56.50 -6.45
C ARG A 221 34.30 55.88 -5.49
N GLU A 222 34.02 55.91 -4.19
CA GLU A 222 34.90 55.31 -3.21
C GLU A 222 34.89 53.79 -3.32
N ALA A 223 33.73 53.22 -3.65
CA ALA A 223 33.64 51.78 -3.89
C ALA A 223 34.41 51.38 -5.13
N LEU A 224 34.38 52.23 -6.17
CA LEU A 224 35.16 51.95 -7.38
C LEU A 224 36.64 52.03 -7.11
N SER A 225 37.08 52.99 -6.29
CA SER A 225 38.49 53.08 -5.92
C SER A 225 38.94 51.90 -5.07
N GLU A 226 38.06 51.42 -4.18
CA GLU A 226 38.37 50.25 -3.36
C GLU A 226 38.49 48.99 -4.20
N ALA A 227 37.56 48.78 -5.13
CA ALA A 227 37.67 47.63 -6.04
C ALA A 227 38.89 47.74 -6.93
N SER A 228 39.25 48.96 -7.36
CA SER A 228 40.38 49.17 -8.24
C SER A 228 41.70 48.83 -7.55
N ASP A 229 41.92 49.32 -6.33
CA ASP A 229 43.19 48.98 -5.71
C ASP A 229 43.19 47.59 -5.08
N ILE A 230 42.03 46.97 -4.86
CA ILE A 230 42.01 45.55 -4.51
C ILE A 230 42.50 44.71 -5.69
N ILE A 231 41.99 45.00 -6.90
CA ILE A 231 42.42 44.27 -8.09
C ILE A 231 43.90 44.53 -8.39
N ALA A 232 44.34 45.78 -8.20
CA ALA A 232 45.75 46.13 -8.42
C ALA A 232 46.66 45.43 -7.42
N ASN A 233 46.28 45.36 -6.15
CA ASN A 233 47.07 44.63 -5.17
C ASN A 233 47.02 43.12 -5.39
N LEU A 234 45.98 42.62 -6.06
CA LEU A 234 45.99 41.21 -6.46
C LEU A 234 47.00 40.95 -7.56
N PHE A 235 47.07 41.85 -8.55
CA PHE A 235 47.84 41.54 -9.76
C PHE A 235 49.26 42.09 -9.77
N ILE A 236 49.64 42.96 -8.84
CA ILE A 236 51.03 43.45 -8.77
C ILE A 236 52.03 42.38 -8.33
N PRO A 237 51.83 41.56 -7.27
CA PRO A 237 52.86 40.54 -6.97
C PRO A 237 52.97 39.42 -7.99
N LEU A 238 51.96 39.22 -8.84
CA LEU A 238 52.12 38.29 -9.95
C LEU A 238 53.11 38.81 -10.98
N LYS A 239 53.16 40.12 -11.17
CA LYS A 239 54.14 40.73 -12.05
C LYS A 239 55.51 40.80 -11.39
N ASP A 240 55.54 41.12 -10.10
CA ASP A 240 56.81 41.29 -9.39
C ASP A 240 57.49 39.95 -9.15
N LEU A 241 56.83 39.04 -8.44
CA LEU A 241 57.40 37.75 -8.10
C LEU A 241 57.44 36.78 -9.28
N ASN A 242 56.74 37.10 -10.37
CA ASN A 242 56.75 36.37 -11.64
C ASN A 242 56.35 34.90 -11.51
N GLN B 17 49.75 38.77 -0.41
CA GLN B 17 49.22 37.92 0.65
C GLN B 17 49.30 36.44 0.27
N PHE B 18 49.45 36.17 -1.02
CA PHE B 18 49.50 34.81 -1.54
C PHE B 18 50.90 34.50 -2.08
N GLN B 19 51.18 33.22 -2.18
CA GLN B 19 52.45 32.71 -2.69
C GLN B 19 52.21 31.96 -3.99
N ILE B 20 53.02 32.26 -5.01
CA ILE B 20 52.91 31.63 -6.32
C ILE B 20 53.99 30.54 -6.43
N GLU B 21 53.58 29.35 -6.87
CA GLU B 21 54.47 28.21 -7.00
C GLU B 21 54.43 27.68 -8.42
N CYS B 22 55.59 27.31 -8.95
CA CYS B 22 55.69 26.62 -10.23
C CYS B 22 55.72 25.12 -9.96
N VAL B 23 54.65 24.42 -10.32
CA VAL B 23 54.51 23.02 -9.96
C VAL B 23 55.33 22.13 -10.89
N GLU B 24 55.15 22.29 -12.21
CA GLU B 24 55.90 21.49 -13.17
C GLU B 24 56.22 22.35 -14.39
N SER B 25 57.23 21.91 -15.14
CA SER B 25 57.67 22.66 -16.32
C SER B 25 58.17 21.63 -17.33
N SER B 26 57.37 21.37 -18.35
CA SER B 26 57.71 20.42 -19.41
C SER B 26 57.99 21.17 -20.69
N THR B 27 58.89 20.61 -21.50
CA THR B 27 59.25 21.19 -22.79
C THR B 27 59.34 20.07 -23.83
N ARG B 28 58.48 20.14 -24.84
CA ARG B 28 58.50 19.16 -25.92
C ARG B 28 59.65 19.44 -26.87
N LYS B 29 59.99 18.43 -27.68
CA LYS B 29 61.15 18.51 -28.55
C LYS B 29 60.94 19.40 -29.76
N ASN B 30 59.70 19.75 -30.11
CA ASN B 30 59.42 20.70 -31.17
C ASN B 30 59.36 22.14 -30.66
N GLN B 31 60.02 22.41 -29.53
CA GLN B 31 60.13 23.73 -28.91
C GLN B 31 58.76 24.32 -28.57
N GLN B 32 58.08 23.64 -27.65
CA GLN B 32 56.81 24.11 -27.10
C GLN B 32 56.83 23.89 -25.59
N GLN B 33 56.63 24.96 -24.83
CA GLN B 33 56.79 24.92 -23.39
C GLN B 33 55.43 24.83 -22.70
N TYR B 34 55.42 24.13 -21.57
CA TYR B 34 54.23 23.97 -20.75
C TYR B 34 54.64 24.12 -19.29
N SER B 35 53.89 24.91 -18.53
CA SER B 35 54.21 25.15 -17.14
C SER B 35 52.93 25.30 -16.34
N LYS B 36 52.82 24.53 -15.26
CA LYS B 36 51.68 24.60 -14.36
C LYS B 36 52.01 25.50 -13.18
N PHE B 37 51.10 26.40 -12.84
CA PHE B 37 51.28 27.33 -11.74
C PHE B 37 50.23 27.10 -10.67
N SER B 38 50.60 27.38 -9.42
CA SER B 38 49.70 27.26 -8.29
C SER B 38 49.71 28.55 -7.49
N LEU B 39 48.53 29.07 -7.19
CA LEU B 39 48.37 30.32 -6.45
C LEU B 39 47.53 30.04 -5.21
N GLU B 40 48.07 30.36 -4.04
CA GLU B 40 47.37 30.12 -2.78
C GLU B 40 47.96 31.03 -1.72
N PRO B 41 47.15 31.51 -0.76
CA PRO B 41 45.69 31.39 -0.69
C PRO B 41 44.95 32.66 -1.13
N LEU B 42 43.90 32.48 -1.92
CA LEU B 42 43.04 33.57 -2.35
C LEU B 42 41.72 33.51 -1.58
N ASP B 43 41.02 34.63 -1.57
CA ASP B 43 39.72 34.68 -0.90
C ASP B 43 38.67 34.01 -1.76
N ARG B 44 37.45 33.93 -1.23
CA ARG B 44 36.36 33.23 -1.90
C ARG B 44 35.93 34.02 -3.13
N GLY B 45 36.04 33.38 -4.30
CA GLY B 45 35.62 33.99 -5.55
C GLY B 45 36.71 34.72 -6.31
N GLN B 46 37.85 35.02 -5.68
CA GLN B 46 38.90 35.76 -6.35
C GLN B 46 39.70 34.90 -7.32
N GLY B 47 39.70 33.57 -7.13
CA GLY B 47 40.44 32.70 -8.04
C GLY B 47 39.84 32.69 -9.44
N THR B 48 38.50 32.67 -9.53
CA THR B 48 37.84 32.75 -10.82
C THR B 48 38.10 34.08 -11.50
N THR B 49 38.13 35.17 -10.73
CA THR B 49 38.41 36.50 -11.26
C THR B 49 39.81 36.58 -11.86
N VAL B 50 40.81 36.17 -11.08
CA VAL B 50 42.20 36.22 -11.53
C VAL B 50 42.42 35.27 -12.70
N GLY B 51 41.83 34.08 -12.65
CA GLY B 51 42.02 33.12 -13.72
C GLY B 51 41.37 33.53 -15.04
N ASN B 52 40.15 34.08 -14.98
CA ASN B 52 39.49 34.48 -16.21
C ASN B 52 40.14 35.73 -16.81
N ALA B 53 40.54 36.69 -15.96
CA ALA B 53 41.22 37.88 -16.47
C ALA B 53 42.58 37.52 -17.06
N LEU B 54 43.33 36.63 -16.40
CA LEU B 54 44.63 36.21 -16.91
C LEU B 54 44.48 35.42 -18.20
N ARG B 55 43.45 34.58 -18.31
CA ARG B 55 43.25 33.81 -19.53
C ARG B 55 42.88 34.73 -20.70
N ARG B 56 42.01 35.71 -20.47
CA ARG B 56 41.59 36.60 -21.55
C ARG B 56 42.74 37.50 -22.01
N VAL B 57 43.54 38.02 -21.08
CA VAL B 57 44.66 38.88 -21.47
C VAL B 57 45.78 38.06 -22.10
N LEU B 58 45.99 36.83 -21.62
CA LEU B 58 47.04 35.98 -22.18
C LEU B 58 46.68 35.48 -23.57
N LEU B 59 45.40 35.31 -23.88
CA LEU B 59 45.03 34.84 -25.21
C LEU B 59 44.77 35.97 -26.20
N SER B 60 44.34 37.15 -25.74
CA SER B 60 43.96 38.21 -26.66
C SER B 60 45.01 39.30 -26.81
N ASN B 61 45.54 39.82 -25.70
CA ASN B 61 46.43 40.98 -25.73
C ASN B 61 47.82 40.54 -25.27
N LEU B 62 48.62 40.03 -26.20
CA LEU B 62 50.01 39.70 -25.95
C LEU B 62 50.77 39.71 -27.27
N PRO B 63 51.75 40.60 -27.43
CA PRO B 63 52.37 40.79 -28.75
C PRO B 63 53.32 39.66 -29.13
N GLY B 64 53.22 39.23 -30.38
CA GLY B 64 54.08 38.22 -30.93
C GLY B 64 54.36 38.52 -32.38
N ALA B 65 55.21 37.70 -33.00
CA ALA B 65 55.65 37.90 -34.37
C ALA B 65 55.13 36.79 -35.27
N ALA B 66 54.93 37.14 -36.53
CA ALA B 66 54.48 36.19 -37.54
C ALA B 66 54.91 36.70 -38.91
N VAL B 67 54.68 35.88 -39.94
CA VAL B 67 54.92 36.29 -41.31
C VAL B 67 53.61 36.78 -41.90
N THR B 68 53.70 37.77 -42.78
CA THR B 68 52.51 38.47 -43.27
C THR B 68 52.36 38.40 -44.78
N ALA B 69 53.45 38.54 -45.53
CA ALA B 69 53.40 38.48 -46.99
C ALA B 69 54.58 37.69 -47.49
N ILE B 70 54.33 36.72 -48.37
CA ILE B 70 55.38 35.97 -49.02
C ILE B 70 55.42 36.38 -50.49
N ARG B 71 56.56 36.13 -51.12
CA ARG B 71 56.74 36.45 -52.53
C ARG B 71 57.61 35.37 -53.16
N ILE B 72 57.00 34.53 -53.98
CA ILE B 72 57.68 33.43 -54.65
C ILE B 72 57.86 33.80 -56.12
N ALA B 73 59.11 33.75 -56.58
CA ALA B 73 59.43 34.11 -57.95
C ALA B 73 59.09 32.94 -58.88
N GLY B 74 58.11 33.16 -59.77
CA GLY B 74 57.73 32.15 -60.73
C GLY B 74 56.34 31.60 -60.54
N VAL B 75 55.39 32.43 -60.09
CA VAL B 75 54.01 32.03 -59.95
C VAL B 75 53.14 32.89 -60.84
N ASN B 76 51.96 32.35 -61.19
CA ASN B 76 51.02 33.11 -62.00
C ASN B 76 50.19 34.06 -61.13
N HIS B 77 49.41 33.50 -60.22
CA HIS B 77 48.48 34.28 -59.40
C HIS B 77 48.49 33.70 -57.98
N GLU B 78 47.48 34.07 -57.20
CA GLU B 78 47.45 33.70 -55.79
C GLU B 78 47.11 32.23 -55.59
N PHE B 79 46.30 31.65 -56.48
CA PHE B 79 45.92 30.24 -56.42
C PHE B 79 46.43 29.51 -57.65
N ALA B 80 47.58 28.87 -57.53
CA ALA B 80 48.20 28.14 -58.62
C ALA B 80 49.09 27.06 -58.05
N THR B 81 49.90 26.46 -58.92
CA THR B 81 50.89 25.47 -58.54
C THR B 81 52.28 25.96 -58.90
N ILE B 82 53.27 25.56 -58.11
CA ILE B 82 54.65 25.99 -58.29
C ILE B 82 55.42 24.85 -58.95
N LEU B 83 56.28 25.21 -59.91
CA LEU B 83 56.98 24.23 -60.74
C LEU B 83 58.08 23.55 -59.93
N GLY B 84 58.07 22.21 -59.92
CA GLY B 84 59.11 21.44 -59.29
C GLY B 84 58.87 21.07 -57.85
N VAL B 85 58.01 21.80 -57.14
CA VAL B 85 57.73 21.56 -55.73
C VAL B 85 56.42 20.78 -55.62
N ARG B 86 56.39 19.80 -54.73
CA ARG B 86 55.19 19.00 -54.52
C ARG B 86 54.07 19.83 -53.88
N GLU B 87 54.41 20.61 -52.86
CA GLU B 87 53.44 21.47 -52.18
C GLU B 87 53.10 22.66 -53.07
N ASP B 88 51.81 22.84 -53.35
CA ASP B 88 51.38 24.01 -54.10
C ASP B 88 51.35 25.23 -53.17
N VAL B 89 50.91 26.38 -53.69
CA VAL B 89 51.11 27.64 -52.99
C VAL B 89 50.16 27.77 -51.80
N LEU B 90 49.04 27.05 -51.80
CA LEU B 90 48.12 27.10 -50.67
C LEU B 90 48.71 26.44 -49.43
N GLU B 91 49.27 25.24 -49.59
CA GLU B 91 49.94 24.63 -48.44
C GLU B 91 51.32 25.22 -48.20
N ILE B 92 51.88 25.97 -49.15
CA ILE B 92 53.05 26.79 -48.84
C ILE B 92 52.68 27.88 -47.84
N MET B 93 51.55 28.56 -48.08
CA MET B 93 51.05 29.55 -47.12
C MET B 93 50.64 28.90 -45.81
N LEU B 94 50.09 27.69 -45.86
CA LEU B 94 49.69 27.00 -44.64
C LEU B 94 50.90 26.50 -43.84
N ASN B 95 52.01 26.18 -44.51
CA ASN B 95 53.22 25.80 -43.81
C ASN B 95 53.96 27.02 -43.27
N MET B 96 53.88 28.15 -43.97
CA MET B 96 54.48 29.38 -43.46
C MET B 96 53.67 30.00 -42.33
N LYS B 97 52.36 29.71 -42.26
CA LYS B 97 51.57 30.18 -41.13
C LYS B 97 51.90 29.44 -39.84
N GLU B 98 52.46 28.23 -39.94
CA GLU B 98 52.89 27.45 -38.79
C GLU B 98 54.28 27.83 -38.29
N LEU B 99 54.95 28.78 -38.95
CA LEU B 99 56.33 29.11 -38.66
C LEU B 99 56.40 29.95 -37.40
N VAL B 100 57.05 29.42 -36.36
CA VAL B 100 57.15 30.08 -35.07
C VAL B 100 58.46 30.86 -35.01
N LEU B 101 58.37 32.16 -34.73
CA LEU B 101 59.54 33.03 -34.72
C LEU B 101 59.27 34.24 -33.83
N LYS B 102 60.34 34.97 -33.53
CA LYS B 102 60.30 36.10 -32.62
C LYS B 102 61.14 37.23 -33.21
N SER B 103 60.65 38.47 -33.07
CA SER B 103 61.35 39.63 -33.61
C SER B 103 61.47 40.71 -32.54
N TYR B 104 62.37 41.65 -32.79
CA TYR B 104 62.63 42.78 -31.88
C TYR B 104 62.60 44.10 -32.62
N THR B 105 61.71 44.23 -33.60
CA THR B 105 61.62 45.44 -34.40
C THR B 105 60.15 45.71 -34.74
N ASP B 106 59.72 46.96 -34.60
CA ASP B 106 58.38 47.35 -35.02
C ASP B 106 58.30 47.61 -36.52
N GLN B 107 59.43 47.84 -37.15
CA GLN B 107 59.56 48.07 -38.59
C GLN B 107 59.62 46.73 -39.33
N PRO B 108 59.21 46.71 -40.61
CA PRO B 108 59.24 45.44 -41.37
C PRO B 108 60.64 44.90 -41.59
N GLN B 109 60.74 43.58 -41.49
CA GLN B 109 61.94 42.83 -41.83
C GLN B 109 61.63 41.89 -42.98
N ILE B 110 62.65 41.59 -43.77
CA ILE B 110 62.51 40.75 -44.97
C ILE B 110 63.46 39.57 -44.85
N GLY B 111 62.89 38.36 -44.87
CA GLY B 111 63.67 37.13 -44.90
C GLY B 111 63.69 36.53 -46.28
N ARG B 112 64.74 35.77 -46.57
CA ARG B 112 64.96 35.19 -47.89
C ARG B 112 65.20 33.70 -47.77
N LEU B 113 65.06 32.99 -48.90
CA LEU B 113 65.26 31.56 -48.92
C LEU B 113 65.72 31.12 -50.31
N THR B 114 66.82 30.36 -50.34
CA THR B 114 67.21 29.60 -51.52
C THR B 114 67.53 28.17 -51.11
N ALA B 115 67.10 27.22 -51.94
CA ALA B 115 67.30 25.80 -51.68
C ALA B 115 67.14 25.06 -52.99
N ILE B 116 67.81 23.90 -53.09
CA ILE B 116 67.83 23.11 -54.31
C ILE B 116 67.64 21.64 -53.93
N GLY B 117 66.93 20.91 -54.79
CA GLY B 117 66.60 19.53 -54.53
C GLY B 117 67.64 18.56 -55.04
N PRO B 118 67.44 17.25 -54.79
CA PRO B 118 66.29 16.64 -54.09
C PRO B 118 66.43 16.65 -52.57
N GLY B 119 65.29 16.56 -51.89
CA GLY B 119 65.28 16.57 -50.44
C GLY B 119 64.22 17.48 -49.86
N THR B 120 64.11 17.49 -48.54
CA THR B 120 63.12 18.30 -47.84
C THR B 120 63.71 19.64 -47.43
N VAL B 121 62.82 20.63 -47.27
CA VAL B 121 63.20 21.98 -46.91
C VAL B 121 62.72 22.25 -45.49
N THR B 122 63.64 22.69 -44.64
CA THR B 122 63.33 23.01 -43.25
C THR B 122 63.43 24.51 -43.03
N ALA B 123 63.23 24.92 -41.78
CA ALA B 123 63.26 26.33 -41.41
C ALA B 123 64.68 26.86 -41.21
N ALA B 124 65.68 25.97 -41.08
CA ALA B 124 67.04 26.39 -40.85
C ALA B 124 67.73 26.94 -42.10
N GLN B 125 67.11 26.82 -43.27
CA GLN B 125 67.67 27.31 -44.51
C GLN B 125 67.32 28.77 -44.79
N PHE B 126 66.76 29.48 -43.81
CA PHE B 126 66.52 30.91 -43.94
C PHE B 126 67.72 31.68 -43.44
N GLU B 127 68.25 32.57 -44.26
CA GLU B 127 69.28 33.51 -43.82
C GLU B 127 68.63 34.85 -43.41
N VAL B 128 67.72 34.73 -42.46
CA VAL B 128 66.97 35.86 -41.90
C VAL B 128 67.91 36.75 -41.08
N PRO B 129 67.61 38.04 -40.91
CA PRO B 129 68.49 38.90 -40.11
C PRO B 129 68.47 38.55 -38.64
N SER B 130 69.45 39.10 -37.92
CA SER B 130 69.64 38.78 -36.51
C SER B 130 68.66 39.50 -35.59
N GLU B 131 67.85 40.42 -36.14
CA GLU B 131 66.79 41.04 -35.35
C GLU B 131 65.56 40.15 -35.24
N VAL B 132 65.49 39.08 -36.04
CA VAL B 132 64.48 38.04 -35.87
C VAL B 132 65.20 36.74 -35.55
N GLU B 133 64.43 35.76 -35.08
CA GLU B 133 65.03 34.53 -34.57
C GLU B 133 64.03 33.38 -34.69
N VAL B 134 64.51 32.25 -35.19
CA VAL B 134 63.68 31.10 -35.51
C VAL B 134 63.64 30.15 -34.31
N ILE B 135 62.43 29.81 -33.86
CA ILE B 135 62.28 29.02 -32.65
C ILE B 135 62.47 27.53 -32.93
N ASP B 136 61.69 26.98 -33.86
CA ASP B 136 61.82 25.58 -34.20
C ASP B 136 62.65 25.44 -35.46
N PRO B 137 63.88 24.94 -35.37
CA PRO B 137 64.73 24.90 -36.59
C PRO B 137 64.34 23.80 -37.55
N ASN B 138 63.89 22.65 -37.04
CA ASN B 138 63.47 21.54 -37.91
C ASN B 138 61.98 21.61 -38.22
N GLN B 139 61.54 22.76 -38.70
CA GLN B 139 60.14 22.98 -39.06
C GLN B 139 59.97 22.73 -40.56
N TYR B 140 59.09 21.80 -40.90
CA TYR B 140 58.94 21.35 -42.28
C TYR B 140 58.30 22.44 -43.13
N ILE B 141 58.81 22.60 -44.36
CA ILE B 141 58.29 23.59 -45.29
C ILE B 141 57.82 22.92 -46.58
N ALA B 142 58.73 22.25 -47.29
CA ALA B 142 58.41 21.72 -48.60
C ALA B 142 59.32 20.54 -48.92
N THR B 143 58.98 19.83 -49.99
CA THR B 143 59.82 18.79 -50.58
C THR B 143 60.10 19.11 -52.04
N LEU B 144 61.27 18.70 -52.51
CA LEU B 144 61.73 19.01 -53.86
C LEU B 144 62.06 17.72 -54.61
N ALA B 145 62.09 17.82 -55.94
CA ALA B 145 62.36 16.67 -56.79
C ALA B 145 63.18 17.09 -58.00
N GLU B 146 64.12 16.21 -58.37
CA GLU B 146 64.84 16.25 -59.65
C GLU B 146 65.67 17.51 -59.82
N GLY B 147 66.18 18.03 -58.71
CA GLY B 147 67.08 19.18 -58.76
C GLY B 147 66.42 20.49 -59.12
N ALA B 148 65.10 20.60 -58.93
CA ALA B 148 64.44 21.88 -59.08
C ALA B 148 64.63 22.72 -57.82
N LYS B 149 64.92 24.00 -58.02
CA LYS B 149 65.28 24.88 -56.92
C LYS B 149 64.21 25.96 -56.73
N LEU B 150 64.02 26.38 -55.48
CA LEU B 150 62.94 27.27 -55.08
C LEU B 150 63.51 28.56 -54.53
N GLU B 151 62.89 29.68 -54.91
CA GLU B 151 63.30 31.00 -54.42
C GLU B 151 62.07 31.74 -53.93
N MET B 152 62.11 32.19 -52.68
CA MET B 152 61.01 32.93 -52.09
C MET B 152 61.54 33.95 -51.10
N GLU B 153 60.70 34.96 -50.82
CA GLU B 153 61.01 35.99 -49.85
C GLU B 153 59.76 36.27 -49.02
N PHE B 154 59.90 36.25 -47.70
CA PHE B 154 58.78 36.52 -46.80
C PHE B 154 59.06 37.75 -45.95
N ARG B 155 57.99 38.33 -45.43
CA ARG B 155 58.05 39.58 -44.66
C ARG B 155 57.61 39.29 -43.23
N VAL B 156 58.47 39.61 -42.27
CA VAL B 156 58.22 39.38 -40.86
C VAL B 156 57.61 40.64 -40.25
N GLU B 157 56.56 40.46 -39.45
CA GLU B 157 55.91 41.54 -38.74
C GLU B 157 55.67 41.11 -37.30
N ARG B 158 55.57 42.07 -36.39
CA ARG B 158 55.07 41.81 -35.05
C ARG B 158 53.84 42.67 -34.80
N GLY B 159 52.97 42.19 -33.91
CA GLY B 159 51.75 42.90 -33.63
C GLY B 159 50.89 42.13 -32.67
N VAL B 160 49.59 42.44 -32.69
CA VAL B 160 48.62 41.79 -31.83
C VAL B 160 47.37 41.52 -32.67
N GLY B 161 46.62 40.50 -32.29
CA GLY B 161 45.41 40.15 -32.99
C GLY B 161 45.64 39.22 -34.16
N TYR B 162 44.89 39.41 -35.23
CA TYR B 162 44.98 38.56 -36.41
C TYR B 162 44.46 39.31 -37.62
N ARG B 163 44.97 38.95 -38.78
CA ARG B 163 44.56 39.55 -40.06
C ARG B 163 44.10 38.46 -41.00
N VAL B 164 42.92 38.66 -41.59
CA VAL B 164 42.34 37.74 -42.56
C VAL B 164 42.29 38.44 -43.90
N ILE B 165 42.92 37.85 -44.91
CA ILE B 165 43.04 38.44 -46.24
C ILE B 165 41.88 37.95 -47.09
N GLU B 166 41.15 38.89 -47.69
CA GLU B 166 40.02 38.53 -48.52
C GLU B 166 40.49 38.00 -49.87
N ARG B 167 39.77 36.99 -50.38
CA ARG B 167 39.99 36.33 -51.67
C ARG B 167 41.38 35.71 -51.80
N GLY B 168 42.02 35.41 -50.68
CA GLY B 168 43.36 34.85 -50.69
C GLY B 168 44.45 35.90 -50.58
N ASP B 176 53.69 41.62 -57.13
CA ASP B 176 54.00 42.15 -55.80
C ASP B 176 53.88 41.09 -54.72
N PHE B 177 53.99 41.52 -53.45
CA PHE B 177 53.94 40.60 -52.33
C PHE B 177 52.53 40.04 -52.14
N LEU B 178 52.48 38.78 -51.72
CA LEU B 178 51.24 38.03 -51.63
C LEU B 178 50.83 37.94 -50.17
N GLN B 179 49.78 38.67 -49.79
CA GLN B 179 49.38 38.79 -48.39
C GLN B 179 48.71 37.51 -47.91
N ILE B 180 49.23 36.94 -46.83
CA ILE B 180 48.72 35.70 -46.27
C ILE B 180 48.06 35.97 -44.92
N ASP B 181 47.35 34.97 -44.40
CA ASP B 181 46.69 35.10 -43.11
C ASP B 181 47.71 35.06 -41.99
N SER B 182 47.54 35.96 -41.02
CA SER B 182 48.52 36.15 -39.96
C SER B 182 47.86 35.99 -38.60
N VAL B 183 48.56 35.33 -37.69
CA VAL B 183 48.11 35.14 -36.32
C VAL B 183 49.27 35.49 -35.39
N PHE B 184 49.06 36.49 -34.54
CA PHE B 184 50.05 36.88 -33.52
C PHE B 184 49.57 36.31 -32.19
N MET B 185 50.10 35.14 -31.82
CA MET B 185 49.62 34.42 -30.65
C MET B 185 50.78 33.65 -30.03
N PRO B 186 51.49 34.26 -29.08
CA PRO B 186 52.60 33.55 -28.44
C PRO B 186 52.14 32.49 -27.45
N VAL B 187 50.95 32.62 -26.88
CA VAL B 187 50.41 31.65 -25.94
C VAL B 187 49.26 30.93 -26.64
N THR B 188 49.37 29.61 -26.71
CA THR B 188 48.42 28.82 -27.51
C THR B 188 47.23 28.33 -26.71
N LYS B 189 47.39 28.06 -25.41
CA LYS B 189 46.31 27.51 -24.61
C LYS B 189 46.51 27.89 -23.15
N VAL B 190 45.43 28.34 -22.51
CA VAL B 190 45.42 28.63 -21.08
C VAL B 190 44.23 27.92 -20.46
N ASN B 191 44.48 27.06 -19.48
CA ASN B 191 43.44 26.43 -18.69
C ASN B 191 43.62 26.81 -17.23
N TYR B 192 42.51 26.86 -16.49
CA TYR B 192 42.59 27.14 -15.07
C TYR B 192 41.47 26.40 -14.32
N THR B 193 41.82 25.84 -13.16
CA THR B 193 40.85 25.26 -12.23
C THR B 193 41.06 25.87 -10.86
N VAL B 194 39.99 25.97 -10.09
CA VAL B 194 40.01 26.53 -8.74
C VAL B 194 39.71 25.41 -7.75
N GLU B 195 40.51 25.34 -6.68
CA GLU B 195 40.34 24.34 -5.63
C GLU B 195 40.01 25.03 -4.32
N ASP B 196 39.10 24.43 -3.56
CA ASP B 196 38.68 24.99 -2.28
C ASP B 196 39.63 24.58 -1.16
N ILE B 197 39.76 25.45 -0.18
CA ILE B 197 40.63 25.23 0.97
C ILE B 197 39.78 25.35 2.23
N ARG B 198 39.59 24.23 2.93
CA ARG B 198 38.91 24.20 4.20
C ARG B 198 39.93 23.92 5.29
N ALA B 199 39.94 24.75 6.33
CA ALA B 199 41.00 24.72 7.33
C ALA B 199 40.38 24.91 8.70
N ASP B 200 41.23 25.24 9.68
CA ASP B 200 40.77 25.41 11.06
C ASP B 200 39.92 26.67 11.19
N GLY B 201 40.33 27.76 10.54
CA GLY B 201 39.55 28.98 10.58
C GLY B 201 38.30 28.89 9.73
N MET B 202 37.34 29.76 10.04
CA MET B 202 36.05 29.76 9.35
C MET B 202 36.12 30.33 7.94
N SER B 203 37.24 30.92 7.55
CA SER B 203 37.36 31.55 6.23
C SER B 203 37.48 30.47 5.15
N PRO B 204 36.57 30.43 4.18
CA PRO B 204 36.77 29.54 3.03
C PRO B 204 37.67 30.21 2.00
N LYS B 205 38.73 29.52 1.60
CA LYS B 205 39.75 30.09 0.73
C LYS B 205 39.73 29.42 -0.63
N ASP B 206 40.58 29.92 -1.51
CA ASP B 206 40.64 29.46 -2.89
C ASP B 206 42.09 29.23 -3.30
N ARG B 207 42.31 28.20 -4.12
CA ARG B 207 43.61 27.90 -4.69
C ARG B 207 43.47 27.88 -6.21
N LEU B 208 44.25 28.72 -6.89
CA LEU B 208 44.19 28.84 -8.33
C LEU B 208 45.27 27.98 -8.97
N ILE B 209 44.87 27.04 -9.81
CA ILE B 209 45.77 26.18 -10.57
C ILE B 209 45.74 26.62 -12.02
N LEU B 210 46.88 27.09 -12.52
CA LEU B 210 46.95 27.69 -13.85
C LEU B 210 47.86 26.88 -14.75
N ASP B 211 47.44 26.69 -16.00
CA ASP B 211 48.21 25.99 -17.01
C ASP B 211 48.41 26.90 -18.21
N ILE B 212 49.65 27.05 -18.66
CA ILE B 212 50.00 27.93 -19.77
C ILE B 212 50.78 27.12 -20.81
N TRP B 213 50.32 27.16 -22.05
CA TRP B 213 50.98 26.51 -23.17
C TRP B 213 51.44 27.60 -24.14
N THR B 214 52.76 27.73 -24.33
CA THR B 214 53.30 28.77 -25.18
C THR B 214 53.78 28.20 -26.52
N ASN B 215 54.04 29.12 -27.45
CA ASN B 215 54.50 28.76 -28.79
C ASN B 215 55.93 28.28 -28.82
N GLY B 216 56.71 28.55 -27.77
CA GLY B 216 58.14 28.36 -27.78
C GLY B 216 58.92 29.63 -27.97
N SER B 217 58.25 30.73 -28.32
CA SER B 217 58.94 32.00 -28.47
C SER B 217 59.31 32.59 -27.12
N ILE B 218 58.36 32.57 -26.18
CA ILE B 218 58.59 33.10 -24.84
C ILE B 218 58.33 31.99 -23.83
N GLN B 219 58.65 32.29 -22.57
CA GLN B 219 58.42 31.35 -21.49
C GLN B 219 57.01 31.51 -20.94
N PRO B 220 56.43 30.44 -20.37
CA PRO B 220 55.15 30.59 -19.68
C PRO B 220 55.24 31.39 -18.39
N ARG B 221 56.41 31.47 -17.77
CA ARG B 221 56.57 32.24 -16.56
C ARG B 221 56.64 33.74 -16.83
N GLU B 222 57.27 34.13 -17.94
CA GLU B 222 57.37 35.55 -18.27
C GLU B 222 56.13 36.04 -19.00
N ALA B 223 55.38 35.15 -19.65
CA ALA B 223 54.11 35.55 -20.24
C ALA B 223 53.06 35.84 -19.18
N LEU B 224 53.22 35.23 -17.99
CA LEU B 224 52.37 35.58 -16.86
C LEU B 224 52.64 36.99 -16.38
N SER B 225 53.92 37.40 -16.38
CA SER B 225 54.30 38.73 -15.92
C SER B 225 53.84 39.81 -16.88
N GLU B 226 53.82 39.52 -18.18
CA GLU B 226 53.35 40.49 -19.17
C GLU B 226 51.85 40.75 -19.03
N ALA B 227 51.07 39.69 -18.88
CA ALA B 227 49.63 39.83 -18.70
C ALA B 227 49.29 40.49 -17.37
N SER B 228 50.06 40.17 -16.32
CA SER B 228 49.84 40.81 -15.02
C SER B 228 50.20 42.29 -15.08
N ASP B 229 51.23 42.65 -15.85
CA ASP B 229 51.59 44.05 -16.05
C ASP B 229 50.49 44.79 -16.81
N ILE B 230 49.89 44.13 -17.81
CA ILE B 230 48.81 44.74 -18.57
C ILE B 230 47.58 44.99 -17.68
N ILE B 231 47.23 44.01 -16.84
CA ILE B 231 46.06 44.17 -15.98
C ILE B 231 46.31 45.21 -14.89
N ALA B 232 47.54 45.25 -14.34
CA ALA B 232 47.85 46.24 -13.32
C ALA B 232 47.89 47.65 -13.89
N ASN B 233 48.42 47.81 -15.11
CA ASN B 233 48.36 49.12 -15.74
C ASN B 233 46.95 49.50 -16.20
N LEU B 234 46.06 48.51 -16.37
CA LEU B 234 44.67 48.83 -16.64
C LEU B 234 43.96 49.33 -15.39
N PHE B 235 44.28 48.76 -14.23
CA PHE B 235 43.49 49.04 -13.04
C PHE B 235 44.11 50.06 -12.09
N ILE B 236 45.38 50.42 -12.27
CA ILE B 236 46.02 51.42 -11.41
C ILE B 236 45.50 52.85 -11.60
N PRO B 237 45.31 53.40 -12.82
CA PRO B 237 44.79 54.79 -12.89
C PRO B 237 43.33 54.96 -12.47
N LEU B 238 42.57 53.89 -12.25
CA LEU B 238 41.19 54.05 -11.79
C LEU B 238 41.09 54.37 -10.30
N LYS B 239 42.13 54.06 -9.51
CA LYS B 239 42.07 54.26 -8.07
C LYS B 239 42.23 55.72 -7.66
N ASP B 240 42.56 56.61 -8.61
CA ASP B 240 42.80 58.04 -8.41
C ASP B 240 43.87 58.32 -7.35
N PRO C 12 -20.01 29.15 1.20
CA PRO C 12 -20.19 28.24 2.33
C PRO C 12 -18.88 27.82 2.96
N ASP C 13 -18.94 27.21 4.14
CA ASP C 13 -17.73 26.74 4.78
C ASP C 13 -17.28 25.42 4.16
N LEU C 14 -16.00 25.12 4.31
CA LEU C 14 -15.42 23.93 3.72
C LEU C 14 -15.38 22.74 4.68
N ILE C 15 -15.55 22.98 5.97
CA ILE C 15 -15.56 21.91 6.97
C ILE C 15 -16.96 21.79 7.54
N GLU C 16 -17.95 22.15 6.71
CA GLU C 16 -19.34 22.15 7.12
C GLU C 16 -19.87 20.75 7.38
N ILE C 17 -19.25 19.72 6.79
CA ILE C 17 -19.73 18.36 7.03
C ILE C 17 -19.37 17.90 8.44
N GLN C 18 -18.14 18.20 8.89
CA GLN C 18 -17.74 17.89 10.25
C GLN C 18 -18.54 18.70 11.26
N HIS C 19 -18.74 20.01 10.99
CA HIS C 19 -19.49 20.85 11.92
C HIS C 19 -20.95 20.43 12.01
N ALA C 20 -21.58 20.15 10.86
CA ALA C 20 -23.00 19.78 10.84
C ALA C 20 -23.22 18.40 11.45
N SER C 21 -22.28 17.47 11.26
CA SER C 21 -22.46 16.14 11.84
C SER C 21 -22.29 16.16 13.35
N PHE C 22 -21.32 16.93 13.87
CA PHE C 22 -21.20 16.97 15.32
C PHE C 22 -22.32 17.78 15.97
N HIS C 23 -22.84 18.81 15.27
CA HIS C 23 -23.99 19.54 15.79
C HIS C 23 -25.25 18.66 15.77
N TRP C 24 -25.39 17.80 14.77
CA TRP C 24 -26.50 16.86 14.74
C TRP C 24 -26.38 15.82 15.85
N PHE C 25 -25.16 15.39 16.17
CA PHE C 25 -24.99 14.47 17.28
C PHE C 25 -25.33 15.13 18.61
N LEU C 26 -24.86 16.36 18.82
CA LEU C 26 -25.13 17.04 20.08
C LEU C 26 -26.59 17.50 20.20
N GLU C 27 -27.30 17.64 19.09
CA GLU C 27 -28.69 18.09 19.16
C GLU C 27 -29.68 16.92 19.15
N GLU C 28 -29.56 16.02 18.18
CA GLU C 28 -30.58 14.99 17.96
C GLU C 28 -30.08 13.57 17.95
N GLY C 29 -28.79 13.32 17.70
CA GLY C 29 -28.29 11.97 17.53
C GLY C 29 -28.20 11.17 18.82
N LEU C 30 -27.80 11.82 19.90
CA LEU C 30 -27.69 11.16 21.19
C LEU C 30 -29.04 10.93 21.84
N ILE C 31 -30.02 11.80 21.53
CA ILE C 31 -31.36 11.68 22.11
C ILE C 31 -32.04 10.42 21.61
N GLU C 32 -31.81 10.04 20.35
CA GLU C 32 -32.36 8.79 19.84
C GLU C 32 -31.78 7.58 20.54
N GLU C 33 -30.50 7.62 20.91
CA GLU C 33 -29.89 6.52 21.64
C GLU C 33 -30.42 6.44 23.07
N LEU C 34 -30.57 7.59 23.73
CA LEU C 34 -31.09 7.59 25.09
C LEU C 34 -32.60 7.29 25.13
N ASN C 35 -33.32 7.48 24.02
CA ASN C 35 -34.73 7.16 23.96
C ASN C 35 -34.98 5.72 23.54
N SER C 36 -34.11 5.14 22.73
CA SER C 36 -34.13 3.69 22.53
C SER C 36 -33.53 2.95 23.71
N PHE C 37 -32.83 3.64 24.60
CA PHE C 37 -32.30 3.02 25.80
C PHE C 37 -33.40 2.70 26.79
N SER C 38 -34.17 3.71 27.19
CA SER C 38 -35.23 3.61 28.17
C SER C 38 -36.45 2.90 27.57
N PRO C 39 -37.23 2.18 28.40
CA PRO C 39 -36.98 1.82 29.80
C PRO C 39 -36.46 0.40 29.99
N ILE C 40 -35.77 0.16 31.10
CA ILE C 40 -35.28 -1.16 31.43
C ILE C 40 -36.12 -1.71 32.58
N SER C 41 -36.15 -3.04 32.69
CA SER C 41 -36.95 -3.69 33.72
C SER C 41 -36.22 -4.94 34.20
N ASP C 42 -36.67 -5.44 35.34
CA ASP C 42 -36.12 -6.68 35.89
C ASP C 42 -36.94 -7.87 35.42
N TYR C 43 -36.41 -9.07 35.66
CA TYR C 43 -37.14 -10.28 35.32
C TYR C 43 -38.31 -10.51 36.28
N THR C 44 -38.19 -10.01 37.52
CA THR C 44 -39.29 -10.11 38.47
C THR C 44 -40.43 -9.15 38.16
N GLY C 45 -40.17 -8.10 37.37
CA GLY C 45 -41.21 -7.15 37.04
C GLY C 45 -41.61 -6.23 38.17
N LYS C 46 -40.64 -5.82 39.01
CA LYS C 46 -40.92 -4.98 40.15
C LYS C 46 -40.16 -3.67 40.16
N LEU C 47 -39.18 -3.51 39.27
CA LEU C 47 -38.37 -2.30 39.19
C LEU C 47 -38.31 -1.82 37.75
N GLU C 48 -38.25 -0.50 37.58
CA GLU C 48 -38.17 0.10 36.25
C GLU C 48 -37.31 1.35 36.33
N LEU C 49 -36.29 1.41 35.48
CA LEU C 49 -35.38 2.55 35.41
C LEU C 49 -35.41 3.12 34.00
N HIS C 50 -35.67 4.42 33.90
CA HIS C 50 -35.75 5.08 32.60
C HIS C 50 -34.97 6.38 32.62
N PHE C 51 -34.23 6.62 31.54
CA PHE C 51 -33.30 7.74 31.45
C PHE C 51 -33.99 8.92 30.76
N LEU C 52 -34.00 10.06 31.43
CA LEU C 52 -34.51 11.30 30.83
C LEU C 52 -33.39 11.87 29.98
N GLY C 53 -33.49 11.68 28.67
CA GLY C 53 -32.42 12.04 27.76
C GLY C 53 -32.44 13.46 27.25
N LYS C 54 -33.62 14.09 27.24
CA LYS C 54 -33.75 15.42 26.66
C LYS C 54 -33.06 16.50 27.49
N ASP C 55 -32.97 16.29 28.80
CA ASP C 55 -32.35 17.25 29.70
C ASP C 55 -30.97 16.79 30.18
N TYR C 56 -30.20 16.13 29.30
CA TYR C 56 -28.85 15.75 29.64
C TYR C 56 -27.95 16.98 29.68
N LYS C 57 -27.00 16.97 30.61
CA LYS C 57 -26.19 18.15 30.91
C LYS C 57 -24.74 17.89 30.55
N LEU C 58 -24.03 18.97 30.23
CA LEU C 58 -22.61 18.93 29.91
C LEU C 58 -21.87 19.83 30.89
N LYS C 59 -20.90 19.26 31.61
CA LYS C 59 -20.06 20.07 32.47
C LYS C 59 -19.01 20.82 31.64
N GLN C 60 -18.44 21.84 32.26
CA GLN C 60 -17.34 22.56 31.62
C GLN C 60 -16.08 21.69 31.59
N PRO C 61 -15.21 21.89 30.61
CA PRO C 61 -13.96 21.12 30.58
C PRO C 61 -13.01 21.53 31.69
N LYS C 62 -12.20 20.57 32.12
CA LYS C 62 -11.23 20.82 33.18
C LYS C 62 -10.07 21.67 32.68
N TYR C 63 -9.63 21.43 31.44
CA TYR C 63 -8.60 22.24 30.82
C TYR C 63 -9.06 22.66 29.43
N ASP C 64 -8.47 23.74 28.92
CA ASP C 64 -8.76 24.20 27.57
C ASP C 64 -7.80 23.51 26.59
N VAL C 65 -7.72 24.06 25.37
CA VAL C 65 -7.06 23.40 24.24
C VAL C 65 -5.56 23.27 24.48
N ASP C 66 -4.88 24.38 24.78
CA ASP C 66 -3.43 24.35 24.89
C ASP C 66 -2.97 23.66 26.18
N GLU C 67 -3.68 23.89 27.28
CA GLU C 67 -3.35 23.21 28.52
C GLU C 67 -3.72 21.73 28.50
N SER C 68 -4.60 21.32 27.58
CA SER C 68 -4.81 19.89 27.36
C SER C 68 -3.75 19.32 26.42
N LYS C 69 -3.23 20.14 25.50
CA LYS C 69 -2.19 19.68 24.59
C LYS C 69 -0.87 19.46 25.31
N ARG C 70 -0.53 20.35 26.25
CA ARG C 70 0.76 20.25 26.93
C ARG C 70 0.73 19.29 28.11
N ARG C 71 -0.44 18.86 28.56
CA ARG C 71 -0.56 17.93 29.68
C ARG C 71 -0.78 16.49 29.22
N ASP C 72 -0.82 16.25 27.92
CA ASP C 72 -1.12 14.95 27.30
C ASP C 72 -2.46 14.39 27.81
N ALA C 73 -3.47 15.25 27.82
CA ALA C 73 -4.82 14.87 28.23
C ALA C 73 -5.78 15.06 27.07
N SER C 74 -7.06 14.83 27.34
CA SER C 74 -8.11 15.00 26.36
C SER C 74 -8.90 16.28 26.66
N TYR C 75 -9.55 16.80 25.62
CA TYR C 75 -10.43 17.97 25.73
C TYR C 75 -11.85 17.44 25.77
N SER C 76 -12.26 17.03 26.96
CA SER C 76 -13.52 16.31 27.15
C SER C 76 -14.41 17.06 28.13
N VAL C 77 -15.71 16.75 28.07
CA VAL C 77 -16.69 17.23 29.02
C VAL C 77 -17.30 16.05 29.75
N GLN C 78 -17.84 16.31 30.94
CA GLN C 78 -18.56 15.30 31.70
C GLN C 78 -20.04 15.37 31.35
N MET C 79 -20.64 14.21 31.13
CA MET C 79 -22.00 14.12 30.61
C MET C 79 -22.90 13.47 31.65
N TYR C 80 -23.90 14.22 32.09
CA TYR C 80 -24.80 13.81 33.18
C TYR C 80 -26.20 13.66 32.63
N VAL C 81 -26.76 12.47 32.75
CA VAL C 81 -28.12 12.18 32.30
C VAL C 81 -28.97 11.96 33.54
N PRO C 82 -29.97 12.79 33.80
CA PRO C 82 -30.80 12.60 35.01
C PRO C 82 -31.75 11.43 34.85
N THR C 83 -31.78 10.57 35.85
CA THR C 83 -32.61 9.37 35.84
C THR C 83 -33.74 9.51 36.85
N ARG C 84 -34.66 8.54 36.79
CA ARG C 84 -35.80 8.49 37.68
C ARG C 84 -36.13 7.03 37.97
N LEU C 85 -36.10 6.64 39.24
CA LEU C 85 -36.49 5.31 39.66
C LEU C 85 -37.94 5.35 40.14
N ILE C 86 -38.82 4.71 39.39
CA ILE C 86 -40.20 4.50 39.81
C ILE C 86 -40.29 3.12 40.44
N ASN C 87 -41.22 2.98 41.38
CA ASN C 87 -41.33 1.76 42.16
C ASN C 87 -42.71 1.15 41.94
N LYS C 88 -42.75 -0.18 41.82
CA LYS C 88 -43.99 -0.89 41.54
C LYS C 88 -44.67 -1.44 42.78
N GLU C 89 -44.06 -1.31 43.95
CA GLU C 89 -44.70 -1.66 45.21
C GLU C 89 -45.31 -0.47 45.92
N THR C 90 -44.71 0.71 45.77
CA THR C 90 -45.20 1.92 46.45
C THR C 90 -44.83 3.13 45.60
N GLY C 91 -45.35 4.29 46.01
CA GLY C 91 -45.09 5.51 45.29
C GLY C 91 -43.75 6.14 45.61
N GLU C 92 -42.66 5.44 45.29
CA GLU C 92 -41.31 5.90 45.56
C GLU C 92 -40.71 6.48 44.28
N ILE C 93 -40.50 7.79 44.27
CA ILE C 93 -39.92 8.48 43.11
C ILE C 93 -38.55 9.00 43.53
N LYS C 94 -37.51 8.40 42.99
CA LYS C 94 -36.13 8.77 43.29
C LYS C 94 -35.48 9.34 42.04
N GLU C 95 -35.20 10.64 42.07
CA GLU C 95 -34.63 11.34 40.92
C GLU C 95 -33.24 11.83 41.29
N GLN C 96 -32.28 11.62 40.39
CA GLN C 96 -30.89 11.91 40.69
C GLN C 96 -30.11 12.09 39.39
N GLU C 97 -29.23 13.08 39.37
CA GLU C 97 -28.33 13.24 38.24
C GLU C 97 -27.26 12.16 38.27
N VAL C 98 -27.07 11.49 37.15
CA VAL C 98 -26.17 10.34 37.05
C VAL C 98 -25.12 10.64 35.99
N PHE C 99 -23.85 10.58 36.38
CA PHE C 99 -22.75 10.65 35.42
C PHE C 99 -22.76 9.41 34.54
N ILE C 100 -22.67 9.61 33.23
CA ILE C 100 -22.81 8.53 32.28
C ILE C 100 -21.55 8.29 31.45
N GLY C 101 -20.63 9.23 31.38
CA GLY C 101 -19.42 9.03 30.61
C GLY C 101 -18.78 10.36 30.23
N ASP C 102 -17.61 10.25 29.62
CA ASP C 102 -16.81 11.38 29.19
C ASP C 102 -16.79 11.45 27.67
N LEU C 103 -17.27 12.56 27.12
CA LEU C 103 -17.31 12.76 25.68
C LEU C 103 -16.31 13.84 25.29
N PRO C 104 -15.34 13.56 24.41
CA PRO C 104 -14.48 14.63 23.92
C PRO C 104 -15.23 15.55 22.97
N LEU C 105 -14.94 16.84 23.10
CA LEU C 105 -15.67 17.88 22.39
C LEU C 105 -14.91 18.30 21.15
N MET C 106 -15.63 18.56 20.08
CA MET C 106 -15.03 19.06 18.85
C MET C 106 -14.67 20.54 19.02
N THR C 107 -13.45 20.90 18.62
CA THR C 107 -12.98 22.26 18.75
C THR C 107 -13.58 23.15 17.65
N GLU C 108 -13.18 24.42 17.65
CA GLU C 108 -13.68 25.37 16.66
C GLU C 108 -13.09 25.15 15.28
N ARG C 109 -11.98 24.41 15.17
CA ARG C 109 -11.42 24.06 13.89
C ARG C 109 -12.00 22.77 13.32
N GLY C 110 -12.87 22.10 14.06
CA GLY C 110 -13.43 20.85 13.61
C GLY C 110 -12.62 19.62 13.94
N THR C 111 -11.74 19.71 14.93
CA THR C 111 -10.85 18.62 15.32
C THR C 111 -11.18 18.17 16.74
N PHE C 112 -10.51 17.09 17.15
CA PHE C 112 -10.61 16.56 18.50
C PHE C 112 -9.22 16.49 19.10
N ILE C 113 -9.15 16.58 20.43
CA ILE C 113 -7.90 16.51 21.16
C ILE C 113 -7.94 15.25 22.01
N ILE C 114 -7.24 14.21 21.57
CA ILE C 114 -7.22 12.93 22.24
C ILE C 114 -5.78 12.67 22.67
N ASN C 115 -5.54 12.70 24.00
CA ASN C 115 -4.25 12.45 24.63
C ASN C 115 -3.17 13.40 24.15
N GLY C 116 -3.51 14.70 24.14
CA GLY C 116 -2.54 15.73 23.80
C GLY C 116 -2.17 15.81 22.34
N ALA C 117 -3.00 15.29 21.44
CA ALA C 117 -2.74 15.34 20.02
C ALA C 117 -4.03 15.68 19.29
N GLU C 118 -3.92 16.48 18.23
CA GLU C 118 -5.07 16.78 17.41
C GLU C 118 -5.40 15.60 16.51
N ARG C 119 -6.69 15.31 16.37
CA ARG C 119 -7.15 14.17 15.59
C ARG C 119 -8.39 14.56 14.81
N VAL C 120 -8.53 13.98 13.63
CA VAL C 120 -9.74 14.16 12.81
C VAL C 120 -10.38 12.80 12.61
N ILE C 121 -11.70 12.82 12.46
CA ILE C 121 -12.48 11.64 12.14
C ILE C 121 -12.87 11.76 10.68
N VAL C 122 -12.21 10.98 9.81
CA VAL C 122 -12.45 11.13 8.38
C VAL C 122 -13.80 10.53 8.02
N ASN C 123 -14.31 10.96 6.86
CA ASN C 123 -15.65 10.58 6.42
C ASN C 123 -15.58 9.27 5.65
N GLN C 124 -16.44 8.33 6.01
CA GLN C 124 -16.43 6.99 5.44
C GLN C 124 -17.55 6.85 4.41
N ILE C 125 -17.21 6.34 3.24
CA ILE C 125 -18.19 6.08 2.19
C ILE C 125 -18.47 4.58 2.13
N VAL C 126 -19.75 4.22 2.25
CA VAL C 126 -20.18 2.83 2.34
C VAL C 126 -21.35 2.63 1.40
N ARG C 127 -21.78 1.37 1.28
CA ARG C 127 -22.98 1.07 0.53
C ARG C 127 -24.21 1.50 1.32
N SER C 128 -25.16 2.11 0.63
CA SER C 128 -26.35 2.61 1.28
C SER C 128 -27.32 1.46 1.56
N PRO C 129 -28.11 1.55 2.62
CA PRO C 129 -29.15 0.56 2.86
C PRO C 129 -30.27 0.65 1.82
N GLY C 130 -30.83 -0.50 1.49
CA GLY C 130 -31.89 -0.57 0.51
C GLY C 130 -31.80 -1.88 -0.26
N VAL C 131 -32.65 -2.00 -1.27
CA VAL C 131 -32.72 -3.20 -2.08
C VAL C 131 -31.92 -2.99 -3.35
N TYR C 132 -31.11 -3.98 -3.72
CA TYR C 132 -30.28 -3.88 -4.91
C TYR C 132 -30.39 -5.17 -5.71
N TYR C 133 -30.49 -5.03 -7.03
CA TYR C 133 -30.67 -6.14 -7.95
C TYR C 133 -29.48 -6.20 -8.89
N LYS C 134 -29.08 -7.42 -9.25
CA LYS C 134 -27.98 -7.62 -10.19
C LYS C 134 -28.32 -8.78 -11.10
N LYS C 135 -27.51 -8.95 -12.15
CA LYS C 135 -27.73 -9.98 -13.17
C LYS C 135 -26.41 -10.72 -13.39
N GLU C 136 -26.19 -11.78 -12.62
CA GLU C 136 -25.07 -12.67 -12.84
C GLU C 136 -25.48 -13.82 -13.76
N LEU C 137 -24.51 -14.44 -14.40
CA LEU C 137 -24.81 -15.44 -15.42
C LEU C 137 -23.77 -16.55 -15.41
N ASP C 138 -24.08 -17.61 -16.15
CA ASP C 138 -23.30 -18.83 -16.28
C ASP C 138 -22.19 -18.69 -17.31
N LYS C 139 -21.71 -19.83 -17.82
CA LYS C 139 -20.79 -19.90 -18.97
C LYS C 139 -21.23 -18.97 -20.09
N ASN C 140 -22.38 -19.26 -20.67
CA ASN C 140 -23.24 -18.26 -21.31
C ASN C 140 -24.61 -18.26 -20.68
N GLY C 141 -25.20 -19.43 -20.50
CA GLY C 141 -26.32 -19.87 -19.69
C GLY C 141 -27.53 -18.96 -19.74
N ARG C 142 -28.24 -18.90 -18.63
CA ARG C 142 -29.47 -18.14 -18.52
C ARG C 142 -29.21 -16.82 -17.80
N ARG C 143 -29.95 -15.79 -18.22
CA ARG C 143 -29.92 -14.50 -17.55
C ARG C 143 -30.67 -14.65 -16.23
N THR C 144 -29.92 -14.80 -15.15
CA THR C 144 -30.48 -14.98 -13.82
C THR C 144 -30.32 -13.72 -13.00
N TYR C 145 -31.31 -13.42 -12.16
CA TYR C 145 -31.35 -12.19 -11.40
C TYR C 145 -31.34 -12.49 -9.91
N SER C 146 -30.67 -11.62 -9.16
CA SER C 146 -30.53 -11.80 -7.72
C SER C 146 -30.76 -10.48 -7.01
N ALA C 147 -31.39 -10.54 -5.86
CA ALA C 147 -31.69 -9.36 -5.05
C ALA C 147 -30.85 -9.39 -3.78
N SER C 148 -30.81 -8.24 -3.10
CA SER C 148 -30.07 -8.13 -1.84
C SER C 148 -30.69 -6.97 -1.07
N LEU C 149 -31.27 -7.26 0.09
CA LEU C 149 -31.88 -6.24 0.93
C LEU C 149 -30.91 -5.94 2.06
N ILE C 150 -30.36 -4.74 2.06
CA ILE C 150 -29.33 -4.32 3.00
C ILE C 150 -29.96 -3.40 4.03
N PRO C 151 -29.92 -3.71 5.32
CA PRO C 151 -30.39 -2.77 6.34
C PRO C 151 -29.26 -1.89 6.83
N ASN C 152 -29.62 -0.93 7.68
CA ASN C 152 -28.61 -0.14 8.37
C ASN C 152 -27.86 -1.00 9.37
N ARG C 153 -28.56 -1.92 10.02
CA ARG C 153 -27.98 -2.81 11.00
C ARG C 153 -28.88 -4.03 11.15
N GLY C 154 -28.32 -5.21 10.88
CA GLY C 154 -29.06 -6.45 11.03
C GLY C 154 -28.74 -7.42 9.92
N ALA C 155 -29.57 -8.46 9.82
CA ALA C 155 -29.32 -9.54 8.87
C ALA C 155 -29.70 -9.13 7.46
N TRP C 156 -28.99 -9.69 6.49
CA TRP C 156 -29.22 -9.39 5.08
C TRP C 156 -30.17 -10.42 4.48
N LEU C 157 -31.19 -9.94 3.79
CA LEU C 157 -32.14 -10.78 3.09
C LEU C 157 -31.82 -10.78 1.61
N LYS C 158 -31.50 -11.96 1.07
CA LYS C 158 -31.10 -12.10 -0.32
C LYS C 158 -32.09 -12.98 -1.06
N PHE C 159 -32.17 -12.80 -2.37
CA PHE C 159 -33.07 -13.58 -3.21
C PHE C 159 -32.31 -14.11 -4.42
N GLU C 160 -32.83 -15.21 -4.98
CA GLU C 160 -32.12 -15.93 -6.03
C GLU C 160 -33.11 -16.36 -7.11
N THR C 161 -32.59 -16.50 -8.33
CA THR C 161 -33.23 -17.23 -9.42
C THR C 161 -32.18 -18.10 -10.08
N ASP C 162 -32.50 -19.37 -10.30
CA ASP C 162 -31.64 -20.27 -11.04
C ASP C 162 -32.11 -20.37 -12.50
N LYS C 163 -31.55 -21.33 -13.24
CA LYS C 163 -31.90 -21.47 -14.65
C LYS C 163 -33.31 -22.00 -14.83
N ASN C 164 -33.78 -22.82 -13.89
CA ASN C 164 -35.16 -23.31 -13.94
C ASN C 164 -36.14 -22.21 -13.56
N GLY C 165 -35.71 -21.26 -12.74
CA GLY C 165 -36.54 -20.15 -12.34
C GLY C 165 -37.02 -20.19 -10.90
N LEU C 166 -36.40 -20.97 -10.04
CA LEU C 166 -36.86 -21.09 -8.66
C LEU C 166 -36.49 -19.85 -7.86
N VAL C 167 -37.49 -19.24 -7.21
CA VAL C 167 -37.23 -18.13 -6.31
C VAL C 167 -36.73 -18.66 -4.98
N TYR C 168 -35.44 -18.46 -4.73
CA TYR C 168 -34.79 -18.95 -3.53
C TYR C 168 -34.40 -17.79 -2.65
N VAL C 169 -34.81 -17.84 -1.39
CA VAL C 169 -34.45 -16.83 -0.40
C VAL C 169 -33.43 -17.47 0.55
N ARG C 170 -32.46 -16.68 0.99
CA ARG C 170 -31.51 -17.15 1.99
C ARG C 170 -31.19 -16.02 2.96
N ILE C 171 -30.80 -16.42 4.16
CA ILE C 171 -30.32 -15.51 5.19
C ILE C 171 -28.80 -15.61 5.16
N ASP C 172 -28.11 -14.62 5.75
CA ASP C 172 -26.72 -14.14 5.52
C ASP C 172 -25.74 -15.27 5.21
N LYS C 173 -25.70 -16.35 6.00
CA LYS C 173 -24.74 -17.42 5.77
C LYS C 173 -25.40 -18.76 5.47
N THR C 174 -26.72 -18.84 5.51
CA THR C 174 -27.40 -20.12 5.39
C THR C 174 -27.49 -20.59 3.95
N ARG C 175 -28.06 -21.79 3.77
CA ARG C 175 -28.30 -22.31 2.43
C ARG C 175 -29.61 -21.78 1.88
N LYS C 176 -29.93 -22.19 0.65
CA LYS C 176 -31.09 -21.66 -0.03
C LYS C 176 -32.35 -22.45 0.31
N LEU C 177 -33.39 -21.72 0.76
CA LEU C 177 -34.73 -22.26 0.94
C LEU C 177 -35.70 -21.42 0.11
N SER C 178 -36.98 -21.75 0.17
CA SER C 178 -37.91 -21.18 -0.79
C SER C 178 -38.66 -19.97 -0.25
N ALA C 179 -38.97 -19.06 -1.17
CA ALA C 179 -39.59 -17.79 -0.81
C ALA C 179 -41.02 -17.99 -0.32
N GLN C 180 -41.69 -19.04 -0.80
CA GLN C 180 -43.01 -19.36 -0.27
C GLN C 180 -42.94 -19.83 1.17
N VAL C 181 -41.88 -20.58 1.49
CA VAL C 181 -41.66 -21.02 2.87
C VAL C 181 -41.37 -19.85 3.78
N LEU C 182 -40.59 -18.86 3.29
CA LEU C 182 -40.36 -17.66 4.06
C LEU C 182 -41.64 -16.84 4.24
N LEU C 183 -42.44 -16.71 3.17
CA LEU C 183 -43.64 -15.88 3.21
C LEU C 183 -44.72 -16.50 4.09
N LYS C 184 -44.84 -17.83 4.08
CA LYS C 184 -45.77 -18.49 4.98
C LYS C 184 -45.21 -18.60 6.39
N ALA C 185 -43.90 -18.45 6.55
CA ALA C 185 -43.34 -18.39 7.89
C ALA C 185 -43.66 -17.07 8.57
N ILE C 186 -43.93 -16.02 7.79
CA ILE C 186 -44.27 -14.72 8.33
C ILE C 186 -45.68 -14.78 8.91
N GLY C 187 -46.61 -15.33 8.15
CA GLY C 187 -48.00 -15.35 8.54
C GLY C 187 -48.96 -14.73 7.53
N LEU C 188 -48.49 -14.45 6.31
CA LEU C 188 -49.37 -13.98 5.26
C LEU C 188 -50.24 -15.11 4.75
N SER C 189 -51.45 -14.78 4.31
CA SER C 189 -52.27 -15.76 3.63
C SER C 189 -51.73 -16.02 2.23
N ASP C 190 -52.13 -17.16 1.66
CA ASP C 190 -51.76 -17.46 0.28
C ASP C 190 -52.60 -16.65 -0.70
N ASN C 191 -53.70 -16.07 -0.21
CA ASN C 191 -54.53 -15.19 -1.01
C ASN C 191 -53.75 -13.95 -1.42
N GLU C 192 -53.25 -13.19 -0.45
CA GLU C 192 -52.67 -11.88 -0.71
C GLU C 192 -51.30 -12.00 -1.35
N ILE C 193 -50.66 -13.17 -1.27
CA ILE C 193 -49.36 -13.37 -1.90
C ILE C 193 -49.49 -13.32 -3.41
N LEU C 194 -50.38 -14.15 -3.98
CA LEU C 194 -50.53 -14.15 -5.44
C LEU C 194 -51.53 -13.09 -5.90
N ASP C 195 -52.30 -12.50 -4.97
CA ASP C 195 -53.11 -11.35 -5.34
C ASP C 195 -52.28 -10.07 -5.37
N SER C 196 -51.14 -10.08 -4.67
CA SER C 196 -50.27 -8.90 -4.69
C SER C 196 -49.35 -8.90 -5.90
N LEU C 197 -49.02 -10.08 -6.43
CA LEU C 197 -48.06 -10.17 -7.51
C LEU C 197 -48.68 -9.76 -8.84
N SER C 198 -47.84 -9.33 -9.77
CA SER C 198 -48.29 -8.95 -11.10
C SER C 198 -48.35 -10.15 -12.02
N HIS C 199 -47.31 -10.99 -12.00
CA HIS C 199 -47.28 -12.21 -12.81
C HIS C 199 -47.33 -13.42 -11.91
N PRO C 200 -48.52 -13.99 -11.64
CA PRO C 200 -48.56 -15.14 -10.72
C PRO C 200 -48.17 -16.45 -11.37
N GLU C 201 -48.05 -16.49 -12.71
CA GLU C 201 -47.74 -17.76 -13.37
C GLU C 201 -46.26 -18.11 -13.23
N PHE C 202 -45.40 -17.10 -13.05
CA PHE C 202 -43.98 -17.37 -12.82
C PHE C 202 -43.74 -17.88 -11.41
N TYR C 203 -44.52 -17.38 -10.44
CA TYR C 203 -44.33 -17.75 -9.05
C TYR C 203 -44.95 -19.11 -8.75
N GLN C 204 -46.04 -19.45 -9.44
CA GLN C 204 -46.69 -20.73 -9.19
C GLN C 204 -45.89 -21.89 -9.78
N LYS C 205 -44.99 -21.59 -10.72
CA LYS C 205 -44.06 -22.60 -11.21
C LYS C 205 -43.10 -23.05 -10.11
N THR C 206 -42.73 -22.12 -9.21
CA THR C 206 -41.89 -22.48 -8.08
C THR C 206 -42.72 -23.06 -6.94
N LEU C 207 -44.04 -22.89 -7.01
CA LEU C 207 -44.91 -23.34 -5.92
C LEU C 207 -45.00 -24.86 -5.87
N ASP C 208 -44.92 -25.52 -7.01
CA ASP C 208 -45.12 -26.96 -7.10
C ASP C 208 -43.86 -27.74 -6.72
N LYS C 209 -42.71 -27.34 -7.26
CA LYS C 209 -41.47 -28.06 -6.99
C LYS C 209 -41.03 -27.90 -5.55
N GLU C 210 -41.28 -26.72 -4.96
CA GLU C 210 -40.91 -26.52 -3.56
C GLU C 210 -42.00 -27.00 -2.62
N GLY C 211 -43.23 -27.08 -3.10
CA GLY C 211 -44.36 -27.41 -2.26
C GLY C 211 -45.00 -26.17 -1.64
N ASN C 212 -46.15 -26.37 -1.01
CA ASN C 212 -46.87 -25.30 -0.34
C ASN C 212 -47.09 -25.70 1.11
N PRO C 213 -46.44 -25.06 2.07
CA PRO C 213 -46.66 -25.42 3.48
C PRO C 213 -47.77 -24.61 4.12
N THR C 214 -48.24 -25.08 5.28
CA THR C 214 -49.19 -24.32 6.07
C THR C 214 -48.39 -23.29 6.89
N GLU C 215 -49.11 -22.43 7.62
CA GLU C 215 -48.45 -21.45 8.48
C GLU C 215 -47.66 -22.12 9.60
N GLU C 216 -48.21 -23.20 10.17
CA GLU C 216 -47.48 -23.95 11.19
C GLU C 216 -46.42 -24.86 10.56
N GLU C 217 -46.68 -25.34 9.34
CA GLU C 217 -45.73 -26.23 8.69
C GLU C 217 -44.51 -25.48 8.18
N ALA C 218 -44.65 -24.17 7.94
CA ALA C 218 -43.52 -23.39 7.45
C ALA C 218 -42.59 -22.99 8.59
N LEU C 219 -43.13 -22.83 9.80
CA LEU C 219 -42.31 -22.36 10.91
C LEU C 219 -41.36 -23.45 11.40
N VAL C 220 -41.66 -24.71 11.11
CA VAL C 220 -40.83 -25.80 11.60
C VAL C 220 -39.65 -26.08 10.68
N GLU C 221 -39.71 -25.65 9.42
CA GLU C 221 -38.65 -25.98 8.46
C GLU C 221 -37.66 -24.84 8.24
N LEU C 222 -37.91 -23.66 8.80
CA LEU C 222 -36.84 -22.66 8.87
C LEU C 222 -35.91 -22.98 10.04
N TYR C 223 -36.46 -23.45 11.15
CA TYR C 223 -35.64 -23.86 12.29
C TYR C 223 -34.82 -25.10 11.96
N LYS C 224 -35.31 -25.92 11.01
CA LYS C 224 -34.52 -27.06 10.54
C LYS C 224 -33.35 -26.61 9.68
N LYS C 225 -33.44 -25.41 9.10
CA LYS C 225 -32.37 -24.93 8.24
C LYS C 225 -31.50 -23.87 8.93
N LEU C 226 -32.13 -23.01 9.74
CA LEU C 226 -31.36 -21.97 10.44
C LEU C 226 -30.54 -22.56 11.57
N ARG C 227 -30.98 -23.67 12.14
CA ARG C 227 -30.26 -24.33 13.23
C ARG C 227 -29.95 -25.78 12.88
N PRO C 231 -34.55 -30.88 17.86
CA PRO C 231 -35.90 -30.63 18.36
C PRO C 231 -36.61 -29.50 17.60
N PRO C 232 -37.17 -29.80 16.43
CA PRO C 232 -37.79 -28.75 15.61
C PRO C 232 -39.13 -28.31 16.18
N THR C 233 -39.22 -27.02 16.49
CA THR C 233 -40.38 -26.43 17.16
C THR C 233 -40.83 -25.20 16.36
N VAL C 234 -42.13 -24.87 16.48
CA VAL C 234 -42.69 -23.75 15.74
C VAL C 234 -42.75 -22.47 16.56
N SER C 235 -42.90 -22.56 17.88
CA SER C 235 -42.90 -21.35 18.71
C SER C 235 -41.50 -20.78 18.84
N GLY C 236 -40.50 -21.66 18.90
CA GLY C 236 -39.12 -21.21 18.91
C GLY C 236 -38.72 -20.54 17.60
N GLY C 237 -39.14 -21.12 16.47
CA GLY C 237 -38.87 -20.49 15.19
C GLY C 237 -39.64 -19.20 14.98
N GLN C 238 -40.85 -19.11 15.53
CA GLN C 238 -41.63 -17.88 15.46
C GLN C 238 -40.96 -16.76 16.26
N GLN C 239 -40.51 -17.07 17.49
CA GLN C 239 -39.75 -16.09 18.26
C GLN C 239 -38.40 -15.78 17.62
N LEU C 240 -37.81 -16.75 16.91
CA LEU C 240 -36.55 -16.53 16.21
C LEU C 240 -36.71 -15.51 15.09
N LEU C 241 -37.65 -15.74 14.18
CA LEU C 241 -37.90 -14.77 13.11
C LEU C 241 -38.46 -13.45 13.61
N GLU C 242 -39.18 -13.45 14.74
CA GLU C 242 -39.59 -12.19 15.34
C GLU C 242 -38.41 -11.41 15.89
N SER C 243 -37.37 -12.13 16.34
CA SER C 243 -36.14 -11.50 16.83
C SER C 243 -35.17 -11.12 15.72
N ARG C 244 -35.26 -11.72 14.54
CA ARG C 244 -34.32 -11.37 13.47
C ARG C 244 -34.73 -10.10 12.75
N PHE C 245 -35.89 -10.09 12.11
CA PHE C 245 -36.29 -8.99 11.23
C PHE C 245 -37.28 -8.03 11.85
N PHE C 246 -38.16 -8.49 12.73
CA PHE C 246 -39.29 -7.68 13.18
C PHE C 246 -39.11 -7.11 14.57
N ASP C 247 -37.94 -7.27 15.19
CA ASP C 247 -37.80 -6.67 16.50
C ASP C 247 -36.96 -5.40 16.43
N PRO C 248 -37.31 -4.38 17.20
CA PRO C 248 -36.39 -3.25 17.40
C PRO C 248 -35.22 -3.67 18.27
N LYS C 249 -34.14 -2.87 18.18
CA LYS C 249 -32.85 -3.05 18.83
C LYS C 249 -32.10 -4.31 18.39
N ARG C 250 -32.57 -5.01 17.36
CA ARG C 250 -31.82 -6.06 16.70
C ARG C 250 -31.89 -5.97 15.19
N TYR C 251 -32.70 -5.06 14.64
CA TYR C 251 -32.80 -4.84 13.21
C TYR C 251 -33.25 -3.40 13.01
N ASP C 252 -32.38 -2.58 12.44
CA ASP C 252 -32.71 -1.20 12.10
C ASP C 252 -32.54 -1.04 10.60
N LEU C 253 -33.64 -0.70 9.92
CA LEU C 253 -33.55 -0.42 8.49
C LEU C 253 -33.01 0.98 8.24
N GLY C 254 -33.21 1.88 9.19
CA GLY C 254 -32.70 3.23 9.08
C GLY C 254 -33.64 4.14 8.30
N ARG C 255 -33.45 5.45 8.52
CA ARG C 255 -34.21 6.45 7.78
C ARG C 255 -33.87 6.43 6.29
N VAL C 256 -32.58 6.33 5.97
CA VAL C 256 -32.15 6.26 4.58
C VAL C 256 -32.55 4.92 3.97
N GLY C 257 -32.62 3.86 4.76
CA GLY C 257 -33.05 2.57 4.25
C GLY C 257 -34.54 2.54 3.92
N ARG C 258 -35.35 3.11 4.80
CA ARG C 258 -36.78 3.27 4.52
C ARG C 258 -37.02 4.17 3.32
N TYR C 259 -36.22 5.24 3.20
CA TYR C 259 -36.35 6.17 2.08
C TYR C 259 -36.01 5.50 0.74
N LYS C 260 -34.88 4.79 0.69
CA LYS C 260 -34.48 4.15 -0.56
C LYS C 260 -35.36 2.95 -0.90
N LEU C 261 -35.89 2.26 0.11
CA LEU C 261 -36.74 1.12 -0.18
C LEU C 261 -38.14 1.57 -0.63
N ASN C 262 -38.63 2.70 -0.12
CA ASN C 262 -39.85 3.28 -0.66
C ASN C 262 -39.62 3.84 -2.05
N LYS C 263 -38.41 4.35 -2.33
CA LYS C 263 -38.12 4.92 -3.64
C LYS C 263 -38.03 3.86 -4.72
N LYS C 264 -37.34 2.75 -4.43
CA LYS C 264 -37.12 1.73 -5.45
C LYS C 264 -38.39 0.95 -5.75
N LEU C 265 -39.11 0.53 -4.72
CA LEU C 265 -40.27 -0.33 -4.88
C LEU C 265 -41.59 0.44 -4.96
N ARG C 266 -41.53 1.77 -4.95
CA ARG C 266 -42.68 2.67 -5.17
C ARG C 266 -43.78 2.45 -4.12
N LEU C 267 -43.41 2.65 -2.87
CA LEU C 267 -44.33 2.55 -1.75
C LEU C 267 -44.44 3.89 -1.06
N ASN C 268 -45.55 4.09 -0.34
CA ASN C 268 -45.73 5.26 0.50
C ASN C 268 -45.87 4.87 1.97
N GLU C 269 -45.04 3.92 2.38
CA GLU C 269 -44.96 3.51 3.77
C GLU C 269 -44.39 4.65 4.62
N ALA C 270 -44.88 4.74 5.85
CA ALA C 270 -44.47 5.81 6.75
C ALA C 270 -43.00 5.70 7.12
N ASP C 271 -42.33 6.86 7.21
CA ASP C 271 -40.90 6.92 7.47
C ASP C 271 -40.55 6.59 8.92
N THR C 272 -41.53 6.59 9.82
CA THR C 272 -41.26 6.28 11.22
C THR C 272 -41.00 4.78 11.40
N THR C 273 -41.59 3.94 10.54
CA THR C 273 -41.37 2.50 10.62
C THR C 273 -39.97 2.16 10.15
N ARG C 274 -39.17 1.57 11.04
CA ARG C 274 -37.80 1.21 10.73
C ARG C 274 -37.57 -0.30 10.74
N VAL C 275 -38.63 -1.10 10.72
CA VAL C 275 -38.52 -2.54 10.65
C VAL C 275 -39.03 -3.00 9.29
N LEU C 276 -38.70 -4.24 8.95
CA LEU C 276 -39.11 -4.82 7.68
C LEU C 276 -40.51 -5.40 7.81
N THR C 277 -41.31 -5.23 6.77
CA THR C 277 -42.67 -5.71 6.72
C THR C 277 -42.83 -6.75 5.61
N PRO C 278 -43.80 -7.68 5.73
CA PRO C 278 -44.01 -8.66 4.65
C PRO C 278 -44.49 -8.04 3.34
N GLN C 279 -45.07 -6.84 3.37
CA GLN C 279 -45.38 -6.13 2.14
C GLN C 279 -44.12 -5.75 1.37
N ASP C 280 -43.05 -5.42 2.10
CA ASP C 280 -41.77 -5.10 1.46
C ASP C 280 -41.15 -6.32 0.79
N ILE C 281 -41.25 -7.48 1.44
CA ILE C 281 -40.74 -8.71 0.86
C ILE C 281 -41.58 -9.13 -0.34
N LEU C 282 -42.90 -8.89 -0.28
CA LEU C 282 -43.76 -9.16 -1.43
C LEU C 282 -43.43 -8.25 -2.60
N ALA C 283 -43.14 -6.98 -2.34
CA ALA C 283 -42.76 -6.05 -3.40
C ALA C 283 -41.39 -6.39 -3.99
N ALA C 284 -40.47 -6.85 -3.15
CA ALA C 284 -39.15 -7.25 -3.65
C ALA C 284 -39.23 -8.52 -4.49
N ILE C 285 -40.09 -9.46 -4.08
CA ILE C 285 -40.36 -10.66 -4.89
C ILE C 285 -41.00 -10.27 -6.21
N ASN C 286 -41.91 -9.29 -6.18
CA ASN C 286 -42.56 -8.81 -7.40
C ASN C 286 -41.57 -8.17 -8.36
N TYR C 287 -40.66 -7.34 -7.83
CA TYR C 287 -39.64 -6.71 -8.68
C TYR C 287 -38.67 -7.74 -9.25
N LEU C 288 -38.28 -8.74 -8.44
CA LEU C 288 -37.36 -9.77 -8.91
C LEU C 288 -38.01 -10.64 -9.98
N ILE C 289 -39.30 -10.93 -9.84
CA ILE C 289 -40.03 -11.71 -10.83
C ILE C 289 -40.20 -10.90 -12.12
N ASN C 290 -40.56 -9.62 -11.98
CA ASN C 290 -40.74 -8.74 -13.13
C ASN C 290 -39.43 -8.47 -13.87
N LEU C 291 -38.29 -8.58 -13.19
CA LEU C 291 -37.01 -8.45 -13.88
C LEU C 291 -36.73 -9.61 -14.82
N GLU C 292 -37.37 -10.75 -14.62
CA GLU C 292 -37.23 -11.89 -15.53
C GLU C 292 -38.12 -11.76 -16.77
N PHE C 293 -39.00 -10.74 -16.81
CA PHE C 293 -39.83 -10.46 -17.98
C PHE C 293 -39.46 -9.15 -18.64
N ASP C 294 -38.23 -8.66 -18.38
CA ASP C 294 -37.66 -7.44 -18.97
C ASP C 294 -38.49 -6.19 -18.66
N VAL C 295 -38.65 -5.91 -17.38
CA VAL C 295 -39.14 -4.62 -16.91
C VAL C 295 -38.49 -4.34 -15.55
N GLY C 296 -38.17 -3.08 -15.31
CA GLY C 296 -37.36 -2.70 -14.18
C GLY C 296 -35.89 -2.57 -14.56
N THR C 297 -35.12 -2.04 -13.62
CA THR C 297 -33.73 -1.69 -13.89
C THR C 297 -32.82 -2.31 -12.83
N THR C 298 -31.77 -2.99 -13.28
CA THR C 298 -30.74 -3.47 -12.38
C THR C 298 -29.89 -2.32 -11.86
N ASP C 299 -29.34 -2.49 -10.67
CA ASP C 299 -28.65 -1.41 -9.97
C ASP C 299 -27.14 -1.51 -10.14
N ASP C 300 -26.47 -0.40 -9.84
CA ASP C 300 -25.02 -0.30 -9.90
C ASP C 300 -24.47 -0.16 -8.49
N ILE C 301 -23.38 -0.86 -8.20
CA ILE C 301 -22.84 -0.87 -6.85
C ILE C 301 -21.85 0.27 -6.63
N ASP C 302 -21.26 0.82 -7.70
CA ASP C 302 -20.30 1.90 -7.60
C ASP C 302 -20.92 3.26 -7.89
N HIS C 303 -22.22 3.31 -8.19
CA HIS C 303 -22.90 4.56 -8.44
C HIS C 303 -23.03 5.37 -7.16
N LEU C 304 -22.86 6.68 -7.26
CA LEU C 304 -22.89 7.53 -6.09
C LEU C 304 -24.30 7.81 -5.58
N GLY C 305 -25.34 7.32 -6.26
CA GLY C 305 -26.66 7.30 -5.67
C GLY C 305 -26.88 6.14 -4.72
N ASN C 306 -26.06 5.10 -4.83
CA ASN C 306 -26.13 3.93 -3.96
C ASN C 306 -25.06 3.93 -2.88
N ARG C 307 -24.28 5.00 -2.78
CA ARG C 307 -23.22 5.12 -1.78
C ARG C 307 -23.44 6.39 -0.97
N ARG C 308 -23.31 6.28 0.35
CA ARG C 308 -23.52 7.41 1.24
C ARG C 308 -22.31 7.62 2.13
N VAL C 309 -22.24 8.78 2.75
CA VAL C 309 -21.12 9.22 3.56
C VAL C 309 -21.53 9.19 5.03
N ARG C 310 -20.74 8.50 5.85
CA ARG C 310 -20.96 8.42 7.29
C ARG C 310 -19.90 9.24 8.00
N SER C 311 -20.33 10.35 8.61
CA SER C 311 -19.43 11.25 9.33
C SER C 311 -19.41 10.89 10.82
N VAL C 312 -18.89 11.81 11.64
CA VAL C 312 -18.61 11.54 13.05
C VAL C 312 -19.87 11.37 13.89
N GLY C 313 -21.04 11.80 13.42
CA GLY C 313 -22.25 11.63 14.21
C GLY C 313 -22.74 10.19 14.25
N GLU C 314 -22.74 9.52 13.09
CA GLU C 314 -23.25 8.15 13.01
C GLU C 314 -22.32 7.17 13.70
N LEU C 315 -21.01 7.37 13.61
CA LEU C 315 -20.06 6.44 14.21
C LEU C 315 -20.06 6.55 15.73
N LEU C 316 -20.17 7.77 16.25
CA LEU C 316 -20.40 7.97 17.69
C LEU C 316 -21.72 7.36 18.13
N GLN C 317 -22.76 7.47 17.30
CA GLN C 317 -24.06 6.90 17.67
C GLN C 317 -23.99 5.38 17.75
N ASN C 318 -23.27 4.74 16.83
CA ASN C 318 -23.16 3.28 16.84
C ASN C 318 -22.31 2.80 18.02
N GLN C 319 -21.21 3.50 18.32
CA GLN C 319 -20.38 3.11 19.46
C GLN C 319 -21.10 3.32 20.78
N ILE C 320 -21.88 4.40 20.88
CA ILE C 320 -22.68 4.63 22.08
C ILE C 320 -23.80 3.60 22.20
N ARG C 321 -24.33 3.12 21.08
CA ARG C 321 -25.31 2.05 21.11
C ARG C 321 -24.72 0.76 21.67
N VAL C 322 -23.51 0.41 21.24
CA VAL C 322 -22.84 -0.80 21.75
C VAL C 322 -22.54 -0.67 23.25
N GLY C 323 -22.01 0.49 23.66
CA GLY C 323 -21.74 0.71 25.07
C GLY C 323 -22.97 0.73 25.94
N LEU C 324 -24.09 1.25 25.42
CA LEU C 324 -25.33 1.25 26.17
C LEU C 324 -25.94 -0.14 26.26
N ASN C 325 -25.72 -0.98 25.23
CA ASN C 325 -26.15 -2.37 25.32
C ASN C 325 -25.41 -3.11 26.44
N ARG C 326 -24.09 -2.89 26.54
CA ARG C 326 -23.33 -3.45 27.65
C ARG C 326 -23.80 -2.91 29.00
N LEU C 327 -24.08 -1.60 29.06
CA LEU C 327 -24.47 -0.97 30.32
C LEU C 327 -25.84 -1.47 30.79
N GLU C 328 -26.78 -1.67 29.87
CA GLU C 328 -28.09 -2.15 30.30
C GLU C 328 -28.07 -3.63 30.61
N ARG C 329 -27.17 -4.41 29.98
CA ARG C 329 -26.96 -5.78 30.42
C ARG C 329 -26.45 -5.84 31.86
N ILE C 330 -25.50 -4.95 32.20
CA ILE C 330 -24.98 -4.87 33.56
C ILE C 330 -26.07 -4.45 34.54
N ILE C 331 -26.91 -3.48 34.16
CA ILE C 331 -27.95 -2.98 35.04
C ILE C 331 -29.04 -4.01 35.25
N ARG C 332 -29.39 -4.77 34.20
CA ARG C 332 -30.38 -5.83 34.34
C ARG C 332 -29.86 -6.98 35.20
N GLU C 333 -28.57 -7.32 35.07
CA GLU C 333 -28.00 -8.35 35.93
C GLU C 333 -27.95 -7.89 37.39
N ARG C 334 -27.59 -6.63 37.62
CA ARG C 334 -27.54 -6.10 38.98
C ARG C 334 -28.93 -5.93 39.59
N MET C 335 -29.97 -5.77 38.77
CA MET C 335 -31.33 -5.73 39.30
C MET C 335 -31.87 -7.13 39.56
N THR C 336 -31.51 -8.10 38.71
CA THR C 336 -32.02 -9.45 38.88
C THR C 336 -31.33 -10.20 40.02
N VAL C 337 -30.06 -9.88 40.30
CA VAL C 337 -29.37 -10.55 41.40
C VAL C 337 -29.85 -10.01 42.74
N SER C 338 -30.01 -8.69 42.85
CA SER C 338 -30.38 -8.07 44.12
C SER C 338 -31.85 -8.34 44.44
N GLU C 339 -32.09 -9.07 45.53
CA GLU C 339 -33.45 -9.31 46.00
C GLU C 339 -33.97 -8.14 46.83
N SER C 340 -33.10 -7.47 47.56
CA SER C 340 -33.50 -6.30 48.33
C SER C 340 -33.74 -5.11 47.41
N ASP C 341 -34.88 -4.46 47.59
CA ASP C 341 -35.29 -3.31 46.78
C ASP C 341 -34.79 -2.03 47.45
N ALA C 342 -35.37 -0.88 47.03
CA ALA C 342 -35.08 0.46 47.54
C ALA C 342 -33.61 0.84 47.34
N LEU C 343 -33.22 0.89 46.07
CA LEU C 343 -31.88 1.29 45.66
C LEU C 343 -31.87 2.74 45.20
N THR C 344 -30.66 3.30 45.08
CA THR C 344 -30.48 4.60 44.45
C THR C 344 -30.21 4.42 42.97
N PRO C 345 -30.60 5.38 42.12
CA PRO C 345 -30.29 5.26 40.69
C PRO C 345 -28.80 5.35 40.36
N ALA C 346 -28.00 5.96 41.23
CA ALA C 346 -26.55 6.03 41.01
C ALA C 346 -25.84 4.73 41.35
N SER C 347 -26.51 3.78 41.99
CA SER C 347 -25.93 2.48 42.29
C SER C 347 -26.11 1.48 41.15
N LEU C 348 -27.16 1.64 40.35
CA LEU C 348 -27.44 0.69 39.28
C LEU C 348 -26.70 1.01 37.99
N VAL C 349 -26.16 2.22 37.86
CA VAL C 349 -25.53 2.66 36.62
C VAL C 349 -24.01 2.55 36.77
N ASN C 350 -23.38 1.75 35.92
CA ASN C 350 -21.93 1.63 35.87
C ASN C 350 -21.41 2.27 34.60
N PRO C 351 -20.75 3.42 34.67
CA PRO C 351 -20.41 4.17 33.46
C PRO C 351 -19.23 3.64 32.67
N LYS C 352 -18.51 2.65 33.19
CA LYS C 352 -17.23 2.18 32.62
C LYS C 352 -17.31 1.54 31.23
N PRO C 353 -18.33 0.76 30.85
CA PRO C 353 -18.38 0.29 29.44
C PRO C 353 -18.60 1.41 28.42
N LEU C 354 -19.37 2.44 28.76
CA LEU C 354 -19.58 3.55 27.82
C LEU C 354 -18.30 4.38 27.65
N VAL C 355 -17.60 4.64 28.76
CA VAL C 355 -16.30 5.33 28.70
C VAL C 355 -15.31 4.51 27.91
N ALA C 356 -15.31 3.18 28.10
CA ALA C 356 -14.40 2.30 27.37
C ALA C 356 -14.70 2.29 25.89
N ALA C 357 -15.99 2.32 25.51
CA ALA C 357 -16.35 2.32 24.09
C ALA C 357 -16.01 3.65 23.42
N ILE C 358 -16.25 4.77 24.11
CA ILE C 358 -15.91 6.08 23.54
C ILE C 358 -14.40 6.25 23.40
N LYS C 359 -13.64 5.81 24.42
CA LYS C 359 -12.18 5.88 24.35
C LYS C 359 -11.64 4.94 23.29
N GLU C 360 -12.26 3.77 23.10
CA GLU C 360 -11.83 2.86 22.04
C GLU C 360 -12.08 3.46 20.67
N PHE C 361 -13.23 4.12 20.48
CA PHE C 361 -13.55 4.75 19.20
C PHE C 361 -12.60 5.90 18.89
N PHE C 362 -12.29 6.72 19.89
CA PHE C 362 -11.42 7.86 19.62
C PHE C 362 -9.93 7.53 19.67
N GLY C 363 -9.55 6.36 20.18
CA GLY C 363 -8.15 5.99 20.17
C GLY C 363 -7.73 5.01 19.10
N SER C 364 -8.49 3.91 18.92
CA SER C 364 -8.00 2.79 18.13
C SER C 364 -8.95 2.46 16.99
N SER C 365 -9.36 3.46 16.23
CA SER C 365 -10.18 3.27 15.05
C SER C 365 -9.36 3.51 13.79
N GLN C 366 -9.80 2.89 12.70
CA GLN C 366 -9.30 3.22 11.38
C GLN C 366 -9.72 4.63 10.98
N LEU C 367 -10.87 5.09 11.46
CA LEU C 367 -11.38 6.40 11.09
C LEU C 367 -10.72 7.52 11.89
N SER C 368 -10.32 7.27 13.12
CA SER C 368 -9.68 8.27 13.96
C SER C 368 -8.21 8.35 13.59
N GLN C 369 -7.82 9.41 12.89
CA GLN C 369 -6.49 9.51 12.28
C GLN C 369 -5.67 10.60 12.94
N PHE C 370 -4.37 10.33 13.08
CA PHE C 370 -3.42 11.34 13.50
C PHE C 370 -3.36 12.44 12.45
N MET C 371 -3.55 13.68 12.90
CA MET C 371 -3.89 14.77 11.99
C MET C 371 -2.68 15.29 11.23
N ASP C 372 -2.90 15.57 9.94
CA ASP C 372 -1.92 16.25 9.11
C ASP C 372 -2.00 17.75 9.41
N GLN C 373 -1.03 18.24 10.18
CA GLN C 373 -0.99 19.63 10.62
C GLN C 373 0.29 20.31 10.15
N THR C 374 0.72 20.01 8.93
CA THR C 374 1.92 20.62 8.38
C THR C 374 1.69 22.08 8.04
N ASN C 375 0.66 22.36 7.25
CA ASN C 375 0.31 23.71 6.86
C ASN C 375 -1.22 23.82 6.85
N PRO C 376 -1.80 25.03 6.75
CA PRO C 376 -3.26 25.15 6.63
C PRO C 376 -3.90 24.40 5.47
N LEU C 377 -3.20 24.21 4.35
CA LEU C 377 -3.78 23.46 3.24
C LEU C 377 -3.90 21.98 3.56
N ALA C 378 -2.89 21.42 4.23
CA ALA C 378 -2.96 20.01 4.64
C ALA C 378 -4.00 19.81 5.73
N GLU C 379 -4.10 20.78 6.65
CA GLU C 379 -5.13 20.72 7.69
C GLU C 379 -6.54 20.80 7.11
N LEU C 380 -6.74 21.64 6.09
CA LEU C 380 -8.05 21.75 5.46
C LEU C 380 -8.36 20.52 4.61
N THR C 381 -7.35 19.94 3.96
CA THR C 381 -7.58 18.79 3.09
C THR C 381 -7.84 17.52 3.88
N HIS C 382 -7.25 17.37 5.07
CA HIS C 382 -7.45 16.15 5.84
C HIS C 382 -8.88 16.03 6.37
N LYS C 383 -9.54 17.15 6.67
CA LYS C 383 -10.90 17.09 7.18
C LYS C 383 -11.93 16.76 6.10
N ARG C 384 -11.56 16.87 4.83
CA ARG C 384 -12.48 16.61 3.73
C ARG C 384 -12.16 15.31 3.00
N ARG C 385 -11.41 14.41 3.64
CA ARG C 385 -11.07 13.13 3.02
C ARG C 385 -12.27 12.20 3.06
N ILE C 386 -12.43 11.41 2.00
CA ILE C 386 -13.51 10.44 1.87
C ILE C 386 -12.85 9.08 1.68
N SER C 387 -12.83 8.28 2.74
CA SER C 387 -12.18 6.98 2.70
C SER C 387 -13.21 5.86 2.58
N ALA C 388 -12.86 4.83 1.82
CA ALA C 388 -13.73 3.68 1.64
C ALA C 388 -13.35 2.51 2.53
N LEU C 389 -12.31 2.66 3.34
CA LEU C 389 -11.87 1.61 4.25
C LEU C 389 -12.51 1.79 5.62
N GLY C 390 -12.19 0.87 6.53
CA GLY C 390 -12.66 0.96 7.90
C GLY C 390 -13.63 -0.14 8.26
N PRO C 391 -14.12 -0.13 9.50
CA PRO C 391 -15.14 -1.11 9.91
C PRO C 391 -16.47 -0.80 9.24
N GLY C 392 -17.03 -1.82 8.58
CA GLY C 392 -18.24 -1.63 7.80
C GLY C 392 -18.00 -1.13 6.39
N GLY C 393 -16.75 -0.99 5.98
CA GLY C 393 -16.44 -0.51 4.65
C GLY C 393 -15.79 -1.55 3.76
N LEU C 394 -14.48 -1.45 3.56
CA LEU C 394 -13.75 -2.32 2.66
C LEU C 394 -12.49 -2.86 3.33
N THR C 395 -11.96 -3.92 2.73
CA THR C 395 -10.65 -4.47 3.04
C THR C 395 -9.72 -4.17 1.87
N ARG C 396 -8.46 -3.86 2.18
CA ARG C 396 -7.49 -3.55 1.12
C ARG C 396 -7.16 -4.78 0.28
N GLU C 397 -7.23 -5.97 0.87
CA GLU C 397 -7.04 -7.19 0.08
C GLU C 397 -8.24 -7.46 -0.82
N ARG C 398 -9.44 -7.05 -0.40
CA ARG C 398 -10.66 -7.16 -1.19
C ARG C 398 -10.93 -5.93 -2.03
N ALA C 399 -9.88 -5.20 -2.42
CA ALA C 399 -10.01 -3.98 -3.22
C ALA C 399 -9.52 -4.29 -4.63
N GLY C 400 -10.45 -4.46 -5.55
CA GLY C 400 -10.12 -4.76 -6.93
C GLY C 400 -9.89 -3.50 -7.73
N PHE C 401 -9.97 -3.65 -9.06
CA PHE C 401 -9.76 -2.52 -9.95
C PHE C 401 -11.02 -1.67 -10.12
N ALA C 402 -12.19 -2.31 -10.05
CA ALA C 402 -13.44 -1.59 -10.30
C ALA C 402 -13.78 -0.65 -9.15
N VAL C 403 -13.34 -0.96 -7.93
CA VAL C 403 -13.58 -0.07 -6.82
C VAL C 403 -12.57 1.08 -6.80
N ARG C 404 -11.47 0.96 -7.55
CA ARG C 404 -10.51 2.03 -7.70
C ARG C 404 -10.69 2.83 -8.98
N ASP C 405 -11.57 2.39 -9.88
CA ASP C 405 -11.85 3.13 -11.10
C ASP C 405 -12.64 4.40 -10.80
N ILE C 406 -12.64 5.30 -11.78
CA ILE C 406 -13.40 6.55 -11.70
C ILE C 406 -14.76 6.33 -12.34
N HIS C 407 -15.78 6.59 -11.59
CA HIS C 407 -17.16 6.46 -12.06
C HIS C 407 -17.65 7.77 -12.66
N PRO C 408 -18.55 7.71 -13.65
CA PRO C 408 -19.14 8.95 -14.18
C PRO C 408 -19.99 9.72 -13.19
N SER C 409 -20.48 9.08 -12.13
CA SER C 409 -21.23 9.78 -11.10
C SER C 409 -20.34 10.56 -10.15
N HIS C 410 -19.01 10.36 -10.21
CA HIS C 410 -18.07 11.12 -9.42
C HIS C 410 -17.84 12.53 -9.93
N HIS C 411 -18.40 12.87 -11.09
CA HIS C 411 -18.16 14.14 -11.75
C HIS C 411 -18.80 15.27 -10.95
N GLY C 412 -17.97 16.10 -10.33
CA GLY C 412 -18.43 17.19 -9.50
C GLY C 412 -18.44 16.87 -8.02
N ARG C 413 -18.50 15.59 -7.64
CA ARG C 413 -18.65 15.18 -6.26
C ARG C 413 -17.34 14.75 -5.62
N ILE C 414 -16.55 13.93 -6.31
CA ILE C 414 -15.28 13.44 -5.80
C ILE C 414 -14.21 13.81 -6.83
N CYS C 415 -13.10 14.38 -6.34
CA CYS C 415 -12.03 14.83 -7.24
C CYS C 415 -11.33 13.65 -7.89
N PRO C 416 -11.19 13.64 -9.22
CA PRO C 416 -10.51 12.52 -9.89
C PRO C 416 -9.00 12.57 -9.81
N VAL C 417 -8.44 13.69 -9.36
CA VAL C 417 -7.01 13.90 -9.34
C VAL C 417 -6.40 13.51 -8.00
N GLU C 418 -6.88 14.11 -6.91
CA GLU C 418 -6.27 13.96 -5.60
C GLU C 418 -6.59 12.57 -5.03
N THR C 419 -5.56 11.75 -4.90
CA THR C 419 -5.63 10.38 -4.42
C THR C 419 -4.23 9.96 -3.99
N PRO C 420 -4.10 9.04 -3.04
CA PRO C 420 -2.76 8.55 -2.68
C PRO C 420 -2.07 7.84 -3.82
N GLU C 421 -0.73 7.87 -3.79
CA GLU C 421 0.09 7.18 -4.78
C GLU C 421 0.53 5.79 -4.33
N GLY C 422 0.37 5.46 -3.06
CA GLY C 422 0.82 4.19 -2.54
C GLY C 422 -0.12 3.05 -2.83
N PRO C 423 -0.20 2.09 -1.91
CA PRO C 423 -1.11 0.95 -2.11
C PRO C 423 -2.58 1.31 -2.01
N ASN C 424 -2.94 2.39 -1.32
CA ASN C 424 -4.34 2.80 -1.21
C ASN C 424 -4.66 3.87 -2.24
N ALA C 425 -4.44 3.54 -3.51
CA ALA C 425 -4.75 4.43 -4.62
C ALA C 425 -6.16 4.14 -5.10
N GLY C 426 -6.99 5.18 -5.16
CA GLY C 426 -8.37 5.03 -5.53
C GLY C 426 -9.29 4.66 -4.39
N LEU C 427 -8.77 4.42 -3.19
CA LEU C 427 -9.59 4.08 -2.03
C LEU C 427 -9.95 5.31 -1.22
N ILE C 428 -8.97 6.14 -0.90
CA ILE C 428 -9.19 7.36 -0.14
C ILE C 428 -9.33 8.50 -1.14
N GLY C 429 -10.54 9.07 -1.24
CA GLY C 429 -10.81 10.16 -2.13
C GLY C 429 -10.84 11.50 -1.40
N SER C 430 -11.15 12.53 -2.18
CA SER C 430 -11.28 13.88 -1.66
C SER C 430 -12.57 14.50 -2.14
N LEU C 431 -13.25 15.21 -1.26
CA LEU C 431 -14.46 15.92 -1.64
C LEU C 431 -14.11 17.10 -2.54
N ALA C 432 -14.96 17.35 -3.53
CA ALA C 432 -14.70 18.44 -4.47
C ALA C 432 -15.06 19.78 -3.83
N THR C 433 -14.89 20.85 -4.61
CA THR C 433 -14.95 22.19 -4.05
C THR C 433 -16.37 22.61 -3.68
N CYS C 434 -17.29 22.46 -4.62
CA CYS C 434 -18.67 22.89 -4.43
C CYS C 434 -19.57 21.77 -3.90
N ALA C 435 -18.99 20.62 -3.57
CA ALA C 435 -19.78 19.48 -3.15
C ALA C 435 -20.34 19.67 -1.74
N ARG C 436 -21.40 18.92 -1.44
CA ARG C 436 -22.11 19.03 -0.18
C ARG C 436 -22.86 17.73 0.07
N VAL C 437 -22.89 17.31 1.33
CA VAL C 437 -23.56 16.07 1.75
C VAL C 437 -24.92 16.42 2.34
N ASN C 438 -25.98 15.78 1.84
CA ASN C 438 -27.33 16.12 2.25
C ASN C 438 -27.69 15.41 3.56
N ASP C 439 -28.96 15.44 3.93
CA ASP C 439 -29.41 14.89 5.20
C ASP C 439 -29.42 13.37 5.22
N TYR C 440 -29.54 12.72 4.06
CA TYR C 440 -29.52 11.27 4.00
C TYR C 440 -28.12 10.70 3.78
N GLY C 441 -27.13 11.55 3.50
CA GLY C 441 -25.76 11.12 3.34
C GLY C 441 -25.22 11.10 1.94
N PHE C 442 -25.97 11.60 0.96
CA PHE C 442 -25.55 11.57 -0.43
C PHE C 442 -24.95 12.91 -0.83
N ILE C 443 -23.99 12.87 -1.74
CA ILE C 443 -23.26 14.06 -2.16
C ILE C 443 -24.00 14.73 -3.31
N GLU C 444 -24.19 16.05 -3.20
CA GLU C 444 -24.91 16.83 -4.20
C GLU C 444 -24.07 18.01 -4.63
N THR C 445 -24.30 18.46 -5.87
CA THR C 445 -23.54 19.54 -6.50
C THR C 445 -24.46 20.60 -7.08
N PRO C 446 -24.11 21.89 -6.92
CA PRO C 446 -24.99 22.94 -7.42
C PRO C 446 -24.93 23.09 -8.93
N TYR C 447 -26.07 23.43 -9.52
CA TYR C 447 -26.19 23.66 -10.96
C TYR C 447 -27.09 24.84 -11.22
N PHE C 448 -26.73 25.66 -12.21
CA PHE C 448 -27.61 26.72 -12.67
C PHE C 448 -28.65 26.16 -13.63
N ARG C 449 -29.86 26.71 -13.56
CA ARG C 449 -30.89 26.33 -14.51
C ARG C 449 -30.61 26.96 -15.87
N VAL C 450 -31.10 26.30 -16.92
CA VAL C 450 -30.96 26.78 -18.29
C VAL C 450 -32.34 26.76 -18.93
N GLU C 451 -32.82 27.92 -19.35
CA GLU C 451 -34.15 28.06 -19.93
C GLU C 451 -34.04 28.71 -21.29
N SER C 452 -34.50 28.00 -22.33
CA SER C 452 -34.49 28.44 -23.73
C SER C 452 -33.09 28.78 -24.22
N GLY C 453 -32.10 28.01 -23.76
CA GLY C 453 -30.73 28.24 -24.16
C GLY C 453 -30.00 29.32 -23.41
N ARG C 454 -30.60 29.85 -22.34
CA ARG C 454 -30.01 30.94 -21.57
C ARG C 454 -29.71 30.46 -20.16
N VAL C 455 -28.46 30.65 -19.73
CA VAL C 455 -28.09 30.34 -18.35
C VAL C 455 -28.77 31.34 -17.42
N ARG C 456 -29.49 30.82 -16.42
CA ARG C 456 -30.44 31.63 -15.70
C ARG C 456 -29.76 32.58 -14.72
N LYS C 457 -29.09 32.02 -13.70
CA LYS C 457 -28.26 32.75 -12.73
C LYS C 457 -29.02 33.85 -12.00
N ASP C 458 -30.29 33.57 -11.68
CA ASP C 458 -31.15 34.55 -11.02
C ASP C 458 -31.31 34.29 -9.54
N LEU C 459 -31.34 33.02 -9.13
CA LEU C 459 -31.53 32.63 -7.74
C LEU C 459 -30.45 31.63 -7.35
N ASP C 460 -30.64 30.99 -6.20
CA ASP C 460 -29.73 29.95 -5.74
C ASP C 460 -29.77 28.76 -6.68
N PRO C 461 -28.68 27.98 -6.75
CA PRO C 461 -28.70 26.77 -7.59
C PRO C 461 -29.53 25.64 -7.00
N VAL C 462 -29.48 24.47 -7.64
CA VAL C 462 -30.46 23.42 -7.41
C VAL C 462 -29.95 22.34 -6.47
N TYR C 463 -28.64 22.04 -6.50
CA TYR C 463 -27.98 21.00 -5.71
C TYR C 463 -28.59 19.62 -5.99
N LEU C 464 -28.35 19.15 -7.22
CA LEU C 464 -28.81 17.85 -7.65
C LEU C 464 -28.00 16.73 -7.00
N THR C 465 -28.70 15.81 -6.34
CA THR C 465 -28.06 14.69 -5.64
C THR C 465 -28.06 13.42 -6.50
N ALA C 466 -27.28 13.50 -7.59
CA ALA C 466 -27.17 12.46 -8.62
C ALA C 466 -28.53 12.12 -9.24
N ASP C 467 -29.37 13.14 -9.37
CA ASP C 467 -30.66 13.06 -10.05
C ASP C 467 -30.55 13.47 -11.50
N GLU C 468 -29.33 13.52 -12.04
CA GLU C 468 -29.07 14.12 -13.34
C GLU C 468 -28.52 13.14 -14.36
N GLU C 469 -28.51 11.85 -14.05
CA GLU C 469 -28.06 10.86 -15.03
C GLU C 469 -29.18 10.48 -15.99
N ASP C 470 -30.25 9.89 -15.46
CA ASP C 470 -31.34 9.38 -16.25
C ASP C 470 -32.32 10.47 -16.68
N ASP C 471 -32.15 11.70 -16.19
CA ASP C 471 -33.19 12.70 -16.35
C ASP C 471 -32.71 13.95 -17.07
N MET C 472 -31.56 14.51 -16.67
CA MET C 472 -31.16 15.83 -17.11
C MET C 472 -29.95 15.77 -18.04
N ARG C 473 -29.84 16.80 -18.86
CA ARG C 473 -28.68 17.01 -19.73
C ARG C 473 -27.85 18.13 -19.11
N VAL C 474 -26.71 17.79 -18.53
CA VAL C 474 -25.89 18.71 -17.77
C VAL C 474 -24.64 19.04 -18.57
N ALA C 475 -24.33 20.34 -18.70
CA ALA C 475 -23.17 20.91 -19.37
C ALA C 475 -22.13 21.38 -18.36
N PRO C 476 -20.84 21.33 -18.69
CA PRO C 476 -19.82 21.88 -17.79
C PRO C 476 -19.83 23.40 -17.80
N GLY C 477 -19.10 23.97 -16.84
CA GLY C 477 -19.08 25.40 -16.65
C GLY C 477 -18.02 26.13 -17.44
N ASP C 478 -17.54 25.52 -18.53
CA ASP C 478 -16.55 26.16 -19.39
C ASP C 478 -17.07 26.37 -20.81
N ILE C 479 -18.39 26.37 -20.99
CA ILE C 479 -18.95 26.57 -22.32
C ILE C 479 -18.94 28.07 -22.62
N PRO C 480 -18.71 28.48 -23.87
CA PRO C 480 -18.73 29.91 -24.20
C PRO C 480 -20.14 30.47 -24.15
N THR C 481 -20.27 31.66 -23.57
CA THR C 481 -21.56 32.26 -23.30
C THR C 481 -21.39 33.77 -23.28
N ASP C 482 -22.13 34.48 -24.12
CA ASP C 482 -22.11 35.93 -24.08
C ASP C 482 -22.88 36.41 -22.85
N GLU C 483 -22.44 37.55 -22.31
CA GLU C 483 -22.94 38.01 -21.02
C GLU C 483 -24.37 38.52 -21.12
N GLU C 484 -25.17 38.16 -20.12
CA GLU C 484 -26.63 38.39 -20.07
C GLU C 484 -27.32 37.91 -21.34
N GLY C 485 -26.94 36.72 -21.79
CA GLY C 485 -27.44 36.21 -23.04
C GLY C 485 -27.38 34.69 -23.10
N ASN C 486 -27.67 34.17 -24.29
CA ASN C 486 -27.81 32.74 -24.50
C ASN C 486 -26.45 32.05 -24.54
N ILE C 487 -26.48 30.74 -24.74
CA ILE C 487 -25.27 29.95 -24.95
C ILE C 487 -24.93 29.99 -26.43
N ILE C 488 -23.78 30.56 -26.76
CA ILE C 488 -23.39 30.70 -28.15
C ILE C 488 -22.90 29.36 -28.69
N GLY C 489 -23.00 29.20 -30.00
CA GLY C 489 -22.68 27.93 -30.62
C GLY C 489 -23.91 27.06 -30.78
N GLU C 490 -23.92 26.18 -31.78
CA GLU C 490 -25.03 25.28 -32.00
C GLU C 490 -24.80 23.89 -31.44
N SER C 491 -23.62 23.63 -30.87
CA SER C 491 -23.33 22.36 -30.21
C SER C 491 -22.83 22.64 -28.81
N VAL C 492 -23.46 22.01 -27.83
CA VAL C 492 -23.07 22.14 -26.42
C VAL C 492 -22.68 20.76 -25.91
N PRO C 493 -21.50 20.59 -25.32
CA PRO C 493 -21.13 19.29 -24.76
C PRO C 493 -21.89 19.01 -23.48
N ILE C 494 -22.56 17.86 -23.43
CA ILE C 494 -23.38 17.48 -22.29
C ILE C 494 -22.97 16.08 -21.85
N ARG C 495 -23.35 15.74 -20.63
CA ARG C 495 -23.31 14.37 -20.15
C ARG C 495 -24.73 13.92 -19.86
N TYR C 496 -25.07 12.71 -20.28
CA TYR C 496 -26.44 12.23 -20.24
C TYR C 496 -26.42 10.71 -20.23
N ARG C 497 -27.10 10.13 -19.23
CA ARG C 497 -27.19 8.67 -19.02
C ARG C 497 -25.81 8.03 -18.85
N GLN C 498 -24.93 8.75 -18.14
CA GLN C 498 -23.51 8.38 -17.93
C GLN C 498 -22.78 8.21 -19.26
N GLU C 499 -23.12 9.06 -20.24
CA GLU C 499 -22.42 9.10 -21.51
C GLU C 499 -22.16 10.55 -21.88
N PHE C 500 -21.01 10.81 -22.49
CA PHE C 500 -20.74 12.13 -23.03
C PHE C 500 -21.34 12.27 -24.42
N SER C 501 -21.94 13.43 -24.68
CA SER C 501 -22.60 13.68 -25.95
C SER C 501 -22.59 15.18 -26.22
N THR C 502 -23.16 15.57 -27.36
CA THR C 502 -23.30 16.96 -27.76
C THR C 502 -24.73 17.22 -28.21
N THR C 503 -25.34 18.28 -27.68
CA THR C 503 -26.70 18.66 -28.10
C THR C 503 -26.80 20.15 -28.37
N SER C 504 -27.98 20.59 -28.80
CA SER C 504 -28.31 21.98 -29.05
C SER C 504 -28.50 22.71 -27.72
N PRO C 505 -28.25 24.03 -27.67
CA PRO C 505 -28.39 24.76 -26.40
C PRO C 505 -29.83 24.85 -25.88
N GLU C 506 -30.83 24.68 -26.73
CA GLU C 506 -32.22 24.71 -26.26
C GLU C 506 -32.64 23.39 -25.60
N GLN C 507 -31.81 22.35 -25.66
CA GLN C 507 -32.10 21.09 -25.00
C GLN C 507 -31.31 20.90 -23.72
N VAL C 508 -30.48 21.86 -23.35
CA VAL C 508 -29.68 21.76 -22.13
C VAL C 508 -30.55 22.12 -20.93
N ASP C 509 -30.57 21.24 -19.93
CA ASP C 509 -31.36 21.47 -18.73
C ASP C 509 -30.58 22.24 -17.66
N TYR C 510 -29.37 21.80 -17.35
CA TYR C 510 -28.57 22.39 -16.29
C TYR C 510 -27.16 22.66 -16.79
N VAL C 511 -26.47 23.56 -16.09
CA VAL C 511 -25.08 23.88 -16.36
C VAL C 511 -24.38 24.01 -15.01
N ALA C 512 -23.07 23.78 -15.00
CA ALA C 512 -22.30 23.90 -13.79
C ALA C 512 -22.14 25.36 -13.39
N VAL C 513 -21.73 25.57 -12.14
CA VAL C 513 -21.59 26.93 -11.62
C VAL C 513 -20.16 27.44 -11.65
N SER C 514 -19.18 26.56 -11.83
CA SER C 514 -17.77 26.95 -11.80
C SER C 514 -16.99 25.96 -12.64
N PRO C 515 -15.94 26.40 -13.33
CA PRO C 515 -15.08 25.44 -14.04
C PRO C 515 -14.20 24.62 -13.12
N VAL C 516 -14.05 25.01 -11.86
CA VAL C 516 -13.27 24.24 -10.90
C VAL C 516 -14.17 23.42 -9.98
N GLN C 517 -15.40 23.13 -10.42
CA GLN C 517 -16.30 22.26 -9.67
C GLN C 517 -15.84 20.81 -9.66
N ILE C 518 -15.05 20.41 -10.66
CA ILE C 518 -14.62 19.01 -10.76
C ILE C 518 -13.45 18.67 -9.85
N ILE C 519 -12.77 19.66 -9.28
CA ILE C 519 -11.50 19.43 -8.59
C ILE C 519 -11.63 19.86 -7.13
N SER C 520 -10.67 19.43 -6.33
CA SER C 520 -10.64 19.72 -4.90
C SER C 520 -9.96 21.07 -4.66
N VAL C 521 -9.65 21.35 -3.39
CA VAL C 521 -9.14 22.68 -3.02
C VAL C 521 -7.66 22.82 -3.40
N ALA C 522 -6.85 21.83 -3.05
CA ALA C 522 -5.42 21.88 -3.33
C ALA C 522 -5.14 21.80 -4.82
N THR C 523 -6.00 21.13 -5.59
CA THR C 523 -5.86 21.12 -7.04
C THR C 523 -6.35 22.44 -7.64
N SER C 524 -7.32 23.09 -7.02
CA SER C 524 -7.74 24.42 -7.43
C SER C 524 -6.72 25.49 -7.06
N MET C 525 -5.75 25.19 -6.21
CA MET C 525 -4.67 26.12 -5.93
C MET C 525 -3.69 26.27 -7.10
N ILE C 526 -3.74 25.38 -8.09
CA ILE C 526 -2.74 25.32 -9.14
C ILE C 526 -3.20 26.16 -10.33
N PRO C 527 -2.45 27.20 -10.72
CA PRO C 527 -2.82 27.97 -11.90
C PRO C 527 -2.30 27.34 -13.18
N PHE C 528 -3.02 27.63 -14.27
CA PHE C 528 -2.80 27.01 -15.60
C PHE C 528 -2.83 25.50 -15.52
N LEU C 529 -3.89 24.99 -14.87
CA LEU C 529 -4.02 23.55 -14.62
C LEU C 529 -4.29 22.78 -15.90
N GLU C 530 -4.97 23.39 -16.87
CA GLU C 530 -5.33 22.73 -18.11
C GLU C 530 -4.17 22.57 -19.07
N HIS C 531 -3.02 23.17 -18.78
CA HIS C 531 -1.83 23.01 -19.59
C HIS C 531 -0.85 22.00 -18.99
N ASP C 532 -1.24 21.31 -17.93
CA ASP C 532 -0.41 20.31 -17.27
C ASP C 532 -1.05 18.93 -17.41
N ASP C 533 -0.23 17.91 -17.20
CA ASP C 533 -0.71 16.54 -17.12
C ASP C 533 -1.39 16.30 -15.78
N ALA C 534 -2.28 15.31 -15.74
CA ALA C 534 -3.06 15.07 -14.53
C ALA C 534 -2.25 14.43 -13.41
N ASN C 535 -1.26 13.60 -13.76
CA ASN C 535 -0.36 13.05 -12.75
C ASN C 535 0.49 14.14 -12.12
N ARG C 536 0.90 15.13 -12.92
CA ARG C 536 1.66 16.24 -12.39
C ARG C 536 0.79 17.17 -11.56
N ALA C 537 -0.51 17.26 -11.86
CA ALA C 537 -1.42 18.01 -11.00
C ALA C 537 -1.61 17.31 -9.66
N LEU C 538 -1.66 15.98 -9.68
CA LEU C 538 -1.70 15.20 -8.44
C LEU C 538 -0.44 15.41 -7.60
N MET C 539 0.72 15.38 -8.26
CA MET C 539 1.98 15.62 -7.56
C MET C 539 2.06 17.04 -7.02
N GLY C 540 1.52 18.01 -7.76
CA GLY C 540 1.51 19.39 -7.28
C GLY C 540 0.63 19.59 -6.07
N SER C 541 -0.54 18.92 -6.04
CA SER C 541 -1.40 18.97 -4.87
C SER C 541 -0.74 18.31 -3.65
N ASN C 542 -0.12 17.15 -3.87
CA ASN C 542 0.53 16.44 -2.78
C ASN C 542 1.71 17.22 -2.21
N MET C 543 2.49 17.89 -3.08
CA MET C 543 3.60 18.69 -2.59
C MET C 543 3.13 19.99 -1.97
N GLN C 544 1.96 20.50 -2.39
CA GLN C 544 1.40 21.67 -1.75
C GLN C 544 0.90 21.37 -0.35
N ARG C 545 0.53 20.12 -0.08
CA ARG C 545 0.19 19.73 1.28
C ARG C 545 1.40 19.39 2.14
N GLN C 546 2.63 19.52 1.63
CA GLN C 546 3.82 19.15 2.37
C GLN C 546 4.79 20.32 2.58
N ALA C 547 4.37 21.55 2.32
CA ALA C 547 5.24 22.69 2.47
C ALA C 547 5.31 23.13 3.93
N VAL C 548 6.50 23.56 4.35
CA VAL C 548 6.67 24.05 5.73
C VAL C 548 6.33 25.54 5.76
N PRO C 549 5.75 26.04 6.84
CA PRO C 549 5.52 27.49 6.96
C PRO C 549 6.84 28.21 7.22
N LEU C 550 7.10 29.24 6.42
CA LEU C 550 8.37 29.94 6.44
C LEU C 550 8.32 31.08 7.46
N LEU C 551 9.47 31.73 7.63
CA LEU C 551 9.58 32.81 8.62
C LEU C 551 8.85 34.06 8.16
N ARG C 552 9.08 34.48 6.92
CA ARG C 552 8.39 35.62 6.31
C ARG C 552 7.61 35.12 5.11
N PRO C 553 6.36 34.71 5.28
CA PRO C 553 5.57 34.22 4.15
C PRO C 553 5.19 35.35 3.21
N GLU C 554 4.96 34.98 1.94
CA GLU C 554 4.70 35.93 0.87
C GLU C 554 3.67 35.36 -0.10
N ARG C 555 2.73 36.20 -0.51
CA ARG C 555 1.66 35.78 -1.39
C ARG C 555 2.19 35.54 -2.81
N PRO C 556 1.58 34.62 -3.55
CA PRO C 556 2.02 34.39 -4.95
C PRO C 556 1.65 35.54 -5.86
N LEU C 557 2.54 35.80 -6.82
CA LEU C 557 2.26 36.79 -7.85
C LEU C 557 1.21 36.29 -8.84
N VAL C 558 1.03 34.98 -8.97
CA VAL C 558 -0.03 34.39 -9.79
C VAL C 558 -0.78 33.40 -8.90
N GLY C 559 -2.06 33.67 -8.68
CA GLY C 559 -2.89 32.75 -7.92
C GLY C 559 -4.13 32.37 -8.68
N THR C 560 -5.06 31.69 -8.03
CA THR C 560 -6.32 31.31 -8.65
C THR C 560 -7.53 32.01 -8.06
N GLY C 561 -7.57 32.21 -6.74
CA GLY C 561 -8.67 32.93 -6.13
C GLY C 561 -9.30 32.25 -4.93
N LEU C 562 -8.92 31.01 -4.66
CA LEU C 562 -9.44 30.27 -3.51
C LEU C 562 -8.57 30.39 -2.29
N GLU C 563 -7.51 31.21 -2.34
CA GLU C 563 -6.55 31.30 -1.25
C GLU C 563 -7.15 31.98 -0.02
N ALA C 564 -7.97 33.01 -0.24
CA ALA C 564 -8.59 33.73 0.87
C ALA C 564 -9.63 32.87 1.58
N GLN C 565 -10.43 32.13 0.83
CA GLN C 565 -11.40 31.23 1.45
C GLN C 565 -10.73 30.05 2.14
N ALA C 566 -9.62 29.55 1.58
CA ALA C 566 -8.89 28.48 2.24
C ALA C 566 -8.25 28.95 3.54
N ALA C 567 -7.72 30.17 3.56
CA ALA C 567 -7.16 30.72 4.79
C ALA C 567 -8.25 31.02 5.81
N ARG C 568 -9.44 31.42 5.36
CA ARG C 568 -10.52 31.69 6.30
C ARG C 568 -11.07 30.40 6.90
N ASP C 569 -11.15 29.33 6.11
CA ASP C 569 -11.75 28.09 6.57
C ASP C 569 -10.75 27.11 7.16
N SER C 570 -9.45 27.40 7.10
CA SER C 570 -8.48 26.54 7.78
C SER C 570 -8.57 26.70 9.29
N GLY C 571 -8.73 27.93 9.76
CA GLY C 571 -8.79 28.20 11.19
C GLY C 571 -7.53 28.79 11.78
N MET C 572 -6.56 29.18 10.95
CA MET C 572 -5.32 29.78 11.41
C MET C 572 -5.36 31.30 11.37
N VAL C 573 -6.53 31.88 11.11
CA VAL C 573 -6.68 33.32 10.91
C VAL C 573 -7.70 33.82 11.91
N ILE C 574 -7.31 34.82 12.70
CA ILE C 574 -8.24 35.45 13.63
C ILE C 574 -9.20 36.32 12.82
N VAL C 575 -10.46 35.95 12.80
CA VAL C 575 -11.49 36.68 12.06
C VAL C 575 -12.28 37.53 13.04
N SER C 576 -12.59 38.76 12.64
CA SER C 576 -13.44 39.61 13.44
C SER C 576 -14.89 39.12 13.38
N ARG C 577 -15.67 39.56 14.37
CA ARG C 577 -17.07 39.17 14.48
C ARG C 577 -18.03 40.35 14.45
N THR C 578 -17.66 41.48 15.05
CA THR C 578 -18.52 42.64 15.16
C THR C 578 -17.88 43.84 14.50
N HIS C 579 -18.69 44.85 14.22
CA HIS C 579 -18.17 46.18 13.91
C HIS C 579 -17.48 46.75 15.14
N GLY C 580 -16.46 47.57 14.92
CA GLY C 580 -15.83 48.17 16.08
C GLY C 580 -14.58 48.94 15.73
N ILE C 581 -13.93 49.44 16.77
CA ILE C 581 -12.69 50.19 16.66
C ILE C 581 -11.63 49.46 17.49
N VAL C 582 -10.50 49.14 16.86
CA VAL C 582 -9.41 48.46 17.55
C VAL C 582 -8.72 49.44 18.48
N THR C 583 -8.63 49.10 19.76
CA THR C 583 -8.10 50.00 20.78
C THR C 583 -6.68 49.67 21.22
N TYR C 584 -6.25 48.42 21.10
CA TYR C 584 -4.94 48.02 21.60
C TYR C 584 -4.44 46.81 20.83
N VAL C 585 -3.22 46.90 20.31
CA VAL C 585 -2.57 45.82 19.59
C VAL C 585 -1.14 45.68 20.10
N ASP C 586 -0.78 44.48 20.52
CA ASP C 586 0.61 44.11 20.73
C ASP C 586 0.80 42.73 20.11
N ALA C 587 1.93 42.10 20.40
CA ALA C 587 2.27 40.80 19.81
C ALA C 587 1.51 39.64 20.42
N THR C 588 0.71 39.85 21.46
CA THR C 588 -0.02 38.77 22.11
C THR C 588 -1.51 39.02 22.26
N GLU C 589 -2.02 40.20 21.92
CA GLU C 589 -3.40 40.55 22.23
C GLU C 589 -3.89 41.63 21.30
N ILE C 590 -5.13 41.48 20.82
CA ILE C 590 -5.83 42.51 20.07
C ILE C 590 -7.13 42.81 20.80
N ARG C 591 -7.32 44.06 21.22
CA ARG C 591 -8.50 44.48 21.93
C ARG C 591 -9.34 45.39 21.04
N VAL C 592 -10.65 45.16 21.03
CA VAL C 592 -11.56 45.95 20.20
C VAL C 592 -12.89 46.15 20.93
N GLN C 593 -13.36 47.39 20.99
CA GLN C 593 -14.69 47.63 21.53
C GLN C 593 -15.72 47.51 20.40
N PRO C 594 -16.81 46.79 20.63
CA PRO C 594 -17.83 46.66 19.59
C PRO C 594 -18.89 47.75 19.65
N HIS C 595 -19.37 48.19 18.49
CA HIS C 595 -20.47 49.14 18.39
C HIS C 595 -21.18 48.97 17.07
N SER C 596 -22.51 48.90 17.12
CA SER C 596 -23.33 48.84 15.92
C SER C 596 -24.71 49.42 16.18
N GLY C 604 -18.52 43.90 29.24
CA GLY C 604 -18.93 43.25 28.02
C GLY C 604 -18.86 44.15 26.79
N GLU C 605 -17.92 45.08 26.81
CA GLU C 605 -17.71 46.01 25.71
C GLU C 605 -16.25 46.02 25.25
N GLU C 606 -15.53 44.93 25.51
CA GLU C 606 -14.16 44.76 25.06
C GLU C 606 -13.97 43.29 24.70
N ILE C 607 -13.66 43.03 23.43
CA ILE C 607 -13.40 41.68 22.96
C ILE C 607 -11.89 41.50 22.87
N VAL C 608 -11.37 40.49 23.57
CA VAL C 608 -9.94 40.23 23.64
C VAL C 608 -9.64 39.01 22.78
N TYR C 609 -8.91 39.22 21.68
CA TYR C 609 -8.51 38.12 20.82
C TYR C 609 -7.10 37.70 21.18
N PRO C 610 -6.90 36.49 21.73
CA PRO C 610 -5.54 36.05 22.02
C PRO C 610 -4.81 35.58 20.78
N ILE C 611 -3.51 35.89 20.73
CA ILE C 611 -2.66 35.60 19.59
C ILE C 611 -1.61 34.59 20.03
N GLN C 612 -1.58 33.42 19.39
CA GLN C 612 -0.67 32.37 19.81
C GLN C 612 0.73 32.62 19.26
N LYS C 613 1.74 32.27 20.06
CA LYS C 613 3.13 32.60 19.77
C LYS C 613 3.98 31.35 19.88
N TYR C 614 4.44 30.85 18.73
CA TYR C 614 5.46 29.80 18.61
C TYR C 614 5.02 28.49 19.28
N GLN C 615 3.86 27.99 18.86
CA GLN C 615 3.37 26.71 19.32
C GLN C 615 3.80 25.61 18.35
N ARG C 616 3.69 24.38 18.81
CA ARG C 616 4.15 23.20 18.08
C ARG C 616 2.97 22.49 17.44
N SER C 617 3.12 22.11 16.18
CA SER C 617 2.10 21.36 15.47
C SER C 617 2.34 19.87 15.68
N ASN C 618 1.58 19.02 14.99
CA ASN C 618 1.78 17.58 15.11
C ASN C 618 3.05 17.13 14.40
N GLN C 619 3.48 17.89 13.39
CA GLN C 619 4.63 17.54 12.58
C GLN C 619 5.88 18.34 12.95
N ASP C 620 5.90 18.88 14.17
CA ASP C 620 7.01 19.68 14.73
C ASP C 620 7.30 20.93 13.88
N THR C 621 6.25 21.62 13.48
CA THR C 621 6.37 22.90 12.80
C THR C 621 5.74 23.99 13.66
N CYS C 622 5.93 25.23 13.24
CA CYS C 622 5.49 26.37 14.02
C CYS C 622 4.04 26.72 13.71
N LEU C 623 3.32 27.14 14.75
CA LEU C 623 1.98 27.71 14.63
C LEU C 623 2.04 29.09 15.28
N ASN C 624 2.41 30.09 14.50
CA ASN C 624 2.63 31.45 14.99
C ASN C 624 1.66 32.40 14.30
N GLN C 625 1.16 33.38 15.05
CA GLN C 625 0.25 34.37 14.51
C GLN C 625 0.81 35.78 14.72
N ARG C 626 0.52 36.66 13.76
CA ARG C 626 1.00 38.03 13.77
C ARG C 626 -0.18 38.98 13.60
N PRO C 627 -0.17 40.12 14.30
CA PRO C 627 -1.26 41.09 14.10
C PRO C 627 -1.10 41.84 12.78
N LEU C 628 -2.24 42.19 12.19
CA LEU C 628 -2.26 42.99 10.97
C LEU C 628 -2.86 44.38 11.15
N VAL C 629 -3.82 44.55 12.04
CA VAL C 629 -4.48 45.82 12.24
C VAL C 629 -3.68 46.64 13.25
N TYR C 630 -3.87 47.95 13.20
CA TYR C 630 -3.23 48.89 14.12
C TYR C 630 -4.27 49.48 15.06
N ALA C 631 -3.80 50.28 16.01
CA ALA C 631 -4.69 50.89 16.98
C ALA C 631 -5.45 52.05 16.37
N GLY C 632 -6.78 52.01 16.45
CA GLY C 632 -7.61 53.13 16.06
C GLY C 632 -8.09 53.13 14.63
N GLU C 633 -8.73 52.04 14.18
CA GLU C 633 -9.33 52.02 12.86
C GLU C 633 -10.56 51.13 12.88
N ASP C 634 -11.50 51.45 12.00
CA ASP C 634 -12.76 50.71 11.93
C ASP C 634 -12.54 49.30 11.40
N VAL C 635 -13.36 48.37 11.88
CA VAL C 635 -13.24 46.96 11.54
C VAL C 635 -14.62 46.44 11.15
N VAL C 636 -14.71 45.85 9.96
CA VAL C 636 -15.93 45.24 9.44
C VAL C 636 -15.95 43.80 9.95
N PRO C 637 -17.12 43.21 10.24
CA PRO C 637 -17.18 41.76 10.48
C PRO C 637 -16.70 40.98 9.27
N GLY C 638 -15.82 40.02 9.52
CA GLY C 638 -15.16 39.27 8.47
C GLY C 638 -13.78 39.78 8.10
N GLN C 639 -13.35 40.90 8.68
CA GLN C 639 -12.03 41.43 8.40
C GLN C 639 -10.98 40.59 9.11
N VAL C 640 -9.89 40.28 8.40
CA VAL C 640 -8.78 39.54 8.99
C VAL C 640 -8.05 40.46 9.97
N LEU C 641 -7.99 40.06 11.24
CA LEU C 641 -7.25 40.80 12.25
C LEU C 641 -5.83 40.27 12.42
N ALA C 642 -5.67 38.95 12.41
CA ALA C 642 -4.36 38.33 12.54
C ALA C 642 -4.25 37.19 11.55
N ASP C 643 -3.05 37.00 11.02
CA ASP C 643 -2.78 35.95 10.04
C ASP C 643 -1.80 34.94 10.61
N GLY C 644 -1.91 33.70 10.14
CA GLY C 644 -1.21 32.57 10.71
C GLY C 644 0.20 32.37 10.20
N SER C 645 0.64 31.12 10.21
CA SER C 645 2.03 30.79 9.95
C SER C 645 2.32 30.72 8.44
N ALA C 646 1.47 30.03 7.69
CA ALA C 646 1.58 29.94 6.24
C ALA C 646 0.54 30.83 5.56
N THR C 647 0.31 32.01 6.14
CA THR C 647 -0.73 32.92 5.70
C THR C 647 -0.22 34.34 5.88
N GLU C 648 -0.31 35.16 4.85
CA GLU C 648 -0.03 36.57 5.00
C GLU C 648 -1.02 37.38 4.16
N GLY C 649 -1.45 38.52 4.70
CA GLY C 649 -2.45 39.33 4.05
C GLY C 649 -3.83 38.73 4.02
N GLY C 650 -4.10 37.74 4.88
CA GLY C 650 -5.37 37.05 4.87
C GLY C 650 -5.49 35.94 3.85
N GLU C 651 -4.46 35.71 3.05
CA GLU C 651 -4.48 34.71 2.00
C GLU C 651 -3.40 33.66 2.26
N LEU C 652 -3.57 32.50 1.62
CA LEU C 652 -2.62 31.40 1.77
C LEU C 652 -1.30 31.75 1.09
N ALA C 653 -0.20 31.51 1.80
CA ALA C 653 1.14 31.88 1.33
C ALA C 653 2.10 30.77 1.74
N LEU C 654 2.29 29.79 0.84
CA LEU C 654 3.06 28.60 1.18
C LEU C 654 4.53 28.72 0.83
N GLY C 655 4.88 29.52 -0.18
CA GLY C 655 6.26 29.67 -0.58
C GLY C 655 6.65 31.09 -0.90
N GLN C 656 7.72 31.28 -1.66
CA GLN C 656 8.21 32.60 -2.03
C GLN C 656 8.31 32.70 -3.55
N ASN C 657 8.35 33.94 -4.03
CA ASN C 657 8.51 34.23 -5.45
C ASN C 657 9.98 34.55 -5.72
N ILE C 658 10.64 33.70 -6.50
CA ILE C 658 12.06 33.85 -6.79
C ILE C 658 12.26 33.85 -8.30
N LEU C 659 13.43 34.34 -8.71
CA LEU C 659 13.75 34.56 -10.11
C LEU C 659 14.36 33.31 -10.70
N VAL C 660 13.65 32.67 -11.64
CA VAL C 660 14.14 31.45 -12.28
C VAL C 660 14.84 31.79 -13.58
N ALA C 661 15.66 30.85 -14.04
CA ALA C 661 16.19 30.83 -15.39
C ALA C 661 16.24 29.37 -15.82
N TYR C 662 15.49 29.01 -16.84
CA TYR C 662 15.44 27.63 -17.31
C TYR C 662 16.67 27.39 -18.17
N MET C 663 17.74 26.88 -17.55
CA MET C 663 19.01 26.70 -18.23
C MET C 663 19.80 25.64 -17.48
N PRO C 664 20.67 24.90 -18.17
CA PRO C 664 21.57 23.97 -17.48
C PRO C 664 22.85 24.66 -17.02
N TRP C 665 23.23 24.35 -15.78
CA TRP C 665 24.52 24.76 -15.24
C TRP C 665 25.52 23.63 -15.53
N GLU C 666 26.69 23.66 -14.87
CA GLU C 666 27.76 22.71 -15.13
C GLU C 666 27.50 21.36 -14.44
N GLY C 667 26.40 20.72 -14.84
CA GLY C 667 26.00 19.46 -14.27
C GLY C 667 25.44 19.52 -12.87
N TYR C 668 25.12 20.70 -12.36
CA TYR C 668 24.62 20.85 -11.00
C TYR C 668 23.11 20.79 -10.90
N ASN C 669 22.40 20.83 -12.03
CA ASN C 669 20.97 20.58 -12.07
C ASN C 669 20.71 19.45 -13.05
N TYR C 670 21.45 18.35 -12.90
CA TYR C 670 21.57 17.34 -13.95
C TYR C 670 20.29 16.53 -14.10
N GLU C 671 19.92 15.77 -13.08
CA GLU C 671 18.73 14.92 -13.15
C GLU C 671 17.82 15.36 -12.01
N ASP C 672 17.04 16.41 -12.27
CA ASP C 672 16.13 17.07 -11.34
C ASP C 672 16.84 17.62 -10.10
N ALA C 673 18.14 17.89 -10.18
CA ALA C 673 18.80 18.63 -9.12
C ALA C 673 18.54 20.11 -9.30
N ILE C 674 18.89 20.90 -8.30
CA ILE C 674 18.52 22.31 -8.24
C ILE C 674 19.73 23.14 -7.84
N LEU C 675 20.03 24.18 -8.61
CA LEU C 675 21.04 25.17 -8.30
C LEU C 675 20.37 26.45 -7.78
N ILE C 676 20.76 26.89 -6.58
CA ILE C 676 20.25 28.15 -6.03
C ILE C 676 21.42 29.05 -5.68
N SER C 677 21.12 30.28 -5.27
CA SER C 677 22.13 31.25 -4.88
C SER C 677 22.20 31.37 -3.36
N GLU C 678 23.18 32.16 -2.90
CA GLU C 678 23.34 32.42 -1.48
C GLU C 678 22.41 33.51 -0.97
N ARG C 679 21.74 34.24 -1.86
CA ARG C 679 20.77 35.25 -1.44
C ARG C 679 19.59 34.62 -0.72
N LEU C 680 19.22 33.41 -1.12
CA LEU C 680 18.21 32.64 -0.41
C LEU C 680 18.70 32.08 0.91
N VAL C 681 19.97 32.26 1.26
CA VAL C 681 20.49 31.93 2.58
C VAL C 681 20.62 33.17 3.44
N TYR C 682 21.25 34.23 2.93
CA TYR C 682 21.49 35.38 3.80
C TYR C 682 20.28 36.31 3.90
N ASP C 683 19.36 36.27 2.95
CA ASP C 683 18.16 37.09 3.02
C ASP C 683 17.05 36.43 3.82
N ASP C 684 17.33 35.29 4.46
CA ASP C 684 16.40 34.52 5.29
C ASP C 684 15.16 34.07 4.51
N VAL C 685 15.30 33.91 3.21
CA VAL C 685 14.30 33.23 2.41
C VAL C 685 14.39 31.75 2.74
N TYR C 686 13.23 31.07 2.78
CA TYR C 686 13.12 29.64 3.05
C TYR C 686 13.71 29.23 4.40
N THR C 687 13.65 30.11 5.38
CA THR C 687 14.03 29.80 6.75
C THR C 687 12.75 29.47 7.52
N SER C 688 12.77 28.33 8.22
CA SER C 688 11.60 27.85 8.93
C SER C 688 11.98 27.56 10.38
N ILE C 689 10.95 27.45 11.22
CA ILE C 689 11.12 27.16 12.63
C ILE C 689 10.51 25.78 12.90
N HIS C 690 11.26 24.94 13.60
CA HIS C 690 10.79 23.61 13.99
C HIS C 690 11.00 23.44 15.48
N ILE C 691 9.95 23.02 16.17
CA ILE C 691 9.96 22.86 17.62
C ILE C 691 9.85 21.38 17.95
N GLU C 692 10.88 20.84 18.59
CA GLU C 692 10.88 19.46 19.04
C GLU C 692 10.47 19.39 20.51
N LYS C 693 9.94 18.24 20.90
CA LYS C 693 9.43 18.04 22.25
C LYS C 693 10.06 16.79 22.86
N PHE C 694 10.59 16.94 24.07
CA PHE C 694 11.23 15.84 24.78
C PHE C 694 10.55 15.65 26.13
N GLU C 695 10.34 14.39 26.51
CA GLU C 695 9.62 14.04 27.72
C GLU C 695 10.37 12.95 28.48
N ILE C 696 10.50 13.12 29.79
CA ILE C 696 11.15 12.15 30.66
C ILE C 696 10.25 11.93 31.87
N GLU C 697 10.16 10.67 32.32
CA GLU C 697 9.38 10.31 33.49
C GLU C 697 10.29 9.73 34.57
N ALA C 698 10.16 10.24 35.78
CA ALA C 698 10.86 9.68 36.94
C ALA C 698 10.01 8.56 37.49
N ARG C 699 10.27 7.34 37.01
CA ARG C 699 9.42 6.19 37.30
C ARG C 699 9.67 5.66 38.70
N GLN C 700 8.86 4.68 39.09
CA GLN C 700 9.05 3.95 40.33
C GLN C 700 9.55 2.55 40.00
N THR C 701 10.73 2.22 40.51
CA THR C 701 11.36 0.92 40.30
C THR C 701 11.26 0.14 41.60
N LYS C 702 11.34 -1.20 41.49
CA LYS C 702 11.28 -2.05 42.68
C LYS C 702 12.50 -1.85 43.57
N LEU C 703 13.66 -1.58 42.98
CA LEU C 703 14.89 -1.39 43.73
C LEU C 703 14.98 -0.03 44.41
N GLY C 704 14.06 0.88 44.12
CA GLY C 704 14.08 2.20 44.69
C GLY C 704 13.47 3.21 43.74
N PRO C 705 13.16 4.41 44.24
CA PRO C 705 12.60 5.43 43.35
C PRO C 705 13.68 6.14 42.52
N GLU C 706 13.35 6.37 41.25
CA GLU C 706 14.20 7.20 40.40
C GLU C 706 14.02 8.66 40.79
N GLU C 707 15.13 9.39 40.92
CA GLU C 707 15.08 10.79 41.28
C GLU C 707 15.76 11.64 40.22
N ILE C 708 15.22 12.84 40.03
CA ILE C 708 15.76 13.81 39.08
C ILE C 708 16.64 14.76 39.88
N THR C 709 17.94 14.73 39.62
CA THR C 709 18.91 15.38 40.47
C THR C 709 19.99 16.05 39.63
N ARG C 710 20.79 16.87 40.29
CA ARG C 710 21.93 17.52 39.66
C ARG C 710 23.21 16.71 39.81
N GLU C 711 23.32 15.86 40.83
CA GLU C 711 24.52 15.08 41.09
C GLU C 711 24.45 13.81 40.25
N ILE C 712 25.21 13.79 39.15
CA ILE C 712 25.23 12.68 38.22
C ILE C 712 26.64 12.10 38.22
N PRO C 713 26.81 10.78 38.31
CA PRO C 713 28.16 10.20 38.24
C PRO C 713 28.74 10.27 36.84
N ASN C 714 30.07 10.35 36.79
CA ASN C 714 30.88 10.36 35.56
C ASN C 714 30.56 11.53 34.65
N VAL C 715 30.12 12.66 35.22
CA VAL C 715 29.82 13.88 34.47
C VAL C 715 30.68 15.00 35.03
N GLY C 716 31.32 15.76 34.14
CA GLY C 716 32.30 16.74 34.53
C GLY C 716 31.77 18.01 35.20
N GLU C 717 32.56 19.08 35.08
CA GLU C 717 32.27 20.33 35.77
C GLU C 717 31.34 21.25 34.99
N ASP C 718 31.67 21.55 33.75
CA ASP C 718 30.94 22.52 32.95
C ASP C 718 29.86 21.88 32.08
N ALA C 719 29.48 20.64 32.36
CA ALA C 719 28.32 20.02 31.75
C ALA C 719 27.04 20.26 32.54
N LEU C 720 27.11 21.09 33.58
CA LEU C 720 25.98 21.36 34.47
C LEU C 720 25.70 22.84 34.60
N ARG C 721 26.21 23.67 33.69
CA ARG C 721 26.01 25.11 33.80
C ARG C 721 24.58 25.51 33.49
N ASN C 722 23.95 24.84 32.52
CA ASN C 722 22.61 25.20 32.12
C ASN C 722 21.54 24.57 33.00
N LEU C 723 21.89 23.57 33.79
CA LEU C 723 20.92 22.96 34.70
C LEU C 723 20.65 23.88 35.88
N ASP C 724 19.44 23.78 36.43
CA ASP C 724 19.05 24.57 37.59
C ASP C 724 19.43 23.82 38.86
N GLU C 725 18.88 24.24 40.01
CA GLU C 725 19.17 23.57 41.27
C GLU C 725 18.54 22.18 41.36
N HIS C 726 17.52 21.90 40.54
CA HIS C 726 16.87 20.60 40.54
C HIS C 726 17.42 19.65 39.48
N GLY C 727 18.34 20.10 38.65
CA GLY C 727 18.90 19.28 37.60
C GLY C 727 18.22 19.40 36.26
N ILE C 728 17.46 20.47 36.02
CA ILE C 728 16.72 20.68 34.79
C ILE C 728 17.23 21.95 34.14
N ILE C 729 17.25 21.97 32.80
CA ILE C 729 17.71 23.13 32.04
C ILE C 729 16.78 24.32 32.24
N ARG C 730 17.28 25.51 31.95
CA ARG C 730 16.52 26.74 32.05
C ARG C 730 16.04 27.20 30.67
N ILE C 731 15.07 28.11 30.69
CA ILE C 731 14.54 28.66 29.45
C ILE C 731 15.56 29.60 28.83
N GLY C 732 15.83 29.42 27.54
CA GLY C 732 16.74 30.28 26.83
C GLY C 732 18.17 29.79 26.73
N ALA C 733 18.42 28.54 27.13
CA ALA C 733 19.75 27.97 27.02
C ALA C 733 19.94 27.32 25.66
N TRP C 734 21.16 27.39 25.14
CA TRP C 734 21.50 26.74 23.89
C TRP C 734 21.98 25.33 24.16
N VAL C 735 21.40 24.36 23.45
CA VAL C 735 21.75 22.96 23.61
C VAL C 735 22.20 22.40 22.27
N GLU C 736 23.18 21.52 22.29
CA GLU C 736 23.66 20.79 21.13
C GLU C 736 23.63 19.30 21.44
N SER C 737 24.11 18.50 20.48
CA SER C 737 23.97 17.06 20.53
C SER C 737 24.83 16.46 21.64
N GLY C 738 24.19 15.83 22.61
CA GLY C 738 24.87 15.27 23.76
C GLY C 738 24.73 16.07 25.04
N ASP C 739 24.12 17.26 24.97
CA ASP C 739 23.94 18.07 26.18
C ASP C 739 22.84 17.47 27.05
N ILE C 740 22.99 17.65 28.36
CA ILE C 740 22.05 17.09 29.33
C ILE C 740 20.86 18.02 29.45
N LEU C 741 19.66 17.47 29.24
CA LEU C 741 18.43 18.23 29.45
C LEU C 741 17.88 18.04 30.85
N VAL C 742 17.72 16.78 31.28
CA VAL C 742 17.24 16.45 32.61
C VAL C 742 18.16 15.38 33.17
N GLY C 743 18.79 15.66 34.31
CA GLY C 743 19.63 14.68 34.97
C GLY C 743 18.81 13.73 35.82
N LYS C 744 18.95 12.43 35.57
CA LYS C 744 18.18 11.41 36.28
C LYS C 744 19.09 10.25 36.63
N VAL C 745 18.84 9.65 37.81
CA VAL C 745 19.58 8.49 38.26
C VAL C 745 18.61 7.43 38.74
N THR C 746 19.05 6.18 38.72
CA THR C 746 18.25 5.04 39.18
C THR C 746 19.11 4.11 40.01
N PRO C 747 18.56 3.55 41.10
CA PRO C 747 19.38 2.75 42.02
C PRO C 747 19.65 1.33 41.54
N LYS C 748 20.71 1.13 40.76
CA LYS C 748 21.16 -0.21 40.42
C LYS C 748 21.65 -0.94 41.66
N GLY C 749 21.40 -2.25 41.71
CA GLY C 749 21.69 -2.99 42.92
C GLY C 749 22.20 -4.40 42.75
N GLU C 750 22.73 -4.74 41.59
CA GLU C 750 23.24 -6.10 41.39
C GLU C 750 24.64 -6.26 41.98
N ALA C 751 25.58 -5.41 41.55
CA ALA C 751 26.97 -5.35 42.02
C ALA C 751 27.68 -6.69 41.83
N ASP C 752 27.79 -7.09 40.56
CA ASP C 752 28.53 -8.26 40.14
C ASP C 752 29.73 -7.79 39.30
N GLN C 753 30.86 -7.60 39.96
CA GLN C 753 31.99 -7.00 39.25
C GLN C 753 32.98 -8.07 38.81
N PRO C 754 33.50 -7.94 37.59
CA PRO C 754 34.56 -8.84 37.11
C PRO C 754 35.87 -8.61 37.84
N PRO C 755 36.83 -9.53 37.72
CA PRO C 755 38.13 -9.32 38.39
C PRO C 755 38.93 -8.11 37.90
N GLU C 756 38.73 -7.68 36.66
CA GLU C 756 39.45 -6.51 36.16
C GLU C 756 39.01 -5.24 36.87
N GLU C 757 37.69 -5.04 36.98
CA GLU C 757 37.15 -3.91 37.72
C GLU C 757 37.46 -4.00 39.20
N LYS C 758 37.49 -5.22 39.76
CA LYS C 758 37.82 -5.40 41.17
C LYS C 758 39.26 -5.02 41.46
N LEU C 759 40.19 -5.38 40.56
CA LEU C 759 41.59 -4.99 40.76
C LEU C 759 41.79 -3.50 40.52
N LEU C 760 41.09 -2.93 39.53
CA LEU C 760 41.25 -1.50 39.25
C LEU C 760 40.64 -0.65 40.36
N ARG C 761 39.62 -1.14 41.05
CA ARG C 761 39.14 -0.47 42.24
C ARG C 761 39.91 -0.86 43.49
N ALA C 762 40.73 -1.91 43.43
CA ALA C 762 41.66 -2.17 44.51
C ALA C 762 42.83 -1.20 44.47
N ILE C 763 43.28 -0.83 43.28
CA ILE C 763 44.46 0.02 43.15
C ILE C 763 44.11 1.47 43.45
N PHE C 764 43.22 2.06 42.65
CA PHE C 764 43.08 3.52 42.59
C PHE C 764 41.91 4.05 43.40
N GLY C 765 41.53 3.39 44.48
CA GLY C 765 40.42 3.89 45.28
C GLY C 765 39.09 3.48 44.68
N GLU C 766 38.43 4.42 43.98
CA GLU C 766 37.34 4.16 43.04
C GLU C 766 36.15 3.46 43.70
N LYS C 767 35.52 4.17 44.63
CA LYS C 767 34.33 3.66 45.29
C LYS C 767 33.15 3.68 44.31
N ALA C 768 32.61 2.51 44.00
CA ALA C 768 31.51 2.42 43.05
C ALA C 768 30.20 2.84 43.68
N ARG C 769 29.51 3.77 43.04
CA ARG C 769 28.28 4.33 43.59
C ARG C 769 27.10 3.40 43.35
N ASP C 770 26.02 3.66 44.07
CA ASP C 770 24.82 2.83 44.03
C ASP C 770 23.83 3.23 42.94
N VAL C 771 24.01 4.41 42.34
CA VAL C 771 23.14 4.85 41.26
C VAL C 771 23.93 4.84 39.96
N ARG C 772 23.20 4.90 38.85
CA ARG C 772 23.80 4.97 37.52
C ARG C 772 23.17 6.11 36.74
N ASP C 773 23.82 6.49 35.65
CA ASP C 773 23.38 7.61 34.83
C ASP C 773 22.19 7.18 33.97
N ASN C 774 21.13 7.99 33.99
CA ASN C 774 19.95 7.75 33.16
C ASN C 774 19.38 9.06 32.62
N SER C 775 20.24 10.04 32.37
CA SER C 775 19.80 11.39 32.06
C SER C 775 19.21 11.47 30.66
N LEU C 776 18.36 12.48 30.47
CA LEU C 776 17.80 12.79 29.16
C LEU C 776 18.78 13.69 28.41
N ARG C 777 19.18 13.26 27.22
CA ARG C 777 20.19 13.95 26.43
C ARG C 777 19.62 14.31 25.07
N VAL C 778 20.25 15.29 24.44
CA VAL C 778 19.87 15.67 23.06
C VAL C 778 20.36 14.58 22.11
N PRO C 779 19.54 14.16 21.12
CA PRO C 779 20.03 13.18 20.14
C PRO C 779 21.07 13.74 19.19
N ASN C 780 21.55 12.92 18.26
CA ASN C 780 22.60 13.34 17.33
C ASN C 780 22.05 14.35 16.34
N GLY C 781 22.62 15.55 16.34
CA GLY C 781 22.01 16.71 15.71
C GLY C 781 21.10 17.41 16.69
N GLU C 782 20.00 17.98 16.19
CA GLU C 782 18.90 18.52 17.00
C GLU C 782 19.35 19.63 17.94
N LYS C 783 20.27 20.49 17.47
CA LYS C 783 20.63 21.67 18.23
C LYS C 783 19.51 22.70 18.20
N GLY C 784 19.52 23.61 19.16
CA GLY C 784 18.51 24.65 19.20
C GLY C 784 18.44 25.32 20.56
N ARG C 785 17.40 26.11 20.72
CA ARG C 785 17.17 26.91 21.91
C ARG C 785 16.00 26.34 22.71
N VAL C 786 16.15 26.31 24.03
CA VAL C 786 15.10 25.80 24.92
C VAL C 786 14.09 26.91 25.18
N VAL C 787 12.81 26.62 24.95
CA VAL C 787 11.77 27.64 25.06
C VAL C 787 10.70 27.31 26.07
N ASP C 788 10.56 26.07 26.54
CA ASP C 788 9.48 25.73 27.47
C ASP C 788 9.89 24.50 28.26
N VAL C 789 9.96 24.62 29.59
CA VAL C 789 10.52 23.59 30.48
C VAL C 789 9.46 23.19 31.51
N ARG C 790 8.22 23.02 31.08
CA ARG C 790 7.12 22.74 32.00
C ARG C 790 7.27 21.38 32.68
N VAL C 791 7.15 21.36 34.01
CA VAL C 791 7.36 20.18 34.85
C VAL C 791 6.05 19.85 35.56
N PHE C 792 5.66 18.57 35.53
CA PHE C 792 4.43 18.11 36.16
C PHE C 792 4.75 17.18 37.32
N THR C 793 4.25 17.52 38.50
CA THR C 793 4.47 16.77 39.73
C THR C 793 3.11 16.48 40.36
N ARG C 794 2.95 15.28 40.93
CA ARG C 794 1.64 14.85 41.43
C ARG C 794 1.20 15.63 42.65
N GLU C 795 2.13 16.08 43.49
CA GLU C 795 1.78 16.86 44.66
C GLU C 795 1.65 18.36 44.37
N LYS C 796 1.80 18.76 43.11
CA LYS C 796 1.53 20.13 42.69
C LYS C 796 0.07 20.35 42.29
N GLY C 797 -0.71 19.29 42.20
CA GLY C 797 -2.08 19.34 41.71
C GLY C 797 -2.33 18.49 40.50
N ASP C 798 -1.28 18.05 39.81
CA ASP C 798 -1.40 17.21 38.63
C ASP C 798 -1.63 15.77 39.04
N GLU C 799 -2.12 14.97 38.09
CA GLU C 799 -2.14 13.53 38.27
C GLU C 799 -1.61 12.87 37.00
N LEU C 800 -0.75 11.88 37.20
CA LEU C 800 0.21 11.37 36.24
C LEU C 800 -0.20 10.00 35.74
N PRO C 801 0.51 9.46 34.75
CA PRO C 801 0.45 8.02 34.53
C PRO C 801 0.92 7.27 35.76
N PRO C 802 0.33 6.11 36.04
CA PRO C 802 0.65 5.42 37.31
C PRO C 802 2.03 4.78 37.29
N GLY C 803 2.74 4.96 38.39
CA GLY C 803 4.09 4.47 38.52
C GLY C 803 5.16 5.50 38.20
N ALA C 804 4.79 6.75 37.97
CA ALA C 804 5.73 7.82 37.67
C ALA C 804 5.59 8.92 38.71
N ASN C 805 6.73 9.35 39.27
CA ASN C 805 6.71 10.38 40.29
C ASN C 805 6.51 11.77 39.67
N MET C 806 7.38 12.17 38.75
CA MET C 806 7.26 13.46 38.10
C MET C 806 7.57 13.32 36.62
N VAL C 807 7.05 14.25 35.83
CA VAL C 807 7.19 14.27 34.38
C VAL C 807 7.68 15.65 33.96
N VAL C 808 8.76 15.70 33.19
CA VAL C 808 9.32 16.93 32.67
C VAL C 808 9.14 16.93 31.16
N ARG C 809 8.61 18.04 30.62
CA ARG C 809 8.43 18.22 29.19
C ARG C 809 9.25 19.43 28.74
N ILE C 810 10.07 19.23 27.71
CA ILE C 810 11.01 20.24 27.26
C ILE C 810 10.79 20.50 25.77
N TYR C 811 10.58 21.77 25.41
CA TYR C 811 10.39 22.18 24.04
C TYR C 811 11.65 22.91 23.55
N VAL C 812 12.20 22.46 22.43
CA VAL C 812 13.43 23.00 21.87
C VAL C 812 13.16 23.46 20.45
N ALA C 813 13.39 24.74 20.19
CA ALA C 813 13.10 25.35 18.89
C ALA C 813 14.39 25.65 18.15
N GLN C 814 14.34 25.57 16.82
CA GLN C 814 15.50 25.81 15.98
C GLN C 814 15.07 26.45 14.66
N LYS C 815 15.89 27.38 14.18
CA LYS C 815 15.70 28.01 12.88
C LYS C 815 16.55 27.30 11.85
N ARG C 816 15.90 26.69 10.86
CA ARG C 816 16.58 25.90 9.84
C ARG C 816 16.63 26.70 8.54
N LYS C 817 17.84 27.01 8.08
CA LYS C 817 18.03 27.66 6.80
C LYS C 817 17.99 26.62 5.68
N ILE C 818 18.05 27.09 4.44
CA ILE C 818 18.05 26.18 3.31
C ILE C 818 19.43 25.55 3.16
N GLN C 819 19.47 24.33 2.65
CA GLN C 819 20.65 23.50 2.76
C GLN C 819 20.77 22.61 1.54
N VAL C 820 21.99 22.14 1.28
CA VAL C 820 22.22 21.16 0.22
C VAL C 820 21.67 19.82 0.68
N GLY C 821 20.73 19.28 -0.08
CA GLY C 821 20.04 18.06 0.29
C GLY C 821 18.58 18.25 0.65
N ASP C 822 18.11 19.49 0.74
CA ASP C 822 16.72 19.75 1.05
C ASP C 822 15.86 19.62 -0.21
N LYS C 823 14.59 19.32 -0.01
CA LYS C 823 13.66 19.15 -1.12
C LYS C 823 12.95 20.46 -1.42
N MET C 824 12.74 20.72 -2.71
CA MET C 824 12.15 21.96 -3.18
C MET C 824 11.21 21.63 -4.32
N ALA C 825 10.07 22.31 -4.37
CA ALA C 825 9.06 21.97 -5.36
C ALA C 825 8.26 23.20 -5.75
N GLY C 826 7.60 23.11 -6.89
CA GLY C 826 6.61 24.06 -7.32
C GLY C 826 5.20 23.48 -7.26
N ARG C 827 4.28 24.21 -7.86
CA ARG C 827 2.87 23.82 -7.84
C ARG C 827 2.49 22.94 -9.02
N HIS C 828 3.46 22.51 -9.84
CA HIS C 828 3.18 21.75 -11.05
C HIS C 828 3.86 20.39 -11.03
N GLY C 829 4.15 19.87 -9.85
CA GLY C 829 4.76 18.56 -9.74
C GLY C 829 6.22 18.51 -10.11
N ASN C 830 6.92 19.64 -10.03
CA ASN C 830 8.34 19.73 -10.37
C ASN C 830 9.14 19.78 -9.07
N LYS C 831 9.45 18.60 -8.52
CA LYS C 831 10.24 18.51 -7.31
C LYS C 831 11.74 18.55 -7.65
N GLY C 832 12.56 18.61 -6.63
CA GLY C 832 14.00 18.60 -6.83
C GLY C 832 14.73 18.75 -5.52
N ILE C 833 16.02 18.38 -5.55
CA ILE C 833 16.91 18.44 -4.41
C ILE C 833 17.98 19.48 -4.70
N ILE C 834 18.17 20.41 -3.75
CA ILE C 834 19.26 21.39 -3.86
C ILE C 834 20.59 20.67 -3.76
N SER C 835 21.46 20.89 -4.74
CA SER C 835 22.75 20.23 -4.78
C SER C 835 23.94 21.19 -4.75
N ARG C 836 23.72 22.49 -4.86
CA ARG C 836 24.78 23.48 -4.89
C ARG C 836 24.22 24.84 -4.55
N ILE C 837 24.92 25.58 -3.70
CA ILE C 837 24.56 26.96 -3.35
C ILE C 837 25.69 27.84 -3.84
N LEU C 838 25.40 28.71 -4.78
CA LEU C 838 26.42 29.52 -5.43
C LEU C 838 26.40 30.95 -4.90
N PRO C 839 27.54 31.65 -4.97
CA PRO C 839 27.53 33.09 -4.72
C PRO C 839 26.88 33.86 -5.87
N ILE C 840 26.44 35.07 -5.54
CA ILE C 840 25.71 35.87 -6.52
C ILE C 840 26.62 36.47 -7.58
N GLU C 841 27.92 36.55 -7.33
CA GLU C 841 28.84 36.96 -8.39
C GLU C 841 29.15 35.81 -9.35
N ASP C 842 28.80 34.58 -8.98
CA ASP C 842 28.92 33.43 -9.86
C ASP C 842 27.61 33.04 -10.53
N MET C 843 26.48 33.50 -10.00
CA MET C 843 25.19 33.23 -10.64
C MET C 843 25.04 34.04 -11.93
N PRO C 844 24.30 33.52 -12.90
CA PRO C 844 24.02 34.31 -14.11
C PRO C 844 23.13 35.50 -13.82
N TYR C 845 23.27 36.54 -14.64
CA TYR C 845 22.61 37.80 -14.36
C TYR C 845 21.93 38.35 -15.62
N LEU C 846 21.03 39.30 -15.40
CA LEU C 846 20.15 39.88 -16.39
C LEU C 846 20.80 41.12 -17.00
N PRO C 847 20.29 41.65 -18.11
CA PRO C 847 20.88 42.88 -18.68
C PRO C 847 20.59 44.16 -17.90
N ASP C 848 19.93 44.10 -16.75
CA ASP C 848 19.97 45.20 -15.80
C ASP C 848 20.94 44.94 -14.66
N GLY C 849 21.59 43.77 -14.66
CA GLY C 849 22.61 43.45 -13.67
C GLY C 849 22.12 42.62 -12.51
N ARG C 850 20.86 42.21 -12.51
CA ARG C 850 20.28 41.49 -11.38
C ARG C 850 20.56 40.01 -11.52
N PRO C 851 21.17 39.35 -10.53
CA PRO C 851 21.45 37.92 -10.66
C PRO C 851 20.20 37.06 -10.49
N ILE C 852 20.33 35.83 -10.94
CA ILE C 852 19.26 34.85 -10.94
C ILE C 852 19.26 34.14 -9.59
N ASP C 853 18.07 33.86 -9.05
CA ASP C 853 17.97 33.17 -7.76
C ASP C 853 18.12 31.66 -7.89
N ILE C 854 17.70 31.07 -9.01
CA ILE C 854 17.61 29.62 -9.13
C ILE C 854 17.63 29.24 -10.61
N ALA C 855 18.41 28.23 -10.94
CA ALA C 855 18.46 27.66 -12.29
C ALA C 855 17.79 26.30 -12.26
N LEU C 856 16.76 26.14 -13.10
CA LEU C 856 16.06 24.87 -13.26
C LEU C 856 16.41 24.27 -14.61
N ASN C 857 16.51 22.95 -14.65
CA ASN C 857 16.87 22.25 -15.87
C ASN C 857 15.69 22.26 -16.84
N PRO C 858 15.89 22.70 -18.08
CA PRO C 858 14.77 22.76 -19.03
C PRO C 858 14.32 21.42 -19.57
N LEU C 859 15.10 20.35 -19.36
CA LEU C 859 14.71 19.04 -19.86
C LEU C 859 13.68 18.35 -18.98
N GLY C 860 13.46 18.84 -17.76
CA GLY C 860 12.41 18.29 -16.93
C GLY C 860 11.02 18.74 -17.28
N VAL C 861 10.88 19.75 -18.15
CA VAL C 861 9.57 20.22 -18.58
C VAL C 861 8.94 19.33 -19.66
N PRO C 862 9.53 19.08 -20.84
CA PRO C 862 8.74 18.41 -21.89
C PRO C 862 8.60 16.90 -21.73
N SER C 863 9.44 16.26 -20.90
CA SER C 863 9.27 14.83 -20.66
C SER C 863 8.20 14.58 -19.59
N ARG C 864 8.15 15.44 -18.57
CA ARG C 864 7.13 15.34 -17.54
C ARG C 864 5.81 15.99 -17.93
N MET C 865 5.81 16.79 -19.00
CA MET C 865 4.61 17.38 -19.60
C MET C 865 3.84 18.27 -18.63
N ASN C 866 4.56 19.15 -17.94
CA ASN C 866 3.96 20.20 -17.11
C ASN C 866 4.37 21.54 -17.72
N VAL C 867 3.56 22.01 -18.66
CA VAL C 867 3.85 23.24 -19.40
C VAL C 867 3.37 24.48 -18.66
N GLY C 868 2.43 24.32 -17.72
CA GLY C 868 1.85 25.45 -17.01
C GLY C 868 2.82 26.20 -16.11
N GLN C 869 3.96 25.59 -15.77
CA GLN C 869 4.95 26.30 -14.96
C GLN C 869 5.63 27.42 -15.75
N VAL C 870 5.75 27.27 -17.06
CA VAL C 870 6.33 28.34 -17.87
C VAL C 870 5.35 29.49 -18.04
N PHE C 871 4.06 29.16 -18.22
CA PHE C 871 2.99 30.17 -18.18
C PHE C 871 2.99 30.92 -16.86
N GLU C 872 3.13 30.19 -15.75
CA GLU C 872 3.13 30.79 -14.42
C GLU C 872 4.35 31.68 -14.19
N CYS C 873 5.53 31.24 -14.65
CA CYS C 873 6.73 32.04 -14.43
C CYS C 873 6.73 33.30 -15.30
N LEU C 874 6.22 33.20 -16.53
CA LEU C 874 6.16 34.38 -17.39
C LEU C 874 5.11 35.37 -16.90
N LEU C 875 3.96 34.89 -16.41
CA LEU C 875 2.96 35.79 -15.88
C LEU C 875 3.42 36.41 -14.57
N GLY C 876 4.14 35.65 -13.74
CA GLY C 876 4.69 36.21 -12.52
C GLY C 876 5.79 37.22 -12.78
N TRP C 877 6.53 37.06 -13.88
CA TRP C 877 7.55 38.05 -14.19
C TRP C 877 6.95 39.32 -14.78
N ALA C 878 5.88 39.19 -15.56
CA ALA C 878 5.13 40.36 -15.98
C ALA C 878 4.52 41.09 -14.79
N GLY C 879 3.98 40.35 -13.83
CA GLY C 879 3.45 40.97 -12.63
C GLY C 879 4.51 41.54 -11.71
N GLU C 880 5.73 41.01 -11.78
CA GLU C 880 6.85 41.58 -11.05
C GLU C 880 7.26 42.91 -11.65
N ASN C 881 7.32 42.98 -12.99
CA ASN C 881 7.69 44.23 -13.64
C ASN C 881 6.56 45.25 -13.66
N LEU C 882 5.31 44.83 -13.42
CA LEU C 882 4.19 45.76 -13.29
C LEU C 882 3.86 46.08 -11.84
N GLY C 883 3.78 45.07 -10.97
CA GLY C 883 3.45 45.28 -9.57
C GLY C 883 1.97 45.17 -9.30
N VAL C 884 1.34 44.09 -9.74
CA VAL C 884 -0.13 44.04 -9.76
C VAL C 884 -0.73 42.82 -9.07
N ARG C 885 0.03 41.71 -9.01
CA ARG C 885 -0.38 40.47 -8.33
C ARG C 885 -1.66 39.88 -8.91
N PHE C 886 -1.52 39.32 -10.12
CA PHE C 886 -2.59 38.72 -10.90
C PHE C 886 -3.30 37.57 -10.17
N LYS C 887 -4.49 37.24 -10.67
CA LYS C 887 -5.31 36.12 -10.19
C LYS C 887 -6.08 35.54 -11.37
N ILE C 888 -5.77 34.30 -11.74
CA ILE C 888 -6.32 33.67 -12.93
C ILE C 888 -6.94 32.33 -12.54
N THR C 889 -8.23 32.16 -12.83
CA THR C 889 -8.93 30.91 -12.60
C THR C 889 -8.60 29.89 -13.68
N PRO C 890 -8.55 28.60 -13.33
CA PRO C 890 -8.24 27.57 -14.33
C PRO C 890 -9.33 27.42 -15.38
N PHE C 891 -8.95 26.74 -16.47
CA PHE C 891 -9.76 26.54 -17.68
C PHE C 891 -10.23 27.87 -18.26
N ASP C 892 -9.25 28.73 -18.56
CA ASP C 892 -9.52 30.06 -19.08
C ASP C 892 -9.56 30.09 -20.60
N GLU C 893 -9.55 28.93 -21.26
CA GLU C 893 -9.69 28.86 -22.71
C GLU C 893 -11.15 28.93 -23.15
N MET C 894 -12.09 29.10 -22.22
CA MET C 894 -13.48 29.35 -22.58
C MET C 894 -13.69 30.72 -23.19
N TYR C 895 -12.80 31.67 -22.90
CA TYR C 895 -12.91 33.03 -23.41
C TYR C 895 -12.22 33.21 -24.76
N GLY C 896 -11.67 32.16 -25.34
CA GLY C 896 -11.08 32.26 -26.66
C GLY C 896 -10.00 31.22 -26.87
N GLU C 897 -9.53 31.16 -28.11
CA GLU C 897 -8.43 30.28 -28.46
C GLU C 897 -7.10 30.94 -28.12
N GLU C 898 -6.19 30.15 -27.54
CA GLU C 898 -4.86 30.59 -27.09
C GLU C 898 -4.96 31.75 -26.10
N ALA C 899 -5.91 31.65 -25.17
CA ALA C 899 -6.21 32.75 -24.26
C ALA C 899 -5.08 32.97 -23.26
N SER C 900 -4.52 31.87 -22.73
CA SER C 900 -3.42 31.97 -21.77
C SER C 900 -2.17 32.56 -22.42
N ARG C 901 -1.86 32.10 -23.63
CA ARG C 901 -0.69 32.59 -24.36
C ARG C 901 -0.84 34.06 -24.73
N ASP C 902 -2.04 34.46 -25.20
CA ASP C 902 -2.26 35.85 -25.57
C ASP C 902 -2.25 36.76 -24.34
N THR C 903 -2.80 36.29 -23.21
CA THR C 903 -2.78 37.04 -21.96
C THR C 903 -1.34 37.26 -21.48
N VAL C 904 -0.53 36.19 -21.48
CA VAL C 904 0.83 36.26 -21.00
C VAL C 904 1.68 37.19 -21.88
N HIS C 905 1.57 37.06 -23.20
CA HIS C 905 2.42 37.87 -24.07
C HIS C 905 1.94 39.32 -24.15
N GLY C 906 0.63 39.57 -24.03
CA GLY C 906 0.16 40.94 -23.99
C GLY C 906 0.56 41.65 -22.71
N LEU C 907 0.51 40.94 -21.57
CA LEU C 907 0.96 41.56 -20.33
C LEU C 907 2.47 41.75 -20.31
N LEU C 908 3.23 40.86 -20.96
CA LEU C 908 4.66 41.08 -21.09
C LEU C 908 4.98 42.28 -21.97
N GLU C 909 4.21 42.49 -23.05
CA GLU C 909 4.38 43.67 -23.88
C GLU C 909 4.05 44.96 -23.11
N GLU C 910 2.97 44.93 -22.33
CA GLU C 910 2.61 46.11 -21.55
C GLU C 910 3.59 46.37 -20.42
N ALA C 911 4.23 45.33 -19.89
CA ALA C 911 5.31 45.54 -18.92
C ALA C 911 6.57 46.07 -19.60
N SER C 912 6.80 45.69 -20.85
CA SER C 912 7.96 46.18 -21.59
C SER C 912 7.75 47.60 -22.12
N GLN C 913 6.53 48.12 -22.12
CA GLN C 913 6.29 49.50 -22.51
C GLN C 913 6.56 50.51 -21.40
N ARG C 914 7.16 50.09 -20.28
CA ARG C 914 7.59 51.01 -19.25
C ARG C 914 8.77 51.84 -19.75
N PRO C 915 8.95 53.08 -19.25
CA PRO C 915 9.97 53.97 -19.84
C PRO C 915 11.41 53.55 -19.59
N ASN C 916 11.68 52.70 -18.60
CA ASN C 916 13.03 52.25 -18.35
C ASN C 916 13.26 50.77 -18.63
N LYS C 917 12.20 49.98 -18.74
CA LYS C 917 12.30 48.53 -18.85
C LYS C 917 11.78 48.10 -20.22
N ASP C 918 12.66 48.16 -21.22
CA ASP C 918 12.34 47.66 -22.55
C ASP C 918 13.11 46.39 -22.91
N TRP C 919 14.05 45.97 -22.06
CA TRP C 919 14.74 44.69 -22.20
C TRP C 919 13.92 43.51 -21.71
N VAL C 920 12.72 43.77 -21.18
CA VAL C 920 11.93 42.73 -20.55
C VAL C 920 11.34 41.78 -21.60
N PHE C 921 10.88 42.31 -22.73
CA PHE C 921 10.25 41.49 -23.76
C PHE C 921 10.92 41.74 -25.11
N ASN C 922 11.24 40.67 -25.82
CA ASN C 922 11.76 40.73 -27.18
C ASN C 922 10.74 40.13 -28.14
N GLU C 923 10.40 40.87 -29.20
CA GLU C 923 9.36 40.39 -30.11
C GLU C 923 9.89 39.31 -31.04
N ASN C 924 11.21 39.22 -31.22
CA ASN C 924 11.78 38.18 -32.07
C ASN C 924 11.69 36.82 -31.39
N HIS C 925 11.99 36.75 -30.11
CA HIS C 925 11.83 35.56 -29.30
C HIS C 925 11.09 35.95 -28.02
N PRO C 926 9.78 35.64 -27.92
CA PRO C 926 8.93 36.24 -26.89
C PRO C 926 9.27 35.90 -25.44
N GLY C 927 9.30 34.61 -25.10
CA GLY C 927 9.47 34.26 -23.70
C GLY C 927 10.90 34.31 -23.21
N LYS C 928 11.83 34.61 -24.11
CA LYS C 928 13.25 34.55 -23.78
C LYS C 928 13.91 35.92 -23.88
N ILE C 929 14.96 36.11 -23.07
CA ILE C 929 15.82 37.30 -23.16
C ILE C 929 17.26 36.84 -23.03
N GLN C 930 18.18 37.81 -23.15
CA GLN C 930 19.60 37.51 -23.09
C GLN C 930 20.09 37.43 -21.65
N VAL C 931 20.89 36.41 -21.34
CA VAL C 931 21.42 36.18 -20.02
C VAL C 931 22.94 36.12 -20.12
N PHE C 932 23.63 36.78 -19.18
CA PHE C 932 25.08 36.84 -19.15
C PHE C 932 25.62 35.88 -18.10
N ASP C 933 26.87 35.44 -18.30
CA ASP C 933 27.51 34.53 -17.36
C ASP C 933 28.19 35.31 -16.25
N GLY C 934 28.03 34.84 -15.01
CA GLY C 934 28.61 35.53 -13.88
C GLY C 934 30.11 35.36 -13.74
N ARG C 935 30.65 34.26 -14.25
CA ARG C 935 32.07 33.97 -14.09
C ARG C 935 32.93 34.64 -15.15
N THR C 936 32.48 34.67 -16.41
CA THR C 936 33.27 35.20 -17.50
C THR C 936 32.78 36.53 -18.02
N GLY C 937 31.53 36.90 -17.78
CA GLY C 937 30.95 38.09 -18.36
C GLY C 937 30.36 37.90 -19.74
N GLU C 938 30.63 36.77 -20.38
CA GLU C 938 30.13 36.53 -21.72
C GLU C 938 28.64 36.21 -21.69
N PRO C 939 27.87 36.71 -22.65
CA PRO C 939 26.48 36.26 -22.76
C PRO C 939 26.41 34.83 -23.27
N PHE C 940 25.35 34.13 -22.89
CA PHE C 940 25.12 32.80 -23.44
C PHE C 940 24.68 32.92 -24.89
N ASP C 941 24.89 31.83 -25.64
CA ASP C 941 24.74 31.90 -27.10
C ASP C 941 23.28 31.97 -27.52
N ARG C 942 22.38 31.47 -26.70
CA ARG C 942 20.96 31.44 -27.01
C ARG C 942 20.17 32.15 -25.91
N PRO C 943 19.05 32.79 -26.25
CA PRO C 943 18.26 33.45 -25.22
C PRO C 943 17.53 32.46 -24.33
N ILE C 944 17.36 32.84 -23.07
CA ILE C 944 16.95 31.94 -21.99
C ILE C 944 15.65 32.46 -21.40
N THR C 945 14.70 31.55 -21.14
CA THR C 945 13.45 31.88 -20.49
C THR C 945 13.66 32.20 -19.01
N VAL C 946 13.40 33.45 -18.63
CA VAL C 946 13.46 33.86 -17.24
C VAL C 946 12.05 34.16 -16.75
N GLY C 947 11.88 34.16 -15.44
CA GLY C 947 10.56 34.39 -14.88
C GLY C 947 10.60 34.42 -13.38
N GLN C 948 9.41 34.53 -12.80
CA GLN C 948 9.22 34.57 -11.36
C GLN C 948 8.34 33.39 -10.97
N ALA C 949 8.94 32.35 -10.41
CA ALA C 949 8.21 31.16 -10.02
C ALA C 949 7.99 31.14 -8.51
N TYR C 950 6.98 30.39 -8.10
CA TYR C 950 6.56 30.28 -6.71
C TYR C 950 7.01 28.91 -6.21
N MET C 951 8.16 28.87 -5.55
CA MET C 951 8.75 27.62 -5.12
C MET C 951 8.51 27.39 -3.63
N LEU C 952 8.49 26.11 -3.26
CA LEU C 952 8.08 25.66 -1.94
C LEU C 952 9.21 24.87 -1.29
N LYS C 953 9.24 24.86 0.03
CA LYS C 953 10.20 24.07 0.80
C LYS C 953 9.44 22.98 1.55
N LEU C 954 9.83 21.73 1.33
CA LEU C 954 9.06 20.60 1.84
C LEU C 954 9.62 20.09 3.16
N VAL C 955 8.84 19.21 3.81
CA VAL C 955 9.22 18.66 5.10
C VAL C 955 10.38 17.68 5.02
N HIS C 956 10.73 17.22 3.82
CA HIS C 956 11.79 16.24 3.65
C HIS C 956 13.14 16.97 3.62
N LEU C 957 13.68 17.21 4.80
CA LEU C 957 14.99 17.82 4.97
C LEU C 957 16.03 16.75 5.27
N VAL C 958 17.28 17.06 4.95
CA VAL C 958 18.36 16.09 5.02
C VAL C 958 18.74 15.71 6.45
N ASP C 959 18.43 16.57 7.43
CA ASP C 959 18.75 16.29 8.82
C ASP C 959 17.91 15.15 9.36
N ASP C 960 16.67 15.01 8.89
CA ASP C 960 15.82 13.90 9.27
C ASP C 960 16.10 12.65 8.44
N LYS C 961 16.99 12.71 7.45
CA LYS C 961 17.26 11.59 6.58
C LYS C 961 18.62 10.95 6.81
N ILE C 962 19.62 11.70 7.28
CA ILE C 962 20.95 11.14 7.48
C ILE C 962 20.96 10.26 8.73
N HIS C 963 21.58 9.10 8.64
CA HIS C 963 21.62 8.14 9.73
C HIS C 963 22.80 7.20 9.50
N ALA C 964 23.46 6.78 10.58
CA ALA C 964 24.57 5.84 10.49
C ALA C 964 24.65 5.06 11.80
N ARG C 965 25.16 3.84 11.69
CA ARG C 965 25.30 2.95 12.83
C ARG C 965 26.65 2.25 12.78
N SER C 966 27.35 2.22 13.91
CA SER C 966 28.48 1.32 14.10
C SER C 966 28.05 0.03 14.78
N THR C 967 27.52 0.15 16.00
CA THR C 967 27.02 -0.97 16.78
C THR C 967 26.06 -0.42 17.81
N GLY C 968 24.83 -0.93 17.82
CA GLY C 968 23.83 -0.49 18.77
C GLY C 968 23.15 -1.65 19.45
N PRO C 969 21.83 -1.53 19.64
CA PRO C 969 21.06 -2.62 20.27
C PRO C 969 20.76 -3.74 19.28
N TYR C 970 20.24 -4.83 19.83
CA TYR C 970 19.92 -6.02 19.07
C TYR C 970 18.52 -6.50 19.44
N SER C 971 18.00 -7.42 18.63
CA SER C 971 16.65 -7.95 18.81
C SER C 971 16.64 -9.06 19.85
N LEU C 972 15.43 -9.40 20.30
CA LEU C 972 15.26 -10.30 21.43
C LEU C 972 15.62 -11.75 21.08
N VAL C 973 14.90 -12.33 20.14
CA VAL C 973 15.08 -13.75 19.82
C VAL C 973 16.13 -13.94 18.74
N THR C 974 16.04 -13.17 17.66
CA THR C 974 16.92 -13.36 16.52
C THR C 974 18.33 -12.86 16.78
N GLN C 975 18.50 -11.92 17.73
CA GLN C 975 19.77 -11.29 18.10
C GLN C 975 20.43 -10.57 16.93
N GLN C 976 19.63 -10.07 16.02
CA GLN C 976 20.02 -9.24 14.89
C GLN C 976 19.85 -7.78 15.26
N PRO C 977 20.54 -6.87 14.56
CA PRO C 977 20.36 -5.43 14.84
C PRO C 977 18.93 -4.94 14.65
N LEU C 978 18.58 -3.91 15.41
CA LEU C 978 17.24 -3.35 15.35
C LEU C 978 17.07 -2.53 14.07
N GLY C 979 15.85 -2.01 13.88
CA GLY C 979 15.56 -1.14 12.78
C GLY C 979 15.00 0.18 13.26
N GLY C 980 15.25 1.23 12.52
CA GLY C 980 14.71 2.52 12.87
C GLY C 980 15.81 3.51 13.21
N LYS C 981 15.54 4.78 12.91
CA LYS C 981 16.45 5.85 13.29
C LYS C 981 16.41 6.13 14.79
N ALA C 982 15.24 5.94 15.42
CA ALA C 982 15.07 6.30 16.81
C ALA C 982 15.78 5.34 17.76
N GLN C 983 16.14 4.14 17.30
CA GLN C 983 16.79 3.15 18.15
C GLN C 983 18.17 2.77 17.62
N GLN C 984 18.77 3.62 16.78
CA GLN C 984 20.12 3.42 16.21
C GLN C 984 20.22 2.10 15.45
N GLY C 985 19.29 1.89 14.53
CA GLY C 985 19.18 0.61 13.86
C GLY C 985 20.04 0.50 12.61
N GLY C 986 20.15 -0.73 12.12
CA GLY C 986 20.94 -1.02 10.95
C GLY C 986 20.11 -1.13 9.70
N GLN C 987 20.77 -1.04 8.55
CA GLN C 987 20.10 -1.16 7.27
C GLN C 987 19.81 -2.63 6.98
N ARG C 988 18.65 -2.88 6.38
CA ARG C 988 18.26 -4.24 6.04
C ARG C 988 18.91 -4.65 4.72
N PHE C 989 19.71 -5.71 4.76
CA PHE C 989 20.30 -6.31 3.56
C PHE C 989 19.36 -7.44 3.14
N GLY C 990 18.36 -7.09 2.33
CA GLY C 990 17.31 -8.02 1.97
C GLY C 990 17.74 -9.06 0.96
N GLU C 991 16.76 -9.81 0.47
CA GLU C 991 17.03 -10.96 -0.40
C GLU C 991 17.52 -10.55 -1.78
N MET C 992 17.06 -9.40 -2.28
CA MET C 992 17.51 -8.91 -3.58
C MET C 992 18.97 -8.48 -3.53
N GLU C 993 19.41 -7.95 -2.40
CA GLU C 993 20.82 -7.61 -2.22
C GLU C 993 21.68 -8.86 -2.13
N VAL C 994 21.15 -9.94 -1.55
CA VAL C 994 21.86 -11.21 -1.52
C VAL C 994 21.97 -11.79 -2.94
N TRP C 995 20.93 -11.63 -3.75
CA TRP C 995 20.99 -12.05 -5.15
C TRP C 995 22.01 -11.22 -5.93
N ALA C 996 22.08 -9.92 -5.64
CA ALA C 996 23.04 -9.06 -6.32
C ALA C 996 24.48 -9.39 -5.94
N LEU C 997 24.72 -9.75 -4.68
CA LEU C 997 26.06 -10.17 -4.30
C LEU C 997 26.39 -11.56 -4.82
N GLU C 998 25.39 -12.43 -5.00
CA GLU C 998 25.64 -13.74 -5.58
C GLU C 998 25.87 -13.69 -7.08
N ALA C 999 25.29 -12.71 -7.77
CA ALA C 999 25.52 -12.57 -9.20
C ALA C 999 26.92 -12.06 -9.51
N TYR C 1000 27.56 -11.38 -8.57
CA TYR C 1000 28.99 -11.11 -8.58
C TYR C 1000 29.74 -12.36 -8.10
N GLY C 1001 30.98 -12.18 -7.71
CA GLY C 1001 31.64 -13.25 -6.98
C GLY C 1001 31.27 -13.02 -5.54
N ALA C 1002 32.21 -12.50 -4.75
CA ALA C 1002 31.92 -11.82 -3.48
C ALA C 1002 31.29 -12.75 -2.44
N ALA C 1003 31.88 -13.93 -2.29
CA ALA C 1003 31.41 -14.86 -1.27
C ALA C 1003 31.83 -14.43 0.12
N TYR C 1004 32.92 -13.67 0.23
CA TYR C 1004 33.40 -13.26 1.55
C TYR C 1004 32.67 -12.02 2.07
N ILE C 1005 32.30 -11.11 1.17
CA ILE C 1005 31.46 -9.97 1.54
C ILE C 1005 30.11 -10.45 2.03
N LEU C 1006 29.52 -11.40 1.30
CA LEU C 1006 28.23 -11.97 1.70
C LEU C 1006 28.33 -12.76 2.99
N GLN C 1007 29.46 -13.41 3.24
CA GLN C 1007 29.59 -14.18 4.46
C GLN C 1007 29.79 -13.29 5.68
N GLU C 1008 30.56 -12.20 5.54
CA GLU C 1008 30.69 -11.31 6.68
C GLU C 1008 29.46 -10.45 6.88
N LEU C 1009 28.64 -10.25 5.84
CA LEU C 1009 27.41 -9.48 6.03
C LEU C 1009 26.36 -10.30 6.78
N LEU C 1010 26.43 -11.63 6.69
CA LEU C 1010 25.43 -12.47 7.32
C LEU C 1010 25.86 -13.03 8.67
N THR C 1011 27.15 -12.98 9.01
CA THR C 1011 27.61 -13.58 10.26
C THR C 1011 28.20 -12.56 11.22
N VAL C 1012 29.28 -11.86 10.88
CA VAL C 1012 29.95 -11.02 11.87
C VAL C 1012 29.33 -9.64 11.97
N LYS C 1013 28.36 -9.32 11.11
CA LYS C 1013 27.61 -8.08 11.22
C LYS C 1013 26.20 -8.29 11.72
N SER C 1014 25.77 -9.53 11.96
CA SER C 1014 24.45 -9.82 12.49
C SER C 1014 24.40 -11.23 13.07
N ASP C 1015 23.84 -11.33 14.27
CA ASP C 1015 23.44 -12.58 14.96
C ASP C 1015 24.48 -13.70 14.94
N ASP C 1016 25.72 -13.31 15.22
CA ASP C 1016 26.75 -14.27 15.63
C ASP C 1016 27.60 -13.52 16.65
N MET C 1017 27.35 -13.78 17.93
CA MET C 1017 27.82 -12.88 18.99
C MET C 1017 29.31 -13.03 19.23
N GLN C 1018 29.81 -14.26 19.21
CA GLN C 1018 31.25 -14.48 19.31
C GLN C 1018 31.99 -13.90 18.11
N GLY C 1019 31.39 -14.01 16.92
CA GLY C 1019 31.99 -13.40 15.74
C GLY C 1019 31.97 -11.89 15.80
N ARG C 1020 30.92 -11.31 16.39
CA ARG C 1020 30.84 -9.87 16.60
C ARG C 1020 31.98 -9.38 17.50
N ASN C 1021 32.14 -10.03 18.66
CA ASN C 1021 33.19 -9.64 19.60
C ASN C 1021 34.58 -9.85 19.02
N GLU C 1022 34.78 -10.98 18.33
CA GLU C 1022 36.08 -11.28 17.75
C GLU C 1022 36.42 -10.33 16.60
N ALA C 1023 35.43 -9.95 15.79
CA ALA C 1023 35.68 -9.03 14.69
C ALA C 1023 35.99 -7.63 15.20
N LEU C 1024 35.27 -7.18 16.24
CA LEU C 1024 35.56 -5.86 16.80
C LEU C 1024 36.93 -5.82 17.47
N ASN C 1025 37.30 -6.91 18.17
CA ASN C 1025 38.62 -6.96 18.80
C ASN C 1025 39.73 -7.04 17.77
N ALA C 1026 39.51 -7.76 16.67
CA ALA C 1026 40.53 -7.86 15.63
C ALA C 1026 40.67 -6.56 14.84
N ILE C 1027 39.59 -5.80 14.70
CA ILE C 1027 39.72 -4.51 14.00
C ILE C 1027 40.40 -3.49 14.91
N VAL C 1028 40.07 -3.50 16.20
CA VAL C 1028 40.67 -2.54 17.13
C VAL C 1028 42.16 -2.84 17.34
N LYS C 1029 42.53 -4.10 17.47
CA LYS C 1029 43.93 -4.45 17.64
C LYS C 1029 44.68 -4.61 16.32
N GLY C 1030 44.01 -4.37 15.18
CA GLY C 1030 44.68 -4.36 13.90
C GLY C 1030 45.08 -5.71 13.34
N LYS C 1031 44.43 -6.78 13.78
CA LYS C 1031 44.77 -8.12 13.34
C LYS C 1031 43.72 -8.64 12.36
N SER C 1032 43.89 -9.89 11.95
CA SER C 1032 42.99 -10.51 11.00
C SER C 1032 41.70 -10.93 11.69
N ILE C 1033 40.58 -10.71 11.00
CA ILE C 1033 39.27 -11.12 11.53
C ILE C 1033 39.13 -12.62 11.40
N PRO C 1034 38.81 -13.35 12.48
CA PRO C 1034 38.77 -14.82 12.40
C PRO C 1034 37.58 -15.36 11.63
N ARG C 1035 37.53 -16.68 11.48
CA ARG C 1035 36.45 -17.31 10.73
C ARG C 1035 35.19 -17.38 11.59
N PRO C 1036 34.03 -17.03 11.04
CA PRO C 1036 32.81 -16.98 11.85
C PRO C 1036 32.26 -18.37 12.11
N GLY C 1037 31.19 -18.42 12.90
CA GLY C 1037 30.55 -19.67 13.23
C GLY C 1037 29.12 -19.75 12.74
N THR C 1038 28.32 -20.59 13.37
CA THR C 1038 26.91 -20.72 12.99
C THR C 1038 26.15 -19.50 13.48
N PRO C 1039 25.36 -18.84 12.61
CA PRO C 1039 24.56 -17.70 13.06
C PRO C 1039 23.47 -18.12 14.02
N GLU C 1040 22.99 -17.13 14.79
CA GLU C 1040 22.09 -17.40 15.90
C GLU C 1040 20.68 -17.73 15.44
N SER C 1041 20.22 -17.13 14.35
CA SER C 1041 18.87 -17.38 13.87
C SER C 1041 18.69 -18.77 13.28
N PHE C 1042 19.77 -19.39 12.79
CA PHE C 1042 19.67 -20.76 12.30
C PHE C 1042 19.44 -21.75 13.45
N LYS C 1043 20.08 -21.52 14.60
CA LYS C 1043 19.83 -22.34 15.78
C LYS C 1043 18.41 -22.16 16.31
N VAL C 1044 17.88 -20.94 16.20
CA VAL C 1044 16.49 -20.68 16.57
C VAL C 1044 15.55 -21.45 15.66
N LEU C 1045 15.85 -21.50 14.35
CA LEU C 1045 15.05 -22.29 13.41
C LEU C 1045 15.15 -23.78 13.70
N MET C 1046 16.33 -24.26 14.11
CA MET C 1046 16.50 -25.67 14.45
C MET C 1046 15.68 -26.04 15.67
N ARG C 1047 15.70 -25.20 16.71
CA ARG C 1047 14.88 -25.45 17.90
C ARG C 1047 13.39 -25.35 17.61
N GLU C 1048 12.99 -24.45 16.71
CA GLU C 1048 11.58 -24.33 16.36
C GLU C 1048 11.08 -25.54 15.58
N LEU C 1049 11.91 -26.04 14.64
CA LEU C 1049 11.54 -27.24 13.90
C LEU C 1049 11.56 -28.47 14.78
N GLN C 1050 12.40 -28.49 15.82
CA GLN C 1050 12.35 -29.59 16.77
C GLN C 1050 11.11 -29.51 17.66
N SER C 1051 10.69 -28.29 18.02
CA SER C 1051 9.50 -28.12 18.84
C SER C 1051 8.22 -28.37 18.05
N LEU C 1052 8.26 -28.27 16.73
CA LEU C 1052 7.13 -28.70 15.92
C LEU C 1052 6.96 -30.21 15.90
N GLY C 1053 7.97 -30.98 16.32
CA GLY C 1053 7.90 -32.41 16.32
C GLY C 1053 8.67 -33.10 15.22
N LEU C 1054 9.66 -32.44 14.64
CA LEU C 1054 10.44 -32.99 13.54
C LEU C 1054 11.84 -33.32 14.05
N ASP C 1055 12.28 -34.55 13.80
CA ASP C 1055 13.62 -34.99 14.21
C ASP C 1055 14.61 -34.54 13.15
N ILE C 1056 15.00 -33.27 13.21
CA ILE C 1056 15.93 -32.68 12.27
C ILE C 1056 17.27 -32.49 12.98
N ALA C 1057 18.35 -32.92 12.33
CA ALA C 1057 19.67 -32.87 12.95
C ALA C 1057 20.73 -32.75 11.87
N ALA C 1058 21.87 -32.19 12.24
CA ALA C 1058 23.02 -32.10 11.36
C ALA C 1058 23.97 -33.25 11.63
N HIS C 1059 24.56 -33.79 10.57
CA HIS C 1059 25.46 -34.92 10.68
C HIS C 1059 26.79 -34.60 10.01
N LYS C 1060 27.81 -35.35 10.40
CA LYS C 1060 29.17 -35.13 9.92
C LYS C 1060 29.81 -36.48 9.61
N VAL C 1061 30.35 -36.63 8.41
CA VAL C 1061 30.99 -37.88 8.00
C VAL C 1061 32.50 -37.67 7.97
N GLN C 1062 33.22 -38.62 8.58
CA GLN C 1062 34.67 -38.56 8.66
C GLN C 1062 35.21 -39.96 8.91
N LEU C 1063 35.85 -40.54 7.89
CA LEU C 1063 36.54 -41.84 7.95
C LEU C 1063 35.56 -42.96 8.34
N SER C 1064 34.55 -43.14 7.47
CA SER C 1064 33.53 -44.19 7.58
C SER C 1064 32.78 -44.14 8.92
N GLU C 1065 32.19 -42.98 9.21
CA GLU C 1065 31.56 -42.73 10.49
C GLU C 1065 30.55 -41.61 10.33
N ASP C 1066 29.35 -41.81 10.86
CA ASP C 1066 28.32 -40.78 10.91
C ASP C 1066 28.05 -40.41 12.36
N GLY C 1067 28.02 -39.12 12.64
CA GLY C 1067 27.75 -38.65 13.98
C GLY C 1067 26.93 -37.39 14.00
N GLU C 1068 25.97 -37.30 14.92
CA GLU C 1068 25.14 -36.10 15.01
C GLU C 1068 25.92 -34.98 15.69
N SER C 1069 25.95 -33.83 15.04
CA SER C 1069 26.69 -32.68 15.54
C SER C 1069 25.81 -31.83 16.44
N ALA C 1070 26.44 -31.14 17.38
CA ALA C 1070 25.75 -30.26 18.32
C ALA C 1070 25.99 -28.82 17.89
N ASP C 1071 24.96 -28.19 17.32
CA ASP C 1071 25.08 -26.83 16.85
C ASP C 1071 25.00 -25.80 17.98
N ALA C 1072 24.41 -26.17 19.11
CA ALA C 1072 24.33 -25.25 20.24
C ALA C 1072 25.67 -25.11 20.95
N GLU C 1073 26.56 -26.09 20.79
CA GLU C 1073 27.94 -26.11 21.29
C GLU C 1073 28.06 -25.90 22.79
N PRO D 7 30.64 -25.91 15.05
CA PRO D 7 31.37 -26.99 14.38
C PRO D 7 30.98 -27.13 12.92
N ARG D 8 31.67 -28.00 12.19
CA ARG D 8 31.33 -28.28 10.81
C ARG D 8 30.46 -29.52 10.71
N PHE D 9 29.62 -29.56 9.69
CA PHE D 9 28.75 -30.68 9.41
C PHE D 9 28.61 -30.81 7.90
N ASP D 10 28.21 -32.00 7.46
CA ASP D 10 28.14 -32.27 6.03
C ASP D 10 26.73 -32.24 5.46
N TYR D 11 25.73 -32.70 6.21
CA TYR D 11 24.36 -32.69 5.72
C TYR D 11 23.39 -32.55 6.88
N VAL D 12 22.15 -32.21 6.54
CA VAL D 12 21.06 -32.09 7.49
C VAL D 12 19.99 -33.10 7.08
N LYS D 13 19.54 -33.90 8.04
CA LYS D 13 18.54 -34.94 7.79
C LYS D 13 17.31 -34.68 8.65
N ILE D 14 16.13 -34.76 8.04
CA ILE D 14 14.87 -34.57 8.73
C ILE D 14 14.12 -35.90 8.77
N ALA D 15 13.41 -36.14 9.87
CA ALA D 15 12.64 -37.36 10.05
C ALA D 15 11.47 -37.07 10.99
N ILE D 16 10.71 -38.12 11.30
CA ILE D 16 9.61 -38.04 12.25
C ILE D 16 10.13 -38.36 13.64
N ALA D 17 9.74 -37.56 14.62
CA ALA D 17 10.23 -37.73 15.98
C ALA D 17 9.41 -38.78 16.71
N SER D 18 10.08 -39.78 17.28
CA SER D 18 9.49 -40.77 18.14
C SER D 18 9.25 -40.18 19.53
N PRO D 19 8.40 -40.80 20.35
CA PRO D 19 8.25 -40.33 21.74
C PRO D 19 9.52 -40.46 22.57
N GLU D 20 10.32 -41.50 22.33
CA GLU D 20 11.57 -41.65 23.06
C GLU D 20 12.59 -40.60 22.65
N ARG D 21 12.55 -40.14 21.40
CA ARG D 21 13.45 -39.08 20.96
C ARG D 21 13.05 -37.73 21.54
N ILE D 22 11.75 -37.45 21.59
CA ILE D 22 11.25 -36.21 22.20
C ILE D 22 11.56 -36.20 23.69
N ARG D 23 11.44 -37.35 24.35
CA ARG D 23 11.86 -37.44 25.74
C ARG D 23 13.37 -37.34 25.89
N GLN D 24 14.13 -37.72 24.85
CA GLN D 24 15.58 -37.61 24.91
C GLN D 24 16.04 -36.17 24.76
N TRP D 25 15.30 -35.35 24.02
CA TRP D 25 15.63 -33.93 23.96
C TRP D 25 15.40 -33.23 25.29
N GLY D 26 14.38 -33.63 26.04
CA GLY D 26 13.95 -32.90 27.21
C GLY D 26 14.52 -33.37 28.54
N GLU D 27 14.81 -34.66 28.66
CA GLU D 27 15.24 -35.20 29.94
C GLU D 27 16.72 -34.89 30.20
N ARG D 28 17.00 -34.45 31.41
CA ARG D 28 18.36 -34.27 31.90
C ARG D 28 18.43 -34.87 33.30
N THR D 29 19.46 -35.66 33.56
CA THR D 29 19.59 -36.30 34.86
C THR D 29 20.40 -35.44 35.82
N LEU D 30 20.16 -35.65 37.11
CA LEU D 30 20.83 -34.98 38.20
C LEU D 30 21.83 -35.92 38.85
N PRO D 31 22.80 -35.39 39.61
CA PRO D 31 23.70 -36.27 40.38
C PRO D 31 23.00 -37.07 41.48
N ASN D 32 21.83 -36.63 41.95
CA ASN D 32 21.10 -37.39 42.95
C ASN D 32 20.33 -38.57 42.35
N GLY D 33 20.17 -38.61 41.02
CA GLY D 33 19.47 -39.69 40.37
C GLY D 33 18.04 -39.38 40.04
N THR D 34 17.79 -38.17 39.54
CA THR D 34 16.44 -37.69 39.23
C THR D 34 16.47 -36.95 37.91
N VAL D 35 15.54 -37.29 37.02
CA VAL D 35 15.40 -36.58 35.76
C VAL D 35 14.57 -35.32 35.96
N VAL D 36 14.92 -34.27 35.24
CA VAL D 36 14.21 -32.99 35.30
C VAL D 36 13.99 -32.50 33.86
N GLY D 37 12.87 -32.89 33.26
CA GLY D 37 12.55 -32.35 31.96
C GLY D 37 11.09 -32.09 31.67
N GLU D 38 10.20 -32.39 32.60
CA GLU D 38 8.76 -32.38 32.35
C GLU D 38 8.12 -31.15 32.94
N VAL D 39 7.30 -30.47 32.14
CA VAL D 39 6.56 -29.28 32.57
C VAL D 39 5.20 -29.73 33.06
N THR D 40 4.91 -29.48 34.34
CA THR D 40 3.69 -29.99 34.96
C THR D 40 2.69 -28.92 35.38
N LYS D 41 3.11 -27.66 35.49
CA LYS D 41 2.21 -26.60 35.90
C LYS D 41 2.24 -25.47 34.87
N PRO D 42 1.12 -24.76 34.70
CA PRO D 42 1.08 -23.68 33.70
C PRO D 42 1.56 -22.33 34.21
N GLU D 43 2.24 -22.31 35.34
CA GLU D 43 2.77 -21.06 35.88
C GLU D 43 4.01 -20.63 35.11
N THR D 44 4.19 -19.32 35.00
CA THR D 44 5.35 -18.78 34.32
C THR D 44 6.34 -18.11 35.27
N ILE D 45 5.93 -17.03 35.94
CA ILE D 45 6.77 -16.36 36.94
C ILE D 45 5.87 -15.91 38.09
N ASN D 46 6.51 -15.57 39.20
CA ASN D 46 5.78 -15.09 40.37
C ASN D 46 5.50 -13.60 40.23
N TYR D 47 4.31 -13.20 40.68
CA TYR D 47 3.90 -11.81 40.52
C TYR D 47 4.59 -10.87 41.50
N ARG D 48 4.96 -11.37 42.68
CA ARG D 48 5.53 -10.52 43.72
C ARG D 48 7.00 -10.23 43.44
N THR D 49 7.82 -11.26 43.41
CA THR D 49 9.18 -11.17 42.90
C THR D 49 9.21 -11.81 41.52
N LEU D 50 9.87 -11.14 40.57
CA LEU D 50 9.74 -11.56 39.18
C LEU D 50 10.65 -12.73 38.83
N LYS D 51 10.57 -13.82 39.59
CA LYS D 51 11.35 -15.02 39.48
C LYS D 51 10.50 -16.16 38.91
N PRO D 52 11.08 -17.05 38.12
CA PRO D 52 10.32 -18.18 37.60
C PRO D 52 9.94 -19.17 38.69
N GLU D 53 8.78 -19.82 38.48
CA GLU D 53 8.27 -20.78 39.43
C GLU D 53 9.00 -22.11 39.28
N MET D 54 8.95 -22.92 40.34
CA MET D 54 9.81 -24.09 40.44
C MET D 54 9.35 -25.27 39.59
N ASP D 55 8.19 -25.17 38.95
CA ASP D 55 7.78 -26.17 37.96
C ASP D 55 6.81 -25.47 37.03
N GLY D 56 7.22 -25.25 35.79
CA GLY D 56 6.41 -24.45 34.91
C GLY D 56 7.14 -24.20 33.60
N LEU D 57 6.63 -23.23 32.85
CA LEU D 57 7.14 -22.98 31.51
C LEU D 57 8.46 -22.20 31.50
N PHE D 58 8.95 -21.76 32.66
CA PHE D 58 10.18 -20.97 32.73
C PHE D 58 11.12 -21.53 33.78
N CYS D 59 10.91 -22.78 34.19
CA CYS D 59 11.51 -23.35 35.39
C CYS D 59 13.02 -23.47 35.28
N GLU D 60 13.72 -23.13 36.36
CA GLU D 60 15.18 -23.06 36.32
C GLU D 60 15.82 -24.43 36.51
N LYS D 61 15.07 -25.39 37.04
CA LYS D 61 15.58 -26.76 37.12
C LYS D 61 15.59 -27.41 35.75
N ILE D 62 14.62 -27.06 34.91
CA ILE D 62 14.54 -27.65 33.57
C ILE D 62 15.38 -26.86 32.58
N PHE D 63 15.26 -25.54 32.59
CA PHE D 63 15.80 -24.72 31.51
C PHE D 63 17.10 -24.01 31.86
N GLY D 64 17.45 -23.90 33.13
CA GLY D 64 18.68 -23.26 33.51
C GLY D 64 18.45 -21.97 34.26
N PRO D 65 19.52 -21.39 34.84
CA PRO D 65 19.37 -20.19 35.66
C PRO D 65 19.14 -18.94 34.83
N SER D 66 18.42 -17.99 35.43
CA SER D 66 18.14 -16.73 34.75
C SER D 66 19.30 -15.75 34.81
N LYS D 67 20.23 -15.94 35.73
CA LYS D 67 21.40 -15.08 35.88
C LYS D 67 22.66 -15.92 35.79
N ASP D 68 23.77 -15.26 35.48
CA ASP D 68 25.05 -15.95 35.30
C ASP D 68 25.60 -16.39 36.65
N TRP D 69 25.79 -17.72 36.80
CA TRP D 69 26.44 -18.34 37.96
C TRP D 69 25.71 -18.05 39.26
N GLU D 70 24.39 -18.20 39.23
CA GLU D 70 23.55 -17.89 40.37
C GLU D 70 22.40 -18.88 40.45
N CYS D 71 22.19 -19.44 41.64
CA CYS D 71 21.09 -20.37 41.84
C CYS D 71 19.78 -19.61 42.06
N TRP D 72 18.68 -20.36 42.14
CA TRP D 72 17.36 -19.75 42.26
C TRP D 72 17.09 -19.27 43.68
N CYS D 73 17.35 -20.14 44.68
CA CYS D 73 17.07 -19.83 46.07
C CYS D 73 18.12 -18.93 46.71
N GLY D 74 19.19 -18.61 46.00
CA GLY D 74 20.33 -17.97 46.59
C GLY D 74 21.48 -18.94 46.78
N LYS D 75 22.37 -18.59 47.72
CA LYS D 75 23.45 -19.37 48.33
C LYS D 75 24.55 -19.80 47.37
N TYR D 76 24.42 -19.52 46.07
CA TYR D 76 25.42 -19.90 45.08
C TYR D 76 25.60 -18.75 44.09
N LYS D 77 25.74 -17.53 44.62
CA LYS D 77 25.81 -16.35 43.79
C LYS D 77 27.16 -16.15 43.13
N ARG D 78 28.19 -16.85 43.59
CA ARG D 78 29.54 -16.61 43.10
C ARG D 78 29.81 -17.38 41.81
N VAL D 79 30.93 -17.04 41.17
CA VAL D 79 31.36 -17.69 39.94
C VAL D 79 32.14 -18.97 40.22
N ARG D 80 32.63 -19.15 41.46
CA ARG D 80 33.60 -20.19 41.75
C ARG D 80 32.98 -21.59 41.73
N HIS D 81 31.67 -21.69 41.91
CA HIS D 81 30.98 -22.97 41.83
C HIS D 81 30.58 -23.18 40.38
N ARG D 82 31.37 -23.99 39.66
CA ARG D 82 31.14 -24.30 38.26
C ARG D 82 30.86 -25.78 38.12
N GLY D 83 29.85 -26.13 37.33
CA GLY D 83 29.48 -27.52 37.15
C GLY D 83 28.85 -28.17 38.36
N ILE D 84 28.31 -27.37 39.28
CA ILE D 84 27.70 -27.90 40.48
C ILE D 84 26.19 -27.68 40.39
N VAL D 85 25.46 -28.53 41.12
CA VAL D 85 24.01 -28.44 41.24
C VAL D 85 23.70 -28.20 42.70
N CYS D 86 22.86 -27.21 42.99
CA CYS D 86 22.53 -26.86 44.36
C CYS D 86 21.73 -27.97 45.02
N GLU D 87 22.16 -28.38 46.21
CA GLU D 87 21.56 -29.50 46.93
C GLU D 87 20.23 -29.14 47.56
N ARG D 88 19.90 -27.85 47.66
CA ARG D 88 18.65 -27.40 48.28
C ARG D 88 17.57 -27.11 47.24
N CYS D 89 17.94 -26.44 46.15
CA CYS D 89 16.99 -26.00 45.15
C CYS D 89 16.95 -26.92 43.94
N GLY D 90 18.11 -27.27 43.40
CA GLY D 90 18.19 -28.14 42.25
C GLY D 90 18.59 -27.46 40.96
N VAL D 91 19.02 -26.20 41.01
CA VAL D 91 19.37 -25.43 39.83
C VAL D 91 20.87 -25.53 39.63
N GLU D 92 21.28 -25.92 38.42
CA GLU D 92 22.70 -26.03 38.10
C GLU D 92 23.29 -24.64 37.93
N VAL D 93 24.45 -24.41 38.57
CA VAL D 93 25.10 -23.12 38.54
C VAL D 93 25.91 -22.99 37.26
N THR D 94 25.28 -22.48 36.21
CA THR D 94 25.84 -22.43 34.86
C THR D 94 25.63 -21.01 34.36
N GLU D 95 26.20 -20.68 33.21
CA GLU D 95 25.91 -19.42 32.57
C GLU D 95 24.48 -19.41 32.02
N SER D 96 23.87 -18.23 32.01
CA SER D 96 22.43 -18.10 31.78
C SER D 96 22.05 -18.12 30.30
N ARG D 97 22.95 -18.50 29.41
CA ARG D 97 22.63 -18.57 27.98
C ARG D 97 22.20 -19.97 27.56
N VAL D 98 22.09 -20.91 28.50
CA VAL D 98 21.57 -22.24 28.18
C VAL D 98 20.06 -22.25 28.02
N ARG D 99 19.39 -21.15 28.35
CA ARG D 99 17.95 -21.03 28.12
C ARG D 99 17.60 -20.76 26.66
N ARG D 100 18.60 -20.56 25.80
CA ARG D 100 18.38 -20.57 24.36
C ARG D 100 18.28 -21.98 23.80
N HIS D 101 18.89 -22.96 24.48
CA HIS D 101 19.06 -24.29 23.93
C HIS D 101 18.29 -25.38 24.65
N ARG D 102 18.17 -25.31 25.98
CA ARG D 102 17.59 -26.39 26.75
C ARG D 102 16.07 -26.41 26.59
N MET D 103 15.53 -27.56 26.22
CA MET D 103 14.11 -27.70 25.98
C MET D 103 13.53 -28.76 26.91
N GLY D 104 12.21 -28.71 27.10
CA GLY D 104 11.52 -29.62 27.99
C GLY D 104 10.41 -30.38 27.28
N TYR D 105 9.55 -31.07 28.02
CA TYR D 105 8.48 -31.80 27.38
C TYR D 105 7.24 -31.81 28.29
N ILE D 106 6.11 -32.17 27.69
CA ILE D 106 4.84 -32.33 28.41
C ILE D 106 4.35 -33.75 28.18
N LYS D 107 4.11 -34.48 29.26
CA LYS D 107 3.61 -35.85 29.17
C LYS D 107 2.08 -35.83 29.14
N LEU D 108 1.51 -36.24 28.02
CA LEU D 108 0.07 -36.17 27.83
C LEU D 108 -0.64 -37.33 28.52
N ALA D 109 -1.87 -37.08 28.93
CA ALA D 109 -2.71 -38.10 29.55
C ALA D 109 -3.50 -38.91 28.53
N ALA D 110 -3.68 -38.39 27.32
CA ALA D 110 -4.34 -39.08 26.23
C ALA D 110 -3.52 -38.89 24.95
N PRO D 111 -3.52 -39.88 24.07
CA PRO D 111 -2.86 -39.70 22.77
C PRO D 111 -3.56 -38.65 21.92
N VAL D 112 -2.78 -37.96 21.11
CA VAL D 112 -3.26 -36.88 20.27
C VAL D 112 -2.64 -37.08 18.89
N THR D 113 -3.31 -36.57 17.86
CA THR D 113 -2.77 -36.66 16.50
C THR D 113 -2.09 -35.35 16.13
N HIS D 114 -0.99 -35.47 15.39
CA HIS D 114 -0.33 -34.31 14.81
C HIS D 114 -1.17 -33.79 13.65
N VAL D 115 -1.45 -32.48 13.65
CA VAL D 115 -2.37 -31.90 12.68
C VAL D 115 -1.72 -31.78 11.30
N TRP D 116 -0.39 -31.88 11.22
CA TRP D 116 0.28 -31.84 9.93
C TRP D 116 0.02 -33.10 9.12
N TYR D 117 -0.08 -34.25 9.80
CA TYR D 117 -0.27 -35.52 9.12
C TYR D 117 -1.73 -35.87 8.91
N LEU D 118 -2.67 -35.17 9.55
CA LEU D 118 -4.09 -35.43 9.38
C LEU D 118 -4.73 -34.47 8.39
N LYS D 119 -4.63 -33.16 8.65
CA LYS D 119 -5.34 -32.16 7.86
C LYS D 119 -4.49 -31.53 6.78
N GLY D 120 -3.42 -32.17 6.34
CA GLY D 120 -2.66 -31.69 5.21
C GLY D 120 -3.21 -32.20 3.90
N ILE D 121 -2.49 -31.89 2.84
CA ILE D 121 -2.73 -32.44 1.52
C ILE D 121 -1.43 -33.10 1.06
N PRO D 122 -1.40 -34.40 0.76
CA PRO D 122 -2.53 -35.33 0.60
C PRO D 122 -2.99 -36.13 1.81
N SER D 123 -2.76 -35.65 3.04
CA SER D 123 -3.30 -36.25 4.28
C SER D 123 -2.86 -37.71 4.45
N TYR D 124 -1.56 -37.86 4.74
CA TYR D 124 -0.88 -39.15 4.83
C TYR D 124 -1.50 -40.14 5.82
N LEU D 125 -2.21 -39.64 6.83
CA LEU D 125 -2.85 -40.52 7.81
C LEU D 125 -3.97 -41.34 7.16
N SER D 126 -4.84 -40.68 6.39
CA SER D 126 -5.89 -41.39 5.69
C SER D 126 -5.36 -42.22 4.53
N ILE D 127 -4.20 -41.87 3.97
CA ILE D 127 -3.57 -42.68 2.94
C ILE D 127 -3.06 -43.99 3.54
N LEU D 128 -2.36 -43.89 4.67
CA LEU D 128 -1.81 -45.10 5.29
C LEU D 128 -2.88 -45.96 5.93
N LEU D 129 -3.94 -45.33 6.47
CA LEU D 129 -5.02 -46.08 7.09
C LEU D 129 -6.03 -46.62 6.08
N ASP D 130 -5.92 -46.22 4.81
CA ASP D 130 -6.82 -46.61 3.72
C ASP D 130 -8.28 -46.25 4.04
N MET D 131 -8.47 -45.04 4.56
CA MET D 131 -9.79 -44.53 4.90
C MET D 131 -9.99 -43.16 4.27
N ALA D 132 -11.22 -42.66 4.33
CA ALA D 132 -11.51 -41.31 3.87
C ALA D 132 -11.15 -40.30 4.95
N LEU D 133 -10.85 -39.07 4.53
CA LEU D 133 -10.38 -38.05 5.45
C LEU D 133 -11.47 -37.60 6.41
N ARG D 134 -12.72 -37.53 5.93
CA ARG D 134 -13.83 -37.13 6.79
C ARG D 134 -14.09 -38.16 7.88
N ASP D 135 -13.87 -39.45 7.58
CA ASP D 135 -14.10 -40.50 8.57
C ASP D 135 -13.03 -40.47 9.67
N VAL D 136 -11.76 -40.32 9.29
CA VAL D 136 -10.69 -40.23 10.28
C VAL D 136 -10.83 -38.94 11.09
N GLU D 137 -11.25 -37.85 10.44
CA GLU D 137 -11.47 -36.61 11.17
C GLU D 137 -12.68 -36.68 12.09
N GLN D 138 -13.63 -37.56 11.77
CA GLN D 138 -14.77 -37.79 12.67
C GLN D 138 -14.41 -38.68 13.85
N ILE D 139 -13.52 -39.65 13.63
CA ILE D 139 -13.09 -40.54 14.72
C ILE D 139 -12.22 -39.78 15.72
N VAL D 140 -11.31 -38.95 15.23
CA VAL D 140 -10.34 -38.25 16.08
C VAL D 140 -11.02 -37.24 17.00
N TYR D 141 -12.03 -36.53 16.49
CA TYR D 141 -12.69 -35.49 17.25
C TYR D 141 -13.97 -35.98 17.90
N PHE D 142 -14.07 -37.29 18.16
CA PHE D 142 -15.06 -37.91 19.06
C PHE D 142 -16.49 -37.70 18.59
N ASN D 143 -16.71 -37.82 17.28
CA ASN D 143 -18.04 -37.73 16.71
C ASN D 143 -18.55 -39.04 16.15
N ALA D 144 -17.70 -40.06 16.04
CA ALA D 144 -18.11 -41.36 15.56
C ALA D 144 -17.18 -42.41 16.15
N TYR D 145 -17.67 -43.65 16.20
CA TYR D 145 -16.88 -44.78 16.65
C TYR D 145 -16.26 -45.49 15.44
N VAL D 146 -15.44 -46.50 15.72
CA VAL D 146 -14.86 -47.32 14.67
C VAL D 146 -14.74 -48.74 15.21
N VAL D 147 -14.85 -49.71 14.33
CA VAL D 147 -14.80 -51.11 14.72
C VAL D 147 -13.35 -51.59 14.68
N LEU D 148 -12.81 -51.93 15.84
CA LEU D 148 -11.46 -52.46 15.93
C LEU D 148 -11.40 -53.97 15.86
N ASN D 149 -12.42 -54.66 16.34
CA ASN D 149 -12.51 -56.12 16.27
C ASN D 149 -13.85 -56.49 15.66
N PRO D 150 -13.88 -56.94 14.41
CA PRO D 150 -15.15 -57.25 13.76
C PRO D 150 -15.60 -58.68 13.95
N GLY D 151 -15.02 -59.37 14.95
CA GLY D 151 -15.16 -60.81 15.04
C GLY D 151 -16.57 -61.24 15.42
N ASN D 152 -17.02 -62.34 14.78
CA ASN D 152 -18.33 -62.96 14.98
C ASN D 152 -19.47 -61.98 14.70
N ALA D 153 -19.50 -61.47 13.47
CA ALA D 153 -20.58 -60.61 13.00
C ALA D 153 -20.59 -60.62 11.49
N SER D 154 -21.78 -60.54 10.91
CA SER D 154 -21.93 -60.32 9.47
C SER D 154 -22.28 -58.88 9.13
N ASN D 155 -22.88 -58.15 10.07
CA ASN D 155 -23.23 -56.76 9.84
C ASN D 155 -22.09 -55.80 10.19
N LEU D 156 -21.04 -56.29 10.85
CA LEU D 156 -19.90 -55.46 11.22
C LEU D 156 -18.66 -55.93 10.49
N GLN D 157 -17.80 -54.97 10.11
CA GLN D 157 -16.56 -55.25 9.40
C GLN D 157 -15.46 -54.38 9.96
N TYR D 158 -14.24 -54.61 9.50
CA TYR D 158 -13.08 -53.89 10.00
C TYR D 158 -13.07 -52.45 9.50
N LYS D 159 -12.68 -51.53 10.39
CA LYS D 159 -12.60 -50.08 10.13
C LYS D 159 -13.92 -49.49 9.67
N GLN D 160 -15.02 -49.96 10.25
CA GLN D 160 -16.35 -49.48 9.93
C GLN D 160 -16.77 -48.46 10.98
N LEU D 161 -17.34 -47.34 10.53
CA LEU D 161 -17.73 -46.26 11.42
C LEU D 161 -19.16 -46.43 11.90
N LEU D 162 -19.38 -46.12 13.19
CA LEU D 162 -20.69 -46.21 13.80
C LEU D 162 -20.99 -44.93 14.56
N THR D 163 -22.26 -44.53 14.57
CA THR D 163 -22.70 -43.45 15.43
C THR D 163 -22.92 -43.98 16.85
N GLU D 164 -23.34 -43.06 17.75
CA GLU D 164 -23.61 -43.48 19.12
C GLU D 164 -24.90 -44.29 19.20
N ASP D 165 -25.88 -43.96 18.37
CA ASP D 165 -27.12 -44.72 18.31
C ASP D 165 -26.89 -46.12 17.77
N GLN D 166 -26.04 -46.24 16.74
CA GLN D 166 -25.73 -47.54 16.17
C GLN D 166 -24.91 -48.39 17.13
N TRP D 167 -24.16 -47.75 18.04
CA TRP D 167 -23.37 -48.50 18.99
C TRP D 167 -24.19 -48.90 20.21
N VAL D 168 -25.16 -48.07 20.62
CA VAL D 168 -26.00 -48.50 21.73
C VAL D 168 -27.03 -49.52 21.27
N GLU D 169 -27.36 -49.54 19.97
CA GLU D 169 -28.23 -50.62 19.49
C GLU D 169 -27.48 -51.90 19.18
N ILE D 170 -26.14 -51.82 19.06
CA ILE D 170 -25.33 -53.04 19.02
C ILE D 170 -25.26 -53.65 20.42
N GLU D 171 -25.31 -52.82 21.46
CA GLU D 171 -25.32 -53.27 22.85
C GLU D 171 -26.62 -53.99 23.24
N ASP D 172 -27.62 -54.08 22.36
CA ASP D 172 -28.75 -54.96 22.58
C ASP D 172 -28.29 -56.41 22.63
N GLN D 173 -27.36 -56.80 21.75
CA GLN D 173 -26.87 -58.16 21.66
C GLN D 173 -25.71 -58.43 22.61
N ILE D 174 -25.30 -57.43 23.39
CA ILE D 174 -24.24 -57.51 24.41
C ILE D 174 -22.91 -58.03 23.87
N GLU D 180 -22.94 -58.86 18.91
CA GLU D 180 -23.32 -60.27 18.95
C GLU D 180 -22.90 -60.91 20.27
N LEU D 181 -22.88 -62.24 20.29
CA LEU D 181 -22.54 -63.00 21.50
C LEU D 181 -21.06 -63.37 21.50
N GLU D 182 -20.21 -62.36 21.37
CA GLU D 182 -18.76 -62.55 21.38
C GLU D 182 -18.12 -61.23 21.78
N GLY D 183 -16.80 -61.13 21.60
CA GLY D 183 -16.08 -59.92 21.93
C GLY D 183 -15.91 -58.97 20.77
N ILE D 184 -16.77 -57.97 20.69
CA ILE D 184 -16.69 -56.92 19.68
C ILE D 184 -16.10 -55.67 20.34
N GLU D 185 -14.96 -55.21 19.83
CA GLU D 185 -14.29 -54.03 20.35
C GLU D 185 -14.58 -52.83 19.45
N VAL D 186 -14.67 -51.66 20.07
CA VAL D 186 -14.73 -50.40 19.36
C VAL D 186 -13.72 -49.44 19.96
N GLY D 187 -13.59 -48.27 19.34
CA GLY D 187 -12.67 -47.26 19.81
C GLY D 187 -13.07 -45.91 19.29
N ILE D 188 -12.57 -44.88 19.95
CA ILE D 188 -12.89 -43.50 19.61
C ILE D 188 -11.69 -42.63 19.95
N GLY D 189 -11.51 -41.55 19.20
CA GLY D 189 -10.40 -40.65 19.46
C GLY D 189 -9.09 -41.13 18.83
N ALA D 190 -8.00 -40.52 19.29
CA ALA D 190 -6.68 -40.88 18.80
C ALA D 190 -6.16 -42.18 19.39
N GLU D 191 -6.81 -42.72 20.43
CA GLU D 191 -6.47 -44.06 20.89
C GLU D 191 -6.84 -45.11 19.84
N ALA D 192 -8.00 -44.93 19.20
CA ALA D 192 -8.42 -45.84 18.14
C ALA D 192 -7.52 -45.72 16.92
N VAL D 193 -7.09 -44.50 16.57
CA VAL D 193 -6.19 -44.31 15.44
C VAL D 193 -4.81 -44.88 15.73
N GLN D 194 -4.33 -44.72 16.97
CA GLN D 194 -3.05 -45.28 17.37
C GLN D 194 -3.09 -46.81 17.39
N ARG D 195 -4.23 -47.37 17.79
CA ARG D 195 -4.37 -48.83 17.79
C ARG D 195 -4.54 -49.37 16.37
N LEU D 196 -5.14 -48.59 15.47
CA LEU D 196 -5.23 -49.00 14.07
C LEU D 196 -3.88 -48.93 13.37
N LEU D 197 -3.06 -47.93 13.71
CA LEU D 197 -1.74 -47.81 13.12
C LEU D 197 -0.74 -48.79 13.72
N ALA D 198 -0.95 -49.20 14.98
CA ALA D 198 0.02 -50.06 15.64
C ALA D 198 -0.06 -51.50 15.16
N GLU D 199 -1.19 -51.92 14.60
CA GLU D 199 -1.39 -53.29 14.18
C GLU D 199 -1.29 -53.47 12.67
N LEU D 200 -0.79 -52.47 11.96
CA LEU D 200 -0.66 -52.53 10.51
C LEU D 200 0.72 -53.07 10.16
N GLN D 201 0.77 -54.26 9.57
CA GLN D 201 2.02 -54.89 9.19
C GLN D 201 2.48 -54.32 7.86
N LEU D 202 3.59 -53.56 7.90
CA LEU D 202 4.02 -52.78 6.74
C LEU D 202 4.46 -53.65 5.59
N GLU D 203 5.26 -54.70 5.86
CA GLU D 203 5.70 -55.58 4.79
C GLU D 203 4.56 -56.39 4.19
N GLU D 204 3.59 -56.77 5.01
CA GLU D 204 2.44 -57.54 4.52
C GLU D 204 1.55 -56.68 3.63
N VAL D 205 1.25 -55.45 4.05
CA VAL D 205 0.46 -54.55 3.20
C VAL D 205 1.24 -54.15 1.96
N ALA D 206 2.58 -54.05 2.05
CA ALA D 206 3.38 -53.70 0.87
C ALA D 206 3.38 -54.82 -0.15
N GLU D 207 3.56 -56.07 0.27
CA GLU D 207 3.52 -57.17 -0.69
C GLU D 207 2.10 -57.44 -1.19
N LYS D 208 1.07 -57.12 -0.38
CA LYS D 208 -0.30 -57.21 -0.87
C LYS D 208 -0.58 -56.17 -1.93
N LEU D 209 -0.07 -54.94 -1.74
CA LEU D 209 -0.23 -53.91 -2.75
C LEU D 209 0.57 -54.20 -4.01
N ARG D 210 1.74 -54.83 -3.87
CA ARG D 210 2.50 -55.22 -5.06
C ARG D 210 1.84 -56.39 -5.78
N GLU D 211 1.14 -57.25 -5.05
CA GLU D 211 0.35 -58.31 -5.67
C GLU D 211 -0.99 -57.82 -6.19
N GLU D 212 -1.38 -56.60 -5.84
CA GLU D 212 -2.69 -56.06 -6.21
C GLU D 212 -2.61 -55.07 -7.37
N ILE D 213 -1.45 -54.46 -7.62
CA ILE D 213 -1.32 -53.45 -8.66
C ILE D 213 -1.31 -54.10 -10.04
N LEU D 214 -0.67 -55.27 -10.17
CA LEU D 214 -0.54 -55.94 -11.46
C LEU D 214 -1.86 -56.44 -12.01
N ALA D 215 -2.86 -56.66 -11.16
CA ALA D 215 -4.20 -57.05 -11.60
C ALA D 215 -5.22 -56.11 -10.94
N SER D 216 -5.44 -54.96 -11.57
CA SER D 216 -6.37 -53.95 -11.09
C SER D 216 -6.73 -53.02 -12.24
N LYS D 217 -7.62 -52.07 -11.95
CA LYS D 217 -8.16 -51.18 -12.96
C LYS D 217 -7.24 -49.97 -13.15
N GLY D 218 -7.73 -48.95 -13.85
CA GLY D 218 -6.92 -47.78 -14.15
C GLY D 218 -6.85 -46.77 -13.02
N GLN D 219 -8.00 -46.22 -12.61
CA GLN D 219 -8.03 -45.20 -11.58
C GLN D 219 -7.77 -45.75 -10.18
N LYS D 220 -8.05 -47.04 -9.96
CA LYS D 220 -7.68 -47.67 -8.69
C LYS D 220 -6.17 -47.79 -8.55
N ARG D 221 -5.47 -47.95 -9.67
CA ARG D 221 -4.03 -48.19 -9.65
C ARG D 221 -3.25 -46.98 -9.18
N ALA D 222 -3.73 -45.77 -9.48
CA ALA D 222 -3.05 -44.56 -9.00
C ALA D 222 -3.14 -44.43 -7.48
N LYS D 223 -4.30 -44.76 -6.92
CA LYS D 223 -4.46 -44.76 -5.47
C LYS D 223 -3.62 -45.85 -4.81
N LEU D 224 -3.52 -47.01 -5.46
CA LEU D 224 -2.67 -48.07 -4.92
C LEU D 224 -1.19 -47.70 -4.99
N ILE D 225 -0.77 -47.02 -6.06
CA ILE D 225 0.60 -46.52 -6.18
C ILE D 225 0.90 -45.47 -5.11
N LYS D 226 -0.06 -44.59 -4.84
CA LYS D 226 0.15 -43.56 -3.82
C LYS D 226 0.25 -44.17 -2.42
N ARG D 227 -0.61 -45.13 -2.10
CA ARG D 227 -0.52 -45.80 -0.80
C ARG D 227 0.76 -46.63 -0.67
N LEU D 228 1.18 -47.28 -1.76
CA LEU D 228 2.40 -48.09 -1.72
C LEU D 228 3.65 -47.23 -1.57
N ARG D 229 3.68 -46.07 -2.22
CA ARG D 229 4.84 -45.20 -2.08
C ARG D 229 4.86 -44.47 -0.74
N VAL D 230 3.70 -44.30 -0.08
CA VAL D 230 3.71 -43.83 1.29
C VAL D 230 4.22 -44.93 2.22
N ILE D 231 3.81 -46.18 1.98
CA ILE D 231 4.18 -47.29 2.86
C ILE D 231 5.66 -47.63 2.73
N ASP D 232 6.21 -47.53 1.52
CA ASP D 232 7.63 -47.82 1.30
C ASP D 232 8.56 -46.81 1.98
N ASN D 233 8.08 -45.61 2.29
CA ASN D 233 8.91 -44.66 3.03
C ASN D 233 9.06 -45.07 4.48
N PHE D 234 8.05 -45.71 5.06
CA PHE D 234 8.11 -46.10 6.46
C PHE D 234 8.97 -47.33 6.69
N ILE D 235 9.27 -48.10 5.65
CA ILE D 235 10.18 -49.23 5.79
C ILE D 235 11.63 -48.82 5.55
N ALA D 236 11.86 -47.84 4.67
CA ALA D 236 13.22 -47.38 4.41
C ALA D 236 13.73 -46.51 5.56
N THR D 237 12.86 -45.71 6.15
CA THR D 237 13.25 -44.83 7.25
C THR D 237 13.27 -45.55 8.59
N HIS D 238 12.75 -46.78 8.64
CA HIS D 238 12.62 -47.60 9.86
C HIS D 238 11.83 -46.89 10.95
N SER D 239 10.83 -46.11 10.54
CA SER D 239 9.99 -45.37 11.47
C SER D 239 8.62 -46.04 11.55
N GLN D 240 8.05 -46.06 12.75
CA GLN D 240 6.78 -46.71 12.96
C GLN D 240 5.64 -45.79 12.52
N ALA D 241 4.55 -46.40 12.07
CA ALA D 241 3.39 -45.63 11.61
C ALA D 241 2.65 -44.97 12.76
N GLU D 242 2.75 -45.50 13.97
CA GLU D 242 2.09 -44.95 15.15
C GLU D 242 2.80 -43.71 15.70
N TRP D 243 3.91 -43.28 15.11
CA TRP D 243 4.58 -42.07 15.55
C TRP D 243 3.92 -40.81 15.02
N MET D 244 2.92 -40.94 14.15
CA MET D 244 2.11 -39.80 13.75
C MET D 244 1.10 -39.39 14.80
N THR D 245 0.93 -40.19 15.86
CA THR D 245 0.14 -39.81 17.02
C THR D 245 1.08 -39.51 18.17
N LEU D 246 0.88 -38.37 18.83
CA LEU D 246 1.82 -37.88 19.82
C LEU D 246 1.42 -38.30 21.22
N ASP D 247 2.38 -38.84 21.97
CA ASP D 247 2.24 -39.06 23.40
C ASP D 247 3.01 -38.05 24.23
N VAL D 248 4.08 -37.48 23.68
CA VAL D 248 4.91 -36.48 24.35
C VAL D 248 4.96 -35.25 23.46
N ILE D 249 4.84 -34.07 24.05
CA ILE D 249 4.87 -32.80 23.33
C ILE D 249 6.15 -32.08 23.72
N PRO D 250 7.01 -31.71 22.78
CA PRO D 250 8.19 -30.91 23.13
C PRO D 250 7.84 -29.45 23.41
N VAL D 251 8.58 -28.86 24.34
CA VAL D 251 8.41 -27.47 24.74
C VAL D 251 9.64 -26.70 24.27
N ILE D 252 9.41 -25.56 23.62
CA ILE D 252 10.47 -24.70 23.07
C ILE D 252 11.20 -24.05 24.25
N PRO D 253 12.47 -23.67 24.09
CA PRO D 253 13.19 -23.00 25.18
C PRO D 253 12.57 -21.67 25.51
N PRO D 254 12.70 -21.20 26.76
CA PRO D 254 11.96 -19.99 27.19
C PRO D 254 12.53 -18.71 26.64
N ASP D 255 13.77 -18.69 26.18
CA ASP D 255 14.33 -17.47 25.61
C ASP D 255 13.90 -17.26 24.17
N LEU D 256 13.28 -18.27 23.54
CA LEU D 256 12.66 -18.10 22.24
C LEU D 256 11.18 -17.76 22.35
N ARG D 257 10.63 -17.76 23.57
CA ARG D 257 9.31 -17.21 23.86
C ARG D 257 9.44 -16.27 25.04
N PRO D 258 10.08 -15.12 24.86
CA PRO D 258 10.48 -14.30 26.00
C PRO D 258 9.32 -13.57 26.64
N MET D 259 9.52 -13.19 27.89
CA MET D 259 8.54 -12.44 28.67
C MET D 259 9.30 -11.30 29.33
N VAL D 260 9.29 -10.15 28.68
CA VAL D 260 10.04 -8.99 29.13
C VAL D 260 9.07 -7.98 29.71
N GLN D 261 9.61 -7.04 30.48
CA GLN D 261 8.81 -6.01 31.14
C GLN D 261 9.08 -4.67 30.48
N LEU D 262 8.01 -3.94 30.19
CA LEU D 262 8.11 -2.61 29.62
C LEU D 262 8.20 -1.56 30.72
N ASP D 263 8.71 -0.39 30.35
CA ASP D 263 8.79 0.75 31.25
C ASP D 263 7.40 1.29 31.51
N GLY D 264 6.83 0.93 32.66
CA GLY D 264 5.44 1.24 32.94
C GLY D 264 4.80 0.13 33.74
N GLY D 265 5.53 -0.98 33.89
CA GLY D 265 5.10 -2.10 34.71
C GLY D 265 4.44 -3.22 33.96
N ARG D 266 3.98 -2.98 32.74
CA ARG D 266 3.31 -4.03 31.96
C ARG D 266 4.34 -4.99 31.38
N PHE D 267 3.97 -6.25 31.33
CA PHE D 267 4.83 -7.30 30.79
C PHE D 267 4.48 -7.55 29.33
N ALA D 268 5.50 -7.81 28.52
CA ALA D 268 5.34 -8.10 27.10
C ALA D 268 5.62 -9.59 26.91
N THR D 269 4.58 -10.33 26.53
CA THR D 269 4.66 -11.78 26.39
C THR D 269 4.56 -12.17 24.93
N SER D 270 4.95 -13.41 24.64
CA SER D 270 4.76 -13.99 23.32
C SER D 270 3.54 -14.91 23.33
N ASP D 271 3.00 -15.15 22.13
CA ASP D 271 1.75 -15.90 21.99
C ASP D 271 1.92 -17.39 22.23
N LEU D 272 3.15 -17.90 22.27
CA LEU D 272 3.38 -19.32 22.49
C LEU D 272 3.10 -19.72 23.93
N ASN D 273 3.15 -18.78 24.87
CA ASN D 273 2.93 -19.13 26.27
C ASN D 273 1.46 -19.42 26.56
N ASP D 274 0.55 -18.74 25.86
CA ASP D 274 -0.88 -19.00 26.04
C ASP D 274 -1.27 -20.38 25.51
N LEU D 275 -0.67 -20.79 24.39
CA LEU D 275 -0.99 -22.08 23.80
C LEU D 275 -0.47 -23.23 24.66
N TYR D 276 0.77 -23.11 25.16
CA TYR D 276 1.30 -24.11 26.08
C TYR D 276 0.52 -24.12 27.39
N ARG D 277 0.05 -22.96 27.83
CA ARG D 277 -0.75 -22.89 29.05
C ARG D 277 -2.09 -23.59 28.88
N ARG D 278 -2.71 -23.45 27.71
CA ARG D 278 -3.95 -24.16 27.42
C ARG D 278 -3.74 -25.67 27.37
N VAL D 279 -2.62 -26.10 26.76
CA VAL D 279 -2.31 -27.53 26.68
C VAL D 279 -2.10 -28.12 28.07
N ILE D 280 -1.36 -27.41 28.94
CA ILE D 280 -1.08 -27.91 30.28
C ILE D 280 -2.33 -27.90 31.15
N ASN D 281 -3.15 -26.85 31.02
CA ASN D 281 -4.40 -26.75 31.79
C ASN D 281 -5.36 -27.88 31.43
N ARG D 282 -5.56 -28.13 30.14
CA ARG D 282 -6.48 -29.20 29.73
C ARG D 282 -5.90 -30.57 30.04
N ASN D 283 -4.58 -30.74 30.01
CA ASN D 283 -3.96 -32.00 30.40
C ASN D 283 -4.15 -32.30 31.88
N ASN D 284 -3.95 -31.29 32.73
CA ASN D 284 -4.12 -31.48 34.18
C ASN D 284 -5.58 -31.70 34.54
N ARG D 285 -6.51 -31.02 33.86
CA ARG D 285 -7.92 -31.27 34.10
C ARG D 285 -8.34 -32.65 33.60
N LEU D 286 -7.74 -33.15 32.53
CA LEU D 286 -8.04 -34.50 32.06
C LEU D 286 -7.54 -35.55 33.03
N ALA D 287 -6.36 -35.32 33.61
CA ALA D 287 -5.85 -36.25 34.63
C ALA D 287 -6.70 -36.21 35.89
N ARG D 288 -7.18 -35.02 36.27
CA ARG D 288 -8.08 -34.89 37.41
C ARG D 288 -9.41 -35.61 37.17
N LEU D 289 -9.95 -35.50 35.96
CA LEU D 289 -11.23 -36.15 35.65
C LEU D 289 -11.07 -37.66 35.57
N GLN D 290 -9.96 -38.15 35.03
CA GLN D 290 -9.72 -39.59 34.99
C GLN D 290 -9.39 -40.16 36.36
N GLU D 291 -8.90 -39.32 37.28
CA GLU D 291 -8.60 -39.81 38.62
C GLU D 291 -9.87 -40.07 39.43
N ILE D 292 -10.85 -39.16 39.35
CA ILE D 292 -12.04 -39.22 40.21
C ILE D 292 -13.20 -39.93 39.54
N LEU D 293 -12.99 -40.56 38.38
CA LEU D 293 -13.98 -41.34 37.63
C LEU D 293 -15.22 -40.51 37.27
N ALA D 294 -14.99 -39.49 36.45
CA ALA D 294 -16.08 -38.67 35.95
C ALA D 294 -16.89 -39.42 34.91
N PRO D 295 -18.13 -38.99 34.63
CA PRO D 295 -18.89 -39.59 33.53
C PRO D 295 -18.23 -39.38 32.17
N GLU D 296 -18.53 -40.29 31.25
CA GLU D 296 -17.81 -40.35 29.99
C GLU D 296 -18.14 -39.19 29.06
N ILE D 297 -19.27 -38.51 29.24
CA ILE D 297 -19.56 -37.33 28.43
C ILE D 297 -18.69 -36.15 28.84
N ILE D 298 -18.18 -36.15 30.07
CA ILE D 298 -17.29 -35.09 30.54
C ILE D 298 -15.84 -35.40 30.21
N VAL D 299 -15.44 -36.66 30.33
CA VAL D 299 -14.08 -37.05 29.97
C VAL D 299 -13.91 -37.02 28.46
N ARG D 300 -14.98 -37.26 27.70
CA ARG D 300 -14.90 -37.23 26.25
C ARG D 300 -14.78 -35.81 25.72
N ASN D 301 -15.44 -34.85 26.37
CA ASN D 301 -15.30 -33.45 25.97
C ASN D 301 -13.94 -32.90 26.37
N GLU D 302 -13.34 -33.44 27.43
CA GLU D 302 -12.01 -32.99 27.85
C GLU D 302 -10.91 -33.49 26.92
N LYS D 303 -11.07 -34.70 26.36
CA LYS D 303 -10.09 -35.20 25.41
C LYS D 303 -10.18 -34.48 24.08
N ARG D 304 -11.39 -34.14 23.65
CA ARG D 304 -11.59 -33.37 22.43
C ARG D 304 -11.02 -31.97 22.56
N MET D 305 -11.11 -31.39 23.75
CA MET D 305 -10.56 -30.05 23.98
C MET D 305 -9.05 -30.07 24.03
N LEU D 306 -8.46 -31.12 24.61
CA LEU D 306 -7.01 -31.28 24.57
C LEU D 306 -6.52 -31.50 23.13
N GLN D 307 -7.30 -32.24 22.35
CA GLN D 307 -6.98 -32.44 20.93
C GLN D 307 -7.00 -31.13 20.16
N GLU D 308 -8.02 -30.29 20.42
CA GLU D 308 -8.07 -28.99 19.77
C GLU D 308 -7.01 -28.03 20.32
N ALA D 309 -6.53 -28.26 21.55
CA ALA D 309 -5.49 -27.40 22.12
C ALA D 309 -4.12 -27.70 21.52
N VAL D 310 -3.81 -28.98 21.27
CA VAL D 310 -2.53 -29.32 20.65
C VAL D 310 -2.48 -28.86 19.19
N ASP D 311 -3.62 -28.91 18.50
CA ASP D 311 -3.66 -28.49 17.11
C ASP D 311 -3.48 -26.98 16.96
N ALA D 312 -4.00 -26.19 17.90
CA ALA D 312 -3.86 -24.74 17.83
C ALA D 312 -2.45 -24.30 18.15
N LEU D 313 -1.72 -25.08 18.96
CA LEU D 313 -0.32 -24.79 19.25
C LEU D 313 0.56 -25.02 18.03
N ILE D 314 0.25 -26.07 17.25
CA ILE D 314 1.06 -26.41 16.10
C ILE D 314 0.69 -25.55 14.89
N ASP D 315 -0.58 -25.55 14.51
CA ASP D 315 -1.05 -24.80 13.35
C ASP D 315 -2.42 -24.23 13.69
N ASN D 316 -2.46 -22.95 14.05
CA ASN D 316 -3.71 -22.30 14.44
C ASN D 316 -4.59 -22.07 13.23
N GLY D 317 -5.85 -22.49 13.33
CA GLY D 317 -6.81 -22.29 12.26
C GLY D 317 -6.70 -23.24 11.10
N ARG D 318 -5.94 -24.33 11.25
CA ARG D 318 -5.81 -25.29 10.15
C ARG D 318 -7.05 -26.15 10.00
N ARG D 319 -7.61 -26.64 11.12
CA ARG D 319 -8.76 -27.51 11.07
C ARG D 319 -10.05 -26.79 11.44
N GLY D 320 -10.11 -26.21 12.64
CA GLY D 320 -11.36 -25.64 13.09
C GLY D 320 -11.35 -24.15 13.30
N ARG D 321 -11.91 -23.71 14.43
CA ARG D 321 -11.97 -22.29 14.74
C ARG D 321 -10.59 -21.77 15.14
N THR D 322 -10.27 -20.57 14.68
CA THR D 322 -8.99 -19.95 14.98
C THR D 322 -9.02 -19.37 16.39
N VAL D 323 -8.03 -19.75 17.20
CA VAL D 323 -7.92 -19.22 18.55
C VAL D 323 -7.41 -17.79 18.49
N VAL D 324 -8.15 -16.86 19.09
CA VAL D 324 -7.84 -15.44 19.02
C VAL D 324 -7.38 -14.96 20.38
N GLY D 325 -6.90 -13.71 20.42
CA GLY D 325 -6.36 -13.14 21.63
C GLY D 325 -7.26 -12.11 22.28
N ALA D 326 -6.76 -10.87 22.40
CA ALA D 326 -7.46 -9.83 23.14
C ALA D 326 -8.40 -9.02 22.26
N ASN D 327 -7.94 -8.58 21.09
CA ASN D 327 -8.74 -7.80 20.16
C ASN D 327 -9.16 -8.65 18.95
N ASN D 328 -9.45 -9.92 19.21
CA ASN D 328 -9.78 -10.94 18.21
C ASN D 328 -8.67 -11.06 17.14
N ARG D 329 -7.42 -10.94 17.58
CA ARG D 329 -6.27 -11.19 16.72
C ARG D 329 -5.80 -12.61 16.97
N ALA D 330 -5.54 -13.34 15.89
CA ALA D 330 -5.18 -14.74 15.99
C ALA D 330 -3.78 -14.91 16.57
N LEU D 331 -3.63 -15.92 17.43
CA LEU D 331 -2.35 -16.16 18.08
C LEU D 331 -1.37 -16.79 17.10
N LYS D 332 -0.11 -16.37 17.19
CA LYS D 332 0.93 -16.88 16.31
C LYS D 332 1.45 -18.22 16.85
N SER D 333 1.49 -19.22 15.97
CA SER D 333 1.83 -20.58 16.35
C SER D 333 3.19 -20.99 15.82
N LEU D 334 3.53 -22.27 16.04
CA LEU D 334 4.85 -22.79 15.72
C LEU D 334 5.08 -22.87 14.21
N SER D 335 4.02 -23.08 13.44
CA SER D 335 4.14 -23.01 11.99
C SER D 335 3.95 -21.60 11.46
N ASP D 336 3.25 -20.75 12.20
CA ASP D 336 3.07 -19.37 11.78
C ASP D 336 4.33 -18.54 11.96
N ILE D 337 5.24 -18.94 12.85
CA ILE D 337 6.49 -18.20 12.97
C ILE D 337 7.53 -18.57 11.91
N ILE D 338 7.24 -19.57 11.08
CA ILE D 338 8.19 -20.01 10.06
C ILE D 338 7.60 -20.05 8.65
N GLU D 339 6.28 -19.99 8.50
CA GLU D 339 5.68 -20.41 7.24
C GLU D 339 5.50 -19.30 6.21
N GLY D 340 5.57 -18.03 6.60
CA GLY D 340 5.23 -16.94 5.73
C GLY D 340 6.42 -16.10 5.31
N LYS D 341 6.11 -14.96 4.70
CA LYS D 341 7.12 -13.97 4.34
C LYS D 341 7.55 -13.12 5.52
N GLN D 342 6.83 -13.18 6.63
CA GLN D 342 7.27 -12.60 7.89
C GLN D 342 7.84 -13.67 8.82
N GLY D 343 8.07 -14.88 8.30
CA GLY D 343 8.56 -15.98 9.11
C GLY D 343 10.07 -15.94 9.29
N ARG D 344 10.62 -17.10 9.66
CA ARG D 344 12.05 -17.18 9.95
C ARG D 344 12.88 -17.16 8.68
N PHE D 345 12.38 -17.77 7.60
CA PHE D 345 13.19 -17.93 6.40
C PHE D 345 13.36 -16.62 5.65
N ARG D 346 12.26 -15.94 5.35
CA ARG D 346 12.32 -14.78 4.48
C ARG D 346 12.66 -13.49 5.21
N GLN D 347 12.54 -13.44 6.53
CA GLN D 347 12.80 -12.23 7.28
C GLN D 347 14.09 -12.25 8.09
N ASN D 348 14.61 -13.42 8.42
CA ASN D 348 15.77 -13.49 9.29
C ASN D 348 16.90 -14.38 8.78
N LEU D 349 16.70 -15.18 7.76
CA LEU D 349 17.73 -16.07 7.23
C LEU D 349 18.20 -15.70 5.84
N LEU D 350 17.29 -15.38 4.93
CA LEU D 350 17.66 -14.96 3.59
C LEU D 350 17.95 -13.47 3.49
N GLY D 351 17.57 -12.70 4.51
CA GLY D 351 17.90 -11.29 4.57
C GLY D 351 17.94 -10.77 5.99
N LYS D 352 18.97 -10.01 6.34
CA LYS D 352 19.20 -9.57 7.71
C LYS D 352 19.43 -8.07 7.76
N ARG D 353 19.30 -7.50 8.95
CA ARG D 353 19.79 -6.16 9.25
C ARG D 353 21.23 -6.26 9.70
N VAL D 354 22.06 -5.30 9.27
CA VAL D 354 23.50 -5.43 9.42
C VAL D 354 24.06 -4.24 10.19
N ASP D 355 25.21 -4.48 10.83
CA ASP D 355 26.00 -3.44 11.46
C ASP D 355 26.85 -2.73 10.41
N TYR D 356 27.43 -1.59 10.84
CA TYR D 356 28.33 -0.76 10.03
C TYR D 356 27.66 -0.29 8.74
N SER D 357 26.48 0.30 8.87
CA SER D 357 25.69 0.71 7.73
C SER D 357 24.97 2.02 8.05
N GLY D 358 24.57 2.72 6.99
CA GLY D 358 23.82 3.95 7.14
C GLY D 358 23.18 4.32 5.83
N ARG D 359 22.48 5.46 5.84
CA ARG D 359 21.84 5.96 4.63
C ARG D 359 21.69 7.46 4.72
N SER D 360 21.55 8.10 3.55
CA SER D 360 21.30 9.53 3.43
C SER D 360 20.74 9.79 2.03
N VAL D 361 20.27 11.03 1.83
CA VAL D 361 19.79 11.43 0.51
C VAL D 361 21.00 11.67 -0.39
N ILE D 362 20.79 11.58 -1.70
CA ILE D 362 21.88 11.71 -2.67
C ILE D 362 21.74 13.02 -3.43
N VAL D 363 22.87 13.65 -3.73
CA VAL D 363 22.92 14.82 -4.59
C VAL D 363 23.83 14.51 -5.78
N VAL D 364 23.83 15.42 -6.76
CA VAL D 364 24.67 15.21 -7.94
C VAL D 364 26.12 15.53 -7.59
N GLY D 365 27.03 14.80 -8.23
CA GLY D 365 28.45 14.95 -8.00
C GLY D 365 29.32 15.34 -9.19
N PRO D 366 29.03 16.40 -9.94
CA PRO D 366 29.96 16.80 -11.00
C PRO D 366 31.23 17.39 -10.41
N ASN D 367 32.24 17.53 -11.26
CA ASN D 367 33.64 17.83 -10.87
C ASN D 367 34.15 16.81 -9.85
N LEU D 368 33.73 15.57 -10.04
CA LEU D 368 34.12 14.43 -9.22
C LEU D 368 34.16 13.23 -10.14
N LYS D 369 35.16 12.38 -9.96
CA LYS D 369 35.43 11.30 -10.89
C LYS D 369 34.41 10.17 -10.74
N ILE D 370 34.55 9.18 -11.61
CA ILE D 370 33.89 7.89 -11.45
C ILE D 370 34.68 7.14 -10.39
N TYR D 371 34.16 6.00 -9.90
CA TYR D 371 34.70 5.18 -8.81
C TYR D 371 34.88 5.95 -7.49
N GLN D 372 34.26 7.12 -7.36
CA GLN D 372 34.40 7.97 -6.19
C GLN D 372 33.02 8.42 -5.76
N CYS D 373 32.73 8.30 -4.47
CA CYS D 373 31.49 8.81 -3.90
C CYS D 373 31.84 9.84 -2.84
N GLY D 374 30.97 10.83 -2.69
CA GLY D 374 31.16 11.85 -1.67
C GLY D 374 30.50 11.43 -0.38
N LEU D 375 31.30 11.10 0.63
CA LEU D 375 30.78 10.57 1.86
C LEU D 375 30.77 11.63 2.93
N PRO D 376 29.63 11.92 3.57
CA PRO D 376 29.59 12.96 4.61
C PRO D 376 30.39 12.58 5.84
N ARG D 377 30.89 13.61 6.52
CA ARG D 377 31.90 13.43 7.55
C ARG D 377 31.31 12.82 8.83
N GLU D 378 30.14 13.32 9.24
CA GLU D 378 29.50 12.81 10.44
C GLU D 378 28.96 11.40 10.22
N MET D 379 28.69 11.06 8.96
CA MET D 379 28.38 9.67 8.63
C MET D 379 29.63 8.80 8.65
N ALA D 380 30.78 9.40 8.35
CA ALA D 380 31.99 8.60 8.16
C ALA D 380 32.70 8.32 9.48
N ILE D 381 32.51 9.19 10.49
CA ILE D 381 33.09 8.88 11.81
C ILE D 381 32.34 7.73 12.47
N GLU D 382 31.08 7.53 12.11
CA GLU D 382 30.30 6.45 12.70
C GLU D 382 30.60 5.13 12.03
N LEU D 383 30.72 5.12 10.71
CA LEU D 383 30.89 3.86 9.98
C LEU D 383 32.31 3.32 10.12
N PHE D 384 33.30 4.20 10.22
CA PHE D 384 34.70 3.79 10.33
C PHE D 384 35.24 3.96 11.74
N GLN D 385 34.38 3.88 12.75
CA GLN D 385 34.79 4.13 14.13
C GLN D 385 35.84 3.17 14.69
N PRO D 386 35.78 1.83 14.51
CA PRO D 386 36.88 1.01 15.06
C PRO D 386 38.18 1.16 14.28
N PHE D 387 38.12 1.52 13.00
CA PHE D 387 39.34 1.80 12.25
C PHE D 387 39.98 3.11 12.70
N VAL D 388 39.18 4.10 13.10
CA VAL D 388 39.72 5.33 13.66
C VAL D 388 40.29 5.05 15.05
N ILE D 389 39.59 4.23 15.84
CA ILE D 389 40.04 3.89 17.20
C ILE D 389 41.36 3.13 17.16
N HIS D 390 41.54 2.27 16.16
CA HIS D 390 42.81 1.56 16.00
C HIS D 390 43.94 2.51 15.63
N ARG D 391 43.65 3.52 14.81
CA ARG D 391 44.68 4.45 14.35
C ARG D 391 45.06 5.43 15.45
N LEU D 392 44.11 5.84 16.30
CA LEU D 392 44.41 6.77 17.38
C LEU D 392 45.28 6.14 18.46
N ILE D 393 45.27 4.82 18.60
CA ILE D 393 46.13 4.13 19.54
C ILE D 393 47.48 3.81 18.91
N LYS D 394 47.49 3.48 17.61
CA LYS D 394 48.74 3.22 16.89
C LYS D 394 49.59 4.48 16.76
N LEU D 395 48.96 5.65 16.70
CA LEU D 395 49.69 6.90 16.61
C LEU D 395 50.11 7.44 17.97
N GLY D 396 49.79 6.76 19.06
CA GLY D 396 50.19 7.20 20.37
C GLY D 396 49.43 8.40 20.91
N ILE D 397 48.28 8.73 20.31
CA ILE D 397 47.49 9.85 20.81
C ILE D 397 46.78 9.47 22.09
N VAL D 398 46.07 8.34 22.09
CA VAL D 398 45.40 7.84 23.28
C VAL D 398 45.95 6.45 23.59
N ASN D 399 45.42 5.81 24.63
CA ASN D 399 45.91 4.51 25.06
C ASN D 399 44.87 3.41 25.13
N ASN D 400 43.57 3.75 25.12
CA ASN D 400 42.53 2.74 25.20
C ASN D 400 41.33 3.18 24.37
N ILE D 401 40.26 2.39 24.45
CA ILE D 401 39.08 2.65 23.63
C ILE D 401 38.25 3.77 24.25
N LYS D 402 38.31 3.94 25.57
CA LYS D 402 37.49 4.95 26.24
C LYS D 402 37.98 6.37 25.95
N ALA D 403 39.29 6.57 25.95
CA ALA D 403 39.84 7.88 25.57
C ALA D 403 39.62 8.15 24.08
N ALA D 404 39.72 7.10 23.27
CA ALA D 404 39.47 7.25 21.84
C ALA D 404 38.02 7.60 21.56
N LYS D 405 37.07 6.96 22.24
CA LYS D 405 35.66 7.28 22.07
C LYS D 405 35.34 8.67 22.60
N LYS D 406 36.01 9.07 23.69
CA LYS D 406 35.80 10.41 24.25
C LYS D 406 36.31 11.49 23.30
N LEU D 407 37.50 11.30 22.72
CA LEU D 407 38.01 12.27 21.76
C LEU D 407 37.25 12.23 20.44
N ILE D 408 36.64 11.10 20.10
CA ILE D 408 35.83 11.05 18.88
C ILE D 408 34.54 11.83 19.05
N LEU D 409 33.84 11.62 20.18
CA LEU D 409 32.56 12.31 20.36
C LEU D 409 32.74 13.78 20.76
N LYS D 410 33.85 14.14 21.42
CA LYS D 410 34.01 15.51 21.89
C LYS D 410 34.33 16.48 20.74
N GLY D 411 34.82 15.98 19.61
CA GLY D 411 35.17 16.85 18.50
C GLY D 411 36.59 17.33 18.60
N ASP D 412 37.42 16.98 17.61
CA ASP D 412 38.81 17.39 17.57
C ASP D 412 39.23 17.56 16.12
N PRO D 413 40.14 18.48 15.82
CA PRO D 413 40.70 18.54 14.46
C PRO D 413 41.66 17.41 14.14
N GLN D 414 42.14 16.68 15.16
CA GLN D 414 43.01 15.53 14.91
C GLN D 414 42.23 14.35 14.34
N ILE D 415 40.95 14.23 14.75
CA ILE D 415 40.09 13.14 14.31
C ILE D 415 39.82 13.20 12.81
N TRP D 416 39.74 14.41 12.26
CA TRP D 416 39.41 14.54 10.84
C TRP D 416 40.60 14.17 9.95
N SER D 417 41.82 14.51 10.37
CA SER D 417 43.00 14.05 9.64
C SER D 417 43.20 12.55 9.79
N VAL D 418 42.87 12.01 10.98
CA VAL D 418 42.95 10.57 11.19
C VAL D 418 41.94 9.84 10.30
N LEU D 419 40.73 10.37 10.18
CA LEU D 419 39.71 9.75 9.34
C LEU D 419 40.03 9.89 7.86
N GLU D 420 40.67 11.00 7.48
CA GLU D 420 41.12 11.19 6.10
C GLU D 420 42.19 10.18 5.73
N GLU D 421 43.12 9.89 6.65
CA GLU D 421 44.13 8.89 6.34
C GLU D 421 43.66 7.46 6.60
N VAL D 422 42.51 7.28 7.25
CA VAL D 422 41.94 5.94 7.43
C VAL D 422 41.11 5.51 6.22
N ILE D 423 40.25 6.39 5.70
CA ILE D 423 39.37 5.98 4.60
C ILE D 423 40.05 5.96 3.25
N THR D 424 41.34 6.29 3.18
CA THR D 424 42.07 6.28 1.92
C THR D 424 42.34 4.84 1.48
N GLY D 425 41.76 4.45 0.35
CA GLY D 425 41.94 3.11 -0.19
C GLY D 425 41.00 2.07 0.36
N HIS D 426 40.04 2.46 1.19
CA HIS D 426 39.05 1.53 1.74
C HIS D 426 37.79 1.65 0.92
N PRO D 427 37.43 0.66 0.10
CA PRO D 427 36.23 0.78 -0.73
C PRO D 427 34.95 0.67 0.08
N VAL D 428 33.89 1.25 -0.46
CA VAL D 428 32.61 1.39 0.22
C VAL D 428 31.51 0.99 -0.75
N MET D 429 30.64 0.08 -0.34
CA MET D 429 29.53 -0.38 -1.18
C MET D 429 28.31 0.51 -1.01
N LEU D 430 27.74 0.95 -2.12
CA LEU D 430 26.54 1.76 -2.15
C LEU D 430 25.39 0.94 -2.73
N ASN D 431 24.20 1.11 -2.17
CA ASN D 431 23.05 0.33 -2.59
C ASN D 431 21.81 1.21 -2.62
N ARG D 432 21.00 1.08 -3.66
CA ARG D 432 19.72 1.75 -3.75
C ARG D 432 18.63 0.72 -4.02
N ALA D 433 17.58 0.74 -3.18
CA ALA D 433 16.44 -0.16 -3.28
C ALA D 433 15.37 0.41 -4.21
N PRO D 434 14.74 -0.40 -5.07
CA PRO D 434 14.87 -1.86 -5.23
C PRO D 434 16.10 -2.30 -6.04
N THR D 435 16.73 -3.38 -5.59
CA THR D 435 17.90 -3.95 -6.25
C THR D 435 17.41 -4.94 -7.30
N LEU D 436 17.13 -4.44 -8.50
CA LEU D 436 16.51 -5.27 -9.52
C LEU D 436 17.51 -6.13 -10.28
N HIS D 437 18.77 -5.70 -10.35
CA HIS D 437 19.79 -6.50 -11.02
C HIS D 437 21.11 -6.29 -10.29
N ARG D 438 22.20 -6.73 -10.93
CA ARG D 438 23.51 -6.80 -10.28
C ARG D 438 24.10 -5.42 -10.02
N LEU D 439 23.79 -4.45 -10.87
CA LEU D 439 24.39 -3.12 -10.79
C LEU D 439 23.72 -2.23 -9.74
N GLY D 440 22.80 -2.76 -8.95
CA GLY D 440 22.23 -2.02 -7.84
C GLY D 440 23.10 -1.93 -6.62
N ILE D 441 24.17 -2.72 -6.56
CA ILE D 441 25.20 -2.62 -5.52
C ILE D 441 26.53 -2.44 -6.21
N GLN D 442 27.18 -1.31 -5.98
CA GLN D 442 28.49 -1.03 -6.56
C GLN D 442 29.40 -0.42 -5.50
N ALA D 443 30.70 -0.56 -5.72
CA ALA D 443 31.71 -0.13 -4.76
C ALA D 443 32.38 1.15 -5.22
N PHE D 444 32.71 2.02 -4.26
CA PHE D 444 33.27 3.33 -4.54
C PHE D 444 34.39 3.62 -3.55
N GLU D 445 35.29 4.53 -3.95
CA GLU D 445 36.31 5.03 -3.04
C GLU D 445 35.84 6.35 -2.46
N PRO D 446 35.61 6.44 -1.16
CA PRO D 446 34.99 7.65 -0.61
C PRO D 446 35.98 8.80 -0.43
N ILE D 447 35.46 10.01 -0.63
CA ILE D 447 36.15 11.22 -0.25
C ILE D 447 35.24 11.99 0.71
N LEU D 448 35.85 12.65 1.68
CA LEU D 448 35.10 13.31 2.75
C LEU D 448 34.57 14.65 2.24
N VAL D 449 33.27 14.74 2.09
CA VAL D 449 32.62 16.00 1.72
C VAL D 449 32.01 16.60 2.97
N GLU D 450 31.73 17.90 2.91
CA GLU D 450 31.11 18.60 4.01
C GLU D 450 29.65 18.87 3.66
N GLY D 451 28.76 18.64 4.61
CA GLY D 451 27.34 18.69 4.36
C GLY D 451 26.67 17.48 4.97
N ARG D 452 25.55 17.06 4.41
CA ARG D 452 24.87 15.87 4.93
C ARG D 452 24.38 14.91 3.85
N ALA D 453 24.51 15.23 2.57
CA ALA D 453 24.07 14.33 1.51
C ALA D 453 25.26 13.60 0.90
N ILE D 454 24.96 12.49 0.24
CA ILE D 454 25.97 11.68 -0.43
C ILE D 454 26.07 12.14 -1.88
N GLN D 455 27.29 12.43 -2.32
CA GLN D 455 27.52 12.92 -3.67
C GLN D 455 27.74 11.73 -4.61
N LEU D 456 26.87 11.59 -5.59
CA LEU D 456 26.91 10.48 -6.53
C LEU D 456 27.34 10.98 -7.91
N HIS D 457 28.17 10.19 -8.58
CA HIS D 457 28.62 10.53 -9.92
C HIS D 457 27.47 10.39 -10.92
N PRO D 458 27.31 11.33 -11.84
CA PRO D 458 26.13 11.32 -12.73
C PRO D 458 26.12 10.22 -13.78
N LEU D 459 27.21 9.49 -13.99
CA LEU D 459 27.21 8.42 -14.98
C LEU D 459 26.71 7.09 -14.45
N VAL D 460 26.69 6.90 -13.12
CA VAL D 460 26.27 5.63 -12.55
C VAL D 460 24.79 5.68 -12.20
N CYS D 461 24.14 6.78 -12.56
CA CYS D 461 22.73 6.99 -12.23
C CYS D 461 21.74 6.12 -13.01
N PRO D 462 21.92 5.81 -14.32
CA PRO D 462 21.05 4.80 -14.92
C PRO D 462 21.26 3.39 -14.40
N ALA D 463 22.45 3.08 -13.87
CA ALA D 463 22.68 1.75 -13.30
C ALA D 463 21.92 1.56 -12.00
N PHE D 464 21.70 2.63 -11.24
CA PHE D 464 20.93 2.59 -10.01
C PHE D 464 19.47 2.94 -10.23
N ASN D 465 19.12 3.46 -11.41
CA ASN D 465 17.84 4.14 -11.68
C ASN D 465 17.58 5.22 -10.64
N ALA D 466 18.53 6.13 -10.51
CA ALA D 466 18.53 7.13 -9.44
C ALA D 466 18.58 8.54 -10.03
N ASP D 467 17.61 9.37 -9.65
CA ASP D 467 17.64 10.79 -9.93
C ASP D 467 17.67 11.54 -8.61
N PHE D 468 17.92 12.84 -8.69
CA PHE D 468 18.11 13.66 -7.49
C PHE D 468 16.86 14.48 -7.18
N ASP D 469 15.78 13.76 -6.86
CA ASP D 469 14.54 14.39 -6.44
C ASP D 469 13.97 13.74 -5.18
N GLY D 470 14.82 13.06 -4.43
CA GLY D 470 14.39 12.44 -3.18
C GLY D 470 14.92 11.05 -2.94
N ASP D 471 15.79 10.50 -3.79
CA ASP D 471 16.27 9.14 -3.58
C ASP D 471 17.28 9.09 -2.44
N GLN D 472 17.25 8.00 -1.69
CA GLN D 472 18.23 7.74 -0.65
C GLN D 472 18.96 6.44 -0.98
N MET D 473 20.21 6.34 -0.56
CA MET D 473 21.03 5.17 -0.82
C MET D 473 21.67 4.68 0.47
N ALA D 474 21.74 3.36 0.63
CA ALA D 474 22.38 2.77 1.79
C ALA D 474 23.88 2.61 1.52
N VAL D 475 24.64 2.63 2.60
CA VAL D 475 26.10 2.58 2.57
C VAL D 475 26.56 1.42 3.44
N HIS D 476 27.48 0.61 2.94
CA HIS D 476 27.99 -0.54 3.67
C HIS D 476 29.51 -0.55 3.62
N VAL D 477 30.14 -0.90 4.73
CA VAL D 477 31.59 -0.87 4.87
C VAL D 477 32.09 -2.30 5.01
N PRO D 478 32.89 -2.80 4.07
CA PRO D 478 33.52 -4.11 4.28
C PRO D 478 34.64 -4.04 5.31
N LEU D 479 34.72 -5.09 6.13
CA LEU D 479 35.64 -5.13 7.27
C LEU D 479 36.88 -5.97 7.02
N SER D 480 36.71 -7.17 6.50
CA SER D 480 37.82 -8.08 6.29
C SER D 480 38.65 -7.64 5.08
N LEU D 481 39.84 -8.24 4.96
CA LEU D 481 40.72 -7.92 3.85
C LEU D 481 40.30 -8.62 2.57
N GLU D 482 39.75 -9.85 2.68
CA GLU D 482 39.15 -10.52 1.54
C GLU D 482 37.92 -9.77 1.05
N ALA D 483 37.21 -9.08 1.94
CA ALA D 483 36.02 -8.34 1.56
C ALA D 483 36.37 -6.99 0.93
N GLN D 484 37.53 -6.43 1.28
CA GLN D 484 37.99 -5.22 0.60
C GLN D 484 38.63 -5.54 -0.73
N CYS D 485 39.29 -6.70 -0.86
CA CYS D 485 39.84 -7.09 -2.16
C CYS D 485 38.75 -7.48 -3.14
N GLU D 486 37.61 -7.94 -2.64
CA GLU D 486 36.49 -8.28 -3.51
C GLU D 486 35.70 -7.04 -3.94
N ALA D 487 35.63 -6.03 -3.10
CA ALA D 487 34.95 -4.80 -3.49
C ALA D 487 35.76 -4.03 -4.51
N ARG D 488 37.08 -4.17 -4.50
CA ARG D 488 37.95 -3.44 -5.40
C ARG D 488 38.09 -4.13 -6.75
N LEU D 489 38.28 -5.44 -6.76
CA LEU D 489 38.56 -6.16 -7.99
C LEU D 489 37.32 -6.66 -8.71
N LEU D 490 36.19 -6.79 -8.02
CA LEU D 490 34.99 -7.33 -8.62
C LEU D 490 33.82 -6.36 -8.69
N MET D 491 33.75 -5.37 -7.80
CA MET D 491 32.56 -4.54 -7.68
C MET D 491 32.80 -3.05 -7.87
N LEU D 492 34.03 -2.63 -8.16
CA LEU D 492 34.33 -1.21 -8.33
C LEU D 492 33.65 -0.67 -9.58
N ALA D 493 33.18 0.57 -9.49
CA ALA D 493 32.25 1.11 -10.47
C ALA D 493 32.90 1.44 -11.81
N CYS D 494 34.23 1.50 -11.88
CA CYS D 494 34.91 1.75 -13.15
C CYS D 494 35.13 0.48 -13.96
N HIS D 495 34.66 -0.68 -13.48
CA HIS D 495 34.73 -1.92 -14.22
C HIS D 495 33.35 -2.45 -14.61
N ASN D 496 32.31 -1.65 -14.45
CA ASN D 496 30.94 -2.12 -14.63
C ASN D 496 30.27 -1.38 -15.78
N VAL D 497 30.97 -1.26 -16.90
CA VAL D 497 30.47 -0.48 -18.04
C VAL D 497 29.39 -1.25 -18.78
N LEU D 498 29.63 -2.52 -19.06
CA LEU D 498 28.69 -3.31 -19.84
C LEU D 498 27.58 -3.88 -18.98
N SER D 499 26.40 -4.00 -19.57
CA SER D 499 25.28 -4.64 -18.90
C SER D 499 25.53 -6.14 -18.83
N PRO D 500 24.97 -6.83 -17.83
CA PRO D 500 25.04 -8.30 -17.85
C PRO D 500 23.91 -8.96 -18.62
N ALA D 501 22.84 -8.23 -18.94
CA ALA D 501 21.73 -8.81 -19.69
C ALA D 501 22.02 -8.81 -21.19
N THR D 502 22.52 -7.70 -21.70
CA THR D 502 22.97 -7.54 -23.07
C THR D 502 24.49 -7.38 -23.06
N GLY D 503 25.06 -7.08 -24.22
CA GLY D 503 26.47 -6.76 -24.23
C GLY D 503 26.77 -5.29 -24.33
N LYS D 504 25.76 -4.46 -24.28
CA LYS D 504 25.68 -3.04 -24.50
C LYS D 504 26.12 -2.27 -23.26
N PRO D 505 26.74 -1.11 -23.42
CA PRO D 505 27.25 -0.38 -22.26
C PRO D 505 26.16 0.33 -21.47
N ILE D 506 26.24 0.18 -20.15
CA ILE D 506 25.36 0.92 -19.25
C ILE D 506 25.91 2.32 -19.01
N VAL D 507 27.20 2.41 -18.70
CA VAL D 507 27.86 3.69 -18.47
C VAL D 507 28.00 4.41 -19.81
N ALA D 508 27.20 5.44 -20.01
CA ALA D 508 27.20 6.23 -21.23
C ALA D 508 26.63 7.59 -20.91
N PRO D 509 26.95 8.63 -21.69
CA PRO D 509 26.35 9.95 -21.44
C PRO D 509 24.84 9.95 -21.62
N SER D 510 24.17 10.83 -20.87
CA SER D 510 22.72 10.88 -20.87
C SER D 510 22.26 12.26 -20.38
N GLN D 511 21.27 12.82 -21.09
CA GLN D 511 20.34 13.87 -20.67
C GLN D 511 20.89 15.27 -20.53
N ASP D 512 22.20 15.43 -20.44
CA ASP D 512 22.80 16.74 -20.64
C ASP D 512 24.11 16.69 -21.39
N MET D 513 24.85 15.59 -21.29
CA MET D 513 26.05 15.41 -22.06
C MET D 513 25.70 15.04 -23.50
N VAL D 514 24.58 14.33 -23.69
CA VAL D 514 24.09 14.05 -25.04
C VAL D 514 23.64 15.33 -25.73
N LEU D 515 22.94 16.20 -25.01
CA LEU D 515 22.50 17.47 -25.59
C LEU D 515 23.69 18.42 -25.81
N GLY D 516 24.67 18.38 -24.91
CA GLY D 516 25.85 19.20 -25.07
C GLY D 516 26.73 18.76 -26.22
N CYS D 517 26.82 17.45 -26.47
CA CYS D 517 27.57 16.96 -27.62
C CYS D 517 26.77 17.08 -28.91
N TYR D 518 25.44 17.11 -28.83
CA TYR D 518 24.64 17.34 -30.02
C TYR D 518 24.74 18.80 -30.46
N TYR D 519 24.68 19.73 -29.52
CA TYR D 519 24.82 21.15 -29.87
C TYR D 519 26.22 21.46 -30.39
N LEU D 520 27.24 20.78 -29.84
CA LEU D 520 28.62 21.05 -30.22
C LEU D 520 28.91 20.66 -31.66
N THR D 521 28.30 19.59 -32.14
CA THR D 521 28.62 19.03 -33.45
C THR D 521 27.49 19.19 -34.46
N ALA D 522 26.56 20.12 -34.24
CA ALA D 522 25.45 20.30 -35.15
C ALA D 522 25.79 21.32 -36.25
N GLU D 523 24.87 21.46 -37.20
CA GLU D 523 24.97 22.46 -38.24
C GLU D 523 24.09 23.65 -37.88
N ASN D 524 24.57 24.86 -38.14
CA ASN D 524 23.84 26.08 -37.86
C ASN D 524 24.10 27.09 -38.96
N PRO D 525 23.11 27.40 -39.81
CA PRO D 525 23.34 28.37 -40.89
C PRO D 525 23.46 29.81 -40.42
N ASN D 526 23.00 30.12 -39.20
CA ASN D 526 23.05 31.50 -38.74
C ASN D 526 24.44 31.90 -38.26
N ALA D 527 25.13 31.00 -37.55
CA ALA D 527 26.45 31.28 -36.99
C ALA D 527 27.52 30.87 -37.98
N GLN D 528 27.81 31.76 -38.92
CA GLN D 528 28.83 31.55 -39.96
C GLN D 528 29.75 32.76 -39.97
N LYS D 529 30.76 32.74 -39.11
CA LYS D 529 31.79 33.78 -39.08
C LYS D 529 33.13 33.12 -39.42
N GLY D 530 33.79 33.62 -40.47
CA GLY D 530 35.00 32.99 -40.93
C GLY D 530 34.78 31.68 -41.66
N ALA D 531 33.63 31.53 -42.32
CA ALA D 531 33.31 30.30 -43.01
C ALA D 531 34.13 30.16 -44.29
N GLY D 532 34.48 28.92 -44.62
CA GLY D 532 35.22 28.64 -45.83
C GLY D 532 36.70 28.92 -45.77
N ARG D 533 37.22 29.27 -44.61
CA ARG D 533 38.65 29.54 -44.49
C ARG D 533 39.43 28.24 -44.40
N TYR D 534 40.70 28.31 -44.76
CA TYR D 534 41.58 27.15 -44.77
C TYR D 534 42.54 27.20 -43.59
N PHE D 535 42.71 26.07 -42.92
CA PHE D 535 43.55 25.97 -41.75
C PHE D 535 44.50 24.79 -41.90
N ALA D 536 45.66 24.91 -41.26
CA ALA D 536 46.73 23.94 -41.41
C ALA D 536 46.67 22.89 -40.30
N GLY D 537 45.57 22.16 -40.27
CA GLY D 537 45.41 21.06 -39.35
C GLY D 537 44.40 21.33 -38.25
N ILE D 538 44.46 20.46 -37.24
CA ILE D 538 43.52 20.52 -36.13
C ILE D 538 43.89 21.61 -35.13
N GLU D 539 45.18 21.70 -34.78
CA GLU D 539 45.62 22.64 -33.77
C GLU D 539 45.49 24.09 -34.22
N ASP D 540 45.59 24.34 -35.53
CA ASP D 540 45.41 25.69 -36.04
C ASP D 540 43.96 26.15 -35.90
N ALA D 541 43.00 25.26 -36.18
CA ALA D 541 41.60 25.60 -35.99
C ALA D 541 41.23 25.69 -34.52
N LEU D 542 41.87 24.88 -33.66
CA LEU D 542 41.63 24.97 -32.23
C LEU D 542 42.19 26.27 -31.67
N ARG D 543 43.33 26.73 -32.19
CA ARG D 543 43.84 28.03 -31.80
C ARG D 543 42.99 29.17 -32.33
N ALA D 544 42.40 28.99 -33.51
CA ALA D 544 41.52 30.02 -34.06
C ALA D 544 40.20 30.10 -33.30
N TYR D 545 39.75 29.00 -32.71
CA TYR D 545 38.51 29.05 -31.95
C TYR D 545 38.71 29.76 -30.61
N ASP D 546 39.81 29.46 -29.91
CA ASP D 546 40.08 30.12 -28.63
C ASP D 546 40.55 31.56 -28.79
N HIS D 547 40.97 31.96 -29.99
CA HIS D 547 41.33 33.34 -30.25
C HIS D 547 40.12 34.18 -30.64
N GLY D 548 39.00 33.56 -30.99
CA GLY D 548 37.81 34.29 -31.38
C GLY D 548 37.70 34.58 -32.86
N GLN D 549 38.29 33.74 -33.71
CA GLN D 549 38.27 34.00 -35.13
C GLN D 549 37.07 33.37 -35.83
N VAL D 550 36.64 32.19 -35.38
CA VAL D 550 35.56 31.45 -36.03
C VAL D 550 34.46 31.18 -35.02
N ASP D 551 33.27 30.88 -35.55
CA ASP D 551 32.16 30.45 -34.73
C ASP D 551 32.28 28.95 -34.43
N LEU D 552 31.32 28.41 -33.69
CA LEU D 552 31.35 26.99 -33.35
C LEU D 552 30.79 26.12 -34.47
N HIS D 553 29.96 26.67 -35.35
CA HIS D 553 29.35 25.90 -36.42
C HIS D 553 29.73 26.43 -37.79
N SER D 554 30.89 27.06 -37.91
CA SER D 554 31.35 27.58 -39.19
C SER D 554 31.87 26.45 -40.07
N GLN D 555 31.60 26.55 -41.37
CA GLN D 555 32.12 25.57 -42.32
C GLN D 555 33.58 25.87 -42.59
N ILE D 556 34.45 24.92 -42.25
CA ILE D 556 35.88 25.14 -42.14
C ILE D 556 36.60 24.03 -42.88
N TRP D 557 37.51 24.40 -43.79
CA TRP D 557 38.36 23.44 -44.47
C TRP D 557 39.58 23.15 -43.60
N ILE D 558 39.91 21.87 -43.44
CA ILE D 558 40.97 21.41 -42.56
C ILE D 558 41.90 20.51 -43.35
N ARG D 559 43.19 20.85 -43.38
CA ARG D 559 44.17 19.95 -43.96
C ARG D 559 44.38 18.75 -43.05
N HIS D 560 44.03 17.57 -43.54
CA HIS D 560 43.98 16.38 -42.70
C HIS D 560 44.27 15.18 -43.59
N LEU D 561 45.48 14.62 -43.47
CA LEU D 561 45.96 13.60 -44.39
C LEU D 561 45.41 12.20 -44.11
N ASP D 562 44.74 12.00 -42.99
CA ASP D 562 44.19 10.68 -42.68
C ASP D 562 42.95 10.41 -43.50
N GLU D 563 42.64 9.13 -43.68
CA GLU D 563 41.52 8.68 -44.50
C GLU D 563 40.40 8.05 -43.70
N ASP D 564 40.57 7.90 -42.38
CA ASP D 564 39.51 7.36 -41.53
C ASP D 564 38.55 8.50 -41.19
N VAL D 565 37.71 8.85 -42.17
CA VAL D 565 36.72 9.92 -42.02
C VAL D 565 35.35 9.32 -42.26
N VAL D 566 34.47 9.41 -41.27
CA VAL D 566 33.10 8.92 -41.37
C VAL D 566 32.17 10.11 -41.31
N THR D 567 31.23 10.18 -42.25
CA THR D 567 30.25 11.25 -42.34
C THR D 567 28.84 10.66 -42.38
N GLU D 568 27.85 11.55 -42.23
CA GLU D 568 26.47 11.17 -42.45
C GLU D 568 26.24 10.92 -43.93
N LYS D 569 25.69 9.72 -44.26
CA LYS D 569 25.53 9.21 -45.62
C LYS D 569 26.86 9.22 -46.35
N PRO D 570 27.76 8.26 -46.06
CA PRO D 570 29.17 8.40 -46.45
C PRO D 570 29.38 8.32 -47.96
N ASP D 571 30.16 9.27 -48.47
CA ASP D 571 30.36 9.46 -49.89
C ASP D 571 31.72 8.92 -50.32
N THR D 572 31.73 8.15 -51.40
CA THR D 572 32.96 7.69 -52.02
C THR D 572 33.03 8.01 -53.52
N GLU D 573 32.01 8.62 -54.10
CA GLU D 573 32.04 8.95 -55.52
C GLU D 573 32.53 10.37 -55.74
N VAL D 574 33.14 10.59 -56.90
CA VAL D 574 33.70 11.88 -57.27
C VAL D 574 32.60 12.72 -57.91
N ILE D 575 32.47 13.97 -57.45
CA ILE D 575 31.49 14.87 -58.04
C ILE D 575 32.04 15.51 -59.31
N LYS D 576 33.19 16.16 -59.20
CA LYS D 576 33.82 16.79 -60.36
C LYS D 576 35.34 16.68 -60.22
N THR D 577 36.04 17.05 -61.29
CA THR D 577 37.49 16.94 -61.36
C THR D 577 38.02 18.14 -62.13
N GLU D 578 38.96 18.88 -61.53
CA GLU D 578 39.64 19.97 -62.20
C GLU D 578 41.09 19.58 -62.40
N ASP D 579 41.54 19.58 -63.65
CA ASP D 579 42.89 19.15 -63.98
C ASP D 579 43.87 20.30 -63.82
N LEU D 580 45.02 20.00 -63.21
CA LEU D 580 46.07 20.97 -62.99
C LEU D 580 47.30 20.57 -63.81
N GLY D 581 48.35 21.39 -63.72
CA GLY D 581 49.58 21.08 -64.40
C GLY D 581 50.38 20.00 -63.70
N ASP D 582 51.47 19.59 -64.39
CA ASP D 582 52.46 18.64 -63.88
C ASP D 582 51.85 17.27 -63.56
N GLY D 583 50.78 16.92 -64.26
CA GLY D 583 50.14 15.62 -64.08
C GLY D 583 49.46 15.44 -62.75
N THR D 584 48.77 16.47 -62.27
CA THR D 584 48.16 16.47 -60.94
C THR D 584 46.65 16.63 -61.07
N VAL D 585 45.90 15.74 -60.43
CA VAL D 585 44.45 15.68 -60.52
C VAL D 585 43.87 16.15 -59.19
N MET D 586 42.91 17.07 -59.24
CA MET D 586 42.23 17.60 -58.06
C MET D 586 40.83 16.97 -58.00
N LYS D 587 40.68 15.96 -57.16
CA LYS D 587 39.42 15.24 -57.04
C LYS D 587 38.53 15.91 -56.01
N TYR D 588 37.26 16.09 -56.37
CA TYR D 588 36.28 16.75 -55.50
C TYR D 588 35.25 15.73 -55.02
N TYR D 589 34.96 15.78 -53.73
CA TYR D 589 33.90 14.98 -53.12
C TYR D 589 32.87 15.93 -52.52
N ARG D 590 31.91 15.37 -51.78
CA ARG D 590 30.90 16.22 -51.17
C ARG D 590 31.48 16.97 -49.97
N GLU D 591 32.28 16.31 -49.15
CA GLU D 591 32.88 16.93 -47.97
C GLU D 591 34.39 16.68 -47.91
N ARG D 592 35.02 16.46 -49.06
CA ARG D 592 36.46 16.22 -49.14
C ARG D 592 37.01 16.81 -50.43
N LYS D 593 38.32 17.06 -50.42
CA LYS D 593 39.06 17.60 -51.57
C LYS D 593 40.44 16.94 -51.54
N ILE D 594 40.66 16.01 -52.47
CA ILE D 594 41.87 15.19 -52.48
C ILE D 594 42.72 15.59 -53.68
N ARG D 595 43.99 15.90 -53.44
CA ARG D 595 44.98 16.14 -54.48
C ARG D 595 45.98 15.00 -54.44
N GLU D 596 46.09 14.26 -55.54
CA GLU D 596 46.95 13.09 -55.59
C GLU D 596 47.94 13.22 -56.74
N GLY D 597 48.93 12.33 -56.74
CA GLY D 597 49.92 12.33 -57.80
C GLY D 597 49.42 11.64 -59.05
N VAL D 598 50.33 11.48 -60.01
CA VAL D 598 49.95 10.93 -61.31
C VAL D 598 49.80 9.42 -61.24
N ASP D 599 50.77 8.74 -60.63
CA ASP D 599 50.82 7.28 -60.69
C ASP D 599 50.67 6.61 -59.33
N GLY D 600 51.50 6.99 -58.34
CA GLY D 600 51.56 6.24 -57.11
C GLY D 600 51.68 7.01 -55.81
N GLU D 601 51.03 8.16 -55.68
CA GLU D 601 51.14 8.93 -54.45
C GLU D 601 49.90 9.81 -54.26
N ILE D 602 49.62 10.13 -53.00
CA ILE D 602 48.62 11.12 -52.62
C ILE D 602 49.38 12.29 -51.99
N ILE D 603 48.99 13.52 -52.33
CA ILE D 603 49.74 14.68 -51.88
C ILE D 603 49.10 15.30 -50.64
N THR D 604 47.88 15.79 -50.77
CA THR D 604 47.22 16.49 -49.68
C THR D 604 45.72 16.25 -49.74
N GLN D 605 45.05 16.59 -48.65
CA GLN D 605 43.61 16.35 -48.52
C GLN D 605 43.02 17.39 -47.59
N TYR D 606 41.87 17.96 -47.99
CA TYR D 606 41.15 18.92 -47.18
C TYR D 606 39.77 18.36 -46.85
N ILE D 607 39.29 18.66 -45.64
CA ILE D 607 38.03 18.15 -45.13
C ILE D 607 37.21 19.32 -44.62
N GLN D 608 35.96 19.42 -45.05
CA GLN D 608 35.06 20.47 -44.61
C GLN D 608 34.36 20.02 -43.34
N THR D 609 34.54 20.78 -42.25
CA THR D 609 34.00 20.40 -40.95
C THR D 609 33.74 21.66 -40.13
N THR D 610 33.19 21.47 -38.95
CA THR D 610 32.97 22.56 -38.02
C THR D 610 34.06 22.54 -36.95
N PRO D 611 34.31 23.67 -36.27
CA PRO D 611 35.24 23.64 -35.13
C PRO D 611 34.76 22.81 -33.95
N GLY D 612 33.44 22.67 -33.78
CA GLY D 612 32.92 21.87 -32.68
C GLY D 612 33.19 20.39 -32.86
N ARG D 613 33.14 19.92 -34.10
CA ARG D 613 33.55 18.55 -34.40
C ARG D 613 35.03 18.35 -34.14
N ILE D 614 35.85 19.37 -34.40
CA ILE D 614 37.28 19.29 -34.12
C ILE D 614 37.53 19.22 -32.62
N ILE D 615 36.74 19.96 -31.83
CA ILE D 615 36.83 19.89 -30.36
C ILE D 615 36.44 18.51 -29.87
N TYR D 616 35.38 17.93 -30.44
CA TYR D 616 34.92 16.60 -30.06
C TYR D 616 35.96 15.52 -30.36
N ASN D 617 36.60 15.61 -31.52
CA ASN D 617 37.61 14.61 -31.88
C ASN D 617 38.91 14.80 -31.13
N LYS D 618 39.27 16.05 -30.80
CA LYS D 618 40.44 16.27 -29.95
C LYS D 618 40.21 15.73 -28.55
N THR D 619 38.97 15.85 -28.04
CA THR D 619 38.63 15.28 -26.74
C THR D 619 38.75 13.76 -26.75
N ILE D 620 38.22 13.12 -27.80
CA ILE D 620 38.34 11.66 -27.95
C ILE D 620 39.81 11.24 -28.06
N ALA D 621 40.60 11.97 -28.84
CA ALA D 621 41.98 11.58 -29.08
C ALA D 621 42.87 11.76 -27.85
N GLU D 622 42.61 12.79 -27.03
CA GLU D 622 43.42 12.94 -25.83
C GLU D 622 42.89 12.06 -24.70
N ALA D 623 41.65 11.59 -24.81
CA ALA D 623 41.15 10.65 -23.81
C ALA D 623 41.65 9.24 -24.07
N LEU D 624 41.76 8.84 -25.34
CA LEU D 624 42.05 7.44 -25.64
C LEU D 624 43.55 7.17 -25.66
N VAL D 625 44.31 7.89 -26.48
CA VAL D 625 45.75 7.70 -26.59
C VAL D 625 46.41 8.47 -25.46
N PHE D 626 46.90 7.75 -24.47
CA PHE D 626 47.52 8.36 -23.31
C PHE D 626 48.54 7.42 -22.67
N ASN E 10 45.03 6.85 -10.00
CA ASN E 10 44.36 6.36 -11.21
C ASN E 10 45.16 5.22 -11.84
N HIS E 11 46.37 5.00 -11.35
CA HIS E 11 47.17 3.88 -11.83
C HIS E 11 46.75 2.56 -11.21
N ILE E 12 46.06 2.59 -10.06
CA ILE E 12 45.70 1.35 -9.41
C ILE E 12 44.53 0.68 -10.13
N ILE E 13 43.67 1.44 -10.80
CA ILE E 13 42.60 0.80 -11.57
C ILE E 13 43.15 0.26 -12.89
N TYR E 14 44.20 0.88 -13.43
CA TYR E 14 44.89 0.32 -14.60
C TYR E 14 45.59 -0.97 -14.25
N ARG E 15 46.25 -1.02 -13.08
CA ARG E 15 46.89 -2.25 -12.63
C ARG E 15 45.88 -3.34 -12.29
N SER E 16 44.71 -2.97 -11.75
CA SER E 16 43.67 -3.95 -11.49
C SER E 16 43.09 -4.50 -12.78
N GLU E 17 42.89 -3.65 -13.79
CA GLU E 17 42.38 -4.11 -15.08
C GLU E 17 43.38 -5.02 -15.79
N GLU E 18 44.67 -4.67 -15.75
CA GLU E 18 45.67 -5.53 -16.39
C GLU E 18 45.94 -6.79 -15.57
N LEU E 19 45.63 -6.80 -14.28
CA LEU E 19 45.76 -8.01 -13.48
C LEU E 19 44.57 -8.95 -13.68
N LEU E 20 43.37 -8.39 -13.85
CA LEU E 20 42.20 -9.21 -14.12
C LEU E 20 42.18 -9.74 -15.54
N GLY E 21 42.69 -8.97 -16.50
CA GLY E 21 42.65 -9.40 -17.89
C GLY E 21 43.62 -10.52 -18.21
N ALA E 22 44.73 -10.60 -17.48
CA ALA E 22 45.76 -11.60 -17.74
C ALA E 22 45.64 -12.82 -16.84
N ALA E 23 44.60 -12.90 -16.02
CA ALA E 23 44.40 -14.03 -15.12
C ALA E 23 43.61 -15.13 -15.81
N SER E 24 43.86 -16.38 -15.38
CA SER E 24 43.14 -17.51 -15.93
C SER E 24 41.71 -17.58 -15.40
N ASN E 25 41.47 -17.01 -14.23
CA ASN E 25 40.17 -17.05 -13.57
C ASN E 25 40.04 -15.78 -12.75
N ARG E 26 38.92 -15.06 -12.92
CA ARG E 26 38.75 -13.79 -12.22
C ARG E 26 38.46 -13.97 -10.74
N TYR E 27 38.06 -15.18 -10.32
CA TYR E 27 37.77 -15.43 -8.92
C TYR E 27 38.94 -16.04 -8.16
N ASN E 28 39.93 -16.59 -8.86
CA ASN E 28 41.11 -17.10 -8.17
C ASN E 28 42.14 -16.01 -7.91
N ILE E 29 42.24 -15.05 -8.84
CA ILE E 29 43.18 -13.95 -8.69
C ILE E 29 42.78 -13.04 -7.54
N THR E 30 41.48 -12.95 -7.25
CA THR E 30 41.00 -12.15 -6.13
C THR E 30 41.41 -12.76 -4.80
N VAL E 31 41.31 -14.10 -4.68
CA VAL E 31 41.74 -14.80 -3.48
C VAL E 31 43.25 -14.72 -3.32
N ARG E 32 44.00 -14.76 -4.44
CA ARG E 32 45.46 -14.65 -4.34
C ARG E 32 45.90 -13.25 -3.93
N VAL E 33 45.20 -12.21 -4.42
CA VAL E 33 45.48 -10.84 -3.98
C VAL E 33 45.14 -10.67 -2.50
N ALA E 34 44.05 -11.29 -2.04
CA ALA E 34 43.69 -11.19 -0.63
C ALA E 34 44.70 -11.90 0.27
N LYS E 35 45.21 -13.05 -0.18
CA LYS E 35 46.22 -13.78 0.58
C LYS E 35 47.53 -13.02 0.65
N ARG E 36 47.96 -12.42 -0.47
CA ARG E 36 49.18 -11.62 -0.45
C ARG E 36 49.00 -10.35 0.36
N ALA E 37 47.79 -9.78 0.38
CA ALA E 37 47.53 -8.60 1.19
C ALA E 37 47.56 -8.94 2.68
N LYS E 38 47.07 -10.12 3.05
CA LYS E 38 47.16 -10.56 4.44
C LYS E 38 48.61 -10.80 4.86
N GLU E 39 49.42 -11.36 3.95
CA GLU E 39 50.85 -11.52 4.25
C GLU E 39 51.56 -10.18 4.36
N ASN E 40 51.19 -9.21 3.52
CA ASN E 40 51.79 -7.88 3.59
C ASN E 40 51.38 -7.15 4.86
N ARG E 41 50.16 -7.38 5.34
CA ARG E 41 49.72 -6.75 6.58
C ARG E 41 50.34 -7.42 7.81
N SER E 42 50.57 -8.73 7.75
CA SER E 42 51.20 -9.40 8.89
C SER E 42 52.70 -9.15 8.94
N GLU E 43 53.35 -8.94 7.79
CA GLU E 43 54.78 -8.65 7.79
C GLU E 43 55.09 -7.20 8.14
N ASP E 44 54.15 -6.29 7.95
CA ASP E 44 54.31 -4.87 8.27
C ASP E 44 53.59 -4.49 9.54
N PHE E 45 53.61 -5.37 10.56
CA PHE E 45 52.88 -5.16 11.80
C PHE E 45 53.43 -3.99 12.62
N ASP E 46 54.67 -3.58 12.39
CA ASP E 46 55.21 -2.39 13.02
C ASP E 46 54.50 -1.14 12.50
N SER E 47 54.56 -0.07 13.29
CA SER E 47 53.78 1.13 12.99
C SER E 47 54.43 2.03 11.95
N ILE E 48 55.66 1.76 11.54
CA ILE E 48 56.35 2.59 10.55
C ILE E 48 55.79 2.22 9.18
N ASP E 49 54.82 2.99 8.70
CA ASP E 49 54.17 2.74 7.42
C ASP E 49 53.61 4.05 6.90
N ASP E 50 52.75 3.97 5.88
CA ASP E 50 52.14 5.14 5.26
C ASP E 50 50.69 4.83 4.93
N PRO E 51 49.78 5.79 5.13
CA PRO E 51 48.36 5.52 4.86
C PRO E 51 48.00 5.44 3.39
N ASN E 52 48.82 5.99 2.50
CA ASN E 52 48.51 5.97 1.08
C ASN E 52 48.87 4.66 0.41
N MET E 53 49.56 3.75 1.11
CA MET E 53 49.90 2.43 0.59
C MET E 53 49.32 1.39 1.54
N LYS E 54 48.07 1.02 1.30
CA LYS E 54 47.42 -0.03 2.05
C LYS E 54 47.97 -1.40 1.61
N PRO E 55 47.78 -2.45 2.43
CA PRO E 55 48.27 -3.78 2.02
C PRO E 55 47.63 -4.34 0.76
N ALA E 56 46.35 -4.07 0.51
CA ALA E 56 45.71 -4.58 -0.70
C ALA E 56 46.22 -3.85 -1.94
N ILE E 57 46.42 -2.53 -1.83
CA ILE E 57 46.96 -1.73 -2.92
C ILE E 57 48.39 -2.15 -3.23
N ARG E 58 49.19 -2.39 -2.19
CA ARG E 58 50.56 -2.84 -2.38
C ARG E 58 50.62 -4.25 -2.96
N ALA E 59 49.67 -5.11 -2.60
CA ALA E 59 49.61 -6.45 -3.18
C ALA E 59 49.25 -6.41 -4.66
N ILE E 60 48.31 -5.54 -5.04
CA ILE E 60 47.95 -5.37 -6.44
C ILE E 60 49.12 -4.80 -7.24
N ILE E 61 49.85 -3.85 -6.64
CA ILE E 61 51.01 -3.24 -7.28
C ILE E 61 52.12 -4.27 -7.51
N GLU E 62 52.42 -5.06 -6.48
CA GLU E 62 53.48 -6.05 -6.59
C GLU E 62 53.12 -7.18 -7.55
N MET E 63 51.84 -7.57 -7.57
CA MET E 63 51.44 -8.65 -8.48
C MET E 63 51.37 -8.16 -9.93
N SER E 64 51.01 -6.90 -10.16
CA SER E 64 51.07 -6.34 -11.51
C SER E 64 52.51 -6.11 -11.95
N ASP E 65 53.42 -5.85 -11.02
CA ASP E 65 54.82 -5.71 -11.39
C ASP E 65 55.47 -7.06 -11.69
N GLU E 66 55.07 -8.12 -10.99
CA GLU E 66 55.52 -9.46 -11.39
C GLU E 66 54.81 -9.96 -12.63
N LEU E 67 53.66 -9.37 -13.00
CA LEU E 67 52.97 -9.80 -14.19
C LEU E 67 53.66 -9.30 -15.47
N THR E 68 53.98 -8.00 -15.50
CA THR E 68 54.62 -7.30 -16.62
C THR E 68 53.86 -7.47 -17.95
N PRO F 71 -25.38 -34.64 9.56
CA PRO F 71 -24.66 -33.41 9.21
C PRO F 71 -23.28 -33.33 9.85
N TYR F 72 -22.35 -32.67 9.17
CA TYR F 72 -20.99 -32.50 9.67
C TYR F 72 -20.78 -31.04 10.05
N THR F 73 -20.20 -30.82 11.22
CA THR F 73 -19.89 -29.47 11.68
C THR F 73 -18.58 -29.50 12.45
N GLU F 74 -17.94 -28.32 12.51
CA GLU F 74 -16.70 -28.17 13.24
C GLU F 74 -16.87 -27.36 14.52
N ASP F 75 -18.12 -27.09 14.91
CA ASP F 75 -18.40 -26.37 16.16
C ASP F 75 -18.48 -27.39 17.30
N SER F 76 -17.43 -27.43 18.11
CA SER F 76 -17.39 -28.35 19.24
C SER F 76 -18.40 -27.99 20.31
N ILE F 77 -18.73 -26.70 20.44
CA ILE F 77 -19.76 -26.28 21.37
C ILE F 77 -21.12 -26.77 20.92
N ARG F 78 -21.40 -26.72 19.62
CA ARG F 78 -22.65 -27.25 19.07
C ARG F 78 -22.74 -28.76 19.23
N ILE F 79 -21.61 -29.46 19.01
CA ILE F 79 -21.56 -30.90 19.19
C ILE F 79 -21.82 -31.28 20.64
N TYR F 80 -21.21 -30.54 21.58
CA TYR F 80 -21.40 -30.85 23.00
C TYR F 80 -22.81 -30.50 23.47
N LEU F 81 -23.40 -29.44 22.92
CA LEU F 81 -24.77 -29.09 23.28
C LEU F 81 -25.75 -30.11 22.74
N GLN F 82 -25.50 -30.69 21.56
CA GLN F 82 -26.32 -31.79 21.09
C GLN F 82 -26.16 -33.04 21.96
N GLU F 83 -24.92 -33.31 22.39
CA GLU F 83 -24.65 -34.49 23.21
C GLU F 83 -25.28 -34.38 24.59
N ILE F 84 -25.36 -33.18 25.16
CA ILE F 84 -26.08 -33.01 26.42
C ILE F 84 -27.57 -32.82 26.21
N GLY F 85 -28.02 -32.47 25.01
CA GLY F 85 -29.44 -32.47 24.72
C GLY F 85 -30.00 -33.84 24.44
N ARG F 86 -29.14 -34.83 24.18
CA ARG F 86 -29.61 -36.20 24.02
C ARG F 86 -30.09 -36.81 25.34
N ILE F 87 -29.68 -36.25 26.48
CA ILE F 87 -30.09 -36.76 27.80
C ILE F 87 -31.28 -35.93 28.29
N ARG F 88 -32.25 -36.60 28.90
CA ARG F 88 -33.43 -35.94 29.43
C ARG F 88 -33.15 -35.34 30.80
N LEU F 89 -34.11 -34.56 31.29
CA LEU F 89 -34.02 -33.92 32.61
C LEU F 89 -34.71 -34.79 33.66
N LEU F 90 -34.22 -34.71 34.88
CA LEU F 90 -34.73 -35.52 35.97
C LEU F 90 -36.01 -34.92 36.56
N ARG F 91 -36.63 -35.70 37.44
CA ARG F 91 -37.70 -35.23 38.31
C ARG F 91 -37.20 -35.25 39.75
N ALA F 92 -38.09 -34.90 40.68
CA ALA F 92 -37.63 -34.68 42.05
C ALA F 92 -37.47 -35.98 42.83
N GLU F 93 -38.39 -36.93 42.63
CA GLU F 93 -38.26 -38.23 43.29
C GLU F 93 -37.08 -39.02 42.75
N GLU F 94 -36.76 -38.81 41.47
CA GLU F 94 -35.51 -39.32 40.91
C GLU F 94 -34.31 -38.74 41.64
N GLU F 95 -34.34 -37.44 41.94
CA GLU F 95 -33.23 -36.81 42.65
C GLU F 95 -33.10 -37.35 44.07
N ILE F 96 -34.23 -37.64 44.72
CA ILE F 96 -34.18 -38.20 46.08
C ILE F 96 -33.58 -39.61 46.07
N GLU F 97 -33.99 -40.44 45.11
CA GLU F 97 -33.47 -41.81 45.05
C GLU F 97 -31.99 -41.83 44.66
N LEU F 98 -31.59 -40.98 43.71
CA LEU F 98 -30.19 -40.89 43.34
C LEU F 98 -29.33 -40.34 44.47
N ALA F 99 -29.89 -39.43 45.29
CA ALA F 99 -29.14 -38.91 46.44
C ALA F 99 -28.95 -39.98 47.51
N ARG F 100 -29.97 -40.85 47.70
CA ARG F 100 -29.82 -41.98 48.62
C ARG F 100 -28.74 -42.94 48.15
N GLN F 101 -28.73 -43.25 46.84
CA GLN F 101 -27.70 -44.14 46.32
C GLN F 101 -26.31 -43.50 46.36
N ILE F 102 -26.23 -42.18 46.20
CA ILE F 102 -24.96 -41.48 46.27
C ILE F 102 -24.42 -41.49 47.71
N ALA F 103 -25.30 -41.34 48.70
CA ALA F 103 -24.88 -41.42 50.09
C ALA F 103 -24.40 -42.83 50.45
N ASP F 104 -25.08 -43.85 49.91
CA ASP F 104 -24.63 -45.23 50.08
C ASP F 104 -23.25 -45.45 49.48
N LEU F 105 -23.01 -44.90 48.27
CA LEU F 105 -21.71 -45.01 47.62
C LEU F 105 -20.62 -44.30 48.42
N LEU F 106 -20.93 -43.15 49.01
CA LEU F 106 -19.92 -42.38 49.72
C LEU F 106 -19.56 -43.02 51.05
N GLU F 107 -20.53 -43.63 51.74
CA GLU F 107 -20.16 -44.32 52.98
C GLU F 107 -19.42 -45.62 52.70
N LEU F 108 -19.74 -46.29 51.57
CA LEU F 108 -18.95 -47.45 51.15
C LEU F 108 -17.52 -47.04 50.80
N GLU F 109 -17.34 -45.88 50.16
CA GLU F 109 -16.00 -45.41 49.86
C GLU F 109 -15.26 -44.96 51.11
N LEU F 110 -15.99 -44.49 52.13
CA LEU F 110 -15.36 -44.14 53.41
C LEU F 110 -14.81 -45.37 54.12
N ILE F 111 -15.60 -46.45 54.17
CA ILE F 111 -15.08 -47.67 54.82
C ILE F 111 -13.99 -48.32 53.96
N ARG F 112 -14.04 -48.13 52.64
CA ARG F 112 -12.95 -48.58 51.77
C ARG F 112 -11.68 -47.79 52.03
N ASP F 113 -11.80 -46.48 52.25
CA ASP F 113 -10.62 -45.65 52.50
C ASP F 113 -9.99 -45.96 53.85
N ASN F 114 -10.80 -46.25 54.87
CA ASN F 114 -10.17 -46.62 56.14
C ASN F 114 -9.58 -48.03 56.08
N LEU F 115 -10.13 -48.92 55.23
CA LEU F 115 -9.49 -50.21 55.07
C LEU F 115 -8.17 -50.10 54.31
N THR F 116 -8.08 -49.19 53.33
CA THR F 116 -6.80 -48.94 52.66
C THR F 116 -5.81 -48.30 53.62
N LEU F 117 -6.28 -47.44 54.52
CA LEU F 117 -5.41 -46.86 55.54
C LEU F 117 -4.99 -47.89 56.58
N GLN F 118 -5.72 -49.00 56.70
CA GLN F 118 -5.35 -50.05 57.65
C GLN F 118 -4.57 -51.19 57.01
N LEU F 119 -4.95 -51.61 55.81
CA LEU F 119 -4.39 -52.82 55.19
C LEU F 119 -3.35 -52.53 54.12
N GLU F 120 -2.79 -51.31 54.09
CA GLU F 120 -1.70 -50.89 53.19
C GLU F 120 -2.08 -51.03 51.72
N ARG F 121 -3.27 -50.49 51.38
CA ARG F 121 -3.71 -50.22 50.01
C ARG F 121 -3.84 -51.50 49.17
N GLN F 122 -4.40 -52.55 49.77
CA GLN F 122 -4.68 -53.80 49.05
C GLN F 122 -6.15 -54.20 49.26
N PRO F 123 -7.07 -53.25 49.17
CA PRO F 123 -8.49 -53.54 49.43
C PRO F 123 -9.32 -53.89 48.20
N SER F 124 -8.70 -54.25 47.08
CA SER F 124 -9.44 -54.54 45.86
C SER F 124 -10.29 -55.81 46.01
N GLU F 125 -9.85 -56.76 46.82
CA GLU F 125 -10.59 -57.98 47.08
C GLU F 125 -11.20 -58.01 48.47
N LEU F 126 -11.20 -56.89 49.19
CA LEU F 126 -11.71 -56.82 50.55
C LEU F 126 -12.93 -55.91 50.58
N GLU F 127 -13.93 -56.31 51.37
CA GLU F 127 -15.16 -55.54 51.49
C GLU F 127 -15.82 -55.83 52.83
N TRP F 128 -16.33 -54.79 53.47
CA TRP F 128 -17.09 -54.92 54.71
C TRP F 128 -18.60 -54.91 54.48
N GLY F 129 -19.06 -54.78 53.25
CA GLY F 129 -20.48 -54.83 52.97
C GLY F 129 -21.08 -56.22 53.08
N LYS F 130 -20.25 -57.26 52.99
CA LYS F 130 -20.69 -58.63 53.15
C LYS F 130 -20.61 -59.09 54.60
N GLN F 131 -19.63 -58.59 55.34
CA GLN F 131 -19.47 -58.93 56.75
C GLN F 131 -20.03 -57.83 57.65
N ASN F 177 -19.76 -66.40 47.50
CA ASN F 177 -19.44 -66.19 46.09
C ASN F 177 -20.47 -65.30 45.41
N LYS F 178 -21.75 -65.57 45.69
CA LYS F 178 -22.81 -64.72 45.17
C LYS F 178 -22.87 -63.38 45.90
N ASN F 179 -22.34 -63.33 47.12
CA ASN F 179 -22.32 -62.08 47.89
C ASN F 179 -21.37 -61.07 47.26
N PHE F 180 -20.24 -61.53 46.72
CA PHE F 180 -19.33 -60.63 46.02
C PHE F 180 -19.93 -60.11 44.72
N ALA F 181 -20.71 -60.94 44.03
CA ALA F 181 -21.42 -60.49 42.84
C ALA F 181 -22.49 -59.46 43.19
N ALA F 182 -23.19 -59.67 44.31
CA ALA F 182 -24.16 -58.68 44.76
C ALA F 182 -23.49 -57.38 45.18
N PHE F 183 -22.30 -57.47 45.77
CA PHE F 183 -21.55 -56.28 46.16
C PHE F 183 -21.08 -55.50 44.93
N ARG F 184 -20.61 -56.22 43.90
CA ARG F 184 -20.22 -55.56 42.66
C ARG F 184 -21.42 -54.93 41.95
N ARG F 185 -22.59 -55.59 42.01
CA ARG F 185 -23.79 -55.04 41.41
C ARG F 185 -24.27 -53.79 42.16
N ARG F 186 -24.16 -53.81 43.49
CA ARG F 186 -24.52 -52.64 44.30
C ARG F 186 -23.60 -51.46 44.01
N LEU F 187 -22.29 -51.73 43.94
CA LEU F 187 -21.32 -50.67 43.62
C LEU F 187 -21.54 -50.12 42.22
N PHE F 188 -21.89 -50.99 41.27
CA PHE F 188 -22.16 -50.55 39.90
C PHE F 188 -23.41 -49.68 39.83
N LEU F 189 -24.47 -50.05 40.56
CA LEU F 189 -25.68 -49.23 40.55
C LEU F 189 -25.50 -47.90 41.26
N ASP F 190 -24.70 -47.87 42.34
CA ASP F 190 -24.45 -46.58 43.00
C ASP F 190 -23.57 -45.67 42.16
N ARG F 191 -22.56 -46.23 41.49
CA ARG F 191 -21.74 -45.41 40.58
C ARG F 191 -22.55 -44.93 39.38
N ARG F 192 -23.45 -45.76 38.87
CA ARG F 192 -24.33 -45.33 37.79
C ARG F 192 -25.32 -44.26 38.24
N ALA F 193 -25.76 -44.32 39.50
CA ALA F 193 -26.63 -43.28 40.04
C ALA F 193 -25.90 -41.94 40.16
N LYS F 194 -24.65 -41.98 40.62
CA LYS F 194 -23.85 -40.75 40.70
C LYS F 194 -23.60 -40.17 39.31
N ASP F 195 -23.24 -41.02 38.35
CA ASP F 195 -23.00 -40.54 36.98
C ASP F 195 -24.28 -40.04 36.33
N LYS F 196 -25.44 -40.61 36.67
CA LYS F 196 -26.70 -40.13 36.11
C LYS F 196 -27.09 -38.78 36.71
N MET F 197 -26.88 -38.60 38.01
CA MET F 197 -27.19 -37.30 38.64
C MET F 197 -26.23 -36.22 38.17
N VAL F 198 -25.01 -36.58 37.80
CA VAL F 198 -24.11 -35.59 37.23
C VAL F 198 -24.49 -35.29 35.79
N GLN F 199 -24.83 -36.32 35.00
CA GLN F 199 -25.06 -36.14 33.57
C GLN F 199 -26.36 -35.42 33.27
N SER F 200 -27.37 -35.59 34.14
CA SER F 200 -28.68 -35.05 33.82
C SER F 200 -28.75 -33.55 34.08
N ASN F 201 -27.78 -33.01 34.82
CA ASN F 201 -27.78 -31.61 35.20
C ASN F 201 -26.71 -30.80 34.48
N LEU F 202 -26.29 -31.21 33.29
CA LEU F 202 -25.25 -30.49 32.57
C LEU F 202 -25.82 -29.27 31.86
N ARG F 203 -27.16 -29.18 31.77
CA ARG F 203 -27.78 -28.00 31.16
C ARG F 203 -27.71 -26.80 32.10
N LEU F 204 -27.73 -27.06 33.41
CA LEU F 204 -27.58 -26.00 34.40
C LEU F 204 -26.20 -25.37 34.34
N VAL F 205 -25.19 -26.18 34.04
CA VAL F 205 -23.81 -25.68 33.89
C VAL F 205 -23.72 -24.74 32.69
N VAL F 206 -24.36 -25.10 31.58
CA VAL F 206 -24.35 -24.23 30.39
C VAL F 206 -25.16 -22.97 30.64
N SER F 207 -26.24 -23.07 31.41
CA SER F 207 -27.03 -21.87 31.71
C SER F 207 -26.31 -20.94 32.67
N ILE F 208 -25.45 -21.47 33.53
CA ILE F 208 -24.69 -20.62 34.44
C ILE F 208 -23.45 -20.06 33.76
N ALA F 209 -22.70 -20.91 33.04
CA ALA F 209 -21.41 -20.50 32.47
C ALA F 209 -21.54 -19.56 31.28
N LYS F 210 -22.74 -19.30 30.77
CA LYS F 210 -22.90 -18.33 29.71
C LYS F 210 -22.90 -16.89 30.21
N LYS F 211 -22.78 -16.69 31.53
CA LYS F 211 -22.70 -15.35 32.11
C LYS F 211 -21.25 -14.92 32.34
N TYR F 212 -20.33 -15.86 32.44
CA TYR F 212 -18.92 -15.59 32.76
C TYR F 212 -18.03 -15.62 31.53
N MET F 213 -18.53 -15.15 30.39
CA MET F 213 -17.96 -15.54 29.10
C MET F 213 -16.65 -14.82 28.79
N ASN F 214 -16.55 -13.53 29.08
CA ASN F 214 -15.44 -12.72 28.60
C ASN F 214 -14.48 -12.28 29.70
N ARG F 215 -14.18 -13.14 30.67
CA ARG F 215 -13.24 -12.76 31.72
C ARG F 215 -11.84 -13.32 31.51
N GLY F 216 -11.64 -14.17 30.50
CA GLY F 216 -10.31 -14.69 30.24
C GLY F 216 -10.27 -16.14 29.82
N LEU F 217 -11.33 -16.89 30.08
CA LEU F 217 -11.43 -18.28 29.65
C LEU F 217 -12.38 -18.40 28.47
N SER F 218 -12.23 -19.47 27.72
CA SER F 218 -13.16 -19.78 26.66
C SER F 218 -14.40 -20.45 27.24
N PHE F 219 -15.40 -20.68 26.38
CA PHE F 219 -16.68 -21.21 26.84
C PHE F 219 -16.55 -22.66 27.31
N GLN F 220 -15.72 -23.44 26.62
CA GLN F 220 -15.58 -24.87 26.94
C GLN F 220 -14.83 -25.08 28.25
N ASP F 221 -13.86 -24.22 28.56
CA ASP F 221 -13.16 -24.31 29.83
C ASP F 221 -14.09 -23.99 31.00
N LEU F 222 -14.94 -22.98 30.84
CA LEU F 222 -15.93 -22.65 31.86
C LEU F 222 -16.93 -23.78 32.05
N ILE F 223 -17.33 -24.42 30.94
CA ILE F 223 -18.25 -25.55 31.01
C ILE F 223 -17.63 -26.73 31.76
N GLN F 224 -16.35 -27.03 31.48
CA GLN F 224 -15.70 -28.17 32.13
C GLN F 224 -15.43 -27.92 33.61
N GLU F 225 -15.07 -26.68 33.96
CA GLU F 225 -14.82 -26.38 35.37
C GLU F 225 -16.12 -26.32 36.17
N GLY F 226 -17.19 -25.79 35.56
CA GLY F 226 -18.50 -25.88 36.20
C GLY F 226 -19.00 -27.31 36.31
N SER F 227 -18.58 -28.18 35.39
CA SER F 227 -18.93 -29.60 35.50
C SER F 227 -18.21 -30.24 36.68
N LEU F 228 -16.97 -29.85 36.94
CA LEU F 228 -16.27 -30.32 38.14
C LEU F 228 -16.96 -29.83 39.41
N GLY F 229 -17.42 -28.58 39.41
CA GLY F 229 -18.21 -28.08 40.53
C GLY F 229 -19.53 -28.80 40.72
N LEU F 230 -20.17 -29.19 39.61
CA LEU F 230 -21.38 -29.99 39.69
C LEU F 230 -21.13 -31.39 40.23
N ILE F 231 -19.96 -31.96 39.93
CA ILE F 231 -19.56 -33.24 40.52
C ILE F 231 -19.42 -33.11 42.03
N ARG F 232 -18.80 -32.02 42.49
CA ARG F 232 -18.66 -31.79 43.93
C ARG F 232 -20.02 -31.56 44.60
N ALA F 233 -20.92 -30.84 43.92
CA ALA F 233 -22.26 -30.62 44.46
C ALA F 233 -23.08 -31.91 44.51
N ALA F 234 -22.87 -32.81 43.54
CA ALA F 234 -23.59 -34.08 43.56
C ALA F 234 -23.03 -35.01 44.63
N GLU F 235 -21.76 -34.88 44.97
CA GLU F 235 -21.21 -35.67 46.07
C GLU F 235 -21.30 -34.98 47.43
N LYS F 236 -21.86 -33.77 47.50
CA LYS F 236 -22.07 -33.11 48.79
C LYS F 236 -23.55 -32.83 49.08
N PHE F 237 -24.47 -33.38 48.29
CA PHE F 237 -25.88 -33.06 48.42
C PHE F 237 -26.50 -33.81 49.59
N ASP F 238 -27.43 -33.15 50.27
CA ASP F 238 -28.18 -33.73 51.38
C ASP F 238 -29.66 -33.67 51.05
N HIS F 239 -30.27 -34.84 50.86
CA HIS F 239 -31.68 -34.92 50.50
C HIS F 239 -32.61 -34.82 51.70
N GLU F 240 -32.08 -34.86 52.91
CA GLU F 240 -32.88 -34.79 54.12
C GLU F 240 -33.13 -33.36 54.59
N LYS F 241 -32.90 -32.37 53.72
CA LYS F 241 -33.12 -30.98 54.05
C LYS F 241 -34.34 -30.39 53.36
N GLY F 242 -34.90 -31.08 52.37
CA GLY F 242 -36.06 -30.60 51.64
C GLY F 242 -35.75 -29.68 50.49
N TYR F 243 -34.55 -29.12 50.43
CA TYR F 243 -34.20 -28.21 49.35
C TYR F 243 -33.91 -28.98 48.07
N LYS F 244 -34.07 -28.31 46.94
CA LYS F 244 -33.81 -28.92 45.65
C LYS F 244 -32.31 -28.99 45.39
N PHE F 245 -31.96 -29.75 44.36
CA PHE F 245 -30.55 -29.92 44.01
C PHE F 245 -29.98 -28.71 43.29
N SER F 246 -30.85 -27.92 42.64
CA SER F 246 -30.39 -26.87 41.73
C SER F 246 -29.77 -25.70 42.47
N THR F 247 -30.21 -25.39 43.69
CA THR F 247 -29.66 -24.25 44.42
C THR F 247 -28.24 -24.54 44.89
N TYR F 248 -28.05 -25.68 45.55
CA TYR F 248 -26.73 -26.09 46.02
C TYR F 248 -25.79 -26.34 44.83
N ALA F 249 -26.33 -26.88 43.74
CA ALA F 249 -25.56 -27.07 42.52
C ALA F 249 -25.13 -25.75 41.91
N THR F 250 -26.02 -24.74 41.94
CA THR F 250 -25.69 -23.42 41.41
C THR F 250 -24.58 -22.76 42.22
N TRP F 251 -24.63 -22.91 43.55
CA TRP F 251 -23.58 -22.42 44.43
C TRP F 251 -22.22 -23.04 44.09
N TRP F 252 -22.18 -24.37 43.95
CA TRP F 252 -20.89 -25.02 43.70
C TRP F 252 -20.39 -24.79 42.27
N ILE F 253 -21.29 -24.67 41.30
CA ILE F 253 -20.88 -24.41 39.92
C ILE F 253 -20.29 -23.01 39.80
N ARG F 254 -20.93 -22.01 40.43
CA ARG F 254 -20.38 -20.66 40.42
C ARG F 254 -19.07 -20.58 41.20
N GLN F 255 -18.92 -21.38 42.26
CA GLN F 255 -17.66 -21.46 42.99
C GLN F 255 -16.53 -21.97 42.10
N ALA F 256 -16.79 -23.06 41.37
CA ALA F 256 -15.76 -23.66 40.53
C ALA F 256 -15.41 -22.76 39.35
N ILE F 257 -16.41 -22.05 38.80
CA ILE F 257 -16.14 -21.14 37.69
C ILE F 257 -15.30 -19.94 38.14
N THR F 258 -15.64 -19.36 39.30
CA THR F 258 -14.85 -18.22 39.78
C THR F 258 -13.45 -18.64 40.25
N ARG F 259 -13.32 -19.85 40.80
CA ARG F 259 -11.99 -20.33 41.19
C ARG F 259 -11.13 -20.62 39.97
N ALA F 260 -11.74 -21.12 38.88
CA ALA F 260 -11.00 -21.31 37.64
C ALA F 260 -10.62 -20.00 36.99
N ILE F 261 -11.46 -18.97 37.13
CA ILE F 261 -11.08 -17.64 36.65
C ILE F 261 -9.89 -17.11 37.45
N ALA F 262 -9.93 -17.25 38.77
CA ALA F 262 -8.85 -16.74 39.61
C ALA F 262 -7.58 -17.57 39.54
N ASP F 263 -7.64 -18.81 39.05
CA ASP F 263 -6.46 -19.67 38.98
C ASP F 263 -5.85 -19.74 37.59
N GLN F 264 -6.64 -19.55 36.55
CA GLN F 264 -6.20 -19.58 35.16
C GLN F 264 -6.44 -18.20 34.55
N SER F 265 -6.37 -18.13 33.22
CA SER F 265 -6.79 -17.00 32.39
C SER F 265 -5.90 -15.78 32.56
N ARG F 266 -4.68 -15.95 33.07
CA ARG F 266 -3.74 -14.86 33.20
C ARG F 266 -2.35 -15.50 33.19
N THR F 267 -1.42 -14.90 32.43
CA THR F 267 -0.11 -15.51 32.25
C THR F 267 0.72 -15.42 33.52
N ILE F 268 0.86 -14.22 34.08
CA ILE F 268 1.40 -14.03 35.41
C ILE F 268 0.21 -14.00 36.36
N ARG F 269 -0.09 -15.15 36.97
CA ARG F 269 -1.33 -15.28 37.74
C ARG F 269 -1.22 -14.58 39.09
N LEU F 270 -2.36 -14.10 39.57
CA LEU F 270 -2.56 -13.44 40.84
C LEU F 270 -3.35 -14.35 41.77
N PRO F 271 -3.06 -14.33 43.07
CA PRO F 271 -3.83 -15.14 44.02
C PRO F 271 -5.24 -14.60 44.22
N VAL F 272 -6.06 -15.40 44.92
CA VAL F 272 -7.48 -15.10 45.07
C VAL F 272 -7.70 -13.90 45.99
N HIS F 273 -6.87 -13.76 47.03
CA HIS F 273 -6.98 -12.64 47.94
C HIS F 273 -6.63 -11.32 47.26
N LEU F 274 -5.79 -11.36 46.23
CA LEU F 274 -5.51 -10.16 45.46
C LEU F 274 -6.74 -9.73 44.65
N TYR F 275 -7.48 -10.70 44.11
CA TYR F 275 -8.71 -10.37 43.37
C TYR F 275 -9.77 -9.80 44.31
N GLU F 276 -9.89 -10.37 45.51
CA GLU F 276 -10.86 -9.82 46.46
C GLU F 276 -10.43 -8.45 46.98
N THR F 277 -9.11 -8.19 47.06
CA THR F 277 -8.64 -6.87 47.45
C THR F 277 -8.89 -5.84 46.36
N ILE F 278 -8.74 -6.25 45.09
CA ILE F 278 -9.03 -5.35 43.98
C ILE F 278 -10.51 -5.00 43.93
N SER F 279 -11.38 -5.98 44.19
CA SER F 279 -12.82 -5.70 44.23
C SER F 279 -13.20 -4.81 45.40
N ARG F 280 -12.58 -5.03 46.57
CA ARG F 280 -12.83 -4.16 47.73
C ARG F 280 -12.35 -2.73 47.47
N ILE F 281 -11.23 -2.58 46.78
CA ILE F 281 -10.72 -1.25 46.45
C ILE F 281 -11.65 -0.56 45.45
N LYS F 282 -12.21 -1.31 44.50
CA LYS F 282 -13.18 -0.74 43.56
C LYS F 282 -14.43 -0.24 44.27
N LYS F 283 -14.96 -1.05 45.20
CA LYS F 283 -16.14 -0.63 45.96
C LYS F 283 -15.85 0.56 46.87
N THR F 284 -14.66 0.60 47.48
CA THR F 284 -14.31 1.70 48.37
C THR F 284 -14.10 3.00 47.60
N THR F 285 -13.46 2.94 46.44
CA THR F 285 -13.30 4.14 45.62
C THR F 285 -14.63 4.64 45.08
N LYS F 286 -15.54 3.74 44.72
CA LYS F 286 -16.84 4.23 44.25
C LYS F 286 -17.68 4.80 45.39
N LEU F 287 -17.55 4.28 46.61
CA LEU F 287 -18.31 4.84 47.73
C LEU F 287 -17.73 6.20 48.17
N LEU F 288 -16.41 6.31 48.26
CA LEU F 288 -15.81 7.59 48.60
C LEU F 288 -15.86 8.60 47.46
N SER F 289 -16.12 8.16 46.23
CA SER F 289 -16.42 9.12 45.17
C SER F 289 -17.88 9.55 45.21
N GLN F 290 -18.78 8.68 45.68
CA GLN F 290 -20.15 9.12 45.91
C GLN F 290 -20.24 10.12 47.06
N GLU F 291 -19.39 9.95 48.09
CA GLU F 291 -19.39 10.89 49.20
C GLU F 291 -18.73 12.21 48.79
N MET F 292 -17.46 12.17 48.42
CA MET F 292 -16.73 13.35 47.94
C MET F 292 -16.81 13.38 46.42
N ARG F 293 -17.60 14.30 45.88
CA ARG F 293 -17.91 14.28 44.45
C ARG F 293 -16.73 14.72 43.60
N ARG F 294 -15.95 15.69 44.06
CA ARG F 294 -14.79 16.17 43.32
C ARG F 294 -13.53 15.92 44.14
N LYS F 295 -12.39 16.11 43.48
CA LYS F 295 -11.03 15.92 43.99
C LYS F 295 -10.84 14.52 44.58
N PRO F 296 -10.71 13.48 43.75
CA PRO F 296 -10.44 12.13 44.28
C PRO F 296 -9.09 12.05 44.97
N THR F 297 -9.07 11.35 46.10
CA THR F 297 -7.94 11.40 47.03
C THR F 297 -7.44 10.00 47.37
N GLU F 298 -6.22 9.69 46.93
CA GLU F 298 -5.60 8.40 47.25
C GLU F 298 -5.24 8.31 48.73
N GLU F 299 -5.04 9.45 49.40
CA GLU F 299 -4.79 9.43 50.84
C GLU F 299 -6.02 8.94 51.61
N GLU F 300 -7.21 9.40 51.23
CA GLU F 300 -8.41 8.89 51.86
C GLU F 300 -8.82 7.52 51.33
N ILE F 301 -8.39 7.16 50.12
CA ILE F 301 -8.58 5.79 49.64
C ILE F 301 -7.77 4.82 50.49
N ALA F 302 -6.51 5.17 50.79
CA ALA F 302 -5.70 4.36 51.69
C ALA F 302 -6.18 4.44 53.12
N GLU F 303 -6.84 5.53 53.50
CA GLU F 303 -7.42 5.64 54.84
C GLU F 303 -8.61 4.71 55.02
N LYS F 304 -9.54 4.72 54.06
CA LYS F 304 -10.74 3.90 54.17
C LYS F 304 -10.45 2.41 53.95
N MET F 305 -9.30 2.06 53.36
CA MET F 305 -8.90 0.68 53.25
C MET F 305 -7.90 0.26 54.32
N GLU F 306 -7.40 1.23 55.11
CA GLU F 306 -6.47 1.01 56.23
C GLU F 306 -5.17 0.35 55.77
N MET F 307 -4.69 0.73 54.60
CA MET F 307 -3.48 0.17 54.04
C MET F 307 -2.52 1.28 53.63
N THR F 308 -1.31 0.88 53.30
CA THR F 308 -0.26 1.82 52.91
C THR F 308 -0.48 2.26 51.47
N ILE F 309 -0.14 3.52 51.17
CA ILE F 309 -0.36 4.07 49.84
C ILE F 309 0.58 3.43 48.81
N GLU F 310 1.80 3.06 49.21
CA GLU F 310 2.68 2.35 48.29
C GLU F 310 2.23 0.91 48.10
N LYS F 311 1.57 0.33 49.11
CA LYS F 311 0.93 -0.97 48.93
C LYS F 311 -0.23 -0.87 47.96
N LEU F 312 -1.00 0.22 48.02
CA LEU F 312 -2.07 0.46 47.06
C LEU F 312 -1.53 0.62 45.64
N ARG F 313 -0.38 1.29 45.50
CA ARG F 313 0.26 1.40 44.20
C ARG F 313 0.78 0.05 43.71
N PHE F 314 1.23 -0.80 44.63
CA PHE F 314 1.65 -2.16 44.27
C PHE F 314 0.47 -3.00 43.77
N ILE F 315 -0.69 -2.86 44.42
CA ILE F 315 -1.88 -3.60 43.99
C ILE F 315 -2.34 -3.11 42.62
N ALA F 316 -2.32 -1.79 42.40
CA ALA F 316 -2.71 -1.24 41.11
C ALA F 316 -1.71 -1.57 40.01
N LYS F 317 -0.44 -1.77 40.37
CA LYS F 317 0.56 -2.16 39.38
C LYS F 317 0.45 -3.64 39.02
N SER F 318 0.17 -4.49 40.01
CA SER F 318 -0.01 -5.91 39.74
C SER F 318 -1.33 -6.20 39.06
N ALA F 319 -2.30 -5.29 39.12
CA ALA F 319 -3.59 -5.50 38.48
C ALA F 319 -3.57 -5.28 36.97
N GLN F 320 -2.46 -4.82 36.41
CA GLN F 320 -2.38 -4.58 34.97
C GLN F 320 -2.32 -5.89 34.19
N LEU F 321 -2.80 -5.84 32.94
CA LEU F 321 -2.81 -6.96 32.02
C LEU F 321 -1.59 -6.88 31.08
N PRO F 322 -1.04 -8.02 30.68
CA PRO F 322 0.08 -8.00 29.73
C PRO F 322 -0.39 -7.71 28.33
N ILE F 323 0.58 -7.37 27.47
CA ILE F 323 0.34 -7.09 26.06
C ILE F 323 1.25 -8.00 25.25
N SER F 324 0.73 -8.52 24.14
CA SER F 324 1.48 -9.48 23.35
C SER F 324 2.56 -8.79 22.54
N LEU F 325 3.61 -9.54 22.24
CA LEU F 325 4.71 -9.05 21.41
C LEU F 325 4.39 -9.08 19.93
N GLU F 326 3.23 -9.62 19.54
CA GLU F 326 2.82 -9.70 18.15
C GLU F 326 1.74 -8.68 17.79
N THR F 327 1.46 -7.74 18.68
CA THR F 327 0.43 -6.74 18.38
C THR F 327 0.98 -5.69 17.42
N PRO F 328 0.21 -5.33 16.39
CA PRO F 328 0.68 -4.26 15.49
C PRO F 328 0.57 -2.90 16.15
N ILE F 329 1.50 -2.02 15.80
CA ILE F 329 1.57 -0.70 16.40
C ILE F 329 0.64 0.29 15.71
N GLY F 330 0.73 0.39 14.38
CA GLY F 330 -0.13 1.27 13.63
C GLY F 330 -1.39 0.58 13.16
N LYS F 331 -2.08 1.23 12.24
CA LYS F 331 -3.26 0.63 11.60
C LYS F 331 -2.88 -0.10 10.31
N GLU F 332 -1.89 -0.98 10.41
CA GLU F 332 -1.40 -1.76 9.28
C GLU F 332 -0.66 -2.98 9.84
N GLU F 333 -0.06 -3.76 8.95
CA GLU F 333 0.65 -4.97 9.33
C GLU F 333 2.16 -4.85 9.17
N ASP F 334 2.66 -3.62 9.05
CA ASP F 334 4.08 -3.38 8.83
C ASP F 334 4.90 -3.34 10.11
N SER F 335 4.27 -3.15 11.26
CA SER F 335 4.98 -2.97 12.52
C SER F 335 4.50 -4.00 13.53
N ARG F 336 5.32 -4.17 14.57
CA ARG F 336 5.10 -5.19 15.60
C ARG F 336 5.76 -4.70 16.87
N LEU F 337 5.22 -5.13 18.02
CA LEU F 337 5.74 -4.64 19.30
C LEU F 337 7.11 -5.20 19.62
N GLY F 338 7.39 -6.44 19.19
CA GLY F 338 8.69 -7.03 19.43
C GLY F 338 9.81 -6.44 18.60
N ASP F 339 9.50 -5.63 17.58
CA ASP F 339 10.52 -4.97 16.78
C ASP F 339 11.18 -3.80 17.50
N PHE F 340 10.63 -3.37 18.62
CA PHE F 340 11.19 -2.25 19.37
C PHE F 340 11.82 -2.66 20.68
N ILE F 341 11.81 -3.95 21.03
CA ILE F 341 12.32 -4.40 22.31
C ILE F 341 13.76 -4.84 22.14
N GLU F 342 14.67 -4.19 22.86
CA GLU F 342 16.08 -4.50 22.84
C GLU F 342 16.39 -5.67 23.77
N ALA F 343 17.24 -6.58 23.30
CA ALA F 343 17.70 -7.68 24.14
C ALA F 343 18.64 -7.15 25.21
N ASP F 344 18.44 -7.60 26.45
CA ASP F 344 19.22 -7.16 27.59
C ASP F 344 20.49 -8.01 27.67
N GLY F 345 21.59 -7.48 27.14
CA GLY F 345 22.86 -8.17 27.17
C GLY F 345 23.98 -7.17 27.24
N GLU F 346 25.21 -7.68 27.06
CA GLU F 346 26.39 -6.84 27.07
C GLU F 346 26.86 -6.57 25.65
N THR F 347 27.17 -5.31 25.37
CA THR F 347 27.57 -4.90 24.03
C THR F 347 28.94 -5.46 23.66
N PRO F 348 29.23 -5.60 22.36
CA PRO F 348 30.60 -5.98 21.96
C PRO F 348 31.66 -4.95 22.32
N GLU F 349 31.26 -3.67 22.43
CA GLU F 349 32.19 -2.63 22.86
C GLU F 349 32.64 -2.83 24.30
N ASP F 350 31.72 -3.21 25.18
CA ASP F 350 32.09 -3.49 26.56
C ASP F 350 32.96 -4.73 26.67
N GLU F 351 32.69 -5.74 25.83
CA GLU F 351 33.51 -6.94 25.80
C GLU F 351 34.94 -6.63 25.36
N VAL F 352 35.11 -5.85 24.28
CA VAL F 352 36.46 -5.56 23.82
C VAL F 352 37.17 -4.61 24.77
N SER F 353 36.43 -3.72 25.45
CA SER F 353 37.08 -2.81 26.40
C SER F 353 37.56 -3.57 27.64
N LYS F 354 36.75 -4.51 28.14
CA LYS F 354 37.20 -5.28 29.29
C LYS F 354 38.28 -6.30 28.92
N ASN F 355 38.32 -6.76 27.67
CA ASN F 355 39.42 -7.65 27.27
C ASN F 355 40.73 -6.89 27.12
N LEU F 356 40.70 -5.68 26.55
CA LEU F 356 41.91 -4.86 26.49
C LEU F 356 42.33 -4.40 27.88
N LEU F 357 41.36 -4.18 28.78
CA LEU F 357 41.69 -3.86 30.17
C LEU F 357 42.36 -5.04 30.86
N ARG F 358 41.89 -6.26 30.59
CA ARG F 358 42.52 -7.46 31.15
C ARG F 358 43.94 -7.65 30.65
N GLU F 359 44.15 -7.44 29.34
CA GLU F 359 45.49 -7.60 28.77
C GLU F 359 46.46 -6.55 29.29
N ASP F 360 46.01 -5.29 29.39
CA ASP F 360 46.85 -4.23 29.94
C ASP F 360 47.10 -4.44 31.43
N LEU F 361 46.13 -5.01 32.14
CA LEU F 361 46.28 -5.28 33.57
C LEU F 361 47.31 -6.37 33.81
N GLU F 362 47.27 -7.45 33.01
CA GLU F 362 48.25 -8.51 33.17
C GLU F 362 49.65 -8.04 32.76
N ASN F 363 49.74 -7.22 31.70
CA ASN F 363 51.03 -6.69 31.29
C ASN F 363 51.58 -5.66 32.28
N VAL F 364 50.72 -5.01 33.05
CA VAL F 364 51.22 -4.11 34.09
C VAL F 364 51.66 -4.90 35.32
N LEU F 365 50.89 -5.92 35.71
CA LEU F 365 51.20 -6.69 36.92
C LEU F 365 52.45 -7.56 36.75
N ASP F 366 52.74 -8.03 35.54
CA ASP F 366 53.93 -8.87 35.41
C ASP F 366 55.25 -8.09 35.37
N THR F 367 55.23 -6.77 35.62
CA THR F 367 56.44 -5.98 35.70
C THR F 367 57.06 -5.95 37.09
N LEU F 368 56.27 -6.21 38.14
CA LEU F 368 56.75 -6.18 39.51
C LEU F 368 57.24 -7.58 39.90
N SER F 369 57.47 -7.80 41.20
CA SER F 369 58.07 -9.04 41.69
C SER F 369 57.13 -10.23 41.42
N PRO F 370 57.68 -11.42 41.16
CA PRO F 370 56.81 -12.55 40.74
C PRO F 370 55.92 -13.06 41.85
N ARG F 371 56.31 -12.90 43.12
CA ARG F 371 55.50 -13.38 44.23
C ARG F 371 54.25 -12.53 44.42
N GLU F 372 54.42 -11.20 44.45
CA GLU F 372 53.28 -10.31 44.66
C GLU F 372 52.33 -10.30 43.48
N ARG F 373 52.86 -10.56 42.27
CA ARG F 373 52.02 -10.66 41.08
C ARG F 373 51.03 -11.82 41.19
N ASP F 374 51.50 -13.00 41.56
CA ASP F 374 50.57 -14.11 41.70
C ASP F 374 49.74 -14.00 42.97
N VAL F 375 50.22 -13.30 44.00
CA VAL F 375 49.37 -13.02 45.17
C VAL F 375 48.17 -12.16 44.76
N LEU F 376 48.41 -11.10 43.99
CA LEU F 376 47.32 -10.28 43.49
C LEU F 376 46.45 -11.01 42.47
N ARG F 377 47.02 -11.98 41.76
CA ARG F 377 46.23 -12.72 40.79
C ARG F 377 45.31 -13.76 41.45
N LEU F 378 45.81 -14.46 42.47
CA LEU F 378 44.98 -15.38 43.24
C LEU F 378 44.04 -14.66 44.21
N ARG F 379 44.30 -13.38 44.50
CA ARG F 379 43.44 -12.64 45.41
C ARG F 379 42.13 -12.25 44.75
N TYR F 380 42.17 -11.82 43.48
CA TYR F 380 41.00 -11.32 42.80
C TYR F 380 40.50 -12.24 41.70
N GLY F 381 41.14 -13.40 41.49
CA GLY F 381 40.65 -14.34 40.51
C GLY F 381 41.02 -14.01 39.08
N LEU F 382 42.21 -13.47 38.85
CA LEU F 382 42.65 -13.17 37.50
C LEU F 382 43.19 -14.38 36.76
N ASP F 383 43.39 -15.51 37.45
CA ASP F 383 43.80 -16.75 36.81
C ASP F 383 42.89 -17.92 37.14
N ASP F 384 42.32 -17.96 38.34
CA ASP F 384 41.49 -19.08 38.77
C ASP F 384 40.02 -18.89 38.45
N GLY F 385 39.56 -17.65 38.37
CA GLY F 385 38.13 -17.40 38.33
C GLY F 385 37.47 -17.61 39.67
N ARG F 386 38.22 -17.39 40.75
CA ARG F 386 37.72 -17.61 42.12
C ARG F 386 38.46 -16.65 43.03
N MET F 387 37.73 -15.69 43.60
CA MET F 387 38.32 -14.80 44.60
C MET F 387 38.49 -15.53 45.91
N LYS F 388 39.69 -15.48 46.47
CA LYS F 388 40.03 -16.22 47.68
C LYS F 388 40.25 -15.27 48.84
N THR F 389 40.22 -15.84 50.05
CA THR F 389 40.45 -15.09 51.26
C THR F 389 41.95 -15.01 51.53
N LEU F 390 42.32 -14.35 52.64
CA LEU F 390 43.72 -14.18 52.96
C LEU F 390 44.35 -15.46 53.51
N GLU F 391 43.58 -16.30 54.19
CA GLU F 391 44.12 -17.51 54.79
C GLU F 391 44.43 -18.57 53.74
N GLU F 392 43.55 -18.70 52.74
CA GLU F 392 43.72 -19.75 51.73
C GLU F 392 44.91 -19.48 50.83
N ILE F 393 45.33 -18.20 50.70
CA ILE F 393 46.66 -17.92 50.16
C ILE F 393 47.72 -18.49 51.08
N GLY F 394 47.48 -18.46 52.40
CA GLY F 394 48.36 -19.08 53.36
C GLY F 394 48.35 -20.60 53.34
N GLN F 395 47.35 -21.22 52.71
CA GLN F 395 47.42 -22.65 52.42
C GLN F 395 47.93 -22.97 51.02
N ILE F 396 47.85 -22.02 50.08
CA ILE F 396 48.59 -22.15 48.82
C ILE F 396 50.09 -22.13 49.07
N PHE F 397 50.54 -21.15 49.83
CA PHE F 397 51.87 -21.15 50.45
C PHE F 397 51.76 -21.87 51.80
N ASN F 398 52.73 -21.71 52.68
CA ASN F 398 52.54 -22.15 54.06
C ASN F 398 52.68 -21.01 55.06
N VAL F 399 53.34 -19.91 54.69
CA VAL F 399 53.35 -18.71 55.50
C VAL F 399 51.93 -18.15 55.64
N THR F 400 51.55 -17.82 56.87
CA THR F 400 50.16 -17.54 57.19
C THR F 400 49.74 -16.15 56.72
N ARG F 401 48.48 -15.80 57.01
CA ARG F 401 47.76 -14.74 56.31
C ARG F 401 48.17 -13.33 56.73
N GLU F 402 49.01 -13.17 57.76
CA GLU F 402 49.38 -11.81 58.13
C GLU F 402 50.43 -11.24 57.19
N ARG F 403 51.35 -12.07 56.71
CA ARG F 403 52.29 -11.61 55.69
C ARG F 403 51.59 -11.36 54.36
N ILE F 404 50.49 -12.07 54.10
CA ILE F 404 49.78 -11.96 52.84
C ILE F 404 49.11 -10.59 52.71
N ARG F 405 48.52 -10.09 53.80
CA ARG F 405 47.89 -8.78 53.77
C ARG F 405 48.91 -7.67 53.58
N GLN F 406 50.09 -7.81 54.21
CA GLN F 406 51.15 -6.83 54.01
C GLN F 406 51.71 -6.90 52.60
N ILE F 407 51.76 -8.10 52.01
CA ILE F 407 52.25 -8.28 50.64
C ILE F 407 51.30 -7.59 49.66
N GLU F 408 49.99 -7.82 49.80
CA GLU F 408 49.04 -7.18 48.88
C GLU F 408 48.94 -5.69 49.15
N ALA F 409 49.18 -5.25 50.39
CA ALA F 409 49.20 -3.83 50.70
C ALA F 409 50.37 -3.12 50.02
N LYS F 410 51.57 -3.69 50.11
CA LYS F 410 52.71 -3.06 49.46
C LYS F 410 52.66 -3.23 47.94
N ALA F 411 51.99 -4.27 47.43
CA ALA F 411 51.79 -4.38 45.99
C ALA F 411 50.84 -3.30 45.48
N LEU F 412 49.76 -3.04 46.22
CA LEU F 412 48.87 -1.94 45.87
C LEU F 412 49.56 -0.58 46.02
N ARG F 413 50.47 -0.45 46.99
CA ARG F 413 51.21 0.79 47.14
C ARG F 413 52.23 0.98 46.02
N LYS F 414 52.78 -0.12 45.50
CA LYS F 414 53.69 -0.02 44.36
C LYS F 414 52.94 0.26 43.07
N LEU F 415 51.73 -0.28 42.93
CA LEU F 415 50.91 0.01 41.76
C LEU F 415 50.23 1.36 41.84
N ARG F 416 50.16 1.96 43.03
CA ARG F 416 49.63 3.30 43.21
C ARG F 416 50.70 4.37 43.07
N HIS F 417 51.84 4.04 42.47
CA HIS F 417 52.88 5.04 42.26
C HIS F 417 52.46 6.01 41.16
N PRO F 418 52.79 7.30 41.30
CA PRO F 418 52.44 8.25 40.22
C PRO F 418 53.28 8.05 38.97
N ASN F 419 54.54 7.66 39.12
CA ASN F 419 55.37 7.40 37.96
C ASN F 419 55.20 5.96 37.49
N ARG F 420 55.26 5.78 36.16
CA ARG F 420 55.26 4.48 35.47
C ARG F 420 54.03 3.63 35.77
N ASN F 421 52.89 4.26 36.07
CA ASN F 421 51.65 3.54 36.33
C ASN F 421 50.43 4.22 35.73
N SER F 422 50.61 5.31 34.97
CA SER F 422 49.47 6.07 34.45
C SER F 422 48.92 5.48 33.16
N ILE F 423 49.41 4.33 32.70
CA ILE F 423 48.78 3.65 31.58
C ILE F 423 47.41 3.11 31.98
N LEU F 424 47.26 2.68 33.23
CA LEU F 424 45.99 2.20 33.74
C LEU F 424 45.09 3.32 34.23
N LYS F 425 45.61 4.54 34.33
CA LYS F 425 44.84 5.66 34.89
C LYS F 425 43.84 6.25 33.90
N GLU F 426 43.84 5.80 32.64
CA GLU F 426 42.87 6.32 31.68
C GLU F 426 41.55 5.56 31.74
N TYR F 427 41.52 4.38 32.34
CA TYR F 427 40.28 3.62 32.51
C TYR F 427 39.40 4.14 33.64
N ILE F 428 39.79 5.24 34.28
CA ILE F 428 39.00 5.85 35.33
C ILE F 428 37.76 6.48 34.73
N ARG F 429 36.58 6.02 35.16
CA ARG F 429 35.32 6.54 34.66
C ARG F 429 34.73 7.55 35.63
N MET G 7 43.39 7.95 -36.35
CA MET G 7 42.17 7.31 -35.88
C MET G 7 40.97 7.80 -36.68
N THR G 8 39.78 7.34 -36.30
CA THR G 8 38.56 7.69 -37.01
C THR G 8 38.16 9.13 -36.67
N PHE G 9 37.67 9.87 -37.67
CA PHE G 9 37.44 11.29 -37.45
C PHE G 9 36.02 11.64 -37.03
N TYR G 10 34.99 10.90 -37.47
CA TYR G 10 33.58 11.13 -37.11
C TYR G 10 33.11 12.54 -37.47
N ASN G 11 33.01 12.78 -38.78
CA ASN G 11 32.60 14.09 -39.29
C ASN G 11 31.07 14.12 -39.46
N TYR G 12 30.37 14.04 -38.32
CA TYR G 12 28.91 14.10 -38.31
C TYR G 12 28.41 14.59 -36.97
N THR G 13 27.09 14.68 -36.85
CA THR G 13 26.41 15.12 -35.64
C THR G 13 26.27 13.95 -34.68
N ILE G 14 26.51 14.22 -33.39
CA ILE G 14 26.59 13.19 -32.37
C ILE G 14 25.28 13.17 -31.58
N ASP G 15 24.70 11.99 -31.44
CA ASP G 15 23.53 11.76 -30.59
C ASP G 15 23.84 10.63 -29.61
N LYS G 16 22.80 10.13 -28.94
CA LYS G 16 22.99 9.19 -27.85
C LYS G 16 23.45 7.82 -28.34
N GLY G 17 22.89 7.36 -29.46
CA GLY G 17 23.26 6.05 -29.98
C GLY G 17 24.68 6.00 -30.52
N ARG G 18 25.15 7.10 -31.10
CA ARG G 18 26.53 7.13 -31.59
C ARG G 18 27.53 7.22 -30.44
N LEU G 19 27.17 7.89 -29.35
CA LEU G 19 27.99 7.86 -28.15
C LEU G 19 28.04 6.47 -27.54
N LYS G 20 26.91 5.75 -27.57
CA LYS G 20 26.89 4.37 -27.10
C LYS G 20 27.76 3.47 -27.98
N LYS G 21 27.76 3.72 -29.30
CA LYS G 21 28.63 3.00 -30.21
C LYS G 21 30.10 3.27 -29.93
N LEU G 22 30.44 4.52 -29.61
CA LEU G 22 31.83 4.86 -29.31
C LEU G 22 32.28 4.23 -28.00
N ILE G 23 31.41 4.21 -26.98
CA ILE G 23 31.75 3.56 -25.72
C ILE G 23 31.90 2.05 -25.90
N ALA G 24 31.02 1.44 -26.69
CA ALA G 24 31.11 0.00 -26.96
C ALA G 24 32.34 -0.35 -27.78
N LEU G 25 32.80 0.57 -28.64
CA LEU G 25 34.02 0.35 -29.39
C LEU G 25 35.26 0.52 -28.51
N ALA G 26 35.22 1.47 -27.57
CA ALA G 26 36.33 1.64 -26.64
C ALA G 26 36.43 0.49 -25.65
N TYR G 27 35.32 -0.21 -25.40
CA TYR G 27 35.37 -1.48 -24.68
C TYR G 27 35.57 -2.65 -25.65
N ARG G 28 36.51 -2.55 -26.52
CA ARG G 28 36.94 -3.69 -27.32
C ARG G 28 38.45 -3.84 -27.34
N ARG G 29 39.17 -2.72 -27.36
CA ARG G 29 40.61 -2.74 -27.53
C ARG G 29 41.37 -2.03 -26.41
N TYR G 30 40.66 -1.39 -25.48
CA TYR G 30 41.31 -0.63 -24.42
C TYR G 30 41.02 -1.19 -23.03
N GLY G 31 39.76 -1.52 -22.73
CA GLY G 31 39.45 -2.09 -21.44
C GLY G 31 38.34 -1.36 -20.71
N SER G 32 38.26 -1.54 -19.39
CA SER G 32 37.19 -0.92 -18.62
C SER G 32 37.58 0.49 -18.17
N ALA G 33 38.82 0.65 -17.69
CA ALA G 33 39.23 1.90 -17.08
C ALA G 33 39.42 3.01 -18.10
N ARG G 34 40.01 2.70 -19.25
CA ARG G 34 40.14 3.69 -20.33
C ARG G 34 38.77 4.07 -20.88
N CYS G 35 37.85 3.12 -20.93
CA CYS G 35 36.48 3.39 -21.35
C CYS G 35 35.77 4.33 -20.37
N SER G 36 35.97 4.11 -19.08
CA SER G 36 35.38 4.98 -18.06
C SER G 36 36.00 6.37 -18.10
N GLN G 37 37.31 6.46 -18.40
CA GLN G 37 37.96 7.75 -18.56
C GLN G 37 37.44 8.51 -19.77
N LEU G 38 37.19 7.78 -20.88
CA LEU G 38 36.61 8.41 -22.06
C LEU G 38 35.19 8.91 -21.79
N ALA G 39 34.39 8.12 -21.08
CA ALA G 39 33.05 8.56 -20.71
C ALA G 39 33.09 9.75 -19.75
N ASP G 40 34.11 9.83 -18.89
CA ASP G 40 34.29 10.96 -17.99
C ASP G 40 34.61 12.24 -18.77
N GLU G 41 35.52 12.14 -19.76
CA GLU G 41 35.86 13.30 -20.57
C GLU G 41 34.69 13.76 -21.43
N LEU G 42 33.95 12.82 -22.00
CA LEU G 42 32.75 13.17 -22.78
C LEU G 42 31.68 13.78 -21.88
N LYS G 43 31.60 13.34 -20.63
CA LYS G 43 30.67 13.91 -19.66
C LYS G 43 30.98 15.38 -19.40
N GLU G 44 32.25 15.68 -19.11
CA GLU G 44 32.59 17.07 -18.80
C GLU G 44 32.51 17.97 -20.04
N LEU G 45 32.77 17.41 -21.23
CA LEU G 45 32.62 18.19 -22.46
C LEU G 45 31.16 18.51 -22.74
N GLY G 46 30.27 17.53 -22.55
CA GLY G 46 28.85 17.76 -22.75
C GLY G 46 28.26 18.73 -21.75
N PHE G 47 28.71 18.65 -20.49
CA PHE G 47 28.27 19.60 -19.48
C PHE G 47 28.72 21.02 -19.82
N ARG G 48 29.98 21.18 -20.26
CA ARG G 48 30.50 22.50 -20.59
C ARG G 48 29.76 23.13 -21.75
N PHE G 49 29.50 22.37 -22.80
CA PHE G 49 28.86 22.99 -23.95
C PHE G 49 27.34 23.07 -23.83
N ALA G 50 26.72 22.25 -22.98
CA ALA G 50 25.31 22.49 -22.64
C ALA G 50 25.15 23.74 -21.78
N THR G 51 26.12 24.03 -20.92
CA THR G 51 26.06 25.29 -20.18
C THR G 51 26.36 26.49 -21.08
N LYS G 52 27.29 26.32 -22.02
CA LYS G 52 27.63 27.41 -22.94
C LYS G 52 26.49 27.72 -23.91
N ALA G 53 25.72 26.69 -24.30
CA ALA G 53 24.63 26.88 -25.26
C ALA G 53 23.52 27.76 -24.69
N GLY G 54 23.08 27.48 -23.47
CA GLY G 54 21.93 28.18 -22.92
C GLY G 54 20.63 27.73 -23.52
N VAL G 55 20.44 26.42 -23.69
CA VAL G 55 19.22 25.89 -24.26
C VAL G 55 18.08 26.02 -23.25
N SER G 56 16.93 26.48 -23.72
CA SER G 56 15.81 26.83 -22.86
C SER G 56 14.50 26.53 -23.58
N ILE G 57 13.46 26.31 -22.80
CA ILE G 57 12.14 26.00 -23.33
C ILE G 57 11.20 27.15 -22.99
N SER G 58 10.41 27.59 -23.96
CA SER G 58 9.43 28.65 -23.76
C SER G 58 8.08 28.20 -24.33
N VAL G 59 7.08 29.07 -24.19
CA VAL G 59 5.74 28.76 -24.68
C VAL G 59 5.72 28.87 -26.19
N ASP G 60 6.33 29.91 -26.76
CA ASP G 60 6.44 30.10 -28.19
C ASP G 60 7.39 29.09 -28.84
N ASP G 61 8.23 28.42 -28.04
CA ASP G 61 9.11 27.38 -28.54
C ASP G 61 8.33 26.16 -29.00
N LEU G 62 7.15 25.92 -28.43
CA LEU G 62 6.28 24.82 -28.84
C LEU G 62 5.49 25.29 -30.06
N THR G 63 5.88 24.84 -31.24
CA THR G 63 5.29 25.31 -32.49
C THR G 63 4.34 24.26 -33.06
N ILE G 64 3.06 24.62 -33.14
CA ILE G 64 2.03 23.74 -33.67
C ILE G 64 2.00 23.87 -35.19
N PRO G 65 1.94 22.78 -35.95
CA PRO G 65 1.87 22.88 -37.40
C PRO G 65 0.52 23.40 -37.85
N PRO G 66 0.47 24.22 -38.91
CA PRO G 66 -0.80 24.81 -39.34
C PRO G 66 -1.65 23.92 -40.23
N GLU G 67 -1.39 22.62 -40.29
CA GLU G 67 -2.26 21.67 -41.00
C GLU G 67 -3.14 20.86 -40.05
N LYS G 68 -3.06 21.16 -38.75
CA LYS G 68 -3.82 20.42 -37.74
C LYS G 68 -5.32 20.63 -37.92
N LYS G 69 -5.74 21.82 -38.35
CA LYS G 69 -7.16 22.11 -38.54
C LYS G 69 -7.76 21.25 -39.66
N GLN G 70 -7.10 21.22 -40.82
CA GLN G 70 -7.63 20.44 -41.93
C GLN G 70 -7.46 18.94 -41.69
N MET G 71 -6.46 18.54 -40.89
CA MET G 71 -6.34 17.12 -40.54
C MET G 71 -7.49 16.68 -39.64
N LEU G 72 -7.84 17.51 -38.64
CA LEU G 72 -9.00 17.22 -37.80
C LEU G 72 -10.30 17.29 -38.58
N GLU G 73 -10.39 18.16 -39.59
CA GLU G 73 -11.59 18.25 -40.41
C GLU G 73 -11.77 17.01 -41.28
N ALA G 74 -10.68 16.50 -41.86
CA ALA G 74 -10.76 15.24 -42.61
C ALA G 74 -11.10 14.08 -41.69
N ALA G 75 -10.59 14.10 -40.46
CA ALA G 75 -10.90 13.05 -39.49
C ALA G 75 -12.37 13.04 -39.10
N GLU G 76 -12.95 14.21 -38.81
CA GLU G 76 -14.38 14.24 -38.46
C GLU G 76 -15.26 13.97 -39.66
N LYS G 77 -14.79 14.29 -40.88
CA LYS G 77 -15.57 13.90 -42.06
C LYS G 77 -15.56 12.39 -42.26
N GLU G 78 -14.44 11.73 -41.93
CA GLU G 78 -14.41 10.27 -42.01
C GLU G 78 -15.30 9.63 -40.92
N ILE G 79 -15.32 10.19 -39.72
CA ILE G 79 -16.23 9.70 -38.68
C ILE G 79 -17.69 9.94 -39.08
N ARG G 80 -17.95 11.06 -39.76
CA ARG G 80 -19.31 11.40 -40.18
C ARG G 80 -19.80 10.46 -41.27
N THR G 81 -18.95 10.12 -42.24
CA THR G 81 -19.38 9.16 -43.25
C THR G 81 -19.42 7.74 -42.71
N THR G 82 -18.63 7.43 -41.67
CA THR G 82 -18.74 6.14 -41.00
C THR G 82 -20.10 5.99 -40.30
N GLU G 83 -20.51 7.00 -39.54
CA GLU G 83 -21.79 6.94 -38.86
C GLU G 83 -22.97 7.15 -39.80
N GLU G 84 -22.75 7.74 -40.98
CA GLU G 84 -23.78 7.72 -42.02
C GLU G 84 -23.92 6.33 -42.62
N ARG G 85 -22.80 5.63 -42.78
CA ARG G 85 -22.85 4.24 -43.24
C ARG G 85 -23.49 3.33 -42.19
N TYR G 86 -23.38 3.68 -40.91
CA TYR G 86 -23.97 2.86 -39.86
C TYR G 86 -25.49 3.00 -39.84
N ALA G 87 -26.00 4.21 -40.07
CA ALA G 87 -27.43 4.46 -40.02
C ALA G 87 -28.16 3.90 -41.24
N ARG G 88 -27.46 3.69 -42.35
CA ARG G 88 -28.13 3.13 -43.53
C ARG G 88 -28.34 1.63 -43.40
N GLY G 89 -27.38 0.92 -42.82
CA GLY G 89 -27.62 -0.46 -42.45
C GLY G 89 -26.71 -1.51 -43.07
N GLU G 90 -25.62 -1.09 -43.73
CA GLU G 90 -24.73 -2.02 -44.40
C GLU G 90 -23.51 -2.38 -43.55
N ILE G 91 -23.35 -1.76 -42.39
CA ILE G 91 -22.31 -2.16 -41.43
C ILE G 91 -22.95 -2.28 -40.06
N THR G 92 -22.28 -3.01 -39.18
CA THR G 92 -22.76 -3.23 -37.82
C THR G 92 -21.95 -2.38 -36.84
N GLU G 93 -22.23 -2.56 -35.54
CA GLU G 93 -21.71 -1.65 -34.53
C GLU G 93 -20.26 -1.90 -34.17
N VAL G 94 -19.82 -3.16 -34.21
CA VAL G 94 -18.46 -3.49 -33.78
C VAL G 94 -17.43 -3.00 -34.80
N GLU G 95 -17.75 -3.12 -36.10
CA GLU G 95 -16.85 -2.57 -37.11
C GLU G 95 -16.92 -1.05 -37.16
N ARG G 96 -18.04 -0.44 -36.76
CA ARG G 96 -18.09 1.00 -36.59
C ARG G 96 -17.17 1.46 -35.47
N PHE G 97 -17.17 0.70 -34.36
CA PHE G 97 -16.25 0.96 -33.25
C PHE G 97 -14.79 0.85 -33.69
N GLN G 98 -14.49 -0.22 -34.42
CA GLN G 98 -13.14 -0.46 -34.93
C GLN G 98 -12.73 0.63 -35.93
N LYS G 99 -13.68 1.10 -36.72
CA LYS G 99 -13.41 2.13 -37.72
C LYS G 99 -13.12 3.48 -37.08
N VAL G 100 -13.90 3.87 -36.07
CA VAL G 100 -13.68 5.18 -35.45
C VAL G 100 -12.40 5.16 -34.61
N ILE G 101 -12.08 4.02 -33.99
CA ILE G 101 -10.86 3.93 -33.19
C ILE G 101 -9.62 3.98 -34.08
N ASP G 102 -9.64 3.23 -35.19
CA ASP G 102 -8.50 3.24 -36.10
C ASP G 102 -8.38 4.57 -36.84
N THR G 103 -9.51 5.26 -37.06
CA THR G 103 -9.47 6.58 -37.69
C THR G 103 -8.79 7.60 -36.80
N TRP G 104 -9.16 7.63 -35.50
CA TRP G 104 -8.53 8.60 -34.61
C TRP G 104 -7.07 8.25 -34.34
N ASN G 105 -6.73 6.95 -34.28
CA ASN G 105 -5.33 6.56 -34.11
C ASN G 105 -4.49 6.93 -35.33
N GLY G 106 -5.03 6.74 -36.53
CA GLY G 106 -4.29 7.10 -37.73
C GLY G 106 -4.12 8.60 -37.90
N THR G 107 -5.13 9.37 -37.49
CA THR G 107 -5.01 10.83 -37.54
C THR G 107 -3.98 11.32 -36.52
N SER G 108 -3.92 10.68 -35.34
CA SER G 108 -2.90 11.04 -34.36
C SER G 108 -1.49 10.73 -34.86
N GLU G 109 -1.31 9.58 -35.53
CA GLU G 109 0.02 9.24 -36.04
C GLU G 109 0.42 10.13 -37.22
N GLU G 110 -0.54 10.49 -38.07
CA GLU G 110 -0.28 11.39 -39.18
C GLU G 110 0.10 12.78 -38.68
N LEU G 111 -0.57 13.25 -37.62
CA LEU G 111 -0.22 14.55 -37.05
C LEU G 111 1.14 14.50 -36.36
N LYS G 112 1.51 13.37 -35.77
CA LYS G 112 2.84 13.23 -35.18
C LYS G 112 3.93 13.30 -36.24
N ASP G 113 3.72 12.63 -37.37
CA ASP G 113 4.68 12.71 -38.47
C ASP G 113 4.77 14.12 -39.05
N GLN G 114 3.63 14.82 -39.13
CA GLN G 114 3.64 16.20 -39.61
C GLN G 114 4.35 17.14 -38.63
N VAL G 115 4.25 16.86 -37.32
CA VAL G 115 4.99 17.64 -36.32
C VAL G 115 6.49 17.46 -36.49
N VAL G 116 6.94 16.22 -36.71
CA VAL G 116 8.37 15.97 -36.91
C VAL G 116 8.87 16.64 -38.20
N VAL G 117 8.06 16.60 -39.26
CA VAL G 117 8.45 17.22 -40.53
C VAL G 117 8.50 18.75 -40.40
N ASN G 118 7.54 19.34 -39.68
CA ASN G 118 7.52 20.78 -39.50
C ASN G 118 8.64 21.26 -38.56
N PHE G 119 9.07 20.42 -37.62
CA PHE G 119 10.29 20.70 -36.86
C PHE G 119 11.52 20.69 -37.76
N ARG G 120 11.63 19.67 -38.61
CA ARG G 120 12.81 19.54 -39.47
C ARG G 120 12.89 20.60 -40.56
N LYS G 121 11.75 21.17 -40.96
CA LYS G 121 11.73 22.14 -42.06
C LYS G 121 12.06 23.56 -41.58
N THR G 122 11.28 24.06 -40.62
CA THR G 122 11.38 25.48 -40.25
C THR G 122 12.55 25.75 -39.32
N ASP G 123 12.54 25.16 -38.13
CA ASP G 123 13.53 25.45 -37.11
C ASP G 123 14.24 24.17 -36.69
N PRO G 124 15.42 23.87 -37.24
CA PRO G 124 16.12 22.63 -36.88
C PRO G 124 16.79 22.69 -35.52
N LEU G 125 17.21 23.87 -35.09
CA LEU G 125 17.78 24.03 -33.75
C LEU G 125 16.73 24.50 -32.74
N ASN G 126 15.58 23.83 -32.73
CA ASN G 126 14.56 24.06 -31.72
C ASN G 126 14.88 23.22 -30.50
N SER G 127 14.52 23.75 -29.32
CA SER G 127 14.93 23.11 -28.07
C SER G 127 14.19 21.80 -27.83
N VAL G 128 12.89 21.76 -28.10
CA VAL G 128 12.12 20.54 -27.92
C VAL G 128 12.53 19.48 -28.94
N TYR G 129 12.80 19.92 -30.17
CA TYR G 129 13.28 19.00 -31.21
C TYR G 129 14.70 18.52 -30.91
N MET G 130 15.54 19.36 -30.31
CA MET G 130 16.88 18.91 -29.95
C MET G 130 16.85 17.95 -28.78
N MET G 131 15.93 18.17 -27.83
CA MET G 131 15.81 17.25 -26.70
C MET G 131 15.25 15.90 -27.13
N ALA G 132 14.30 15.90 -28.07
CA ALA G 132 13.70 14.62 -28.46
C ALA G 132 14.51 13.89 -29.52
N PHE G 133 15.18 14.62 -30.41
CA PHE G 133 15.85 14.00 -31.55
C PHE G 133 17.22 13.45 -31.18
N SER G 134 17.94 14.12 -30.30
CA SER G 134 19.25 13.65 -29.87
C SER G 134 19.18 12.49 -28.90
N GLY G 135 18.01 12.19 -28.34
CA GLY G 135 17.89 11.16 -27.34
C GLY G 135 18.25 11.61 -25.95
N ALA G 136 18.25 12.92 -25.70
CA ALA G 136 18.60 13.44 -24.38
C ALA G 136 17.52 13.12 -23.37
N ARG G 137 16.30 13.57 -23.63
CA ARG G 137 15.16 13.23 -22.78
C ARG G 137 13.89 13.39 -23.59
N GLY G 138 13.05 12.37 -23.58
CA GLY G 138 11.75 12.49 -24.20
C GLY G 138 11.63 11.66 -25.46
N ASN G 139 10.48 11.02 -25.62
CA ASN G 139 10.13 10.28 -26.82
C ASN G 139 9.42 11.23 -27.78
N MET G 140 8.81 10.67 -28.82
CA MET G 140 7.96 11.45 -29.69
C MET G 140 6.49 11.38 -29.30
N SER G 141 6.12 10.46 -28.41
CA SER G 141 4.76 10.45 -27.87
C SER G 141 4.50 11.67 -27.01
N GLN G 142 5.46 12.05 -26.18
CA GLN G 142 5.29 13.23 -25.33
C GLN G 142 5.33 14.52 -26.13
N VAL G 143 6.15 14.59 -27.18
CA VAL G 143 6.15 15.75 -28.06
C VAL G 143 4.87 15.80 -28.88
N ARG G 144 4.29 14.64 -29.19
CA ARG G 144 2.98 14.60 -29.84
C ARG G 144 1.89 15.11 -28.92
N GLN G 145 1.98 14.80 -27.63
CA GLN G 145 0.99 15.31 -26.68
C GLN G 145 1.17 16.79 -26.40
N LEU G 146 2.41 17.29 -26.46
CA LEU G 146 2.64 18.72 -26.26
C LEU G 146 2.23 19.54 -27.48
N VAL G 147 2.52 19.03 -28.67
CA VAL G 147 2.23 19.70 -29.93
C VAL G 147 1.55 18.68 -30.84
N GLY G 148 0.31 18.95 -31.21
CA GLY G 148 -0.47 17.97 -31.94
C GLY G 148 -1.78 17.68 -31.24
N MET G 149 -2.02 16.42 -30.90
CA MET G 149 -3.23 16.05 -30.17
C MET G 149 -2.92 14.84 -29.29
N ARG G 150 -3.70 14.70 -28.22
CA ARG G 150 -3.49 13.59 -27.30
C ARG G 150 -4.15 12.31 -27.78
N GLY G 151 -5.26 12.42 -28.49
CA GLY G 151 -5.88 11.25 -29.10
C GLY G 151 -6.85 10.55 -28.14
N LEU G 152 -6.52 9.31 -27.78
CA LEU G 152 -7.38 8.47 -26.95
C LEU G 152 -6.63 7.96 -25.73
N MET G 153 -7.35 7.82 -24.62
CA MET G 153 -6.83 7.32 -23.36
C MET G 153 -7.19 5.85 -23.19
N ALA G 154 -6.89 5.31 -22.02
CA ALA G 154 -7.18 3.91 -21.71
C ALA G 154 -7.68 3.78 -20.28
N ASP G 155 -8.56 2.81 -20.09
CA ASP G 155 -9.13 2.46 -18.79
C ASP G 155 -8.07 1.79 -17.93
N PRO G 156 -8.22 1.83 -16.59
CA PRO G 156 -7.32 1.04 -15.72
C PRO G 156 -7.33 -0.47 -15.95
N GLN G 157 -8.35 -1.01 -16.60
CA GLN G 157 -8.38 -2.43 -16.96
C GLN G 157 -7.86 -2.71 -18.36
N GLY G 158 -7.59 -1.67 -19.16
CA GLY G 158 -7.18 -1.84 -20.54
C GLY G 158 -8.25 -1.59 -21.57
N GLU G 159 -9.47 -1.25 -21.15
CA GLU G 159 -10.54 -0.92 -22.06
C GLU G 159 -10.24 0.42 -22.75
N ILE G 160 -10.86 0.63 -23.91
CA ILE G 160 -10.62 1.81 -24.73
C ILE G 160 -11.82 2.73 -24.62
N ILE G 161 -11.55 4.01 -24.39
CA ILE G 161 -12.57 5.04 -24.27
C ILE G 161 -13.12 5.39 -25.65
N ASP G 162 -14.19 6.17 -25.67
CA ASP G 162 -14.91 6.47 -26.91
C ASP G 162 -14.61 7.86 -27.47
N LEU G 163 -14.01 8.76 -26.68
CA LEU G 163 -13.95 10.15 -27.12
C LEU G 163 -12.53 10.56 -27.50
N PRO G 164 -12.38 11.43 -28.49
CA PRO G 164 -11.06 11.98 -28.80
C PRO G 164 -10.76 13.23 -28.00
N ILE G 165 -9.46 13.52 -27.87
CA ILE G 165 -8.98 14.78 -27.32
C ILE G 165 -8.30 15.53 -28.46
N LYS G 166 -8.96 16.57 -28.96
CA LYS G 166 -8.49 17.29 -30.13
C LYS G 166 -7.60 18.47 -29.80
N THR G 167 -7.08 18.54 -28.57
CA THR G 167 -6.22 19.63 -28.16
C THR G 167 -4.93 19.05 -27.59
N ASN G 168 -3.91 19.90 -27.53
CA ASN G 168 -2.65 19.56 -26.91
C ASN G 168 -2.49 20.37 -25.62
N PHE G 169 -1.34 20.21 -24.97
CA PHE G 169 -1.10 20.90 -23.71
C PHE G 169 -0.77 22.36 -23.88
N ARG G 170 -0.35 22.79 -25.07
CA ARG G 170 -0.10 24.21 -25.29
C ARG G 170 -1.40 24.99 -25.44
N GLU G 171 -2.37 24.43 -26.17
CA GLU G 171 -3.65 25.10 -26.31
C GLU G 171 -4.50 24.97 -25.05
N GLY G 172 -4.35 23.88 -24.30
CA GLY G 172 -5.09 23.69 -23.07
C GLY G 172 -6.33 22.84 -23.26
N LEU G 173 -6.55 21.90 -22.36
CA LEU G 173 -7.71 21.02 -22.44
C LEU G 173 -8.93 21.69 -21.81
N THR G 174 -10.10 21.15 -22.14
CA THR G 174 -11.35 21.60 -21.55
C THR G 174 -11.63 20.77 -20.30
N VAL G 175 -12.82 20.96 -19.72
CA VAL G 175 -13.17 20.21 -18.52
C VAL G 175 -13.49 18.75 -18.86
N THR G 176 -14.19 18.52 -19.98
CA THR G 176 -14.50 17.19 -20.45
C THR G 176 -13.23 16.41 -20.80
N GLU G 177 -12.31 17.07 -21.51
CA GLU G 177 -11.03 16.46 -21.86
C GLU G 177 -10.16 16.24 -20.63
N TYR G 178 -10.31 17.08 -19.59
CA TYR G 178 -9.55 16.86 -18.37
C TYR G 178 -10.06 15.64 -17.60
N VAL G 179 -11.38 15.42 -17.60
CA VAL G 179 -11.92 14.21 -16.97
C VAL G 179 -11.50 12.96 -17.74
N ILE G 180 -11.50 13.06 -19.08
CA ILE G 180 -11.08 11.95 -19.93
C ILE G 180 -9.59 11.63 -19.73
N SER G 181 -8.76 12.67 -19.54
CA SER G 181 -7.35 12.43 -19.22
C SER G 181 -7.17 11.90 -17.80
N SER G 182 -8.07 12.27 -16.89
CA SER G 182 -7.98 11.75 -15.53
C SER G 182 -8.25 10.25 -15.47
N TYR G 183 -9.06 9.74 -16.41
CA TYR G 183 -9.22 8.28 -16.54
C TYR G 183 -7.89 7.57 -16.77
N GLY G 184 -7.09 8.07 -17.73
CA GLY G 184 -5.80 7.46 -18.00
C GLY G 184 -4.76 7.70 -16.92
N ALA G 185 -4.87 8.83 -16.22
CA ALA G 185 -4.01 9.06 -15.07
C ALA G 185 -4.28 8.06 -13.96
N ARG G 186 -5.56 7.77 -13.71
CA ARG G 186 -5.93 6.73 -12.74
C ARG G 186 -5.48 5.35 -13.20
N LYS G 187 -5.48 5.10 -14.52
CA LYS G 187 -4.91 3.87 -15.07
C LYS G 187 -3.43 3.72 -14.69
N GLY G 188 -2.64 4.75 -14.98
CA GLY G 188 -1.21 4.69 -14.69
C GLY G 188 -0.91 4.54 -13.21
N LEU G 189 -1.67 5.26 -12.36
CA LEU G 189 -1.43 5.20 -10.93
C LEU G 189 -1.80 3.84 -10.34
N VAL G 190 -2.97 3.31 -10.73
CA VAL G 190 -3.42 2.03 -10.19
C VAL G 190 -2.54 0.89 -10.68
N ASP G 191 -2.11 0.94 -11.94
CA ASP G 191 -1.26 -0.12 -12.48
C ASP G 191 0.14 -0.09 -11.88
N THR G 192 0.70 1.10 -11.66
CA THR G 192 1.97 1.23 -10.95
C THR G 192 1.85 0.71 -9.52
N ALA G 193 0.72 0.97 -8.85
CA ALA G 193 0.56 0.49 -7.49
C ALA G 193 0.25 -1.00 -7.39
N LEU G 194 -0.24 -1.63 -8.47
CA LEU G 194 -0.78 -2.98 -8.32
C LEU G 194 -0.12 -4.08 -9.15
N ARG G 195 0.68 -3.78 -10.17
CA ARG G 195 1.26 -4.84 -10.98
C ARG G 195 2.73 -5.10 -10.68
N THR G 196 3.36 -4.27 -9.84
CA THR G 196 4.73 -4.50 -9.44
C THR G 196 4.85 -5.74 -8.56
N ALA G 197 3.77 -6.10 -7.85
CA ALA G 197 3.75 -7.34 -7.10
C ALA G 197 3.81 -8.55 -8.02
N ASP G 198 3.14 -8.47 -9.17
CA ASP G 198 3.22 -9.54 -10.16
C ASP G 198 4.62 -9.66 -10.74
N SER G 199 5.23 -8.51 -11.05
CA SER G 199 6.61 -8.51 -11.55
C SER G 199 7.61 -9.09 -10.53
N GLY G 200 7.50 -8.69 -9.27
CA GLY G 200 8.41 -9.17 -8.25
C GLY G 200 8.19 -10.63 -7.89
N TYR G 201 6.93 -11.10 -7.96
CA TYR G 201 6.66 -12.51 -7.71
C TYR G 201 7.23 -13.37 -8.84
N LEU G 202 7.13 -12.90 -10.09
CA LEU G 202 7.76 -13.61 -11.20
C LEU G 202 9.28 -13.65 -11.04
N THR G 203 9.88 -12.54 -10.57
CA THR G 203 11.33 -12.51 -10.36
C THR G 203 11.77 -13.47 -9.26
N ARG G 204 11.00 -13.55 -8.17
CA ARG G 204 11.35 -14.47 -7.08
C ARG G 204 11.21 -15.93 -7.50
N ARG G 205 10.17 -16.24 -8.29
CA ARG G 205 10.02 -17.60 -8.81
C ARG G 205 11.15 -17.97 -9.77
N LEU G 206 11.57 -17.03 -10.62
CA LEU G 206 12.67 -17.29 -11.55
C LEU G 206 14.00 -17.44 -10.82
N VAL G 207 14.20 -16.71 -9.72
CA VAL G 207 15.41 -16.88 -8.94
C VAL G 207 15.42 -18.24 -8.26
N ASP G 208 14.28 -18.66 -7.71
CA ASP G 208 14.23 -19.93 -7.01
C ASP G 208 14.27 -21.14 -7.93
N VAL G 209 13.87 -20.99 -9.20
CA VAL G 209 13.92 -22.15 -10.09
C VAL G 209 15.33 -22.43 -10.60
N SER G 210 16.24 -21.45 -10.53
CA SER G 210 17.57 -21.59 -11.13
C SER G 210 18.65 -21.03 -10.23
N GLN G 211 18.54 -21.26 -8.93
CA GLN G 211 19.57 -20.79 -8.01
C GLN G 211 20.75 -21.74 -7.87
N ASP G 212 20.70 -22.90 -8.54
CA ASP G 212 21.77 -23.89 -8.46
C ASP G 212 22.48 -24.10 -9.78
N VAL G 213 22.24 -23.25 -10.78
CA VAL G 213 22.89 -23.36 -12.08
C VAL G 213 24.20 -22.57 -11.99
N ILE G 214 25.29 -23.29 -11.73
CA ILE G 214 26.63 -22.71 -11.66
C ILE G 214 27.47 -23.36 -12.75
N VAL G 215 28.44 -22.63 -13.29
CA VAL G 215 29.38 -23.20 -14.24
C VAL G 215 30.43 -24.00 -13.46
N ARG G 216 30.37 -25.32 -13.57
CA ARG G 216 31.21 -26.23 -12.79
C ARG G 216 32.40 -26.79 -13.58
N GLU G 217 32.22 -27.08 -14.85
CA GLU G 217 33.26 -27.71 -15.66
C GLU G 217 33.55 -26.88 -16.90
N GLN G 218 34.63 -27.23 -17.58
CA GLN G 218 35.11 -26.46 -18.71
C GLN G 218 34.49 -26.93 -20.03
N ASP G 219 34.26 -28.22 -20.17
CA ASP G 219 33.62 -28.76 -21.36
C ASP G 219 32.85 -30.02 -20.98
N CYS G 220 31.70 -30.20 -21.60
CA CYS G 220 30.90 -31.39 -21.40
C CYS G 220 31.10 -32.44 -22.48
N GLY G 221 31.61 -32.04 -23.64
CA GLY G 221 31.90 -32.97 -24.72
C GLY G 221 30.66 -33.52 -25.38
N THR G 222 29.80 -32.64 -25.90
CA THR G 222 28.58 -33.04 -26.56
C THR G 222 28.64 -32.68 -28.03
N GLU G 223 27.77 -33.33 -28.81
CA GLU G 223 27.64 -33.04 -30.23
C GLU G 223 26.33 -32.36 -30.58
N ARG G 224 25.40 -32.26 -29.64
CA ARG G 224 24.11 -31.63 -29.91
C ARG G 224 24.28 -30.12 -30.03
N SER G 225 23.42 -29.51 -30.85
CA SER G 225 23.54 -28.12 -31.19
C SER G 225 22.16 -27.48 -31.25
N LEU G 226 22.14 -26.16 -31.31
CA LEU G 226 20.92 -25.38 -31.43
C LEU G 226 20.95 -24.58 -32.72
N ARG G 227 19.89 -24.68 -33.51
CA ARG G 227 19.80 -23.94 -34.77
C ARG G 227 19.31 -22.53 -34.49
N VAL G 228 20.00 -21.54 -35.04
CA VAL G 228 19.70 -20.13 -34.81
C VAL G 228 19.36 -19.48 -36.14
N THR G 229 18.16 -18.92 -36.22
CA THR G 229 17.73 -18.09 -37.34
C THR G 229 17.37 -16.70 -36.85
N ALA G 230 17.23 -15.77 -37.79
CA ALA G 230 16.80 -14.43 -37.44
C ALA G 230 15.32 -14.41 -37.07
N MET G 231 14.99 -13.78 -35.96
CA MET G 231 13.61 -13.74 -35.48
C MET G 231 12.82 -12.75 -36.31
N THR G 232 11.79 -13.24 -37.01
CA THR G 232 10.98 -12.44 -37.90
C THR G 232 9.51 -12.66 -37.57
N ASP G 233 8.74 -11.57 -37.52
CA ASP G 233 7.29 -11.61 -37.37
C ASP G 233 6.71 -10.87 -38.57
N GLY G 234 6.52 -11.61 -39.66
CA GLY G 234 6.10 -11.00 -40.91
C GLY G 234 7.23 -10.89 -41.90
N ASP G 235 7.30 -9.76 -42.62
CA ASP G 235 8.34 -9.58 -43.63
C ASP G 235 9.55 -8.82 -43.09
N GLN G 236 9.42 -8.10 -41.98
CA GLN G 236 10.52 -7.35 -41.41
C GLN G 236 11.07 -8.08 -40.20
N VAL G 237 12.39 -7.96 -40.00
CA VAL G 237 13.05 -8.68 -38.93
C VAL G 237 12.83 -7.99 -37.60
N LYS G 238 13.08 -8.72 -36.52
CA LYS G 238 13.08 -8.18 -35.17
C LYS G 238 14.46 -8.22 -34.54
N ILE G 239 15.09 -9.39 -34.52
CA ILE G 239 16.50 -9.55 -34.17
C ILE G 239 17.19 -10.21 -35.34
N SER G 240 18.29 -9.62 -35.79
CA SER G 240 19.02 -10.18 -36.91
C SER G 240 19.90 -11.34 -36.46
N LEU G 241 20.53 -11.99 -37.44
CA LEU G 241 21.37 -13.16 -37.13
C LEU G 241 22.68 -12.77 -36.47
N ALA G 242 23.25 -11.62 -36.86
CA ALA G 242 24.50 -11.16 -36.28
C ALA G 242 24.33 -10.77 -34.81
N ASP G 243 23.17 -10.25 -34.44
CA ASP G 243 22.91 -9.97 -33.03
C ASP G 243 22.67 -11.25 -32.24
N ARG G 244 22.10 -12.26 -32.88
CA ARG G 244 21.80 -13.51 -32.19
C ARG G 244 23.01 -14.43 -32.06
N LEU G 245 24.07 -14.21 -32.84
CA LEU G 245 25.30 -14.97 -32.71
C LEU G 245 26.36 -14.24 -31.89
N PHE G 246 25.94 -13.40 -30.93
CA PHE G 246 26.88 -12.43 -30.37
C PHE G 246 27.83 -13.05 -29.34
N GLY G 247 27.34 -13.89 -28.46
CA GLY G 247 28.20 -14.41 -27.42
C GLY G 247 28.29 -15.91 -27.38
N ARG G 248 28.08 -16.55 -28.52
CA ARG G 248 27.97 -18.00 -28.59
C ARG G 248 29.27 -18.62 -29.09
N LEU G 249 29.37 -19.93 -28.91
CA LEU G 249 30.39 -20.75 -29.52
C LEU G 249 29.78 -21.55 -30.66
N LEU G 250 30.62 -21.95 -31.61
CA LEU G 250 30.14 -22.68 -32.77
C LEU G 250 30.17 -24.19 -32.49
N ALA G 251 29.21 -24.89 -33.10
CA ALA G 251 29.16 -26.34 -33.03
C ALA G 251 29.40 -27.01 -34.37
N LYS G 252 29.17 -26.30 -35.47
CA LYS G 252 29.47 -26.80 -36.81
C LYS G 252 30.22 -25.71 -37.57
N ASP G 253 31.00 -26.13 -38.56
CA ASP G 253 31.84 -25.19 -39.29
C ASP G 253 31.01 -24.42 -40.32
N VAL G 254 31.25 -23.12 -40.41
CA VAL G 254 30.56 -22.26 -41.37
C VAL G 254 31.43 -22.14 -42.62
N VAL G 255 30.91 -22.62 -43.74
CA VAL G 255 31.61 -22.59 -45.02
C VAL G 255 30.93 -21.58 -45.92
N GLY G 256 31.72 -20.96 -46.79
CA GLY G 256 31.18 -20.01 -47.75
C GLY G 256 30.76 -20.69 -49.02
N PRO G 257 30.34 -19.87 -50.00
CA PRO G 257 30.04 -20.45 -51.33
C PRO G 257 31.27 -20.90 -52.08
N ASP G 258 32.42 -20.27 -51.84
CA ASP G 258 33.66 -20.70 -52.49
C ASP G 258 34.17 -21.99 -51.88
N GLY G 259 33.91 -22.21 -50.60
CA GLY G 259 34.34 -23.42 -49.91
C GLY G 259 35.29 -23.20 -48.75
N GLU G 260 35.77 -21.98 -48.54
CA GLU G 260 36.68 -21.72 -47.43
C GLU G 260 35.90 -21.66 -46.12
N ILE G 261 36.48 -22.23 -45.07
CA ILE G 261 35.88 -22.27 -43.75
C ILE G 261 36.01 -20.89 -43.11
N ILE G 262 34.87 -20.31 -42.73
CA ILE G 262 34.90 -19.02 -42.04
C ILE G 262 35.37 -19.19 -40.61
N ALA G 263 34.78 -20.13 -39.88
CA ALA G 263 35.21 -20.42 -38.52
C ALA G 263 34.94 -21.89 -38.24
N LYS G 264 35.80 -22.48 -37.42
CA LYS G 264 35.69 -23.88 -37.04
C LYS G 264 34.68 -24.02 -35.90
N ARG G 265 34.52 -25.24 -35.40
CA ARG G 265 33.68 -25.41 -34.23
C ARG G 265 34.47 -25.10 -32.97
N ASN G 266 33.74 -24.88 -31.88
CA ASN G 266 34.25 -24.41 -30.59
C ASN G 266 35.01 -23.10 -30.71
N ASP G 267 34.61 -22.24 -31.64
CA ASP G 267 35.22 -20.93 -31.85
C ASP G 267 34.29 -19.86 -31.32
N GLU G 268 34.81 -19.00 -30.46
CA GLU G 268 34.01 -17.92 -29.88
C GLU G 268 33.72 -16.86 -30.94
N ILE G 269 32.48 -16.41 -30.97
CA ILE G 269 32.02 -15.44 -31.96
C ILE G 269 31.93 -14.08 -31.28
N ASP G 270 32.47 -13.07 -31.94
CA ASP G 270 32.30 -11.67 -31.58
C ASP G 270 31.52 -11.00 -32.70
N GLU G 271 31.43 -9.67 -32.66
CA GLU G 271 30.58 -8.97 -33.62
C GLU G 271 31.16 -9.00 -35.03
N ALA G 272 32.48 -8.98 -35.17
CA ALA G 272 33.11 -9.06 -36.49
C ALA G 272 32.90 -10.43 -37.13
N LEU G 273 33.15 -11.49 -36.38
CA LEU G 273 32.91 -12.85 -36.88
C LEU G 273 31.42 -13.12 -37.08
N ALA G 274 30.56 -12.50 -36.27
CA ALA G 274 29.12 -12.65 -36.44
C ALA G 274 28.63 -11.97 -37.70
N ASN G 275 29.18 -10.80 -38.03
CA ASN G 275 28.87 -10.15 -39.30
C ASN G 275 29.40 -10.95 -40.47
N ARG G 276 30.60 -11.54 -40.33
CA ARG G 276 31.18 -12.35 -41.40
C ARG G 276 30.38 -13.63 -41.62
N ILE G 277 29.79 -14.20 -40.58
CA ILE G 277 28.96 -15.39 -40.74
C ILE G 277 27.59 -15.01 -41.30
N ALA G 278 26.96 -13.97 -40.75
CA ALA G 278 25.64 -13.55 -41.18
C ALA G 278 25.62 -12.91 -42.57
N ALA G 279 26.78 -12.56 -43.13
CA ALA G 279 26.83 -12.12 -44.51
C ALA G 279 26.98 -13.28 -45.49
N VAL G 280 26.91 -14.53 -45.04
CA VAL G 280 27.10 -15.68 -45.92
C VAL G 280 25.86 -16.57 -45.90
N THR G 281 25.53 -17.11 -44.73
CA THR G 281 24.44 -18.05 -44.58
C THR G 281 23.24 -17.41 -43.89
N ASP G 282 22.25 -18.25 -43.59
CA ASP G 282 21.09 -17.83 -42.81
C ASP G 282 20.78 -18.74 -41.64
N GLU G 283 21.37 -19.94 -41.59
CA GLU G 283 21.13 -20.90 -40.51
C GLU G 283 22.47 -21.35 -39.96
N VAL G 284 22.70 -21.08 -38.68
CA VAL G 284 23.95 -21.41 -37.99
C VAL G 284 23.62 -22.35 -36.84
N TYR G 285 24.52 -23.30 -36.58
CA TYR G 285 24.38 -24.23 -35.46
C TYR G 285 25.41 -23.87 -34.40
N VAL G 286 24.93 -23.59 -33.19
CA VAL G 286 25.77 -23.12 -32.09
C VAL G 286 25.65 -24.08 -30.92
N ARG G 287 26.42 -23.80 -29.87
CA ARG G 287 26.34 -24.52 -28.61
C ARG G 287 25.51 -23.72 -27.62
N SER G 288 24.61 -24.40 -26.92
CA SER G 288 23.61 -23.76 -26.09
C SER G 288 23.53 -24.46 -24.75
N PRO G 289 23.00 -23.79 -23.73
CA PRO G 289 22.66 -24.51 -22.48
C PRO G 289 21.49 -25.45 -22.63
N LEU G 290 20.67 -25.34 -23.68
CA LEU G 290 19.61 -26.30 -23.93
C LEU G 290 20.17 -27.68 -24.27
N THR G 291 21.34 -27.74 -24.91
CA THR G 291 21.92 -28.97 -25.40
C THR G 291 23.17 -29.38 -24.62
N CYS G 292 23.43 -28.76 -23.49
CA CYS G 292 24.57 -29.15 -22.66
C CYS G 292 24.27 -30.45 -21.94
N GLU G 293 25.31 -31.25 -21.74
CA GLU G 293 25.21 -32.52 -21.00
C GLU G 293 26.12 -32.42 -19.79
N ALA G 294 25.62 -31.82 -18.72
CA ALA G 294 26.35 -31.74 -17.47
C ALA G 294 25.38 -32.03 -16.34
N ALA G 295 25.93 -32.45 -15.21
CA ALA G 295 25.13 -32.88 -14.06
C ALA G 295 24.47 -31.66 -13.43
N ARG G 296 23.17 -31.48 -13.75
CA ARG G 296 22.26 -30.39 -13.37
C ARG G 296 22.87 -28.99 -13.41
N SER G 297 23.76 -28.75 -14.38
CA SER G 297 24.42 -27.47 -14.53
C SER G 297 24.84 -27.29 -15.98
N VAL G 298 25.58 -26.23 -16.25
CA VAL G 298 26.05 -25.92 -17.60
C VAL G 298 27.57 -25.91 -17.58
N CYS G 299 28.18 -26.12 -18.74
CA CYS G 299 29.62 -26.08 -18.86
C CYS G 299 30.05 -24.73 -19.42
N GLN G 300 31.36 -24.55 -19.54
CA GLN G 300 31.94 -23.28 -19.95
C GLN G 300 31.79 -23.04 -21.45
N ASN G 301 31.75 -24.10 -22.24
CA ASN G 301 31.71 -23.97 -23.69
C ASN G 301 30.29 -23.86 -24.23
N CYS G 302 29.32 -24.47 -23.56
CA CYS G 302 27.94 -24.37 -24.02
C CYS G 302 27.29 -23.06 -23.59
N TYR G 303 27.75 -22.45 -22.50
CA TYR G 303 27.22 -21.14 -22.12
C TYR G 303 27.76 -20.06 -23.03
N GLY G 304 29.08 -19.95 -23.16
CA GLY G 304 29.68 -18.98 -24.04
C GLY G 304 30.32 -17.82 -23.32
N TRP G 305 29.89 -16.61 -23.63
CA TRP G 305 30.54 -15.41 -23.13
C TRP G 305 29.85 -14.89 -21.87
N SER G 306 30.64 -14.25 -21.01
CA SER G 306 30.10 -13.37 -19.99
C SER G 306 29.86 -12.02 -20.64
N LEU G 307 28.59 -11.62 -20.75
CA LEU G 307 28.24 -10.42 -21.50
C LEU G 307 28.68 -9.15 -20.80
N ALA G 308 28.86 -9.19 -19.48
CA ALA G 308 29.31 -8.01 -18.74
C ALA G 308 30.80 -7.76 -18.89
N HIS G 309 31.56 -8.75 -19.36
CA HIS G 309 33.01 -8.64 -19.40
C HIS G 309 33.60 -8.79 -20.79
N GLY G 310 32.98 -9.56 -21.67
CA GLY G 310 33.40 -9.65 -23.05
C GLY G 310 34.31 -10.80 -23.39
N HIS G 311 34.45 -11.79 -22.52
CA HIS G 311 35.22 -12.98 -22.82
C HIS G 311 34.44 -14.19 -22.33
N LYS G 312 35.04 -15.38 -22.45
CA LYS G 312 34.38 -16.60 -22.04
C LYS G 312 34.23 -16.64 -20.53
N VAL G 313 33.19 -17.35 -20.07
CA VAL G 313 32.83 -17.32 -18.65
C VAL G 313 33.87 -18.06 -17.82
N ASP G 314 33.81 -17.83 -16.52
CA ASP G 314 34.75 -18.39 -15.57
C ASP G 314 34.07 -19.47 -14.74
N LEU G 315 34.89 -20.37 -14.21
CA LEU G 315 34.38 -21.46 -13.40
C LEU G 315 33.84 -20.96 -12.08
N GLY G 316 32.63 -21.38 -11.73
CA GLY G 316 32.01 -20.95 -10.50
C GLY G 316 31.15 -19.71 -10.62
N GLU G 317 30.63 -19.42 -11.80
CA GLU G 317 29.76 -18.26 -11.98
C GLU G 317 28.30 -18.67 -11.83
N ALA G 318 27.57 -17.93 -11.00
CA ALA G 318 26.15 -18.19 -10.77
C ALA G 318 25.34 -17.58 -11.92
N VAL G 319 25.31 -18.31 -13.04
CA VAL G 319 24.66 -17.80 -14.24
C VAL G 319 23.13 -17.86 -14.14
N GLY G 320 22.58 -18.66 -13.24
CA GLY G 320 21.14 -18.70 -13.08
C GLY G 320 20.61 -17.45 -12.40
N ILE G 321 21.34 -16.93 -11.41
CA ILE G 321 20.96 -15.68 -10.76
C ILE G 321 21.03 -14.52 -11.74
N ILE G 322 22.06 -14.50 -12.58
CA ILE G 322 22.20 -13.44 -13.58
C ILE G 322 21.11 -13.53 -14.63
N ALA G 323 20.73 -14.76 -15.01
CA ALA G 323 19.64 -14.95 -15.98
C ALA G 323 18.30 -14.51 -15.40
N ALA G 324 18.03 -14.86 -14.15
CA ALA G 324 16.76 -14.50 -13.52
C ALA G 324 16.67 -12.99 -13.30
N GLN G 325 17.77 -12.35 -12.94
CA GLN G 325 17.78 -10.91 -12.79
C GLN G 325 17.63 -10.20 -14.13
N SER G 326 18.25 -10.76 -15.18
CA SER G 326 18.14 -10.19 -16.52
C SER G 326 16.73 -10.28 -17.07
N ILE G 327 15.99 -11.33 -16.72
CA ILE G 327 14.61 -11.42 -17.17
C ILE G 327 13.69 -10.59 -16.28
N GLY G 328 13.94 -10.55 -14.96
CA GLY G 328 13.02 -9.89 -14.06
C GLY G 328 13.18 -8.38 -13.94
N GLU G 329 14.33 -7.83 -14.32
CA GLU G 329 14.53 -6.38 -14.21
C GLU G 329 13.66 -5.55 -15.17
N PRO G 330 13.59 -5.81 -16.49
CA PRO G 330 12.88 -4.85 -17.36
C PRO G 330 11.36 -4.84 -17.18
N GLY G 331 10.75 -5.97 -16.83
CA GLY G 331 9.32 -5.96 -16.58
C GLY G 331 8.94 -5.14 -15.37
N THR G 332 9.70 -5.27 -14.28
CA THR G 332 9.46 -4.46 -13.08
C THR G 332 9.71 -2.99 -13.35
N GLN G 333 10.79 -2.66 -14.06
CA GLN G 333 11.11 -1.26 -14.32
C GLN G 333 10.08 -0.62 -15.25
N LEU G 334 9.66 -1.34 -16.29
CA LEU G 334 8.67 -0.80 -17.22
C LEU G 334 7.30 -0.66 -16.57
N THR G 335 6.95 -1.61 -15.69
CA THR G 335 5.71 -1.49 -14.92
C THR G 335 5.73 -0.28 -14.00
N MET G 336 6.89 0.01 -13.40
CA MET G 336 6.94 1.17 -12.52
C MET G 336 7.12 2.49 -13.27
N ARG G 337 7.47 2.47 -14.56
CA ARG G 337 7.53 3.73 -15.32
C ARG G 337 6.47 3.81 -16.42
N THR G 338 5.41 2.99 -16.34
CA THR G 338 4.27 3.15 -17.26
C THR G 338 3.56 4.50 -17.15
N PHE G 339 3.66 5.19 -16.01
CA PHE G 339 2.95 6.46 -15.85
C PHE G 339 3.63 7.63 -16.56
N HIS G 340 4.79 7.42 -17.18
CA HIS G 340 5.46 8.48 -17.92
C HIS G 340 4.72 8.86 -19.19
N THR G 341 3.93 7.94 -19.75
CA THR G 341 3.22 8.17 -21.01
C THR G 341 1.85 8.80 -20.80
N GLY G 342 1.60 9.37 -19.62
CA GLY G 342 0.26 9.84 -19.32
C GLY G 342 -0.66 8.65 -19.06
N GLY G 343 -1.71 8.54 -19.86
CA GLY G 343 -2.58 7.39 -19.80
C GLY G 343 -3.10 6.99 -21.16
N VAL G 344 -2.34 7.33 -22.20
CA VAL G 344 -2.83 7.20 -23.56
C VAL G 344 -2.80 5.74 -24.00
N PHE G 345 -3.49 5.47 -25.10
CA PHE G 345 -3.50 4.17 -25.72
C PHE G 345 -2.44 4.09 -26.82
N THR G 346 -1.59 3.08 -26.74
CA THR G 346 -0.55 2.84 -27.75
C THR G 346 -1.00 1.70 -28.65
N GLY G 347 -1.04 1.95 -29.95
CA GLY G 347 -1.42 0.94 -30.91
C GLY G 347 -0.51 0.96 -32.12
N GLU G 348 -0.41 -0.21 -32.76
CA GLU G 348 0.43 -0.38 -33.95
C GLU G 348 -0.46 -0.22 -35.18
N VAL G 349 -0.18 0.80 -35.98
CA VAL G 349 -0.95 1.04 -37.19
C VAL G 349 -0.43 0.14 -38.31
N ALA G 350 -1.35 -0.57 -38.96
CA ALA G 350 -0.97 -1.46 -40.05
C ALA G 350 -0.58 -0.66 -41.28
N ARG G 351 0.46 -1.12 -41.98
CA ARG G 351 1.04 -0.36 -43.08
C ARG G 351 0.16 -0.42 -44.31
N GLN G 352 -0.05 0.74 -44.93
CA GLN G 352 -0.80 0.86 -46.17
C GLN G 352 0.12 1.40 -47.25
N GLU G 353 -0.01 0.84 -48.46
CA GLU G 353 0.79 1.25 -49.61
C GLU G 353 -0.16 1.76 -50.68
N LYS G 354 -0.17 3.07 -50.89
CA LYS G 354 -1.12 3.72 -51.78
C LYS G 354 -0.45 4.12 -53.08
N ALA G 355 -1.29 4.41 -54.08
CA ALA G 355 -0.80 4.91 -55.35
C ALA G 355 -0.59 6.41 -55.29
N PRO G 356 0.48 6.93 -55.89
CA PRO G 356 0.71 8.38 -55.82
C PRO G 356 -0.24 9.20 -56.66
N GLU G 357 -0.67 8.69 -57.81
CA GLU G 357 -1.58 9.41 -58.69
C GLU G 357 -2.49 8.41 -59.39
N ASP G 358 -3.24 8.90 -60.38
CA ASP G 358 -4.26 8.14 -61.09
C ASP G 358 -3.64 7.01 -61.93
N GLY G 359 -4.46 6.00 -62.21
CA GLY G 359 -4.00 4.87 -63.00
C GLY G 359 -4.93 3.67 -62.79
N THR G 360 -4.35 2.48 -62.97
CA THR G 360 -5.00 1.23 -62.62
C THR G 360 -3.96 0.30 -62.01
N VAL G 361 -4.32 -0.98 -61.85
CA VAL G 361 -3.48 -1.95 -61.16
C VAL G 361 -3.29 -3.18 -62.03
N LYS G 362 -2.03 -3.62 -62.15
CA LYS G 362 -1.69 -4.87 -62.82
C LYS G 362 -2.28 -6.06 -62.08
N TRP G 363 -2.95 -6.93 -62.82
CA TRP G 363 -3.47 -8.18 -62.27
C TRP G 363 -2.31 -9.09 -61.92
N GLY G 364 -2.27 -9.55 -60.67
CA GLY G 364 -1.16 -10.36 -60.22
C GLY G 364 -1.16 -11.76 -60.80
N LYS G 365 0.03 -12.22 -61.18
CA LYS G 365 0.21 -13.54 -61.74
C LYS G 365 0.60 -14.53 -60.65
N GLY G 366 -0.10 -15.65 -60.61
CA GLY G 366 0.15 -16.67 -59.60
C GLY G 366 -0.44 -16.36 -58.25
N LEU G 367 -1.68 -15.89 -58.21
CA LEU G 367 -2.33 -15.52 -56.97
C LEU G 367 -3.81 -15.87 -57.04
N SER G 368 -4.27 -16.63 -56.04
CA SER G 368 -5.69 -16.86 -55.79
C SER G 368 -6.07 -16.14 -54.52
N THR G 369 -7.33 -15.71 -54.43
CA THR G 369 -7.76 -14.89 -53.32
C THR G 369 -9.24 -15.11 -53.01
N ARG G 370 -9.60 -14.89 -51.74
CA ARG G 370 -10.95 -15.06 -51.24
C ARG G 370 -11.41 -13.77 -50.59
N LYS G 371 -12.67 -13.40 -50.80
CA LYS G 371 -13.23 -12.23 -50.15
C LYS G 371 -13.45 -12.50 -48.66
N VAL G 372 -12.84 -11.68 -47.82
CA VAL G 372 -12.86 -11.85 -46.37
C VAL G 372 -13.32 -10.54 -45.74
N ARG G 373 -14.33 -10.64 -44.87
CA ARG G 373 -14.92 -9.46 -44.24
C ARG G 373 -13.93 -8.80 -43.29
N THR G 374 -13.60 -7.54 -43.54
CA THR G 374 -12.61 -6.78 -42.80
C THR G 374 -13.20 -6.39 -41.44
N ARG G 375 -12.32 -6.04 -40.49
CA ARG G 375 -12.75 -5.57 -39.18
C ARG G 375 -13.36 -4.18 -39.23
N HIS G 376 -13.25 -3.47 -40.34
CA HIS G 376 -13.78 -2.11 -40.45
C HIS G 376 -15.11 -2.03 -41.19
N GLY G 377 -15.46 -3.06 -41.96
CA GLY G 377 -16.75 -3.12 -42.62
C GLY G 377 -16.71 -3.28 -44.12
N GLU G 378 -15.63 -2.89 -44.80
CA GLU G 378 -15.56 -2.99 -46.25
C GLU G 378 -15.22 -4.40 -46.68
N ASP G 379 -15.83 -4.85 -47.76
CA ASP G 379 -15.50 -6.16 -48.30
C ASP G 379 -14.17 -6.12 -49.05
N ALA G 380 -13.27 -7.04 -48.68
CA ALA G 380 -11.92 -7.07 -49.22
C ALA G 380 -11.53 -8.51 -49.48
N GLU G 381 -10.61 -8.69 -50.43
CA GLU G 381 -10.17 -10.02 -50.83
C GLU G 381 -8.80 -10.31 -50.23
N GLN G 382 -8.69 -11.43 -49.52
CA GLN G 382 -7.48 -11.82 -48.82
C GLN G 382 -6.67 -12.79 -49.67
N VAL G 383 -5.37 -12.54 -49.77
CA VAL G 383 -4.51 -13.31 -50.66
C VAL G 383 -4.22 -14.68 -50.03
N GLU G 384 -4.24 -15.73 -50.85
CA GLU G 384 -3.92 -17.07 -50.40
C GLU G 384 -2.44 -17.39 -50.59
N ILE G 385 -1.96 -17.33 -51.83
CA ILE G 385 -0.56 -17.53 -52.17
C ILE G 385 0.01 -16.18 -52.58
N ALA G 386 1.21 -15.86 -52.08
CA ALA G 386 1.80 -14.54 -52.28
C ALA G 386 2.18 -14.30 -53.74
N GLY G 387 1.65 -13.22 -54.31
CA GLY G 387 2.00 -12.83 -55.66
C GLY G 387 2.29 -11.34 -55.70
N ASP G 388 2.86 -10.91 -56.83
CA ASP G 388 3.26 -9.52 -56.97
C ASP G 388 2.04 -8.63 -57.25
N LEU G 389 2.24 -7.33 -57.04
CA LEU G 389 1.30 -6.31 -57.47
C LEU G 389 2.11 -5.15 -58.02
N ILE G 390 1.65 -4.59 -59.14
CA ILE G 390 2.32 -3.49 -59.83
C ILE G 390 1.28 -2.40 -60.08
N TRP G 391 1.60 -1.16 -59.71
CA TRP G 391 0.73 -0.04 -59.99
C TRP G 391 0.90 0.38 -61.43
N LYS G 392 -0.18 0.33 -62.20
CA LYS G 392 -0.19 0.71 -63.61
C LYS G 392 -0.51 2.20 -63.68
N GLY G 393 0.53 3.02 -63.77
CA GLY G 393 0.33 4.45 -63.84
C GLY G 393 0.01 4.94 -65.24
N GLU G 394 -0.52 6.16 -65.29
CA GLU G 394 -0.84 6.82 -66.57
C GLU G 394 0.32 7.71 -67.01
N GLY G 395 1.51 7.12 -67.03
CA GLY G 395 2.72 7.82 -67.43
C GLY G 395 3.23 7.29 -68.76
N LYS G 396 3.47 8.21 -69.70
CA LYS G 396 3.91 7.82 -71.03
C LYS G 396 5.35 7.33 -71.04
N LYS G 397 6.15 7.72 -70.05
CA LYS G 397 7.55 7.34 -69.99
C LYS G 397 7.85 6.42 -68.81
N ALA G 398 7.55 6.87 -67.58
CA ALA G 398 7.91 6.10 -66.38
C ALA G 398 6.95 6.51 -65.25
N ALA G 399 5.93 5.68 -65.02
CA ALA G 399 5.10 5.78 -63.83
C ALA G 399 4.66 4.36 -63.47
N THR G 400 5.44 3.72 -62.59
CA THR G 400 5.25 2.32 -62.27
C THR G 400 5.83 2.05 -60.88
N GLN G 401 5.00 1.48 -60.00
CA GLN G 401 5.45 1.07 -58.69
C GLN G 401 4.96 -0.35 -58.43
N THR G 402 5.85 -1.19 -57.89
CA THR G 402 5.59 -2.61 -57.66
C THR G 402 5.56 -2.89 -56.16
N TYR G 403 4.50 -3.54 -55.69
CA TYR G 403 4.37 -3.92 -54.29
C TYR G 403 4.29 -5.44 -54.18
N SER G 404 5.32 -6.05 -53.58
CA SER G 404 5.32 -7.47 -53.30
C SER G 404 4.60 -7.73 -51.99
N LEU G 405 3.63 -8.64 -52.01
CA LEU G 405 2.71 -8.84 -50.89
C LEU G 405 3.23 -9.90 -49.92
N THR G 406 2.74 -9.79 -48.68
CA THR G 406 2.89 -10.76 -47.62
C THR G 406 1.70 -11.73 -47.66
N PRO G 407 1.93 -13.04 -47.50
CA PRO G 407 0.81 -13.99 -47.40
C PRO G 407 -0.08 -13.69 -46.20
N GLY G 408 -1.32 -13.29 -46.48
CA GLY G 408 -2.25 -12.84 -45.47
C GLY G 408 -2.67 -11.39 -45.59
N SER G 409 -2.23 -10.70 -46.64
CA SER G 409 -2.64 -9.32 -46.87
C SER G 409 -4.07 -9.26 -47.38
N LEU G 410 -4.59 -8.03 -47.47
CA LEU G 410 -5.94 -7.78 -47.93
C LEU G 410 -5.90 -6.88 -49.15
N LEU G 411 -6.85 -7.09 -50.07
CA LEU G 411 -6.90 -6.34 -51.32
C LEU G 411 -8.24 -5.63 -51.44
N PHE G 412 -8.19 -4.33 -51.73
CA PHE G 412 -9.37 -3.54 -52.04
C PHE G 412 -9.47 -3.23 -53.52
N VAL G 413 -8.71 -3.95 -54.36
CA VAL G 413 -8.61 -3.69 -55.78
C VAL G 413 -9.06 -4.96 -56.52
N GLN G 414 -9.92 -4.78 -57.53
CA GLN G 414 -10.37 -5.88 -58.37
C GLN G 414 -9.30 -6.25 -59.39
N ASP G 415 -9.68 -7.13 -60.33
CA ASP G 415 -8.76 -7.58 -61.37
C ASP G 415 -8.82 -6.61 -62.56
N GLY G 416 -7.86 -5.69 -62.61
CA GLY G 416 -7.79 -4.75 -63.72
C GLY G 416 -8.72 -3.56 -63.61
N GLN G 417 -9.19 -3.22 -62.42
CA GLN G 417 -10.07 -2.08 -62.29
C GLN G 417 -9.28 -0.77 -62.29
N THR G 418 -9.94 0.29 -62.74
CA THR G 418 -9.34 1.61 -62.85
C THR G 418 -9.32 2.28 -61.47
N VAL G 419 -8.18 2.81 -61.08
CA VAL G 419 -7.96 3.35 -59.74
C VAL G 419 -8.12 4.87 -59.79
N THR G 420 -8.79 5.43 -58.79
CA THR G 420 -9.03 6.87 -58.70
C THR G 420 -7.77 7.59 -58.23
N ALA G 421 -7.93 8.87 -57.90
CA ALA G 421 -6.81 9.67 -57.38
C ALA G 421 -6.74 9.51 -55.88
N GLY G 422 -5.82 8.66 -55.40
CA GLY G 422 -5.61 8.50 -53.98
C GLY G 422 -6.41 7.40 -53.31
N GLN G 423 -6.85 6.40 -54.05
CA GLN G 423 -7.66 5.33 -53.50
C GLN G 423 -6.82 4.39 -52.63
N LEU G 424 -7.50 3.68 -51.73
CA LEU G 424 -6.83 2.67 -50.92
C LEU G 424 -6.51 1.45 -51.77
N MET G 425 -5.29 0.93 -51.61
CA MET G 425 -4.78 -0.12 -52.49
C MET G 425 -4.56 -1.44 -51.77
N THR G 426 -3.76 -1.46 -50.71
CA THR G 426 -3.44 -2.71 -50.03
C THR G 426 -3.07 -2.41 -48.59
N GLU G 427 -3.21 -3.44 -47.74
CA GLU G 427 -2.91 -3.32 -46.32
C GLU G 427 -2.72 -4.72 -45.74
N ILE G 428 -1.58 -4.94 -45.08
CA ILE G 428 -1.30 -6.19 -44.38
C ILE G 428 -1.83 -6.07 -42.96
N SER G 429 -2.53 -7.11 -42.50
CA SER G 429 -3.05 -7.13 -41.14
C SER G 429 -1.91 -7.31 -40.14
N LEU G 430 -2.23 -7.04 -38.88
CA LEU G 430 -1.24 -7.00 -37.82
C LEU G 430 -0.82 -8.41 -37.39
N SER G 431 0.16 -8.46 -36.50
CA SER G 431 0.59 -9.72 -35.90
C SER G 431 -0.33 -10.08 -34.73
N LYS G 432 -0.04 -11.22 -34.10
CA LYS G 432 -0.86 -11.68 -32.99
C LYS G 432 -0.59 -10.88 -31.72
N THR G 433 0.68 -10.75 -31.34
CA THR G 433 1.03 -9.97 -30.16
C THR G 433 0.98 -8.48 -30.44
N GLN G 434 1.24 -8.08 -31.69
CA GLN G 434 1.22 -6.67 -32.07
C GLN G 434 -0.19 -6.11 -32.21
N ARG G 435 -1.22 -6.95 -32.21
CA ARG G 435 -2.59 -6.45 -32.21
C ARG G 435 -3.13 -6.33 -30.79
N SER G 436 -2.86 -7.35 -29.95
CA SER G 436 -3.23 -7.40 -28.53
C SER G 436 -4.74 -7.27 -28.34
N THR G 437 -5.48 -8.25 -28.86
CA THR G 437 -6.93 -8.27 -28.77
C THR G 437 -7.40 -9.53 -28.07
N GLU G 438 -8.59 -9.45 -27.47
CA GLU G 438 -9.18 -10.57 -26.74
C GLU G 438 -10.69 -10.49 -26.89
N ARG G 439 -11.35 -11.65 -26.74
CA ARG G 439 -12.78 -11.75 -26.99
C ARG G 439 -13.59 -11.04 -25.90
N ALA G 440 -14.74 -10.53 -26.30
CA ALA G 440 -15.66 -9.81 -25.41
C ALA G 440 -17.07 -9.94 -25.97
N THR G 441 -18.01 -9.22 -25.39
CA THR G 441 -19.40 -9.21 -25.84
C THR G 441 -19.90 -7.78 -25.94
N LYS G 442 -20.94 -7.61 -26.77
CA LYS G 442 -21.49 -6.28 -27.05
C LYS G 442 -22.89 -6.43 -27.60
N ASP G 443 -23.81 -5.60 -27.09
CA ASP G 443 -25.20 -5.60 -27.51
C ASP G 443 -25.49 -4.41 -28.41
N VAL G 444 -26.21 -4.65 -29.50
CA VAL G 444 -26.67 -3.58 -30.38
C VAL G 444 -27.93 -2.98 -29.76
N ALA G 445 -27.87 -1.71 -29.42
CA ALA G 445 -28.96 -1.01 -28.74
C ALA G 445 -29.34 0.21 -29.57
N GLY G 446 -30.25 0.01 -30.52
CA GLY G 446 -30.81 1.13 -31.25
C GLY G 446 -31.97 1.76 -30.50
N ASP G 447 -32.03 3.09 -30.56
CA ASP G 447 -32.98 3.85 -29.75
C ASP G 447 -34.14 4.29 -30.65
N LEU G 448 -35.06 3.36 -30.89
CA LEU G 448 -36.27 3.61 -31.69
C LEU G 448 -37.24 2.47 -31.43
N ALA G 449 -38.48 2.82 -31.07
CA ALA G 449 -39.49 1.83 -30.73
C ALA G 449 -40.34 1.51 -31.96
N GLY G 450 -40.70 0.23 -32.12
CA GLY G 450 -41.54 -0.15 -33.23
C GLY G 450 -41.61 -1.66 -33.39
N GLU G 451 -42.13 -2.09 -34.54
CA GLU G 451 -42.35 -3.51 -34.82
C GLU G 451 -41.22 -4.08 -35.64
N VAL G 452 -40.72 -5.24 -35.22
CA VAL G 452 -39.50 -5.82 -35.75
C VAL G 452 -39.82 -6.61 -37.01
N LEU G 453 -39.04 -6.39 -38.07
CA LEU G 453 -39.18 -7.10 -39.34
C LEU G 453 -37.85 -7.74 -39.69
N PHE G 454 -37.90 -8.97 -40.21
CA PHE G 454 -36.70 -9.73 -40.54
C PHE G 454 -36.49 -9.77 -42.04
N ASP G 455 -35.32 -9.33 -42.48
CA ASP G 455 -34.93 -9.34 -43.89
C ASP G 455 -33.68 -10.18 -44.06
N ARG G 456 -33.79 -11.25 -44.85
CA ARG G 456 -32.71 -12.22 -45.13
C ARG G 456 -32.16 -12.86 -43.86
N LEU G 457 -33.01 -12.99 -42.85
CA LEU G 457 -32.59 -13.49 -41.54
C LEU G 457 -33.25 -14.84 -41.28
N VAL G 458 -32.46 -15.81 -40.84
CA VAL G 458 -32.94 -17.15 -40.53
C VAL G 458 -32.58 -17.47 -39.09
N PRO G 459 -33.51 -17.97 -38.29
CA PRO G 459 -33.19 -18.30 -36.90
C PRO G 459 -32.74 -19.75 -36.76
N GLU G 460 -32.07 -20.00 -35.64
CA GLU G 460 -31.59 -21.33 -35.29
C GLU G 460 -31.79 -21.55 -33.80
N GLU G 461 -32.62 -22.53 -33.45
CA GLU G 461 -32.90 -22.83 -32.05
C GLU G 461 -31.93 -23.88 -31.53
N LYS G 462 -31.39 -23.64 -30.33
CA LYS G 462 -30.38 -24.49 -29.73
C LYS G 462 -30.94 -25.17 -28.50
N THR G 463 -30.33 -26.28 -28.11
CA THR G 463 -30.57 -26.94 -26.83
C THR G 463 -29.24 -27.02 -26.08
N ASP G 464 -29.29 -26.77 -24.78
CA ASP G 464 -28.09 -26.69 -23.97
C ASP G 464 -28.22 -27.58 -22.72
N ARG G 465 -27.27 -27.42 -21.81
CA ARG G 465 -27.17 -28.28 -20.64
C ARG G 465 -28.32 -28.05 -19.66
N GLN G 466 -28.66 -26.79 -19.41
CA GLN G 466 -29.67 -26.45 -18.41
C GLN G 466 -31.06 -26.21 -19.01
N GLY G 467 -31.19 -26.20 -20.34
CA GLY G 467 -32.46 -25.96 -20.98
C GLY G 467 -32.59 -24.64 -21.70
N ASN G 468 -31.51 -24.15 -22.31
CA ASN G 468 -31.49 -22.79 -22.83
C ASN G 468 -32.16 -22.71 -24.19
N THR G 469 -33.10 -21.78 -24.33
CA THR G 469 -33.74 -21.48 -25.61
C THR G 469 -33.00 -20.29 -26.22
N THR G 470 -32.22 -20.54 -27.25
CA THR G 470 -31.32 -19.55 -27.82
C THR G 470 -31.53 -19.48 -29.32
N ARG G 471 -31.59 -18.27 -29.86
CA ARG G 471 -31.79 -18.04 -31.30
C ARG G 471 -30.48 -17.57 -31.92
N ILE G 472 -30.02 -18.30 -32.93
CA ILE G 472 -28.77 -18.02 -33.63
C ILE G 472 -29.11 -17.71 -35.08
N ALA G 473 -28.33 -16.81 -35.68
CA ALA G 473 -28.41 -16.58 -37.11
C ALA G 473 -27.48 -17.54 -37.84
N GLN G 474 -28.03 -18.28 -38.80
CA GLN G 474 -27.21 -19.13 -39.66
C GLN G 474 -26.30 -18.30 -40.54
N ARG G 475 -26.86 -17.30 -41.21
CA ARG G 475 -26.12 -16.34 -41.99
C ARG G 475 -26.59 -14.94 -41.59
N GLY G 476 -25.64 -14.02 -41.45
CA GLY G 476 -25.98 -12.70 -40.94
C GLY G 476 -26.73 -11.86 -41.98
N GLY G 477 -27.84 -11.29 -41.54
CA GLY G 477 -28.67 -10.46 -42.39
C GLY G 477 -29.00 -9.12 -41.76
N LEU G 478 -30.19 -8.60 -42.03
CA LEU G 478 -30.61 -7.30 -41.55
C LEU G 478 -31.87 -7.43 -40.70
N VAL G 479 -32.01 -6.51 -39.73
CA VAL G 479 -33.16 -6.44 -38.86
C VAL G 479 -33.75 -5.05 -38.98
N TRP G 480 -35.02 -4.98 -39.37
CA TRP G 480 -35.70 -3.70 -39.59
C TRP G 480 -36.75 -3.51 -38.50
N ILE G 481 -36.94 -2.26 -38.07
CA ILE G 481 -37.98 -1.92 -37.10
C ILE G 481 -38.89 -0.85 -37.70
N LEU G 482 -40.15 -1.21 -37.92
CA LEU G 482 -41.13 -0.28 -38.46
C LEU G 482 -41.63 0.61 -37.32
N SER G 483 -41.40 1.91 -37.46
CA SER G 483 -41.47 2.83 -36.33
C SER G 483 -42.91 3.06 -35.87
N GLY G 484 -43.08 3.19 -34.55
CA GLY G 484 -44.37 3.53 -33.97
C GLY G 484 -44.25 3.62 -32.48
N GLU G 485 -45.08 4.48 -31.89
CA GLU G 485 -45.08 4.68 -30.44
C GLU G 485 -45.79 3.50 -29.79
N VAL G 486 -45.13 2.90 -28.79
CA VAL G 486 -45.63 1.69 -28.15
C VAL G 486 -46.07 2.03 -26.73
N TYR G 487 -47.26 1.54 -26.36
CA TYR G 487 -47.83 1.79 -25.04
C TYR G 487 -47.82 0.49 -24.25
N ASN G 488 -47.08 0.47 -23.15
CA ASN G 488 -47.01 -0.72 -22.29
C ASN G 488 -48.21 -0.75 -21.34
N LEU G 489 -49.03 -1.79 -21.47
CA LEU G 489 -50.20 -1.96 -20.62
C LEU G 489 -49.89 -2.94 -19.49
N PRO G 490 -50.53 -2.79 -18.32
CA PRO G 490 -50.32 -3.76 -17.25
C PRO G 490 -50.96 -5.09 -17.59
N PRO G 491 -50.45 -6.20 -17.03
CA PRO G 491 -50.97 -7.53 -17.40
C PRO G 491 -52.38 -7.80 -16.90
N GLY G 492 -52.87 -7.03 -15.94
CA GLY G 492 -54.26 -7.12 -15.51
C GLY G 492 -55.24 -6.37 -16.37
N ALA G 493 -54.78 -5.71 -17.43
CA ALA G 493 -55.63 -4.94 -18.33
C ALA G 493 -55.86 -5.70 -19.63
N GLU G 494 -56.77 -5.17 -20.44
CA GLU G 494 -57.11 -5.74 -21.74
C GLU G 494 -57.51 -4.60 -22.68
N PRO G 495 -57.01 -4.59 -23.90
CA PRO G 495 -57.38 -3.55 -24.86
C PRO G 495 -58.76 -3.78 -25.45
N VAL G 496 -59.35 -2.69 -25.96
CA VAL G 496 -60.65 -2.74 -26.60
C VAL G 496 -60.55 -2.65 -28.12
N VAL G 497 -59.67 -1.81 -28.65
CA VAL G 497 -59.55 -1.59 -30.09
C VAL G 497 -58.91 -2.82 -30.72
N LYS G 498 -59.47 -3.27 -31.84
CA LYS G 498 -59.06 -4.49 -32.50
C LYS G 498 -57.73 -4.29 -33.24
N ASN G 499 -57.33 -5.33 -33.97
CA ASN G 499 -56.01 -5.37 -34.60
C ASN G 499 -55.86 -4.42 -35.79
N ASP G 500 -56.96 -3.84 -36.28
CA ASP G 500 -56.88 -2.82 -37.32
C ASP G 500 -58.10 -1.90 -37.18
N GLU G 501 -57.90 -0.76 -36.53
CA GLU G 501 -58.95 0.24 -36.35
C GLU G 501 -58.32 1.58 -36.01
N GLN G 502 -58.74 2.62 -36.71
CA GLN G 502 -58.20 3.96 -36.48
C GLN G 502 -58.75 4.54 -35.19
N VAL G 503 -57.87 5.17 -34.41
CA VAL G 503 -58.21 5.77 -33.13
C VAL G 503 -58.43 7.26 -33.31
N GLU G 504 -59.50 7.78 -32.73
CA GLU G 504 -59.76 9.21 -32.74
C GLU G 504 -58.97 9.90 -31.63
N VAL G 505 -59.18 11.21 -31.50
CA VAL G 505 -58.48 11.99 -30.48
C VAL G 505 -59.09 11.72 -29.11
N GLY G 506 -58.24 11.35 -28.15
CA GLY G 506 -58.63 11.13 -26.77
C GLY G 506 -59.55 9.94 -26.55
N SER G 507 -59.65 9.02 -27.50
CA SER G 507 -60.59 7.91 -27.39
C SER G 507 -60.07 6.85 -26.43
N ILE G 508 -60.92 5.89 -26.13
CA ILE G 508 -60.58 4.82 -25.19
C ILE G 508 -59.71 3.80 -25.89
N MET G 509 -58.65 3.37 -25.19
CA MET G 509 -57.72 2.37 -25.70
C MET G 509 -57.82 1.04 -24.96
N ALA G 510 -57.95 1.07 -23.64
CA ALA G 510 -58.05 -0.15 -22.86
C ALA G 510 -58.86 0.11 -21.60
N GLU G 511 -59.63 -0.90 -21.19
CA GLU G 511 -60.33 -0.87 -19.91
C GLU G 511 -60.33 -2.28 -19.32
N THR G 512 -59.99 -2.40 -18.05
CA THR G 512 -59.92 -3.69 -17.38
C THR G 512 -61.20 -3.98 -16.63
N LYS G 513 -61.26 -5.18 -16.06
CA LYS G 513 -62.41 -5.63 -15.27
C LYS G 513 -62.00 -5.67 -13.81
N LEU G 514 -62.50 -4.72 -13.03
CA LEU G 514 -62.35 -4.72 -11.58
C LEU G 514 -63.52 -5.51 -11.00
N VAL G 515 -63.32 -6.80 -10.78
CA VAL G 515 -64.38 -7.70 -10.35
C VAL G 515 -63.99 -8.33 -9.01
N THR G 516 -64.68 -7.94 -7.96
CA THR G 516 -64.68 -8.65 -6.68
C THR G 516 -66.11 -9.05 -6.37
N ASN G 517 -66.27 -10.19 -5.70
CA ASN G 517 -67.60 -10.75 -5.53
C ASN G 517 -68.12 -10.53 -4.11
N ASP G 518 -69.36 -11.00 -3.89
CA ASP G 518 -70.18 -10.92 -2.66
C ASP G 518 -70.11 -9.52 -2.02
N GLY G 519 -70.62 -8.55 -2.79
CA GLY G 519 -70.80 -7.19 -2.30
C GLY G 519 -71.97 -6.49 -2.95
N GLY G 520 -72.90 -5.97 -2.14
CA GLY G 520 -74.13 -5.42 -2.67
C GLY G 520 -74.32 -3.92 -2.58
N VAL G 521 -73.93 -3.33 -1.45
CA VAL G 521 -74.08 -1.90 -1.20
C VAL G 521 -72.75 -1.38 -0.67
N VAL G 522 -72.32 -0.22 -1.17
CA VAL G 522 -71.05 0.38 -0.80
C VAL G 522 -71.30 1.58 0.11
N ARG G 523 -70.50 1.70 1.16
CA ARG G 523 -70.66 2.77 2.13
C ARG G 523 -69.28 3.25 2.58
N LEU G 524 -69.01 4.53 2.35
CA LEU G 524 -67.72 5.14 2.65
C LEU G 524 -67.96 6.43 3.42
N VAL G 525 -67.00 6.78 4.30
CA VAL G 525 -67.21 7.95 5.14
C VAL G 525 -66.33 9.13 4.74
N SER G 526 -65.01 9.01 4.94
CA SER G 526 -64.10 10.15 4.75
C SER G 526 -62.76 9.71 4.13
N ASN G 527 -62.82 8.78 3.18
CA ASN G 527 -61.60 8.33 2.51
C ASN G 527 -61.96 7.78 1.14
N ARG G 528 -60.93 7.50 0.35
CA ARG G 528 -61.14 6.82 -0.93
C ARG G 528 -61.47 5.35 -0.68
N GLU G 529 -60.52 4.60 -0.13
CA GLU G 529 -60.67 3.38 0.67
C GLU G 529 -61.72 2.37 0.20
N ILE G 530 -61.53 1.78 -0.98
CA ILE G 530 -62.53 0.87 -1.55
C ILE G 530 -62.68 -0.36 -0.65
N GLU G 531 -63.93 -0.64 -0.25
CA GLU G 531 -64.19 -1.42 0.94
C GLU G 531 -65.37 -2.37 0.70
N ILE G 532 -65.93 -2.84 1.81
CA ILE G 532 -66.96 -3.88 1.80
C ILE G 532 -68.20 -3.23 2.43
N ILE G 533 -69.29 -4.00 2.57
CA ILE G 533 -70.55 -3.50 3.13
C ILE G 533 -70.35 -3.04 4.58
N THR G 534 -69.39 -3.69 5.28
CA THR G 534 -68.92 -3.47 6.67
C THR G 534 -70.05 -3.24 7.68
N ALA G 535 -70.92 -4.26 7.81
CA ALA G 535 -71.97 -4.27 8.82
C ALA G 535 -71.30 -4.48 10.18
N SER G 536 -70.87 -3.38 10.79
CA SER G 536 -70.29 -3.39 12.13
C SER G 536 -71.31 -2.82 13.10
N VAL G 537 -71.18 -3.23 14.37
CA VAL G 537 -72.14 -2.83 15.41
C VAL G 537 -71.42 -2.04 16.49
N LEU G 538 -72.20 -1.25 17.21
CA LEU G 538 -71.78 -0.62 18.46
C LEU G 538 -72.94 -0.80 19.43
N LEU G 539 -72.69 -1.50 20.54
CA LEU G 539 -73.76 -1.82 21.48
C LEU G 539 -74.03 -0.63 22.38
N ASP G 540 -75.32 -0.31 22.53
CA ASP G 540 -75.75 0.83 23.32
C ASP G 540 -75.54 0.57 24.80
N GLN G 541 -75.64 1.67 25.57
CA GLN G 541 -75.41 1.71 27.02
C GLN G 541 -74.02 1.18 27.38
N ALA G 542 -73.01 1.87 26.88
CA ALA G 542 -71.61 1.52 27.12
C ALA G 542 -70.85 2.75 27.61
N GLN G 543 -69.90 2.53 28.52
CA GLN G 543 -69.07 3.61 29.02
C GLN G 543 -67.78 3.00 29.54
N VAL G 544 -66.67 3.24 28.82
CA VAL G 544 -65.37 2.72 29.20
C VAL G 544 -64.32 3.82 29.04
N LYS G 545 -63.55 4.06 30.09
CA LYS G 545 -62.40 4.96 30.04
C LYS G 545 -61.26 4.30 30.83
N LEU G 546 -60.19 5.05 31.07
CA LEU G 546 -59.04 4.52 31.79
C LEU G 546 -59.32 4.49 33.29
N GLU G 547 -58.88 3.42 33.94
CA GLU G 547 -59.10 3.24 35.38
C GLU G 547 -57.96 2.37 35.91
N SER G 548 -57.05 2.99 36.67
CA SER G 548 -55.89 2.31 37.23
C SER G 548 -55.93 2.48 38.75
N SER G 549 -56.28 1.42 39.46
CA SER G 549 -56.33 1.49 40.92
C SER G 549 -55.56 0.37 41.60
N GLY G 550 -55.56 -0.83 41.04
CA GLY G 550 -54.95 -1.96 41.71
C GLY G 550 -53.81 -2.65 40.99
N GLY G 551 -53.85 -2.66 39.66
CA GLY G 551 -52.88 -3.43 38.90
C GLY G 551 -52.45 -2.83 37.58
N ARG G 552 -52.55 -3.64 36.52
CA ARG G 552 -52.09 -3.27 35.18
C ARG G 552 -53.10 -2.37 34.47
N GLU G 553 -52.93 -2.24 33.15
CA GLU G 553 -53.88 -1.49 32.34
C GLU G 553 -55.26 -2.16 32.39
N GLN G 554 -56.30 -1.33 32.46
CA GLN G 554 -57.61 -1.81 32.87
C GLN G 554 -58.66 -0.90 32.26
N TYR G 555 -59.38 -1.39 31.25
CA TYR G 555 -60.41 -0.64 30.54
C TYR G 555 -61.73 -1.38 30.74
N VAL G 556 -62.42 -1.07 31.83
CA VAL G 556 -63.66 -1.74 32.17
C VAL G 556 -64.84 -0.92 31.63
N ILE G 557 -65.84 -1.62 31.10
CA ILE G 557 -66.99 -0.96 30.49
C ILE G 557 -68.10 -0.89 31.52
N TYR G 558 -69.08 -0.03 31.25
CA TYR G 558 -70.21 0.19 32.13
C TYR G 558 -71.49 -0.16 31.37
N THR G 559 -72.37 -0.93 32.01
CA THR G 559 -73.65 -1.30 31.44
C THR G 559 -74.78 -0.96 32.41
N ALA G 560 -75.98 -0.84 31.86
CA ALA G 560 -77.17 -0.56 32.66
C ALA G 560 -77.70 -1.78 33.38
N ASP G 561 -77.17 -2.98 33.10
CA ASP G 561 -77.52 -4.18 33.83
C ASP G 561 -76.63 -4.41 35.05
N LYS G 562 -75.79 -3.43 35.39
CA LYS G 562 -74.88 -3.45 36.54
C LYS G 562 -73.92 -4.63 36.49
N GLN G 563 -73.28 -4.82 35.34
CA GLN G 563 -72.29 -5.87 35.14
C GLN G 563 -71.08 -5.28 34.43
N ARG G 564 -69.91 -5.43 35.05
CA ARG G 564 -68.68 -4.82 34.56
C ARG G 564 -67.93 -5.80 33.67
N PHE G 565 -67.61 -5.39 32.45
CA PHE G 565 -66.93 -6.22 31.48
C PHE G 565 -65.56 -5.65 31.12
N LEU G 566 -64.64 -6.55 30.79
CA LEU G 566 -63.24 -6.18 30.57
C LEU G 566 -62.53 -7.28 29.79
N LEU G 567 -61.67 -6.88 28.86
CA LEU G 567 -60.65 -7.75 28.27
C LEU G 567 -59.28 -7.30 28.73
N LYS G 568 -58.50 -8.24 29.28
CA LYS G 568 -57.19 -7.96 29.83
C LYS G 568 -56.08 -7.88 28.78
N ALA G 569 -56.34 -8.28 27.53
CA ALA G 569 -55.36 -8.15 26.47
C ALA G 569 -55.25 -6.70 26.02
N ALA G 570 -54.26 -6.44 25.17
CA ALA G 570 -53.95 -5.07 24.77
C ALA G 570 -55.01 -4.52 23.81
N PRO G 571 -55.34 -3.23 23.90
CA PRO G 571 -56.28 -2.63 22.96
C PRO G 571 -55.67 -2.53 21.56
N GLY G 572 -56.36 -3.10 20.59
CA GLY G 572 -55.84 -3.20 19.23
C GLY G 572 -55.30 -4.58 18.93
N THR G 573 -56.04 -5.62 19.30
CA THR G 573 -55.64 -6.99 19.08
C THR G 573 -56.08 -7.48 17.70
N LYS G 574 -55.71 -8.71 17.36
CA LYS G 574 -56.17 -9.38 16.14
C LYS G 574 -56.75 -10.73 16.54
N VAL G 575 -58.04 -10.93 16.30
CA VAL G 575 -58.75 -12.12 16.76
C VAL G 575 -59.48 -12.76 15.58
N GLN G 576 -59.79 -14.05 15.74
CA GLN G 576 -60.65 -14.80 14.84
C GLN G 576 -61.75 -15.43 15.69
N ASN G 577 -62.51 -16.35 15.09
CA ASN G 577 -63.56 -17.05 15.83
C ASN G 577 -62.96 -17.97 16.89
N HIS G 578 -63.75 -18.21 17.94
CA HIS G 578 -63.37 -18.98 19.13
C HIS G 578 -62.13 -18.38 19.80
N SER G 579 -62.26 -17.15 20.26
CA SER G 579 -61.15 -16.43 20.88
C SER G 579 -61.65 -15.69 22.11
N ILE G 580 -60.70 -15.12 22.85
CA ILE G 580 -61.00 -14.31 24.03
C ILE G 580 -61.34 -12.90 23.56
N VAL G 581 -62.57 -12.45 23.83
CA VAL G 581 -63.06 -11.16 23.38
C VAL G 581 -63.26 -10.20 24.56
N ALA G 582 -63.81 -10.69 25.66
CA ALA G 582 -63.92 -9.96 26.92
C ALA G 582 -64.15 -10.99 28.02
N GLU G 583 -64.18 -10.50 29.26
CA GLU G 583 -64.65 -11.29 30.39
C GLU G 583 -65.33 -10.33 31.36
N LEU G 584 -65.79 -10.88 32.48
CA LEU G 584 -66.49 -10.05 33.46
C LEU G 584 -66.15 -10.54 34.86
N ILE G 585 -66.17 -9.60 35.81
CA ILE G 585 -65.89 -9.90 37.21
C ILE G 585 -67.08 -10.66 37.80
N ASP G 586 -66.86 -11.32 38.92
CA ASP G 586 -67.91 -12.07 39.59
C ASP G 586 -67.85 -11.81 41.08
N ASP G 587 -68.99 -11.44 41.66
CA ASP G 587 -69.05 -11.30 43.12
C ASP G 587 -69.04 -12.67 43.79
N ARG G 588 -69.67 -13.65 43.16
CA ARG G 588 -69.62 -15.03 43.64
C ARG G 588 -68.47 -15.77 42.93
N TYR G 589 -68.47 -17.10 43.06
CA TYR G 589 -67.50 -18.02 42.46
C TYR G 589 -66.06 -17.72 42.88
N ARG G 590 -65.89 -17.25 44.11
CA ARG G 590 -64.57 -17.10 44.72
C ARG G 590 -64.39 -18.28 45.66
N THR G 591 -63.86 -19.37 45.13
CA THR G 591 -63.79 -20.64 45.86
C THR G 591 -62.68 -20.61 46.90
N THR G 592 -62.65 -21.66 47.72
CA THR G 592 -61.71 -21.74 48.83
C THR G 592 -60.43 -22.45 48.41
N THR G 593 -60.56 -23.69 47.95
CA THR G 593 -59.42 -24.50 47.50
C THR G 593 -59.92 -25.42 46.40
N GLY G 594 -59.17 -26.50 46.15
CA GLY G 594 -59.60 -27.50 45.19
C GLY G 594 -60.68 -28.42 45.74
N GLY G 595 -60.97 -29.47 44.98
CA GLY G 595 -61.95 -30.45 45.39
C GLY G 595 -62.35 -31.34 44.24
N MET G 596 -63.46 -32.04 44.44
CA MET G 596 -64.01 -32.97 43.45
C MET G 596 -65.38 -32.51 42.99
N ILE G 597 -65.60 -32.55 41.68
CA ILE G 597 -66.85 -32.09 41.08
C ILE G 597 -67.46 -33.25 40.31
N ARG G 598 -68.74 -33.54 40.57
CA ARG G 598 -69.49 -34.58 39.88
C ARG G 598 -70.88 -34.04 39.57
N TYR G 599 -71.10 -33.60 38.35
CA TYR G 599 -72.39 -33.03 38.00
C TYR G 599 -73.38 -34.14 37.64
N ALA G 600 -74.66 -33.90 37.98
CA ALA G 600 -75.72 -34.89 37.82
C ALA G 600 -76.92 -34.23 37.14
N GLY G 601 -77.21 -34.65 35.91
CA GLY G 601 -78.42 -34.21 35.25
C GLY G 601 -78.30 -32.94 34.43
N VAL G 602 -77.10 -32.57 33.99
CA VAL G 602 -76.90 -31.42 33.12
C VAL G 602 -75.96 -31.86 31.99
N GLU G 603 -76.16 -31.29 30.80
CA GLU G 603 -75.42 -31.74 29.64
C GLU G 603 -74.22 -30.85 29.37
N VAL G 604 -73.15 -31.47 28.88
CA VAL G 604 -71.96 -30.77 28.39
C VAL G 604 -71.63 -31.32 27.01
N ALA G 605 -71.19 -30.43 26.11
CA ALA G 605 -70.94 -30.81 24.71
C ALA G 605 -69.60 -30.23 24.29
N LYS G 606 -68.55 -31.04 24.40
CA LYS G 606 -67.22 -30.66 23.96
C LYS G 606 -66.42 -31.93 23.70
N GLY G 607 -65.46 -31.82 22.78
CA GLY G 607 -64.59 -32.93 22.47
C GLY G 607 -63.30 -32.90 23.28
N GLY G 608 -62.60 -31.78 23.21
CA GLY G 608 -61.35 -31.61 23.94
C GLY G 608 -61.58 -30.93 25.28
N ARG G 609 -60.76 -31.32 26.27
CA ARG G 609 -60.88 -30.75 27.60
C ARG G 609 -60.32 -29.34 27.69
N LYS G 610 -59.44 -28.95 26.77
CA LYS G 610 -58.86 -27.62 26.77
C LYS G 610 -59.64 -26.64 25.90
N GLN G 611 -60.79 -27.04 25.36
CA GLN G 611 -61.60 -26.16 24.54
C GLN G 611 -62.68 -25.45 25.36
N GLY G 612 -63.58 -26.20 25.95
CA GLY G 612 -64.67 -25.62 26.73
C GLY G 612 -66.01 -26.15 26.28
N TYR G 613 -66.94 -26.28 27.23
CA TYR G 613 -68.26 -26.85 26.98
C TYR G 613 -69.30 -25.74 26.94
N GLU G 614 -69.98 -25.62 25.80
CA GLU G 614 -71.05 -24.63 25.64
C GLU G 614 -72.25 -25.09 26.47
N VAL G 615 -72.40 -24.51 27.65
CA VAL G 615 -73.43 -24.95 28.59
C VAL G 615 -74.79 -24.40 28.16
N THR G 616 -75.84 -25.20 28.35
CA THR G 616 -77.20 -24.78 28.05
C THR G 616 -78.06 -24.70 29.31
N LYS G 617 -78.18 -25.79 30.06
CA LYS G 617 -79.02 -25.81 31.24
C LYS G 617 -78.27 -25.22 32.44
N GLY G 618 -78.97 -25.12 33.56
CA GLY G 618 -78.36 -24.64 34.79
C GLY G 618 -78.13 -25.75 35.78
N GLY G 619 -79.01 -25.85 36.77
CA GLY G 619 -78.93 -26.97 37.70
C GLY G 619 -77.98 -26.72 38.85
N THR G 620 -78.26 -27.38 39.97
CA THR G 620 -77.43 -27.28 41.16
C THR G 620 -76.38 -28.38 41.13
N LEU G 621 -75.12 -27.99 41.23
CA LEU G 621 -73.99 -28.90 41.10
C LEU G 621 -73.22 -28.98 42.41
N LEU G 622 -72.27 -29.90 42.45
CA LEU G 622 -71.54 -30.22 43.68
C LEU G 622 -70.41 -29.23 43.93
N TRP G 623 -70.01 -29.13 45.20
CA TRP G 623 -68.77 -28.46 45.58
C TRP G 623 -68.32 -29.01 46.93
N ILE G 624 -67.28 -29.84 46.92
CA ILE G 624 -66.71 -30.42 48.13
C ILE G 624 -65.32 -29.82 48.33
N PRO G 625 -65.05 -29.15 49.45
CA PRO G 625 -63.72 -28.55 49.65
C PRO G 625 -62.69 -29.59 50.04
N GLU G 626 -61.51 -29.50 49.42
CA GLU G 626 -60.41 -30.42 49.70
C GLU G 626 -59.11 -29.73 49.28
N GLU G 627 -58.25 -29.44 50.24
CA GLU G 627 -56.98 -28.75 49.96
C GLU G 627 -55.88 -29.78 49.77
N THR G 628 -55.05 -29.56 48.74
CA THR G 628 -53.94 -30.43 48.43
C THR G 628 -52.62 -29.69 48.63
N HIS G 629 -51.53 -30.45 48.66
CA HIS G 629 -50.18 -29.89 48.64
C HIS G 629 -49.32 -30.83 47.80
N GLU G 630 -49.07 -30.47 46.54
CA GLU G 630 -48.31 -31.32 45.64
C GLU G 630 -46.84 -31.00 45.80
N ILE G 631 -46.15 -31.78 46.64
CA ILE G 631 -44.75 -31.56 46.96
C ILE G 631 -43.99 -32.87 46.81
N ASN G 632 -42.67 -32.80 46.95
CA ASN G 632 -41.81 -33.96 46.74
C ASN G 632 -40.74 -34.05 47.81
N LYS G 633 -41.13 -33.88 49.08
CA LYS G 633 -40.17 -33.92 50.17
C LYS G 633 -40.02 -35.36 50.68
N ASP G 634 -39.25 -35.52 51.75
CA ASP G 634 -39.00 -36.81 52.37
C ASP G 634 -40.00 -37.05 53.50
N ILE G 635 -40.14 -38.32 53.88
CA ILE G 635 -41.02 -38.65 55.01
C ILE G 635 -40.37 -38.33 56.35
N SER G 636 -39.05 -38.15 56.38
CA SER G 636 -38.39 -37.66 57.58
C SER G 636 -38.52 -36.15 57.74
N LEU G 637 -38.97 -35.45 56.70
CA LEU G 637 -39.34 -34.04 56.80
C LEU G 637 -40.73 -33.84 57.37
N LEU G 638 -41.50 -34.92 57.54
CA LEU G 638 -42.86 -34.81 58.04
C LEU G 638 -42.86 -34.44 59.52
N ILE G 639 -43.71 -33.46 59.87
CA ILE G 639 -43.68 -32.89 61.20
C ILE G 639 -44.94 -33.21 62.01
N VAL G 640 -46.10 -33.34 61.39
CA VAL G 640 -47.33 -33.62 62.11
C VAL G 640 -47.76 -35.06 61.86
N GLU G 641 -48.47 -35.62 62.84
CA GLU G 641 -49.03 -36.95 62.74
C GLU G 641 -50.29 -36.90 61.88
N ASP G 642 -50.49 -37.95 61.09
CA ASP G 642 -51.68 -38.04 60.26
C ASP G 642 -52.88 -38.54 61.04
N GLY G 643 -54.02 -37.90 60.83
CA GLY G 643 -55.25 -38.30 61.45
C GLY G 643 -55.73 -37.42 62.59
N GLN G 644 -55.30 -36.16 62.64
CA GLN G 644 -55.70 -35.26 63.71
C GLN G 644 -56.07 -33.91 63.12
N TYR G 645 -56.48 -32.99 63.99
CA TYR G 645 -56.97 -31.69 63.60
C TYR G 645 -55.88 -30.64 63.80
N VAL G 646 -55.56 -29.92 62.73
CA VAL G 646 -54.65 -28.80 62.79
C VAL G 646 -55.45 -27.52 62.61
N GLU G 647 -54.79 -26.39 62.83
CA GLU G 647 -55.42 -25.08 62.69
C GLU G 647 -54.85 -24.36 61.48
N ALA G 648 -55.66 -23.47 60.91
CA ALA G 648 -55.29 -22.80 59.66
C ALA G 648 -54.22 -21.74 59.91
N GLY G 649 -53.14 -21.81 59.15
CA GLY G 649 -52.06 -20.83 59.23
C GLY G 649 -51.01 -21.05 60.29
N THR G 650 -51.44 -21.38 61.50
CA THR G 650 -50.53 -21.60 62.62
C THR G 650 -49.94 -23.00 62.66
N GLU G 651 -50.28 -23.85 61.70
CA GLU G 651 -49.73 -25.20 61.63
C GLU G 651 -48.62 -25.28 60.59
N VAL G 652 -48.07 -26.47 60.45
CA VAL G 652 -46.97 -26.73 59.52
C VAL G 652 -47.10 -28.16 59.00
N VAL G 653 -46.91 -28.32 57.70
CA VAL G 653 -46.91 -29.63 57.05
C VAL G 653 -45.63 -29.75 56.20
N LYS G 654 -44.58 -30.30 56.82
CA LYS G 654 -43.26 -30.55 56.20
C LYS G 654 -42.64 -29.26 55.66
N ASP G 655 -42.33 -28.35 56.61
CA ASP G 655 -41.73 -27.03 56.35
C ASP G 655 -42.59 -26.16 55.43
N ILE G 656 -43.91 -26.33 55.50
CA ILE G 656 -44.86 -25.57 54.69
C ILE G 656 -46.01 -25.16 55.59
N PHE G 657 -46.30 -23.86 55.62
CA PHE G 657 -47.38 -23.35 56.46
C PHE G 657 -48.73 -23.68 55.85
N CYS G 658 -49.70 -23.95 56.72
CA CYS G 658 -51.02 -24.39 56.30
C CYS G 658 -51.87 -23.21 55.83
N GLN G 659 -53.03 -23.53 55.26
CA GLN G 659 -53.97 -22.53 54.77
C GLN G 659 -55.38 -22.73 55.34
N SER G 660 -55.82 -23.97 55.52
CA SER G 660 -57.19 -24.26 55.95
C SER G 660 -57.18 -25.40 56.95
N SER G 661 -57.90 -25.21 58.06
CA SER G 661 -57.92 -26.19 59.14
C SER G 661 -58.83 -27.36 58.79
N GLY G 662 -58.33 -28.58 59.01
CA GLY G 662 -59.14 -29.74 58.69
C GLY G 662 -58.45 -31.03 59.07
N ILE G 663 -58.90 -32.11 58.44
CA ILE G 663 -58.38 -33.46 58.71
C ILE G 663 -57.28 -33.78 57.71
N VAL G 664 -56.15 -34.29 58.21
CA VAL G 664 -54.95 -34.50 57.41
C VAL G 664 -55.02 -35.87 56.76
N GLU G 665 -54.71 -35.94 55.46
CA GLU G 665 -54.57 -37.19 54.73
C GLU G 665 -53.22 -37.19 54.02
N VAL G 666 -52.49 -38.29 54.16
CA VAL G 666 -51.13 -38.37 53.62
C VAL G 666 -51.00 -39.65 52.80
N VAL G 667 -50.22 -39.57 51.72
CA VAL G 667 -49.88 -40.72 50.89
C VAL G 667 -48.39 -40.66 50.60
N GLN G 668 -47.64 -41.66 51.10
CA GLN G 668 -46.26 -41.85 50.72
C GLN G 668 -46.14 -43.11 49.88
N LYS G 669 -45.19 -43.13 48.96
CA LYS G 669 -45.01 -44.26 48.05
C LYS G 669 -43.67 -44.94 48.21
N ASN G 670 -42.58 -44.18 48.13
CA ASN G 670 -41.22 -44.71 48.17
C ASN G 670 -40.39 -43.91 49.17
N ASP G 671 -40.95 -43.74 50.37
CA ASP G 671 -40.41 -42.91 51.45
C ASP G 671 -40.27 -41.46 51.01
N ILE G 672 -41.23 -40.99 50.23
CA ILE G 672 -41.23 -39.64 49.68
C ILE G 672 -42.64 -39.08 49.84
N LEU G 673 -42.75 -37.91 50.47
CA LEU G 673 -44.05 -37.27 50.66
C LEU G 673 -44.57 -36.73 49.34
N ARG G 674 -45.42 -37.49 48.65
CA ARG G 674 -45.89 -37.09 47.33
C ARG G 674 -47.02 -36.07 47.40
N GLU G 675 -47.86 -36.14 48.43
CA GLU G 675 -48.89 -35.13 48.61
C GLU G 675 -49.29 -35.02 50.08
N ILE G 676 -49.76 -33.84 50.45
CA ILE G 676 -50.37 -33.57 51.75
C ILE G 676 -51.78 -33.10 51.49
N ILE G 677 -52.77 -33.82 52.03
CA ILE G 677 -54.19 -33.53 51.79
C ILE G 677 -54.83 -33.12 53.11
N ILE G 678 -55.47 -31.97 53.11
CA ILE G 678 -56.14 -31.43 54.31
C ILE G 678 -57.56 -31.07 53.91
N LYS G 679 -58.51 -31.93 54.23
CA LYS G 679 -59.93 -31.69 53.94
C LYS G 679 -60.52 -30.73 54.97
N PRO G 680 -60.87 -29.50 54.60
CA PRO G 680 -61.28 -28.50 55.61
C PRO G 680 -62.70 -28.71 56.11
N GLY G 681 -62.87 -29.58 57.10
CA GLY G 681 -64.18 -29.84 57.66
C GLY G 681 -64.11 -30.04 59.15
N ASP G 682 -65.25 -29.82 59.80
CA ASP G 682 -65.35 -30.01 61.24
C ASP G 682 -65.33 -31.50 61.55
N PHE G 683 -64.74 -31.85 62.70
CA PHE G 683 -64.35 -33.22 63.02
C PHE G 683 -65.06 -33.69 64.28
N TYR G 684 -65.70 -34.86 64.19
CA TYR G 684 -66.32 -35.51 65.34
C TYR G 684 -65.58 -36.82 65.63
N GLN G 685 -65.74 -37.32 66.85
CA GLN G 685 -65.10 -38.57 67.28
C GLN G 685 -66.14 -39.43 67.99
N ASP G 686 -66.87 -40.22 67.20
CA ASP G 686 -67.86 -41.14 67.75
C ASP G 686 -68.06 -42.26 66.72
N VAL G 687 -67.50 -43.43 67.00
CA VAL G 687 -67.53 -44.54 66.07
C VAL G 687 -68.38 -45.67 66.65
N ASP G 688 -68.53 -46.74 65.86
CA ASP G 688 -69.41 -47.89 66.06
C ASP G 688 -70.84 -47.47 66.39
N PRO G 689 -71.61 -46.90 65.45
CA PRO G 689 -72.97 -46.49 65.81
C PRO G 689 -73.94 -47.66 65.90
N GLY G 690 -73.78 -48.66 65.03
CA GLY G 690 -74.82 -49.66 64.89
C GLY G 690 -76.06 -49.14 64.20
N SER G 691 -75.90 -48.21 63.27
CA SER G 691 -77.03 -47.54 62.63
C SER G 691 -76.69 -47.32 61.16
N VAL G 692 -77.46 -46.45 60.51
CA VAL G 692 -77.39 -46.25 59.07
C VAL G 692 -76.60 -45.00 58.73
N LYS G 693 -75.66 -44.63 59.62
CA LYS G 693 -74.91 -43.38 59.48
C LYS G 693 -73.97 -43.37 58.27
N ILE G 694 -73.68 -44.52 57.67
CA ILE G 694 -72.88 -44.60 56.46
C ILE G 694 -73.79 -44.21 55.28
N GLU G 695 -73.62 -43.00 54.78
CA GLU G 695 -74.43 -42.47 53.69
C GLU G 695 -73.56 -41.78 52.65
N SER G 696 -72.40 -42.38 52.35
CA SER G 696 -71.38 -41.72 51.53
C SER G 696 -71.79 -41.55 50.06
N GLY G 697 -72.84 -42.23 49.62
CA GLY G 697 -73.34 -42.03 48.27
C GLY G 697 -74.22 -40.80 48.12
N GLN G 698 -75.32 -40.74 48.86
CA GLN G 698 -76.28 -39.65 48.75
C GLN G 698 -75.87 -38.47 49.62
N LEU G 699 -76.57 -37.36 49.44
CA LEU G 699 -76.28 -36.13 50.16
C LEU G 699 -76.99 -36.14 51.52
N LEU G 700 -76.96 -35.01 52.22
CA LEU G 700 -77.50 -34.92 53.58
C LEU G 700 -78.56 -33.83 53.64
N GLN G 701 -79.55 -34.03 54.51
CA GLN G 701 -80.68 -33.20 54.86
C GLN G 701 -80.58 -32.75 56.31
N PRO G 702 -81.00 -31.51 56.63
CA PRO G 702 -80.90 -31.04 58.01
C PRO G 702 -81.88 -31.71 58.96
N GLY G 703 -82.96 -32.31 58.44
CA GLY G 703 -83.91 -33.01 59.29
C GLY G 703 -83.63 -34.49 59.37
N GLN G 704 -82.38 -34.88 59.14
CA GLN G 704 -81.99 -36.29 59.19
C GLN G 704 -81.35 -36.61 60.54
N ASP G 705 -81.16 -37.91 60.78
CA ASP G 705 -80.58 -38.40 62.01
C ASP G 705 -79.52 -39.44 61.69
N VAL G 706 -78.28 -39.17 62.11
CA VAL G 706 -77.19 -40.13 61.92
C VAL G 706 -76.72 -40.74 63.23
N PHE G 707 -77.02 -40.11 64.38
CA PHE G 707 -76.65 -40.56 65.72
C PHE G 707 -77.43 -39.71 66.72
N PRO G 708 -77.72 -40.19 67.94
CA PRO G 708 -78.44 -39.36 68.90
C PRO G 708 -77.60 -38.22 69.46
N GLY G 709 -77.87 -37.00 68.99
CA GLY G 709 -77.18 -35.84 69.49
C GLY G 709 -76.06 -35.33 68.59
N VAL G 710 -76.32 -35.24 67.29
CA VAL G 710 -75.33 -34.78 66.31
C VAL G 710 -75.89 -33.52 65.64
N THR G 711 -75.13 -32.44 65.71
CA THR G 711 -75.51 -31.17 65.10
C THR G 711 -75.19 -31.20 63.61
N VAL G 712 -76.22 -31.01 62.79
CA VAL G 712 -76.07 -30.95 61.34
C VAL G 712 -77.11 -29.97 60.80
N SER G 713 -76.65 -28.86 60.24
CA SER G 713 -77.50 -27.84 59.65
C SER G 713 -77.23 -27.61 58.18
N THR G 714 -75.96 -27.46 57.81
CA THR G 714 -75.55 -27.23 56.43
C THR G 714 -75.29 -28.58 55.76
N LEU G 715 -75.44 -28.62 54.44
CA LEU G 715 -75.22 -29.83 53.65
C LEU G 715 -73.79 -30.32 53.77
N SER G 716 -73.62 -31.58 54.16
CA SER G 716 -72.30 -32.13 54.42
C SER G 716 -72.24 -33.61 54.07
N GLN G 717 -71.17 -34.00 53.37
CA GLN G 717 -70.95 -35.38 52.99
C GLN G 717 -70.23 -36.12 54.12
N ALA G 718 -70.47 -37.43 54.21
CA ALA G 718 -69.97 -38.22 55.32
C ALA G 718 -69.15 -39.40 54.84
N GLU G 719 -67.94 -39.55 55.40
CA GLU G 719 -67.17 -40.77 55.30
C GLU G 719 -66.26 -40.83 56.52
N TRP G 720 -66.01 -42.05 57.00
CA TRP G 720 -65.33 -42.25 58.27
C TRP G 720 -63.82 -42.07 58.12
N ILE G 721 -63.15 -41.90 59.26
CA ILE G 721 -61.71 -41.69 59.32
C ILE G 721 -61.08 -42.93 59.93
N GLU G 722 -60.21 -43.59 59.16
CA GLU G 722 -59.48 -44.76 59.64
C GLU G 722 -58.20 -44.28 60.34
N SER G 723 -58.39 -43.78 61.55
CA SER G 723 -57.39 -43.14 62.40
C SER G 723 -56.56 -44.19 63.14
N PRO G 724 -55.26 -43.93 63.36
CA PRO G 724 -54.45 -44.83 64.20
C PRO G 724 -54.80 -44.67 65.67
N GLU G 725 -55.43 -45.71 66.24
CA GLU G 725 -55.96 -45.71 67.61
C GLU G 725 -56.91 -44.53 67.84
N GLY G 726 -57.76 -44.28 66.86
CA GLY G 726 -58.71 -43.18 66.94
C GLY G 726 -60.05 -43.60 66.34
N ASN G 727 -61.10 -42.98 66.86
CA ASN G 727 -62.48 -43.32 66.50
C ASN G 727 -63.22 -42.12 65.91
N GLY G 728 -62.58 -41.41 64.98
CA GLY G 728 -63.16 -40.19 64.46
C GLY G 728 -64.04 -40.40 63.26
N LEU G 729 -64.83 -39.37 62.97
CA LEU G 729 -65.73 -39.36 61.80
C LEU G 729 -65.95 -37.91 61.41
N LEU G 730 -65.51 -37.53 60.21
CA LEU G 730 -65.49 -36.15 59.77
C LEU G 730 -66.61 -35.85 58.80
N LEU G 731 -67.13 -34.63 58.86
CA LEU G 731 -68.16 -34.15 57.95
C LEU G 731 -67.60 -32.95 57.18
N ARG G 732 -67.83 -32.95 55.86
CA ARG G 732 -67.19 -31.99 54.98
C ARG G 732 -68.22 -31.00 54.43
N PRO G 733 -68.00 -29.70 54.59
CA PRO G 733 -69.05 -28.71 54.27
C PRO G 733 -69.30 -28.51 52.77
N VAL G 734 -70.17 -29.35 52.21
CA VAL G 734 -70.59 -29.21 50.82
C VAL G 734 -71.33 -27.90 50.63
N GLU G 735 -70.89 -27.09 49.67
CA GLU G 735 -71.47 -25.79 49.38
C GLU G 735 -72.33 -25.88 48.12
N GLU G 736 -73.45 -25.15 48.13
CA GLU G 736 -74.42 -25.19 47.05
C GLU G 736 -74.04 -24.17 45.98
N TYR G 737 -73.90 -24.65 44.73
CA TYR G 737 -73.59 -23.81 43.57
C TYR G 737 -74.66 -24.00 42.52
N LYS G 738 -74.97 -22.93 41.79
CA LYS G 738 -75.98 -22.97 40.74
C LYS G 738 -75.76 -21.78 39.81
N VAL G 739 -76.00 -21.98 38.52
CA VAL G 739 -75.79 -20.96 37.51
C VAL G 739 -77.09 -20.76 36.74
N PHE G 740 -77.20 -19.59 36.09
CA PHE G 740 -78.40 -19.24 35.35
C PHE G 740 -78.45 -20.00 34.02
N ASP G 741 -79.61 -19.90 33.36
CA ASP G 741 -79.81 -20.54 32.06
C ASP G 741 -78.94 -19.85 31.00
N GLU G 742 -79.18 -18.57 30.75
CA GLU G 742 -78.37 -17.78 29.84
C GLU G 742 -78.08 -16.43 30.49
N PRO G 743 -76.85 -15.94 30.39
CA PRO G 743 -76.47 -14.74 31.15
C PRO G 743 -77.06 -13.46 30.55
N ALA G 744 -77.23 -12.48 31.43
CA ALA G 744 -77.82 -11.20 31.04
C ALA G 744 -76.78 -10.35 30.31
N ALA G 745 -77.11 -9.98 29.06
CA ALA G 745 -76.26 -9.15 28.23
C ALA G 745 -77.15 -8.55 27.15
N PRO G 746 -77.04 -7.25 26.88
CA PRO G 746 -77.91 -6.64 25.86
C PRO G 746 -77.47 -7.03 24.45
N SER G 747 -78.45 -7.19 23.58
CA SER G 747 -78.18 -7.57 22.19
C SER G 747 -77.59 -6.40 21.42
N GLN G 748 -76.48 -6.65 20.73
CA GLN G 748 -75.79 -5.61 19.97
C GLN G 748 -76.60 -5.29 18.71
N GLY G 749 -77.25 -4.13 18.72
CA GLY G 749 -78.02 -3.69 17.57
C GLY G 749 -77.15 -3.19 16.44
N SER G 750 -77.62 -3.38 15.22
CA SER G 750 -76.89 -3.01 14.02
C SER G 750 -77.55 -1.85 13.33
N GLN G 751 -76.79 -0.78 13.07
CA GLN G 751 -77.23 0.34 12.26
C GLN G 751 -76.30 0.40 11.06
N ASN G 752 -76.62 -0.39 10.05
CA ASN G 752 -75.82 -0.50 8.83
C ASN G 752 -76.70 -1.10 7.74
N GLU G 753 -76.09 -1.42 6.60
CA GLU G 753 -76.78 -2.02 5.47
C GLU G 753 -77.00 -3.52 5.65
N GLU G 754 -75.92 -4.26 5.92
CA GLU G 754 -75.91 -5.70 6.17
C GLU G 754 -76.50 -6.47 4.98
N GLY G 755 -75.88 -6.23 3.82
CA GLY G 755 -76.29 -6.90 2.60
C GLY G 755 -75.57 -8.22 2.40
N GLY G 756 -76.29 -9.33 2.53
CA GLY G 756 -75.73 -10.65 2.36
C GLY G 756 -75.05 -11.24 3.58
N ARG G 757 -74.83 -10.44 4.62
CA ARG G 757 -74.16 -10.93 5.83
C ARG G 757 -74.56 -10.03 7.00
N GLN G 758 -74.29 -10.51 8.20
CA GLN G 758 -74.57 -9.78 9.44
C GLN G 758 -73.73 -10.37 10.56
N ILE G 759 -73.42 -9.55 11.55
CA ILE G 759 -72.63 -9.98 12.70
C ILE G 759 -73.55 -10.05 13.92
N GLU G 760 -73.47 -11.18 14.64
CA GLU G 760 -74.27 -11.38 15.85
C GLU G 760 -73.56 -12.44 16.69
N LEU G 761 -72.85 -12.00 17.73
CA LEU G 761 -72.12 -12.91 18.60
C LEU G 761 -72.95 -13.21 19.85
N ARG G 762 -72.87 -14.46 20.31
CA ARG G 762 -73.54 -14.87 21.53
C ARG G 762 -72.51 -15.18 22.62
N SER G 763 -72.96 -15.15 23.86
CA SER G 763 -72.09 -15.26 25.03
C SER G 763 -72.47 -16.50 25.82
N VAL G 764 -71.91 -17.64 25.43
CA VAL G 764 -72.13 -18.91 26.13
C VAL G 764 -70.84 -19.26 26.85
N GLN G 765 -70.91 -19.33 28.18
CA GLN G 765 -69.71 -19.53 28.98
C GLN G 765 -69.29 -21.00 28.97
N ARG G 766 -67.99 -21.22 29.01
CA ARG G 766 -67.40 -22.53 28.74
C ARG G 766 -67.02 -23.25 30.02
N LEU G 767 -67.13 -24.58 29.98
CA LEU G 767 -66.72 -25.46 31.07
C LEU G 767 -65.46 -26.20 30.68
N PHE G 768 -64.40 -26.04 31.49
CA PHE G 768 -63.17 -26.80 31.33
C PHE G 768 -62.93 -27.74 32.51
N TYR G 769 -63.98 -28.00 33.28
CA TYR G 769 -64.00 -29.06 34.29
C TYR G 769 -65.01 -30.12 33.87
N LYS G 770 -64.88 -31.31 34.46
CA LYS G 770 -65.69 -32.45 34.06
C LYS G 770 -66.07 -33.22 35.32
N ASP G 771 -66.55 -34.45 35.14
CA ASP G 771 -66.82 -35.32 36.29
C ASP G 771 -65.53 -35.95 36.80
N GLY G 772 -64.74 -36.52 35.90
CA GLY G 772 -63.62 -37.36 36.31
C GLY G 772 -62.48 -36.59 36.94
N ASP G 773 -62.33 -35.30 36.61
CA ASP G 773 -61.23 -34.53 37.16
C ASP G 773 -61.56 -34.08 38.58
N ARG G 774 -60.52 -34.06 39.41
CA ARG G 774 -60.55 -33.37 40.69
C ARG G 774 -59.47 -32.30 40.66
N VAL G 775 -59.81 -31.10 41.11
CA VAL G 775 -58.88 -29.97 41.05
C VAL G 775 -58.06 -29.93 42.33
N LYS G 776 -56.77 -29.65 42.18
CA LYS G 776 -55.82 -29.67 43.29
C LYS G 776 -55.24 -28.30 43.54
N SER G 777 -56.07 -27.27 43.49
CA SER G 777 -55.61 -25.91 43.71
C SER G 777 -55.36 -25.67 45.20
N VAL G 778 -54.21 -25.05 45.49
CA VAL G 778 -53.87 -24.67 46.85
C VAL G 778 -54.58 -23.39 47.27
N GLU G 779 -55.17 -22.67 46.33
CA GLU G 779 -55.85 -21.41 46.61
C GLU G 779 -57.20 -21.35 45.89
N GLY G 780 -57.80 -20.17 45.84
CA GLY G 780 -59.08 -20.02 45.18
C GLY G 780 -58.95 -20.12 43.68
N ALA G 781 -59.81 -20.94 43.06
CA ALA G 781 -59.85 -21.10 41.61
C ALA G 781 -61.29 -21.03 41.13
N PRO G 782 -61.58 -20.23 40.12
CA PRO G 782 -62.96 -20.15 39.61
C PRO G 782 -63.30 -21.36 38.75
N LEU G 783 -64.59 -21.67 38.69
CA LEU G 783 -65.05 -22.79 37.86
C LEU G 783 -65.33 -22.33 36.44
N LEU G 784 -66.10 -21.27 36.29
CA LEU G 784 -66.44 -20.71 34.99
C LEU G 784 -66.02 -19.25 34.96
N SER G 785 -66.04 -18.68 33.76
CA SER G 785 -65.74 -17.26 33.55
C SER G 785 -66.87 -16.67 32.72
N THR G 786 -67.46 -15.57 33.21
CA THR G 786 -68.48 -14.84 32.46
C THR G 786 -67.77 -14.02 31.38
N GLN G 787 -67.69 -14.57 30.17
CA GLN G 787 -66.77 -14.06 29.16
C GLN G 787 -67.44 -13.98 27.79
N LEU G 788 -66.73 -13.36 26.85
CA LEU G 788 -67.21 -13.05 25.51
C LEU G 788 -66.44 -13.86 24.46
N VAL G 789 -67.17 -14.46 23.52
CA VAL G 789 -66.59 -15.17 22.38
C VAL G 789 -67.33 -14.71 21.13
N LEU G 790 -66.58 -14.29 20.11
CA LEU G 790 -67.14 -13.78 18.87
C LEU G 790 -67.02 -14.85 17.79
N GLU G 791 -68.17 -15.23 17.20
CA GLU G 791 -68.21 -16.12 16.04
C GLU G 791 -68.80 -15.35 14.87
N ILE G 792 -68.32 -15.66 13.67
CA ILE G 792 -68.88 -15.11 12.44
C ILE G 792 -68.76 -16.16 11.33
N TYR G 793 -69.81 -16.26 10.52
CA TYR G 793 -69.81 -17.15 9.36
C TYR G 793 -69.80 -16.34 8.07
N SER G 801 -60.83 -21.88 3.26
CA SER G 801 -61.12 -21.53 4.64
C SER G 801 -61.51 -20.06 4.77
N HIS G 802 -61.63 -19.60 6.02
CA HIS G 802 -62.04 -18.23 6.30
C HIS G 802 -61.09 -17.61 7.31
N LEU G 803 -60.62 -16.40 7.01
CA LEU G 803 -59.76 -15.64 7.89
C LEU G 803 -60.42 -14.31 8.23
N SER G 804 -60.14 -13.79 9.41
CA SER G 804 -60.68 -12.52 9.86
C SER G 804 -59.72 -11.87 10.85
N ALA G 805 -59.51 -10.56 10.71
CA ALA G 805 -58.71 -9.77 11.64
C ALA G 805 -59.56 -8.61 12.13
N ASP G 806 -59.94 -8.65 13.41
CA ASP G 806 -60.83 -7.67 14.01
C ASP G 806 -60.03 -6.80 14.96
N ILE G 807 -60.25 -5.48 14.88
CA ILE G 807 -59.58 -4.54 15.77
C ILE G 807 -60.62 -3.94 16.72
N GLU G 808 -60.16 -3.12 17.67
CA GLU G 808 -61.06 -2.41 18.56
C GLU G 808 -60.60 -0.97 18.69
N LEU G 809 -61.55 -0.07 18.83
CA LEU G 809 -61.28 1.35 18.96
C LEU G 809 -62.39 1.96 19.83
N GLN G 810 -62.51 3.29 19.79
CA GLN G 810 -63.54 4.01 20.55
C GLN G 810 -64.17 5.05 19.63
N ASP G 811 -65.40 4.79 19.21
CA ASP G 811 -66.13 5.67 18.30
C ASP G 811 -67.39 6.16 18.99
N ASP G 812 -67.52 7.48 19.14
CA ASP G 812 -68.67 8.06 19.82
C ASP G 812 -68.89 9.47 19.31
N GLU G 813 -70.06 9.74 18.73
CA GLU G 813 -70.41 11.05 18.22
C GLU G 813 -71.64 11.65 18.89
N GLU G 814 -71.99 11.17 20.09
CA GLU G 814 -73.12 11.70 20.85
C GLU G 814 -72.67 12.57 22.02
N GLU G 815 -71.74 12.06 22.82
CA GLU G 815 -71.19 12.79 23.96
C GLU G 815 -69.68 12.55 24.00
N ASP G 816 -69.04 13.07 25.05
CA ASP G 816 -67.60 12.94 25.22
C ASP G 816 -67.29 11.67 26.03
N CYS G 817 -67.50 10.53 25.39
CA CYS G 817 -67.30 9.24 26.04
C CYS G 817 -66.74 8.27 25.01
N GLN G 818 -66.65 6.99 25.41
CA GLN G 818 -66.15 5.92 24.55
C GLN G 818 -67.03 4.71 24.72
N ARG G 819 -67.48 4.14 23.59
CA ARG G 819 -68.42 3.04 23.59
C ARG G 819 -67.75 1.78 23.06
N LEU G 820 -68.53 0.70 23.00
CA LEU G 820 -68.05 -0.58 22.50
C LEU G 820 -67.94 -0.52 20.98
N GLN G 821 -66.76 -0.78 20.45
CA GLN G 821 -66.50 -0.68 19.01
C GLN G 821 -65.61 -1.85 18.59
N LEU G 822 -66.17 -2.76 17.80
CA LEU G 822 -65.44 -3.91 17.27
C LEU G 822 -65.75 -3.98 15.77
N VAL G 823 -64.82 -3.51 14.94
CA VAL G 823 -65.09 -3.24 13.52
C VAL G 823 -64.25 -4.18 12.66
N ILE G 824 -64.83 -4.61 11.53
CA ILE G 824 -64.11 -5.27 10.45
C ILE G 824 -64.52 -4.65 9.13
N LEU G 825 -63.57 -4.52 8.21
CA LEU G 825 -63.86 -4.12 6.83
C LEU G 825 -62.73 -4.62 5.96
N GLU G 826 -63.08 -5.37 4.90
CA GLU G 826 -62.12 -5.95 3.98
C GLU G 826 -61.66 -4.86 3.01
N SER G 827 -60.62 -4.14 3.43
CA SER G 827 -60.15 -2.99 2.67
C SER G 827 -59.34 -3.44 1.47
N LEU G 828 -59.79 -3.08 0.28
CA LEU G 828 -59.03 -3.27 -0.95
C LEU G 828 -58.24 -1.99 -1.23
N VAL G 829 -57.36 -2.03 -2.23
CA VAL G 829 -56.48 -0.90 -2.49
C VAL G 829 -56.51 -0.55 -3.97
N LEU G 830 -57.37 0.40 -4.34
CA LEU G 830 -57.39 0.94 -5.69
C LEU G 830 -56.31 1.99 -5.84
N ARG G 831 -55.56 1.92 -6.93
CA ARG G 831 -54.39 2.77 -7.09
C ARG G 831 -54.79 4.19 -7.47
N ARG G 832 -54.35 5.16 -6.66
CA ARG G 832 -54.54 6.57 -7.02
C ARG G 832 -53.62 6.95 -8.17
N ASP G 833 -52.36 6.50 -8.13
CA ASP G 833 -51.37 6.63 -9.21
C ASP G 833 -51.09 8.08 -9.56
N GLN G 834 -50.56 8.84 -8.59
CA GLN G 834 -50.22 10.24 -8.84
C GLN G 834 -49.00 10.35 -9.74
N GLU G 835 -48.04 9.44 -9.59
CA GLU G 835 -46.87 9.36 -10.44
C GLU G 835 -47.14 8.32 -11.53
N SER G 836 -47.14 8.76 -12.79
CA SER G 836 -47.51 7.91 -13.90
C SER G 836 -46.31 7.68 -14.80
N ASP G 837 -46.38 6.60 -15.56
CA ASP G 837 -45.37 6.32 -16.57
C ASP G 837 -45.72 7.11 -17.84
N PRO G 838 -44.74 7.70 -18.53
CA PRO G 838 -45.09 8.45 -19.75
C PRO G 838 -45.30 7.55 -20.95
N LEU G 839 -44.55 6.46 -21.05
CA LEU G 839 -44.67 5.58 -22.22
C LEU G 839 -45.93 4.71 -22.13
N GLY G 840 -46.38 4.41 -20.91
CA GLY G 840 -47.56 3.58 -20.76
C GLY G 840 -48.85 4.34 -21.04
N GLY G 841 -49.02 5.50 -20.41
CA GLY G 841 -50.20 6.32 -20.63
C GLY G 841 -50.75 6.96 -19.37
N ALA G 842 -51.76 7.80 -19.53
CA ALA G 842 -52.40 8.50 -18.42
C ALA G 842 -53.77 7.88 -18.17
N SER G 843 -54.11 7.70 -16.89
CA SER G 843 -55.28 6.95 -16.48
C SER G 843 -56.33 7.87 -15.88
N LYS G 844 -57.59 7.44 -15.96
CA LYS G 844 -58.70 8.11 -15.29
C LYS G 844 -58.97 7.46 -13.94
N THR G 845 -59.07 8.28 -12.90
CA THR G 845 -59.63 7.82 -11.64
C THR G 845 -61.12 8.12 -11.63
N ARG G 846 -61.93 7.07 -11.73
CA ARG G 846 -63.38 7.22 -11.80
C ARG G 846 -64.04 5.94 -11.31
N LEU G 847 -65.14 6.11 -10.58
CA LEU G 847 -65.89 4.99 -10.02
C LEU G 847 -67.30 5.02 -10.59
N LEU G 848 -67.69 3.94 -11.27
CA LEU G 848 -69.02 3.87 -11.87
C LEU G 848 -70.11 3.66 -10.83
N VAL G 849 -69.75 3.20 -9.63
CA VAL G 849 -70.70 3.03 -8.54
C VAL G 849 -70.48 4.17 -7.55
N GLN G 850 -71.52 4.45 -6.77
CA GLN G 850 -71.52 5.54 -5.80
C GLN G 850 -71.70 4.98 -4.39
N ASP G 851 -71.58 5.87 -3.41
CA ASP G 851 -71.79 5.50 -2.02
C ASP G 851 -73.27 5.29 -1.77
N GLY G 852 -73.64 4.09 -1.35
CA GLY G 852 -75.04 3.73 -1.21
C GLY G 852 -75.67 3.38 -2.54
N ASP G 853 -75.01 2.52 -3.31
CA ASP G 853 -75.52 2.06 -4.60
C ASP G 853 -75.74 0.56 -4.55
N GLN G 854 -76.84 0.13 -5.16
CA GLN G 854 -77.24 -1.29 -5.13
C GLN G 854 -76.58 -1.98 -6.32
N ILE G 855 -75.41 -2.55 -6.08
CA ILE G 855 -74.68 -3.28 -7.12
C ILE G 855 -74.99 -4.77 -6.94
N PRO G 856 -75.23 -5.51 -8.01
CA PRO G 856 -75.39 -6.96 -7.88
C PRO G 856 -74.04 -7.64 -7.74
N PRO G 857 -73.98 -8.78 -7.05
CA PRO G 857 -72.71 -9.51 -6.96
C PRO G 857 -72.35 -10.17 -8.29
N GLY G 858 -71.05 -10.37 -8.48
CA GLY G 858 -70.56 -10.93 -9.72
C GLY G 858 -70.50 -9.97 -10.89
N ALA G 859 -70.47 -8.67 -10.62
CA ALA G 859 -70.45 -7.65 -11.66
C ALA G 859 -69.23 -6.76 -11.46
N VAL G 860 -69.10 -5.75 -12.33
CA VAL G 860 -67.95 -4.87 -12.30
C VAL G 860 -68.16 -3.80 -11.23
N VAL G 861 -67.06 -3.30 -10.69
CA VAL G 861 -67.07 -2.18 -9.75
C VAL G 861 -66.76 -0.86 -10.47
N ALA G 862 -65.59 -0.79 -11.10
CA ALA G 862 -65.17 0.41 -11.81
C ALA G 862 -64.20 0.01 -12.92
N ARG G 863 -63.74 1.01 -13.67
CA ARG G 863 -62.73 0.78 -14.69
C ARG G 863 -62.00 2.08 -14.95
N THR G 864 -60.84 1.99 -15.60
CA THR G 864 -60.06 3.14 -16.01
C THR G 864 -59.82 3.07 -17.51
N GLU G 865 -59.51 4.22 -18.11
CA GLU G 865 -58.95 4.23 -19.45
C GLU G 865 -57.44 4.44 -19.37
N ILE G 866 -56.77 4.27 -20.50
CA ILE G 866 -55.38 4.65 -20.67
C ILE G 866 -55.31 5.58 -21.88
N GLN G 867 -54.79 6.78 -21.67
CA GLN G 867 -54.92 7.84 -22.66
C GLN G 867 -54.02 7.60 -23.87
N CYS G 868 -54.49 8.07 -25.02
CA CYS G 868 -53.75 8.04 -26.28
C CYS G 868 -53.34 9.46 -26.60
N LYS G 869 -52.02 9.71 -26.65
CA LYS G 869 -51.54 11.06 -26.90
C LYS G 869 -51.72 11.45 -28.35
N GLU G 870 -51.44 10.54 -29.28
CA GLU G 870 -51.56 10.79 -30.70
C GLU G 870 -52.67 9.93 -31.29
N ALA G 871 -52.95 10.16 -32.57
CA ALA G 871 -53.95 9.41 -33.31
C ALA G 871 -53.30 8.58 -34.41
N GLY G 872 -54.06 7.64 -34.94
CA GLY G 872 -53.57 6.80 -36.02
C GLY G 872 -54.30 5.47 -36.03
N THR G 873 -53.76 4.54 -36.81
CA THR G 873 -54.32 3.21 -36.98
C THR G 873 -53.51 2.23 -36.15
N VAL G 874 -54.20 1.22 -35.60
CA VAL G 874 -53.54 0.27 -34.72
C VAL G 874 -52.94 -0.88 -35.52
N ARG G 875 -51.63 -1.06 -35.39
CA ARG G 875 -50.94 -2.28 -35.77
C ARG G 875 -50.45 -2.92 -34.50
N GLY G 876 -49.89 -4.13 -34.59
CA GLY G 876 -49.73 -4.85 -33.35
C GLY G 876 -50.33 -6.25 -33.28
N ILE G 877 -51.48 -6.35 -32.60
CA ILE G 877 -51.92 -7.44 -31.72
C ILE G 877 -51.54 -8.84 -32.19
N LYS G 878 -50.89 -9.60 -31.30
CA LYS G 878 -50.30 -10.88 -31.67
C LYS G 878 -51.26 -12.03 -31.39
N GLU G 879 -50.87 -13.21 -31.85
CA GLU G 879 -51.71 -14.39 -31.73
C GLU G 879 -51.53 -15.07 -30.38
N GLY G 880 -52.61 -15.69 -29.90
CA GLY G 880 -52.56 -16.59 -28.76
C GLY G 880 -52.40 -15.94 -27.41
N GLN G 881 -52.59 -14.63 -27.29
CA GLN G 881 -52.30 -13.90 -26.06
C GLN G 881 -53.59 -13.65 -25.30
N GLU G 882 -53.66 -14.13 -24.06
CA GLU G 882 -54.80 -13.84 -23.21
C GLU G 882 -54.74 -12.42 -22.66
N SER G 883 -53.53 -11.89 -22.50
CA SER G 883 -53.30 -10.51 -22.10
C SER G 883 -52.17 -9.94 -22.94
N ILE G 884 -52.44 -8.83 -23.61
CA ILE G 884 -51.51 -8.25 -24.57
C ILE G 884 -50.57 -7.32 -23.82
N ARG G 885 -49.25 -7.56 -23.97
CA ARG G 885 -48.27 -6.77 -23.22
C ARG G 885 -48.08 -5.40 -23.85
N ARG G 886 -47.83 -5.35 -25.16
CA ARG G 886 -47.48 -4.12 -25.86
C ARG G 886 -48.39 -3.90 -27.05
N VAL G 887 -48.85 -2.65 -27.21
CA VAL G 887 -49.68 -2.23 -28.33
C VAL G 887 -49.05 -0.96 -28.91
N LEU G 888 -48.70 -0.98 -30.18
CA LEU G 888 -48.18 0.23 -30.82
C LEU G 888 -49.27 0.91 -31.64
N LEU G 889 -49.14 2.23 -31.76
CA LEU G 889 -50.03 3.05 -32.58
C LEU G 889 -49.17 3.78 -33.60
N GLU G 890 -49.47 3.55 -34.89
CA GLU G 890 -48.72 4.18 -35.96
C GLU G 890 -49.19 5.63 -36.09
N ARG G 891 -48.33 6.57 -35.70
CA ARG G 891 -48.67 7.99 -35.77
C ARG G 891 -48.80 8.45 -37.21
N ALA G 892 -49.65 9.45 -37.42
CA ALA G 892 -49.75 10.08 -38.73
C ALA G 892 -48.55 10.96 -39.01
N ALA G 893 -48.00 11.60 -37.98
CA ALA G 893 -46.79 12.40 -38.14
C ALA G 893 -45.55 11.54 -38.32
N ASP G 894 -45.58 10.29 -37.85
CA ASP G 894 -44.46 9.38 -38.07
C ASP G 894 -44.38 8.91 -39.52
N ARG G 895 -45.46 9.05 -40.28
CA ARG G 895 -45.43 8.74 -41.70
C ARG G 895 -44.82 9.91 -42.47
N LEU G 896 -43.99 9.59 -43.46
CA LEU G 896 -43.41 10.58 -44.34
C LEU G 896 -44.06 10.48 -45.72
N VAL G 897 -44.21 11.64 -46.37
CA VAL G 897 -44.69 11.72 -47.74
C VAL G 897 -43.58 12.29 -48.61
N VAL G 898 -43.32 11.62 -49.73
CA VAL G 898 -42.23 11.98 -50.64
C VAL G 898 -42.82 12.29 -52.01
N ASP G 899 -42.60 13.50 -52.51
CA ASP G 899 -43.10 13.92 -53.80
C ASP G 899 -41.99 13.86 -54.84
N LEU G 900 -42.29 13.21 -55.97
CA LEU G 900 -41.37 13.02 -57.09
C LEU G 900 -42.14 13.12 -58.41
N PRO G 901 -41.53 13.67 -59.46
CA PRO G 901 -42.25 13.89 -60.71
C PRO G 901 -42.13 12.77 -61.74
N SER G 902 -41.61 11.61 -61.37
CA SER G 902 -41.43 10.51 -62.32
C SER G 902 -41.94 9.22 -61.68
N ALA G 903 -42.09 8.20 -62.52
CA ALA G 903 -42.55 6.90 -62.06
C ALA G 903 -41.44 6.20 -61.28
N PRO G 904 -41.65 5.85 -60.02
CA PRO G 904 -40.60 5.22 -59.22
C PRO G 904 -40.40 3.75 -59.60
N GLU G 905 -39.45 3.14 -58.90
CA GLU G 905 -39.08 1.74 -59.14
C GLU G 905 -39.66 0.80 -58.09
N VAL G 906 -40.59 1.27 -57.26
CA VAL G 906 -41.01 0.55 -56.06
C VAL G 906 -42.26 -0.26 -56.35
N LYS G 907 -42.51 -1.29 -55.48
CA LYS G 907 -43.71 -2.09 -55.21
C LYS G 907 -44.05 -1.98 -53.73
N PRO G 908 -45.33 -2.09 -53.35
CA PRO G 908 -45.66 -2.07 -51.92
C PRO G 908 -45.25 -3.37 -51.23
N GLY G 909 -44.34 -3.24 -50.27
CA GLY G 909 -43.83 -4.37 -49.51
C GLY G 909 -42.32 -4.49 -49.50
N GLN G 910 -41.61 -3.61 -50.20
CA GLN G 910 -40.16 -3.67 -50.25
C GLN G 910 -39.53 -2.73 -49.22
N LEU G 911 -38.53 -3.25 -48.52
CA LEU G 911 -37.76 -2.46 -47.56
C LEU G 911 -36.67 -1.69 -48.30
N LEU G 912 -36.61 -0.39 -48.07
CA LEU G 912 -35.70 0.49 -48.80
C LEU G 912 -34.77 1.22 -47.84
N VAL G 913 -33.54 1.40 -48.29
CA VAL G 913 -32.50 2.12 -47.55
C VAL G 913 -32.42 3.52 -48.14
N ALA G 914 -32.25 4.53 -47.28
CA ALA G 914 -32.14 5.91 -47.75
C ALA G 914 -30.89 6.13 -48.58
N GLY G 915 -30.91 7.19 -49.38
CA GLY G 915 -29.78 7.57 -50.18
C GLY G 915 -29.73 6.97 -51.57
N GLN G 916 -30.43 5.87 -51.81
CA GLN G 916 -30.36 5.24 -53.12
C GLN G 916 -31.38 5.87 -54.07
N GLU G 917 -31.33 5.43 -55.33
CA GLU G 917 -31.97 6.15 -56.42
C GLU G 917 -33.48 5.91 -56.46
N LEU G 918 -34.23 7.00 -56.58
CA LEU G 918 -35.64 6.98 -56.97
C LEU G 918 -35.87 7.71 -58.29
N VAL G 919 -35.39 8.94 -58.39
CA VAL G 919 -35.39 9.74 -59.62
C VAL G 919 -33.91 9.94 -59.97
N PRO G 920 -33.54 10.05 -61.25
CA PRO G 920 -32.19 10.54 -61.56
C PRO G 920 -32.02 11.98 -61.10
N GLY G 921 -31.20 12.18 -60.07
CA GLY G 921 -30.98 13.47 -59.45
C GLY G 921 -31.61 13.63 -58.08
N VAL G 922 -32.59 12.80 -57.73
CA VAL G 922 -33.30 12.91 -56.46
C VAL G 922 -33.13 11.61 -55.69
N LYS G 923 -32.74 11.72 -54.43
CA LYS G 923 -32.66 10.57 -53.53
C LYS G 923 -33.37 10.92 -52.23
N LEU G 924 -34.10 9.96 -51.68
CA LEU G 924 -34.88 10.21 -50.47
C LEU G 924 -33.96 10.25 -49.25
N GLU G 925 -34.32 11.07 -48.28
CA GLU G 925 -33.41 11.39 -47.18
C GLU G 925 -33.52 10.43 -46.00
N GLU G 926 -34.70 9.87 -45.76
CA GLU G 926 -34.92 8.99 -44.61
C GLU G 926 -35.34 7.62 -45.10
N SER G 927 -34.80 6.59 -44.47
CA SER G 927 -35.09 5.21 -44.89
C SER G 927 -36.47 4.78 -44.39
N GLY G 928 -36.94 3.67 -44.95
CA GLY G 928 -38.20 3.12 -44.49
C GLY G 928 -38.85 2.25 -45.54
N LYS G 929 -40.06 1.81 -45.21
CA LYS G 929 -40.86 0.94 -46.06
C LYS G 929 -42.00 1.72 -46.70
N VAL G 930 -42.25 1.43 -47.97
CA VAL G 930 -43.33 2.03 -48.73
C VAL G 930 -44.63 1.27 -48.44
N LEU G 931 -45.71 2.02 -48.21
CA LEU G 931 -47.01 1.41 -47.95
C LEU G 931 -47.89 1.42 -49.21
N GLU G 932 -48.11 2.59 -49.81
CA GLU G 932 -48.98 2.71 -50.95
C GLU G 932 -48.44 3.78 -51.89
N ILE G 933 -48.78 3.64 -53.18
CA ILE G 933 -48.38 4.58 -54.22
C ILE G 933 -49.63 5.27 -54.74
N ASN G 934 -49.61 6.61 -54.73
CA ASN G 934 -50.69 7.42 -55.25
C ASN G 934 -50.11 8.40 -56.27
N GLY G 935 -50.68 8.42 -57.47
CA GLY G 935 -50.23 9.36 -58.47
C GLY G 935 -50.50 8.94 -59.90
N LYS G 936 -50.80 9.91 -60.75
CA LYS G 936 -51.01 9.65 -62.18
C LYS G 936 -50.73 10.94 -62.93
N GLY G 937 -49.76 10.89 -63.85
CA GLY G 937 -49.42 12.07 -64.64
C GLY G 937 -47.99 12.51 -64.49
N ASP G 938 -47.79 13.72 -63.94
CA ASP G 938 -46.48 14.33 -63.85
C ASP G 938 -45.99 14.49 -62.41
N ASN G 939 -46.67 13.87 -61.45
CA ASN G 939 -46.26 13.91 -60.06
C ASN G 939 -46.77 12.69 -59.32
N TYR G 940 -45.98 12.21 -58.35
CA TYR G 940 -46.28 11.01 -57.60
C TYR G 940 -46.22 11.31 -56.11
N GLN G 941 -47.13 10.70 -55.36
CA GLN G 941 -47.18 10.83 -53.90
C GLN G 941 -46.76 9.49 -53.30
N LEU G 942 -45.59 9.48 -52.67
CA LEU G 942 -45.03 8.27 -52.08
C LEU G 942 -45.04 8.42 -50.57
N VAL G 943 -46.00 7.77 -49.93
CA VAL G 943 -46.14 7.77 -48.48
C VAL G 943 -45.17 6.73 -47.91
N LEU G 944 -44.65 6.99 -46.72
CA LEU G 944 -43.64 6.12 -46.13
C LEU G 944 -44.01 5.77 -44.69
N ARG G 945 -43.33 4.75 -44.18
CA ARG G 945 -43.28 4.44 -42.76
C ARG G 945 -41.82 4.23 -42.40
N ARG G 946 -41.37 4.90 -41.34
CA ARG G 946 -39.94 4.93 -41.01
C ARG G 946 -39.45 3.57 -40.52
N ALA G 947 -38.36 3.10 -41.11
CA ALA G 947 -37.79 1.81 -40.75
C ALA G 947 -36.27 1.91 -40.76
N ARG G 948 -35.66 1.66 -39.61
CA ARG G 948 -34.21 1.73 -39.49
C ARG G 948 -33.61 0.33 -39.47
N PRO G 949 -32.71 0.01 -40.38
CA PRO G 949 -32.15 -1.34 -40.42
C PRO G 949 -31.00 -1.51 -39.45
N TYR G 950 -30.76 -2.77 -39.08
CA TYR G 950 -29.66 -3.14 -38.19
C TYR G 950 -29.04 -4.43 -38.71
N ARG G 951 -27.73 -4.41 -38.93
CA ARG G 951 -27.02 -5.58 -39.41
C ARG G 951 -26.60 -6.45 -38.23
N VAL G 952 -26.76 -7.76 -38.39
CA VAL G 952 -26.30 -8.74 -37.42
C VAL G 952 -25.17 -9.56 -38.04
N SER G 953 -24.26 -10.03 -37.19
CA SER G 953 -23.15 -10.85 -37.62
C SER G 953 -23.53 -12.33 -37.61
N PRO G 954 -22.88 -13.15 -38.44
CA PRO G 954 -23.12 -14.60 -38.38
C PRO G 954 -22.58 -15.20 -37.09
N GLY G 955 -23.48 -15.79 -36.31
CA GLY G 955 -23.15 -16.30 -34.99
C GLY G 955 -23.65 -15.47 -33.84
N ALA G 956 -24.62 -14.58 -34.06
CA ALA G 956 -25.12 -13.71 -33.01
C ALA G 956 -26.26 -14.37 -32.26
N VAL G 957 -26.38 -14.07 -30.97
CA VAL G 957 -27.47 -14.57 -30.14
C VAL G 957 -28.63 -13.59 -30.24
N LEU G 958 -29.76 -14.05 -30.80
CA LEU G 958 -30.94 -13.23 -30.96
C LEU G 958 -31.85 -13.41 -29.75
N HIS G 959 -32.24 -12.29 -29.13
CA HIS G 959 -33.13 -12.32 -27.99
C HIS G 959 -34.61 -12.23 -28.37
N ILE G 960 -34.92 -11.81 -29.59
CA ILE G 960 -36.29 -11.59 -30.03
C ILE G 960 -36.44 -12.13 -31.45
N GLU G 961 -37.68 -12.44 -31.82
CA GLU G 961 -38.06 -12.87 -33.16
C GLU G 961 -38.86 -11.76 -33.84
N ASP G 962 -39.42 -12.08 -35.01
CA ASP G 962 -40.24 -11.11 -35.73
C ASP G 962 -41.71 -11.21 -35.31
N GLY G 963 -42.32 -10.04 -35.06
CA GLY G 963 -43.73 -9.95 -34.73
C GLY G 963 -44.01 -9.20 -33.45
N ASP G 964 -43.20 -9.43 -32.41
CA ASP G 964 -43.36 -8.73 -31.15
C ASP G 964 -42.61 -7.40 -31.18
N LEU G 965 -42.99 -6.51 -30.27
CA LEU G 965 -42.68 -5.09 -30.38
C LEU G 965 -41.58 -4.73 -29.39
N VAL G 966 -40.71 -3.81 -29.78
CA VAL G 966 -39.59 -3.38 -28.96
C VAL G 966 -39.76 -1.91 -28.59
N GLN G 967 -39.10 -1.52 -27.49
CA GLN G 967 -39.12 -0.15 -27.02
C GLN G 967 -37.81 0.54 -27.37
N ARG G 968 -37.69 1.80 -26.99
CA ARG G 968 -36.49 2.58 -27.28
C ARG G 968 -35.35 2.15 -26.36
N GLY G 969 -34.26 1.67 -26.96
CA GLY G 969 -33.16 1.14 -26.18
C GLY G 969 -33.29 -0.31 -25.78
N ASP G 970 -34.25 -1.04 -26.35
CA ASP G 970 -34.48 -2.43 -25.99
C ASP G 970 -33.43 -3.31 -26.67
N ASN G 971 -32.86 -4.24 -25.90
CA ASN G 971 -31.83 -5.13 -26.43
C ASN G 971 -32.47 -6.17 -27.34
N LEU G 972 -31.93 -6.32 -28.55
CA LEU G 972 -32.41 -7.31 -29.50
C LEU G 972 -31.43 -8.44 -29.77
N VAL G 973 -30.14 -8.14 -29.99
CA VAL G 973 -29.16 -9.16 -30.37
C VAL G 973 -27.90 -8.98 -29.53
N LEU G 974 -27.09 -10.05 -29.50
CA LEU G 974 -25.79 -10.07 -28.83
C LEU G 974 -24.75 -10.51 -29.86
N LEU G 975 -23.74 -9.66 -30.07
CA LEU G 975 -22.69 -9.92 -31.05
C LEU G 975 -21.41 -10.38 -30.36
N VAL G 976 -20.74 -11.35 -30.97
CA VAL G 976 -19.45 -11.84 -30.51
C VAL G 976 -18.36 -11.15 -31.30
N PHE G 977 -17.31 -10.70 -30.60
CA PHE G 977 -16.25 -9.91 -31.23
C PHE G 977 -15.02 -9.97 -30.33
N GLU G 978 -13.92 -9.45 -30.85
CA GLU G 978 -12.66 -9.37 -30.12
C GLU G 978 -12.31 -7.90 -29.84
N ARG G 979 -12.18 -7.58 -28.56
CA ARG G 979 -11.88 -6.22 -28.13
C ARG G 979 -10.39 -6.09 -27.88
N ALA G 980 -9.79 -5.02 -28.40
CA ALA G 980 -8.37 -4.82 -28.26
C ALA G 980 -8.06 -4.15 -26.92
N LYS G 981 -6.90 -4.50 -26.37
CA LYS G 981 -6.39 -3.88 -25.16
C LYS G 981 -5.21 -2.98 -25.51
N THR G 982 -4.75 -2.25 -24.49
CA THR G 982 -3.62 -1.35 -24.67
C THR G 982 -2.30 -2.13 -24.75
N GLY G 983 -1.35 -1.56 -25.48
CA GLY G 983 -0.06 -2.21 -25.65
C GLY G 983 1.01 -1.67 -24.71
N ASP G 984 1.27 -2.39 -23.63
CA ASP G 984 2.37 -2.09 -22.72
C ASP G 984 2.72 -3.36 -21.94
N ILE G 985 3.64 -3.22 -20.98
CA ILE G 985 4.11 -4.36 -20.20
C ILE G 985 3.08 -4.86 -19.20
N VAL G 986 1.99 -4.11 -18.97
CA VAL G 986 0.96 -4.59 -18.06
C VAL G 986 0.15 -5.70 -18.72
N GLN G 987 0.05 -5.70 -20.05
CA GLN G 987 -0.65 -6.75 -20.78
C GLN G 987 0.27 -7.79 -21.39
N GLY G 988 1.57 -7.50 -21.53
CA GLY G 988 2.48 -8.48 -22.09
C GLY G 988 3.02 -9.47 -21.09
N LEU G 989 3.18 -9.05 -19.84
CA LEU G 989 3.77 -9.86 -18.78
C LEU G 989 2.91 -11.02 -18.27
N PRO G 990 1.56 -10.95 -18.24
CA PRO G 990 0.79 -12.19 -18.02
C PRO G 990 1.01 -13.27 -19.07
N ARG G 991 1.30 -12.89 -20.32
CA ARG G 991 1.65 -13.89 -21.33
C ARG G 991 2.98 -14.57 -20.98
N ILE G 992 3.94 -13.80 -20.46
CA ILE G 992 5.20 -14.36 -20.00
C ILE G 992 4.99 -15.30 -18.82
N GLU G 993 4.10 -14.92 -17.90
CA GLU G 993 3.86 -15.74 -16.72
C GLU G 993 3.13 -17.03 -17.05
N GLU G 994 2.15 -16.99 -17.97
CA GLU G 994 1.49 -18.21 -18.39
C GLU G 994 2.33 -19.05 -19.34
N LEU G 995 3.35 -18.47 -19.98
CA LEU G 995 4.29 -19.28 -20.73
C LEU G 995 5.28 -19.98 -19.82
N LEU G 996 5.80 -19.28 -18.81
CA LEU G 996 6.80 -19.82 -17.91
C LEU G 996 6.22 -20.72 -16.83
N GLU G 997 4.91 -20.64 -16.59
CA GLU G 997 4.29 -21.60 -15.69
C GLU G 997 3.74 -22.82 -16.42
N ALA G 998 3.91 -22.88 -17.74
CA ALA G 998 3.50 -23.98 -18.61
C ALA G 998 2.02 -24.29 -18.48
N ARG G 999 1.20 -23.24 -18.46
CA ARG G 999 -0.24 -23.41 -18.33
C ARG G 999 -0.86 -23.78 -19.67
N LYS G 1000 -2.13 -24.16 -19.62
CA LYS G 1000 -2.86 -24.56 -20.82
C LYS G 1000 -3.85 -23.46 -21.19
N PRO G 1001 -3.77 -22.90 -22.40
CA PRO G 1001 -4.73 -21.86 -22.79
C PRO G 1001 -6.08 -22.42 -23.17
N LYS G 1002 -6.96 -21.57 -23.69
CA LYS G 1002 -8.34 -21.97 -23.94
C LYS G 1002 -8.48 -22.73 -25.26
N GLU G 1003 -7.82 -22.26 -26.32
CA GLU G 1003 -7.99 -22.84 -27.65
C GLU G 1003 -6.65 -23.23 -28.23
N ALA G 1004 -6.54 -24.48 -28.71
CA ALA G 1004 -5.32 -25.03 -29.29
C ALA G 1004 -5.68 -26.31 -30.04
N CYS G 1005 -5.10 -26.50 -31.22
CA CYS G 1005 -5.28 -27.72 -32.00
C CYS G 1005 -4.13 -27.87 -32.98
N VAL G 1006 -3.33 -28.91 -32.82
CA VAL G 1006 -2.15 -29.16 -33.65
C VAL G 1006 -2.30 -30.51 -34.33
N LEU G 1007 -1.40 -30.77 -35.28
CA LEU G 1007 -1.38 -32.01 -36.03
C LEU G 1007 -0.87 -33.16 -35.17
N ALA G 1008 -1.06 -34.38 -35.67
CA ALA G 1008 -0.63 -35.59 -34.97
C ALA G 1008 0.19 -36.52 -35.86
N ARG G 1009 0.41 -36.15 -37.11
CA ARG G 1009 1.26 -36.88 -38.04
C ARG G 1009 1.89 -35.86 -38.99
N ALA G 1010 2.56 -36.36 -40.04
CA ALA G 1010 3.23 -35.51 -41.02
C ALA G 1010 2.61 -35.75 -42.40
N PRO G 1011 1.44 -35.19 -42.67
CA PRO G 1011 0.74 -35.50 -43.91
C PRO G 1011 0.99 -34.50 -45.03
N GLY G 1012 0.45 -34.79 -46.21
CA GLY G 1012 0.46 -33.84 -47.31
C GLY G 1012 -0.91 -33.23 -47.51
N VAL G 1013 -1.06 -31.96 -47.20
CA VAL G 1013 -2.37 -31.34 -47.07
C VAL G 1013 -2.90 -30.93 -48.43
N CYS G 1014 -4.21 -31.10 -48.61
CA CYS G 1014 -4.95 -30.53 -49.73
C CYS G 1014 -6.29 -30.05 -49.18
N GLN G 1015 -6.57 -28.76 -49.37
CA GLN G 1015 -7.69 -28.12 -48.70
C GLN G 1015 -9.01 -28.44 -49.40
N VAL G 1016 -10.05 -28.68 -48.60
CA VAL G 1016 -11.40 -28.85 -49.10
C VAL G 1016 -12.31 -27.97 -48.25
N GLU G 1017 -12.98 -27.02 -48.88
CA GLU G 1017 -13.94 -26.13 -48.22
C GLU G 1017 -15.18 -26.04 -49.09
N TYR G 1018 -16.32 -26.49 -48.56
CA TYR G 1018 -17.59 -26.44 -49.29
C TYR G 1018 -18.41 -25.21 -48.91
N LEU G 1019 -18.69 -25.03 -47.62
CA LEU G 1019 -19.41 -23.86 -47.13
C LEU G 1019 -18.72 -23.35 -45.88
N GLU G 1020 -18.60 -22.04 -45.76
CA GLU G 1020 -17.96 -21.40 -44.62
C GLU G 1020 -18.97 -20.76 -43.68
N ASP G 1021 -20.22 -21.23 -43.70
CA ASP G 1021 -21.28 -20.67 -42.87
C ASP G 1021 -21.23 -21.31 -41.48
N GLU G 1022 -20.22 -20.88 -40.71
CA GLU G 1022 -19.98 -21.28 -39.31
C GLU G 1022 -19.79 -22.79 -39.16
N SER G 1023 -19.21 -23.44 -40.17
CA SER G 1023 -18.94 -24.87 -40.12
C SER G 1023 -17.79 -25.16 -41.08
N VAL G 1024 -16.61 -25.42 -40.51
CA VAL G 1024 -15.41 -25.71 -41.28
C VAL G 1024 -14.69 -26.88 -40.62
N ASP G 1025 -14.43 -27.94 -41.40
CA ASP G 1025 -13.62 -29.07 -40.93
C ASP G 1025 -12.52 -29.32 -41.94
N ILE G 1026 -11.28 -29.45 -41.45
CA ILE G 1026 -10.10 -29.52 -42.31
C ILE G 1026 -9.81 -30.98 -42.66
N LYS G 1027 -9.63 -31.24 -43.95
CA LYS G 1027 -9.34 -32.58 -44.46
C LYS G 1027 -7.86 -32.66 -44.82
N VAL G 1028 -7.18 -33.68 -44.32
CA VAL G 1028 -5.76 -33.86 -44.57
C VAL G 1028 -5.43 -35.36 -44.53
N VAL G 1029 -4.57 -35.79 -45.46
CA VAL G 1029 -4.29 -37.20 -45.66
C VAL G 1029 -2.78 -37.42 -45.73
N GLU G 1030 -2.33 -38.56 -45.19
CA GLU G 1030 -0.93 -38.87 -45.01
C GLU G 1030 -0.36 -39.56 -46.24
N ASP G 1031 0.83 -40.17 -46.07
CA ASP G 1031 1.55 -40.80 -47.16
C ASP G 1031 1.79 -42.27 -46.87
N ASP G 1032 2.10 -42.58 -45.61
CA ASP G 1032 2.58 -43.92 -45.27
C ASP G 1032 1.45 -44.89 -44.93
N GLY G 1033 0.38 -44.41 -44.32
CA GLY G 1033 -0.69 -45.26 -43.82
C GLY G 1033 -1.94 -45.18 -44.68
N THR G 1034 -2.74 -46.25 -44.64
CA THR G 1034 -4.02 -46.25 -45.33
C THR G 1034 -5.06 -45.43 -44.56
N VAL G 1035 -5.10 -45.61 -43.24
CA VAL G 1035 -6.03 -44.86 -42.40
C VAL G 1035 -5.53 -43.42 -42.28
N SER G 1036 -6.37 -42.47 -42.65
CA SER G 1036 -6.04 -41.06 -42.56
C SER G 1036 -6.65 -40.44 -41.30
N GLU G 1037 -6.09 -39.30 -40.91
CA GLU G 1037 -6.53 -38.58 -39.72
C GLU G 1037 -6.90 -37.16 -40.12
N TYR G 1038 -8.13 -36.77 -39.81
CA TYR G 1038 -8.62 -35.42 -40.08
C TYR G 1038 -9.07 -34.80 -38.77
N PRO G 1039 -8.35 -33.80 -38.24
CA PRO G 1039 -8.73 -33.21 -36.95
C PRO G 1039 -9.98 -32.34 -37.07
N LEU G 1040 -11.00 -32.71 -36.31
CA LEU G 1040 -12.27 -31.98 -36.32
C LEU G 1040 -12.11 -30.62 -35.64
N LEU G 1041 -12.99 -29.69 -36.02
CA LEU G 1041 -12.78 -28.28 -35.68
C LEU G 1041 -14.09 -27.59 -35.34
N PRO G 1042 -14.24 -27.07 -34.12
CA PRO G 1042 -15.44 -26.29 -33.80
C PRO G 1042 -15.38 -24.90 -34.43
N GLY G 1043 -16.57 -24.29 -34.55
CA GLY G 1043 -16.81 -23.17 -35.43
C GLY G 1043 -16.06 -21.89 -35.10
N GLN G 1044 -15.67 -21.68 -33.84
CA GLN G 1044 -14.96 -20.45 -33.50
C GLN G 1044 -13.49 -20.47 -33.92
N ASN G 1045 -12.94 -21.65 -34.21
CA ASN G 1045 -11.58 -21.73 -34.75
C ASN G 1045 -11.58 -21.41 -36.25
N ALA G 1046 -10.41 -21.05 -36.74
CA ALA G 1046 -10.21 -20.76 -38.16
C ALA G 1046 -9.15 -21.70 -38.71
N MET G 1047 -8.74 -21.46 -39.96
CA MET G 1047 -7.71 -22.23 -40.60
C MET G 1047 -6.62 -21.32 -41.14
N VAL G 1048 -5.37 -21.77 -41.04
CA VAL G 1048 -4.22 -21.00 -41.49
C VAL G 1048 -3.54 -21.78 -42.62
N THR G 1049 -3.84 -23.07 -42.71
CA THR G 1049 -3.23 -23.91 -43.73
C THR G 1049 -3.80 -23.61 -45.11
N ASP G 1050 -2.94 -23.15 -46.01
CA ASP G 1050 -3.32 -22.88 -47.40
C ASP G 1050 -2.77 -23.91 -48.38
N GLY G 1051 -1.98 -24.86 -47.91
CA GLY G 1051 -1.41 -25.90 -48.76
C GLY G 1051 0.10 -25.86 -48.76
N GLN G 1052 0.71 -26.88 -48.15
CA GLN G 1052 2.15 -26.95 -47.91
C GLN G 1052 2.48 -28.39 -47.53
N ARG G 1053 3.70 -28.61 -47.06
CA ARG G 1053 4.13 -29.91 -46.55
C ARG G 1053 4.06 -29.86 -45.03
N ILE G 1054 2.97 -30.40 -44.48
CA ILE G 1054 2.71 -30.33 -43.05
C ILE G 1054 3.54 -31.40 -42.34
N ASP G 1055 4.33 -30.97 -41.36
CA ASP G 1055 5.14 -31.86 -40.53
C ASP G 1055 4.36 -32.27 -39.28
N VAL G 1056 5.07 -32.80 -38.29
CA VAL G 1056 4.44 -33.44 -37.14
C VAL G 1056 3.74 -32.41 -36.26
N GLY G 1057 4.49 -31.46 -35.72
CA GLY G 1057 3.92 -30.54 -34.75
C GLY G 1057 3.39 -29.25 -35.33
N HIS G 1058 2.88 -29.30 -36.55
CA HIS G 1058 2.40 -28.10 -37.22
C HIS G 1058 1.03 -27.68 -36.68
N ALA G 1059 0.82 -26.37 -36.64
CA ALA G 1059 -0.43 -25.79 -36.17
C ALA G 1059 -1.38 -25.54 -37.33
N LEU G 1060 -2.57 -26.12 -37.26
CA LEU G 1060 -3.55 -26.01 -38.31
C LEU G 1060 -4.58 -24.91 -38.08
N THR G 1061 -4.88 -24.58 -36.83
CA THR G 1061 -5.91 -23.61 -36.49
C THR G 1061 -5.27 -22.32 -36.00
N ASP G 1062 -6.11 -21.39 -35.58
CA ASP G 1062 -5.70 -20.18 -34.89
C ASP G 1062 -5.89 -20.35 -33.39
N GLY G 1063 -5.01 -19.73 -32.61
CA GLY G 1063 -5.09 -19.83 -31.17
C GLY G 1063 -3.73 -20.01 -30.53
N TYR G 1064 -3.68 -19.90 -29.20
CA TYR G 1064 -2.43 -20.05 -28.48
C TYR G 1064 -2.06 -21.53 -28.37
N ASN G 1065 -0.85 -21.86 -28.81
CA ASN G 1065 -0.37 -23.23 -28.75
C ASN G 1065 0.03 -23.58 -27.32
N ASN G 1066 -0.22 -24.83 -26.93
CA ASN G 1066 0.24 -25.28 -25.62
C ASN G 1066 1.40 -26.25 -25.79
N PRO G 1067 2.49 -26.06 -25.04
CA PRO G 1067 3.68 -26.91 -25.24
C PRO G 1067 3.52 -28.32 -24.70
N HIS G 1068 2.56 -28.56 -23.81
CA HIS G 1068 2.28 -29.92 -23.35
C HIS G 1068 1.82 -30.81 -24.50
N GLU G 1069 0.93 -30.28 -25.35
CA GLU G 1069 0.47 -31.04 -26.51
C GLU G 1069 1.57 -31.19 -27.55
N ILE G 1070 2.48 -30.22 -27.67
CA ILE G 1070 3.59 -30.34 -28.60
C ILE G 1070 4.52 -31.48 -28.18
N LEU G 1071 4.88 -31.51 -26.89
CA LEU G 1071 5.72 -32.58 -26.35
C LEU G 1071 5.02 -33.93 -26.45
N ASP G 1072 3.70 -33.96 -26.20
CA ASP G 1072 2.93 -35.19 -26.29
C ASP G 1072 2.86 -35.72 -27.71
N VAL G 1073 2.62 -34.83 -28.70
CA VAL G 1073 2.51 -35.24 -30.09
C VAL G 1073 3.84 -35.75 -30.62
N PHE G 1074 4.95 -35.05 -30.30
CA PHE G 1074 6.26 -35.47 -30.78
C PHE G 1074 6.69 -36.80 -30.15
N PHE G 1075 6.45 -36.97 -28.85
CA PHE G 1075 6.82 -38.21 -28.20
C PHE G 1075 5.95 -39.39 -28.66
N SER G 1076 4.64 -39.16 -28.82
CA SER G 1076 3.76 -40.22 -29.28
C SER G 1076 3.96 -40.56 -30.74
N TYR G 1077 4.54 -39.65 -31.53
CA TYR G 1077 4.87 -40.00 -32.90
C TYR G 1077 6.19 -40.74 -33.01
N TYR G 1078 7.18 -40.40 -32.17
CA TYR G 1078 8.51 -40.98 -32.34
C TYR G 1078 8.89 -42.05 -31.33
N VAL G 1079 7.97 -42.46 -30.44
CA VAL G 1079 8.38 -43.35 -29.34
C VAL G 1079 8.68 -44.77 -29.83
N ASP G 1080 7.94 -45.27 -30.82
CA ASP G 1080 8.13 -46.64 -31.27
C ASP G 1080 8.91 -46.76 -32.58
N LYS G 1081 8.88 -45.73 -33.42
CA LYS G 1081 9.68 -45.76 -34.65
C LYS G 1081 11.15 -45.56 -34.35
N ASP G 1082 11.47 -44.85 -33.28
CA ASP G 1082 12.84 -44.66 -32.82
C ASP G 1082 12.96 -45.12 -31.38
N GLY G 1083 14.06 -44.79 -30.71
CA GLY G 1083 14.17 -45.07 -29.30
C GLY G 1083 13.30 -44.14 -28.48
N CYS G 1084 13.11 -44.51 -27.21
CA CYS G 1084 12.36 -43.67 -26.29
C CYS G 1084 13.18 -42.46 -25.86
N TYR G 1085 14.51 -42.62 -25.77
CA TYR G 1085 15.40 -41.52 -25.41
C TYR G 1085 15.46 -40.47 -26.51
N GLN G 1086 15.59 -40.91 -27.77
CA GLN G 1086 15.61 -39.97 -28.89
C GLN G 1086 14.26 -39.29 -29.08
N ALA G 1087 13.17 -40.00 -28.82
CA ALA G 1087 11.84 -39.39 -28.91
C ALA G 1087 11.63 -38.35 -27.84
N ALA G 1088 12.10 -38.64 -26.61
CA ALA G 1088 12.03 -37.65 -25.53
C ALA G 1088 12.90 -36.44 -25.85
N LEU G 1089 14.06 -36.66 -26.45
CA LEU G 1089 14.94 -35.56 -26.84
C LEU G 1089 14.30 -34.67 -27.90
N ARG G 1090 13.65 -35.28 -28.90
CA ARG G 1090 13.01 -34.49 -29.95
C ARG G 1090 11.81 -33.72 -29.44
N GLY G 1091 11.01 -34.34 -28.55
CA GLY G 1091 9.88 -33.63 -27.98
C GLY G 1091 10.29 -32.49 -27.08
N LEU G 1092 11.29 -32.70 -26.23
CA LEU G 1092 11.77 -31.63 -25.37
C LEU G 1092 12.47 -30.53 -26.17
N GLN G 1093 13.11 -30.88 -27.29
CA GLN G 1093 13.72 -29.87 -28.16
C GLN G 1093 12.66 -29.00 -28.83
N ALA G 1094 11.55 -29.61 -29.27
CA ALA G 1094 10.46 -28.84 -29.86
C ALA G 1094 9.81 -27.91 -28.84
N ALA G 1095 9.60 -28.41 -27.60
CA ALA G 1095 9.03 -27.57 -26.55
C ALA G 1095 9.96 -26.43 -26.16
N GLN G 1096 11.27 -26.70 -26.12
CA GLN G 1096 12.26 -25.68 -25.79
C GLN G 1096 12.31 -24.58 -26.85
N LYS G 1097 12.29 -24.96 -28.13
CA LYS G 1097 12.30 -23.98 -29.22
C LYS G 1097 11.05 -23.12 -29.19
N PHE G 1098 9.88 -23.73 -28.96
CA PHE G 1098 8.63 -22.99 -28.87
C PHE G 1098 8.64 -21.98 -27.73
N LEU G 1099 9.08 -22.43 -26.54
CA LEU G 1099 9.04 -21.57 -25.35
C LEU G 1099 10.02 -20.41 -25.48
N VAL G 1100 11.23 -20.68 -25.98
CA VAL G 1100 12.24 -19.64 -26.14
C VAL G 1100 11.78 -18.59 -27.16
N ASN G 1101 11.22 -19.05 -28.29
CA ASN G 1101 10.78 -18.11 -29.32
C ASN G 1101 9.60 -17.27 -28.86
N GLU G 1102 8.67 -17.84 -28.10
CA GLU G 1102 7.51 -17.07 -27.67
C GLU G 1102 7.86 -16.06 -26.58
N VAL G 1103 8.71 -16.45 -25.62
CA VAL G 1103 9.14 -15.51 -24.59
C VAL G 1103 9.95 -14.38 -25.21
N GLN G 1104 10.80 -14.70 -26.19
CA GLN G 1104 11.60 -13.67 -26.84
C GLN G 1104 10.75 -12.72 -27.68
N THR G 1105 9.71 -13.22 -28.35
CA THR G 1105 8.89 -12.31 -29.14
C THR G 1105 7.95 -11.47 -28.29
N VAL G 1106 7.54 -11.96 -27.11
CA VAL G 1106 6.76 -11.11 -26.20
C VAL G 1106 7.65 -10.00 -25.63
N TYR G 1107 8.91 -10.34 -25.31
CA TYR G 1107 9.80 -9.29 -24.80
C TYR G 1107 10.23 -8.32 -25.90
N GLN G 1108 10.34 -8.78 -27.15
CA GLN G 1108 10.66 -7.89 -28.25
C GLN G 1108 9.49 -7.02 -28.67
N SER G 1109 8.26 -7.42 -28.33
CA SER G 1109 7.09 -6.58 -28.59
C SER G 1109 7.09 -5.28 -27.78
N GLN G 1110 7.86 -5.20 -26.70
CA GLN G 1110 7.90 -4.03 -25.84
C GLN G 1110 9.20 -3.23 -25.96
N GLY G 1111 10.12 -3.62 -26.83
CA GLY G 1111 11.38 -2.94 -26.93
C GLY G 1111 12.39 -3.31 -25.87
N VAL G 1112 12.31 -4.52 -25.34
CA VAL G 1112 13.22 -5.01 -24.30
C VAL G 1112 14.15 -6.03 -24.94
N ASP G 1113 15.45 -5.84 -24.78
CA ASP G 1113 16.44 -6.75 -25.32
C ASP G 1113 17.01 -7.59 -24.20
N ILE G 1114 16.81 -8.90 -24.28
CA ILE G 1114 17.41 -9.88 -23.39
C ILE G 1114 18.05 -10.94 -24.27
N SER G 1115 19.27 -11.36 -23.91
CA SER G 1115 19.94 -12.39 -24.69
C SER G 1115 19.26 -13.73 -24.54
N ASP G 1116 19.48 -14.60 -25.54
CA ASP G 1116 18.78 -15.87 -25.60
C ASP G 1116 19.24 -16.85 -24.53
N LYS G 1117 20.51 -16.73 -24.09
CA LYS G 1117 21.04 -17.65 -23.10
C LYS G 1117 20.37 -17.48 -21.75
N HIS G 1118 19.96 -16.25 -21.41
CA HIS G 1118 19.28 -15.98 -20.15
C HIS G 1118 17.92 -16.65 -20.11
N ILE G 1119 17.22 -16.68 -21.25
CA ILE G 1119 15.93 -17.35 -21.30
C ILE G 1119 16.11 -18.87 -21.32
N GLU G 1120 17.10 -19.35 -22.07
CA GLU G 1120 17.17 -20.79 -22.22
C GLU G 1120 17.87 -21.50 -21.07
N VAL G 1121 18.53 -20.78 -20.16
CA VAL G 1121 18.91 -21.38 -18.87
C VAL G 1121 17.66 -21.81 -18.09
N ILE G 1122 16.67 -20.93 -18.04
CA ILE G 1122 15.45 -21.20 -17.30
C ILE G 1122 14.55 -22.21 -18.04
N VAL G 1123 14.53 -22.15 -19.38
CA VAL G 1123 13.80 -23.15 -20.15
C VAL G 1123 14.47 -24.53 -20.02
N ARG G 1124 15.80 -24.56 -19.88
CA ARG G 1124 16.50 -25.81 -19.60
C ARG G 1124 16.13 -26.36 -18.23
N GLN G 1125 15.97 -25.49 -17.24
CA GLN G 1125 15.52 -25.95 -15.93
C GLN G 1125 14.06 -26.41 -15.96
N MET G 1126 13.26 -25.88 -16.88
CA MET G 1126 11.87 -26.32 -17.01
C MET G 1126 11.74 -27.67 -17.71
N THR G 1127 12.59 -27.95 -18.69
CA THR G 1127 12.44 -29.14 -19.55
C THR G 1127 13.39 -30.26 -19.17
N ALA G 1128 13.60 -30.52 -17.88
CA ALA G 1128 14.63 -31.46 -17.45
C ALA G 1128 14.07 -32.82 -17.02
N LYS G 1129 12.92 -32.86 -16.36
CA LYS G 1129 12.46 -34.05 -15.68
C LYS G 1129 11.77 -35.02 -16.65
N VAL G 1130 11.34 -36.16 -16.11
CA VAL G 1130 10.61 -37.16 -16.86
C VAL G 1130 9.71 -37.90 -15.87
N ARG G 1131 8.64 -38.50 -16.36
CA ARG G 1131 7.71 -39.24 -15.50
C ARG G 1131 7.85 -40.74 -15.78
N ILE G 1132 7.82 -41.52 -14.72
CA ILE G 1132 8.09 -42.96 -14.80
C ILE G 1132 6.78 -43.73 -14.93
N ASP G 1133 6.77 -44.69 -15.84
CA ASP G 1133 5.75 -45.74 -15.88
C ASP G 1133 6.47 -47.03 -16.26
N ASP G 1134 5.77 -48.16 -16.08
CA ASP G 1134 6.31 -49.52 -16.31
C ASP G 1134 7.59 -49.76 -15.50
N GLY G 1135 7.43 -49.74 -14.18
CA GLY G 1135 8.56 -49.83 -13.29
C GLY G 1135 9.12 -51.24 -13.17
N GLY G 1136 9.83 -51.69 -14.19
CA GLY G 1136 10.37 -53.03 -14.23
C GLY G 1136 11.78 -53.11 -13.72
N ASP G 1137 11.99 -53.91 -12.66
CA ASP G 1137 13.29 -54.29 -12.10
C ASP G 1137 14.09 -53.09 -11.60
N THR G 1138 13.41 -51.99 -11.27
CA THR G 1138 14.09 -50.77 -10.90
C THR G 1138 13.41 -50.19 -9.66
N THR G 1139 14.17 -49.44 -8.86
CA THR G 1139 13.65 -48.79 -7.67
C THR G 1139 13.03 -47.43 -8.01
N MET G 1140 12.12 -47.41 -8.98
CA MET G 1140 11.47 -46.19 -9.44
C MET G 1140 9.99 -46.50 -9.62
N LEU G 1141 9.18 -46.21 -8.62
CA LEU G 1141 7.75 -46.40 -8.72
C LEU G 1141 7.14 -45.40 -9.71
N PRO G 1142 6.03 -45.75 -10.35
CA PRO G 1142 5.41 -44.81 -11.30
C PRO G 1142 4.90 -43.54 -10.64
N GLY G 1143 5.01 -42.43 -11.38
CA GLY G 1143 4.65 -41.13 -10.88
C GLY G 1143 5.80 -40.29 -10.36
N GLU G 1144 7.01 -40.85 -10.34
CA GLU G 1144 8.18 -40.16 -9.81
C GLU G 1144 8.82 -39.31 -10.90
N LEU G 1145 9.22 -38.09 -10.54
CA LEU G 1145 9.84 -37.16 -11.46
C LEU G 1145 11.36 -37.24 -11.31
N VAL G 1146 12.01 -37.86 -12.29
CA VAL G 1146 13.47 -38.04 -12.29
C VAL G 1146 14.02 -37.29 -13.48
N GLU G 1147 15.25 -36.80 -13.37
CA GLU G 1147 15.91 -36.20 -14.51
C GLU G 1147 16.25 -37.27 -15.55
N LEU G 1148 16.19 -36.87 -16.83
CA LEU G 1148 16.35 -37.81 -17.94
C LEU G 1148 17.76 -38.40 -18.00
N ARG G 1149 18.77 -37.60 -17.59
CA ARG G 1149 20.13 -38.09 -17.53
C ARG G 1149 20.29 -39.21 -16.50
N GLN G 1150 19.57 -39.10 -15.37
CA GLN G 1150 19.66 -40.12 -14.34
C GLN G 1150 18.98 -41.42 -14.77
N VAL G 1151 17.82 -41.31 -15.44
CA VAL G 1151 17.14 -42.50 -15.95
C VAL G 1151 17.98 -43.17 -17.04
N GLU G 1152 18.68 -42.38 -17.85
CA GLU G 1152 19.54 -42.96 -18.87
C GLU G 1152 20.76 -43.65 -18.26
N GLN G 1153 21.33 -43.06 -17.20
CA GLN G 1153 22.46 -43.69 -16.52
C GLN G 1153 22.05 -44.99 -15.84
N VAL G 1154 20.86 -45.02 -15.21
CA VAL G 1154 20.37 -46.23 -14.59
C VAL G 1154 20.04 -47.28 -15.65
N ASN G 1155 19.49 -46.85 -16.79
CA ASN G 1155 19.14 -47.78 -17.86
C ASN G 1155 20.38 -48.41 -18.48
N GLU G 1156 21.46 -47.63 -18.65
CA GLU G 1156 22.71 -48.20 -19.15
C GLU G 1156 23.37 -49.11 -18.10
N ALA G 1157 23.46 -48.64 -16.86
CA ALA G 1157 24.13 -49.40 -15.81
C ALA G 1157 23.33 -50.59 -15.31
N MET G 1158 22.10 -50.76 -15.75
CA MET G 1158 21.37 -52.00 -15.54
C MET G 1158 21.23 -52.79 -16.84
N GLY G 1159 21.44 -52.16 -17.99
CA GLY G 1159 21.49 -52.87 -19.25
C GLY G 1159 22.82 -53.54 -19.48
N ILE G 1160 23.81 -53.21 -18.64
CA ILE G 1160 25.03 -54.03 -18.60
C ILE G 1160 24.81 -55.37 -17.91
N THR G 1161 23.67 -55.55 -17.23
CA THR G 1161 23.30 -56.81 -16.62
C THR G 1161 22.20 -57.54 -17.39
N GLY G 1162 21.74 -56.97 -18.51
CA GLY G 1162 20.73 -57.62 -19.32
C GLY G 1162 19.34 -57.67 -18.72
N SER G 1163 18.97 -56.65 -17.95
CA SER G 1163 17.68 -56.61 -17.27
C SER G 1163 16.67 -55.80 -18.08
N ALA G 1164 15.42 -55.86 -17.64
CA ALA G 1164 14.35 -55.12 -18.28
C ALA G 1164 14.35 -53.68 -17.79
N PRO G 1165 14.56 -52.70 -18.67
CA PRO G 1165 14.67 -51.30 -18.24
C PRO G 1165 13.31 -50.71 -17.91
N ALA G 1166 13.31 -49.41 -17.60
CA ALA G 1166 12.11 -48.68 -17.24
C ALA G 1166 11.71 -47.76 -18.37
N ARG G 1167 10.41 -47.74 -18.68
CA ARG G 1167 9.90 -46.80 -19.65
C ARG G 1167 9.64 -45.45 -18.99
N TYR G 1168 9.44 -44.43 -19.82
CA TYR G 1168 9.15 -43.09 -19.32
C TYR G 1168 8.47 -42.28 -20.39
N THR G 1169 7.82 -41.20 -19.96
CA THR G 1169 7.25 -40.21 -20.86
C THR G 1169 7.69 -38.82 -20.41
N PRO G 1170 8.18 -37.98 -21.31
CA PRO G 1170 8.68 -36.67 -20.89
C PRO G 1170 7.56 -35.71 -20.53
N VAL G 1171 7.82 -34.89 -19.51
CA VAL G 1171 6.87 -33.90 -19.01
C VAL G 1171 7.53 -32.54 -19.02
N LEU G 1172 6.69 -31.50 -18.95
CA LEU G 1172 7.13 -30.12 -18.88
C LEU G 1172 6.54 -29.48 -17.63
N LEU G 1173 7.41 -29.00 -16.75
CA LEU G 1173 6.99 -28.39 -15.50
C LEU G 1173 7.09 -26.86 -15.60
N GLY G 1174 6.29 -26.18 -14.79
CA GLY G 1174 6.40 -24.75 -14.65
C GLY G 1174 7.53 -24.37 -13.72
N ILE G 1175 7.71 -23.06 -13.53
CA ILE G 1175 8.79 -22.59 -12.68
C ILE G 1175 8.47 -22.70 -11.20
N THR G 1176 7.22 -22.97 -10.84
CA THR G 1176 6.85 -23.21 -9.45
C THR G 1176 6.92 -24.68 -9.09
N LYS G 1177 6.50 -25.57 -10.00
CA LYS G 1177 6.56 -27.00 -9.74
C LYS G 1177 7.99 -27.52 -9.81
N ALA G 1178 8.81 -26.97 -10.70
CA ALA G 1178 10.21 -27.39 -10.76
C ALA G 1178 11.02 -26.85 -9.60
N SER G 1179 10.59 -25.75 -8.98
CA SER G 1179 11.27 -25.25 -7.79
C SER G 1179 10.97 -26.10 -6.56
N LEU G 1180 9.78 -26.69 -6.50
CA LEU G 1180 9.37 -27.50 -5.36
C LEU G 1180 9.77 -28.96 -5.49
N ASN G 1181 10.15 -29.40 -6.69
CA ASN G 1181 10.56 -30.78 -6.94
C ASN G 1181 12.07 -30.94 -7.01
N THR G 1182 12.80 -30.14 -6.24
CA THR G 1182 14.25 -30.24 -6.23
C THR G 1182 14.70 -31.27 -5.19
N ASP G 1183 16.00 -31.54 -5.17
CA ASP G 1183 16.56 -32.54 -4.26
C ASP G 1183 16.77 -32.02 -2.85
N SER G 1184 16.57 -30.72 -2.62
CA SER G 1184 16.87 -30.08 -1.35
C SER G 1184 15.58 -29.59 -0.70
N PHE G 1185 15.31 -30.05 0.52
CA PHE G 1185 14.10 -29.62 1.20
C PHE G 1185 14.25 -28.25 1.88
N ILE G 1186 15.47 -27.79 2.12
CA ILE G 1186 15.67 -26.49 2.74
C ILE G 1186 15.33 -25.36 1.77
N SER G 1187 15.77 -25.49 0.52
CA SER G 1187 15.43 -24.50 -0.51
C SER G 1187 13.94 -24.50 -0.83
N ALA G 1188 13.35 -25.69 -0.93
CA ALA G 1188 11.93 -25.78 -1.24
C ALA G 1188 11.06 -25.32 -0.06
N ALA G 1189 11.55 -25.48 1.17
CA ALA G 1189 10.81 -24.99 2.33
C ALA G 1189 10.94 -23.48 2.47
N SER G 1190 12.12 -22.93 2.17
CA SER G 1190 12.31 -21.49 2.22
C SER G 1190 11.66 -20.76 1.06
N PHE G 1191 11.34 -21.47 -0.04
CA PHE G 1191 10.67 -20.82 -1.16
C PHE G 1191 9.17 -20.66 -0.89
N GLN G 1192 8.46 -21.79 -0.75
CA GLN G 1192 7.01 -21.75 -0.80
C GLN G 1192 6.46 -23.04 -0.22
N GLU G 1193 5.30 -22.92 0.43
CA GLU G 1193 4.52 -24.05 0.98
C GLU G 1193 5.34 -24.88 1.97
N THR G 1194 5.71 -24.23 3.07
CA THR G 1194 6.68 -24.79 4.01
C THR G 1194 6.13 -26.03 4.72
N THR G 1195 4.83 -26.02 5.06
CA THR G 1195 4.23 -27.12 5.80
C THR G 1195 4.19 -28.40 4.99
N ARG G 1196 3.76 -28.32 3.73
CA ARG G 1196 3.66 -29.50 2.87
C ARG G 1196 5.04 -30.06 2.53
N VAL G 1197 6.00 -29.19 2.24
CA VAL G 1197 7.35 -29.61 1.90
C VAL G 1197 8.03 -30.26 3.11
N LEU G 1198 7.85 -29.68 4.29
CA LEU G 1198 8.46 -30.26 5.48
C LEU G 1198 7.77 -31.57 5.88
N THR G 1199 6.47 -31.71 5.61
CA THR G 1199 5.77 -32.95 5.91
C THR G 1199 6.25 -34.09 5.00
N GLU G 1200 6.34 -33.83 3.68
CA GLU G 1200 6.82 -34.87 2.79
C GLU G 1200 8.30 -35.16 2.99
N ALA G 1201 9.09 -34.16 3.41
CA ALA G 1201 10.50 -34.42 3.69
C ALA G 1201 10.69 -35.20 4.98
N ALA G 1202 9.81 -35.00 5.97
CA ALA G 1202 9.91 -35.75 7.21
C ALA G 1202 9.44 -37.19 7.03
N ILE G 1203 8.42 -37.41 6.19
CA ILE G 1203 7.96 -38.77 5.96
C ILE G 1203 8.91 -39.53 5.05
N GLU G 1204 9.47 -38.86 4.04
CA GLU G 1204 10.44 -39.54 3.17
C GLU G 1204 11.80 -39.73 3.83
N GLY G 1205 12.09 -39.00 4.91
CA GLY G 1205 13.34 -39.13 5.62
C GLY G 1205 14.55 -38.68 4.84
N LYS G 1206 14.44 -37.56 4.13
CA LYS G 1206 15.46 -37.18 3.18
C LYS G 1206 16.52 -36.28 3.81
N SER G 1207 17.70 -36.30 3.22
CA SER G 1207 18.85 -35.52 3.66
C SER G 1207 19.07 -34.34 2.71
N ASP G 1208 19.67 -33.28 3.24
CA ASP G 1208 20.03 -32.11 2.45
C ASP G 1208 21.55 -31.98 2.46
N TRP G 1209 22.17 -32.25 1.32
CA TRP G 1209 23.63 -32.28 1.22
C TRP G 1209 24.24 -30.93 0.91
N LEU G 1210 23.47 -29.84 1.05
CA LEU G 1210 23.94 -28.46 1.02
C LEU G 1210 24.63 -28.09 -0.30
N ARG G 1211 23.92 -28.34 -1.40
CA ARG G 1211 24.45 -28.13 -2.75
C ARG G 1211 23.63 -27.04 -3.43
N GLY G 1212 24.05 -25.79 -3.26
CA GLY G 1212 23.36 -24.68 -3.88
C GLY G 1212 23.58 -23.41 -3.10
N LEU G 1213 23.16 -22.30 -3.72
CA LEU G 1213 23.43 -20.99 -3.15
C LEU G 1213 22.53 -20.70 -1.95
N LYS G 1214 21.28 -21.15 -2.01
CA LYS G 1214 20.31 -20.78 -0.98
C LYS G 1214 20.54 -21.51 0.33
N GLU G 1215 21.08 -22.72 0.30
CA GLU G 1215 21.30 -23.45 1.54
C GLU G 1215 22.48 -22.91 2.32
N ASN G 1216 23.58 -22.55 1.64
CA ASN G 1216 24.77 -22.05 2.32
C ASN G 1216 24.57 -20.65 2.88
N VAL G 1217 23.62 -19.89 2.35
CA VAL G 1217 23.26 -18.60 2.93
C VAL G 1217 22.52 -18.80 4.25
N ILE G 1218 21.63 -19.80 4.31
CA ILE G 1218 20.89 -20.10 5.52
C ILE G 1218 21.81 -20.71 6.58
N ILE G 1219 22.71 -21.60 6.16
CA ILE G 1219 23.68 -22.22 7.05
C ILE G 1219 24.67 -21.19 7.57
N GLY G 1220 25.14 -20.32 6.72
CA GLY G 1220 26.14 -19.34 7.07
C GLY G 1220 27.53 -19.58 6.50
N ARG G 1221 27.64 -20.36 5.43
CA ARG G 1221 28.92 -20.74 4.86
C ARG G 1221 29.24 -19.89 3.64
N LEU G 1222 30.42 -20.13 3.07
CA LEU G 1222 30.72 -19.59 1.75
C LEU G 1222 29.85 -20.27 0.71
N ILE G 1223 29.24 -19.48 -0.16
CA ILE G 1223 28.42 -20.01 -1.24
C ILE G 1223 29.34 -20.73 -2.21
N PRO G 1224 28.90 -21.80 -2.86
CA PRO G 1224 29.80 -22.56 -3.73
C PRO G 1224 30.00 -21.97 -5.11
N ALA G 1225 29.68 -20.68 -5.30
CA ALA G 1225 29.91 -19.97 -6.54
C ALA G 1225 30.86 -18.80 -6.30
N GLY G 1226 31.50 -18.35 -7.36
CA GLY G 1226 32.32 -17.15 -7.27
C GLY G 1226 33.65 -17.45 -6.62
N THR G 1227 34.03 -16.60 -5.66
CA THR G 1227 35.30 -16.76 -4.96
C THR G 1227 35.26 -17.82 -3.87
N GLY G 1228 34.10 -18.44 -3.63
CA GLY G 1228 34.02 -19.55 -2.71
C GLY G 1228 33.85 -20.87 -3.43
N PHE G 1229 34.24 -20.92 -4.70
CA PHE G 1229 34.01 -22.11 -5.52
C PHE G 1229 35.06 -23.19 -5.28
N SER G 1230 36.32 -22.82 -5.18
CA SER G 1230 37.38 -23.80 -4.95
C SER G 1230 38.48 -23.24 -4.06
#